data_8AA3
#
_entry.id   8AA3
#
_cell.length_a   1.00
_cell.length_b   1.00
_cell.length_c   1.00
_cell.angle_alpha   90.00
_cell.angle_beta   90.00
_cell.angle_gamma   90.00
#
_symmetry.space_group_name_H-M   'P 1'
#
loop_
_entity.id
_entity.type
_entity.pdbx_description
1 polymer 'SusD homolog'
2 polymer 'SusC homolog'
3 branched beta-D-fructofuranose-(2-6)-beta-D-fructofuranose-(2-6)-beta-D-fructofuranose-(2-6)-beta-D-fructofuranose
4 branched beta-D-fructofuranose-(2-6)-beta-D-fructofuranose-(2-6)-beta-D-fructofuranose-(2-6)-beta-D-fructofuranose-(2-6)-[beta-D-fructofuranose-(2-1)]beta-D-fructofuranose-(2-6)-beta-D-fructofuranose
5 non-polymer 'MAGNESIUM ION'
#
loop_
_entity_poly.entity_id
_entity_poly.type
_entity_poly.pdbx_seq_one_letter_code
_entity_poly.pdbx_strand_id
1 'polypeptide(L)'
;MKKIIYIATIGITLLTTSCDDFLDRQVPQGIVTGDQIASPEYVDNLVISAYAIWATGDDINSSFSLWNYDVRSDDCYKGG
SGTEDGGVFNALEISKGINTTDWNINDIWKRLYQCITRANTALQSLDQMDEKTYPLKNQRIAEMRFLRGHAHFMLKQLFK
KIVIVNDENMEPDAYNELSNTTYTNDEQWQKIADDFQFAYDNLPEVQIEKGRPAQAAAAAYLAKTYLYKAYRQDGADNAL
TGINEEDLKQVVKYTDPLIMAKGGYGLETDYSMNFLPQYENGAESVWAIQYSINDGTYNGNLNWGMGLTTPQILGCCDFH
KPSQNLVNAFKTDSQGKPLFSTYDNENYEVATDNVDPRLFHTVGMPGFPYKYNEGYIIQKNDDWSRSKGLYGYYVSLKEN
VDPDCDCLKKGSYWASSLNHIVIRYADVLLMRAEALIQLNDGRITDAISLINEVRSRAAGSTMLIFNYKEDYGVNFKVTP
YDLKAYAQDEAMKMLKWERRVEFGMESSRFFDLVRWGEAKDVINAYYVTEASRCSIYKNAGFTENKNEYLPVPFEQISAS
NGNYTQNFGW
;
B,J
2 'polypeptide(L)'
;MPGIMKNKKLLCSVCFLFAFMSALWGQNITVKGNVTSKTDGQPIIGASVVETTATTNGTITDFDGNFTLSVPVNSTLKIT
YIGYKPVTVKAAAIVNVLLEEDTQMVDEVVVTGYTTQRKADLTGAVSVVKVDEIQKQGENNPVKALQGRVPGMNITADGN
PSGSATVRIRGIGTLNNNDPLYIIDGVPTKAGMHELNGNDIESIQVLKDAASASIYGSRAANGVIIITTKQGKKGQIKIN
FDASVSASMYQSKMNVLNTEQYGRAMWQAYVNDGENPNGNALGYAYNWGYNADGNPVLYGMTLSKYLDSKNTMPVADTDW
FDEITRTGVIQQYNLSVSNGSEKGSSFFSLGYYKNLGVIKDTDFDRFSARMNSDYKLIDDILTIGQHFTLNRTSEVQAPG
GIIETALDIPSAIPVYASDGSWGGPVGGWPDRRNPRAVLEYNKDNRYTYWRMFGDAYVNLTPFKGFNLRSTFGLDYANKQ
ARYFTYPYQEGTQTNNGKSAVEAKQEHWTKWMWNAIATYQLEVGKHRGDVMIGMELNREDDSHFSGYKEDFSILTPDYMW
PDAGSGTAQAYGAGEGYSLVSFFGKMNYSYADRYLLSLTLRRDGSSRFGKNHRYATFPSVSLGWRITQENFMKELTWLDD
LKLRASWGQTGNQEISNLARYTIYAPNYGTTDSFGGQSYGTAYDITGSNGGGVLPSGFKRNQIGNDNIKWETTTQTNVGI
DFSLFKQSLYGSLEYYYKKATDILTEMAGVGVLGEGGSRWINSGAMKNQGFEFNLGYRNKTAFGLTYDLNGNISTYRNEI
LELPETVAANGKFGGNGVKSVVGHTYGAQVGYIADGIFKSQDEVDNHATQEGAAVGRIRYRDIDHNGVIDERDQNWIYDP
TPSFSYGLNIYLEYKNFDLTMFWQGVQGVDIISDVKKKSDFWSASNVGFLNKGTRLLNAWSPTNPNSDIPALTRSDTNNE
QRVSTYFVENGSFLKLRNIQLGYTVPAVISKKMRMDRLRFYCSAQNLLTIKSKNFTGEDPENPNFSYPIPVNITFGLNIG
F
;
A,I
#
loop_
_chem_comp.id
_chem_comp.type
_chem_comp.name
_chem_comp.formula
FRU D-saccharide, beta linking beta-D-fructofuranose 'C6 H12 O6'
MG non-polymer 'MAGNESIUM ION' 'Mg 2'
#
# COMPACT_ATOMS: atom_id res chain seq x y z
N ASP A 20 4.67 6.55 -36.86
CA ASP A 20 4.73 5.30 -36.11
C ASP A 20 5.14 5.55 -34.67
N ASP A 21 4.15 5.84 -33.82
CA ASP A 21 4.38 6.12 -32.41
C ASP A 21 4.13 4.91 -31.53
N PHE A 22 3.95 3.73 -32.13
CA PHE A 22 3.71 2.52 -31.34
C PHE A 22 4.90 2.19 -30.46
N LEU A 23 6.11 2.37 -30.97
CA LEU A 23 7.33 2.05 -30.22
C LEU A 23 7.83 3.21 -29.37
N ASP A 24 7.13 4.35 -29.38
CA ASP A 24 7.53 5.50 -28.59
C ASP A 24 6.47 5.94 -27.58
N ARG A 25 5.30 5.29 -27.56
CA ARG A 25 4.25 5.69 -26.63
C ARG A 25 4.66 5.47 -25.18
N GLN A 26 5.32 4.35 -24.89
CA GLN A 26 5.67 4.01 -23.52
C GLN A 26 6.98 4.69 -23.12
N VAL A 27 7.03 5.17 -21.88
CA VAL A 27 8.18 5.91 -21.37
C VAL A 27 8.57 5.32 -20.02
N PRO A 28 9.81 5.53 -19.58
CA PRO A 28 10.22 5.05 -18.26
C PRO A 28 9.35 5.64 -17.16
N GLN A 29 9.08 4.82 -16.15
CA GLN A 29 8.17 5.18 -15.07
C GLN A 29 8.92 5.23 -13.75
N GLY A 30 8.70 6.30 -12.99
CA GLY A 30 9.23 6.40 -11.64
C GLY A 30 10.70 6.73 -11.54
N ILE A 31 11.35 7.11 -12.63
CA ILE A 31 12.77 7.42 -12.64
C ILE A 31 12.98 8.77 -13.31
N VAL A 32 14.19 9.30 -13.15
CA VAL A 32 14.60 10.56 -13.76
C VAL A 32 15.74 10.26 -14.72
N THR A 33 15.62 10.75 -15.95
CA THR A 33 16.64 10.48 -16.96
C THR A 33 17.92 11.25 -16.65
N GLY A 34 19.00 10.85 -17.30
CA GLY A 34 20.30 11.44 -17.03
C GLY A 34 20.42 12.88 -17.48
N ASP A 35 19.65 13.28 -18.49
CA ASP A 35 19.70 14.66 -18.96
C ASP A 35 18.86 15.61 -18.12
N GLN A 36 18.05 15.09 -17.19
CA GLN A 36 17.23 15.93 -16.33
C GLN A 36 17.78 16.06 -14.91
N ILE A 37 18.76 15.23 -14.54
CA ILE A 37 19.32 15.31 -13.19
C ILE A 37 20.18 16.56 -13.01
N ALA A 38 20.58 17.22 -14.10
CA ALA A 38 21.39 18.43 -14.03
C ALA A 38 20.55 19.69 -13.87
N SER A 39 19.22 19.56 -13.80
CA SER A 39 18.37 20.73 -13.66
C SER A 39 18.58 21.38 -12.29
N PRO A 40 18.47 22.71 -12.22
CA PRO A 40 18.74 23.40 -10.94
C PRO A 40 17.81 23.03 -9.81
N GLU A 41 16.63 22.48 -10.08
CA GLU A 41 15.69 22.17 -9.01
C GLU A 41 16.00 20.87 -8.29
N TYR A 42 16.97 20.09 -8.76
CA TYR A 42 17.33 18.83 -8.14
C TYR A 42 18.69 18.83 -7.46
N VAL A 43 19.52 19.85 -7.72
CA VAL A 43 20.91 19.82 -7.25
C VAL A 43 20.97 19.71 -5.73
N ASP A 44 20.14 20.47 -5.03
CA ASP A 44 20.09 20.37 -3.57
C ASP A 44 19.80 18.94 -3.14
N ASN A 45 18.83 18.30 -3.80
CA ASN A 45 18.54 16.91 -3.52
C ASN A 45 19.78 16.05 -3.70
N LEU A 46 20.52 16.27 -4.80
CA LEU A 46 21.75 15.54 -5.02
C LEU A 46 22.73 15.75 -3.88
N VAL A 47 22.78 16.98 -3.34
CA VAL A 47 23.63 17.25 -2.19
C VAL A 47 23.30 16.30 -1.05
N ILE A 48 22.01 16.14 -0.77
CA ILE A 48 21.58 15.23 0.30
C ILE A 48 22.09 13.82 0.00
N SER A 49 22.05 13.42 -1.28
CA SER A 49 22.56 12.11 -1.66
C SER A 49 24.00 11.93 -1.19
N ALA A 50 24.84 12.95 -1.41
CA ALA A 50 26.24 12.85 -1.02
C ALA A 50 26.41 12.62 0.47
N TYR A 51 25.43 13.00 1.28
CA TYR A 51 25.49 12.71 2.71
C TYR A 51 24.89 11.34 3.03
N ALA A 52 23.82 10.96 2.30
CA ALA A 52 23.10 9.74 2.66
C ALA A 52 23.96 8.51 2.51
N ILE A 53 24.91 8.52 1.57
CA ILE A 53 25.77 7.36 1.36
C ILE A 53 26.62 7.10 2.60
N TRP A 54 26.87 8.13 3.41
CA TRP A 54 27.65 7.95 4.63
C TRP A 54 26.84 7.36 5.77
N ALA A 55 25.51 7.23 5.60
CA ALA A 55 24.66 6.62 6.60
C ALA A 55 23.92 5.39 6.10
N THR A 56 23.78 5.21 4.78
CA THR A 56 23.07 4.07 4.22
C THR A 56 23.94 3.21 3.30
N GLY A 57 25.17 3.64 3.02
CA GLY A 57 26.02 2.91 2.10
C GLY A 57 27.07 2.05 2.78
N ASP A 58 26.87 1.75 4.06
CA ASP A 58 27.80 0.93 4.82
C ASP A 58 27.14 -0.39 5.22
N ASP A 59 27.89 -1.47 5.12
CA ASP A 59 27.41 -2.80 5.46
C ASP A 59 27.99 -3.24 6.80
N ILE A 60 27.50 -4.38 7.30
CA ILE A 60 27.99 -4.92 8.55
C ILE A 60 29.45 -5.33 8.44
N ASN A 61 29.83 -5.93 7.31
CA ASN A 61 31.21 -6.33 7.08
C ASN A 61 32.05 -5.24 6.44
N SER A 62 31.45 -4.13 6.03
CA SER A 62 32.18 -3.02 5.41
C SER A 62 31.56 -1.72 5.95
N SER A 63 32.15 -1.20 7.02
CA SER A 63 31.70 0.03 7.65
C SER A 63 32.73 1.13 7.44
N PHE A 64 32.23 2.36 7.29
CA PHE A 64 33.11 3.51 7.07
C PHE A 64 33.92 3.88 8.30
N SER A 65 33.58 3.34 9.47
CA SER A 65 34.43 3.50 10.64
C SER A 65 35.70 2.67 10.56
N LEU A 66 35.74 1.70 9.64
CA LEU A 66 36.90 0.83 9.43
C LEU A 66 37.26 0.05 10.69
N TRP A 67 36.25 -0.35 11.47
CA TRP A 67 36.50 -1.20 12.62
C TRP A 67 36.78 -2.64 12.22
N ASN A 68 36.22 -3.08 11.09
CA ASN A 68 36.47 -4.44 10.62
C ASN A 68 37.95 -4.65 10.29
N TYR A 69 38.58 -3.65 9.67
CA TYR A 69 39.98 -3.72 9.30
C TYR A 69 40.91 -3.25 10.41
N ASP A 70 40.37 -2.78 11.53
CA ASP A 70 41.18 -2.36 12.67
C ASP A 70 41.53 -3.52 13.60
N VAL A 71 41.01 -4.72 13.33
CA VAL A 71 41.34 -5.88 14.15
C VAL A 71 42.80 -6.28 13.98
N ARG A 72 43.47 -5.79 12.94
CA ARG A 72 44.89 -6.07 12.75
C ARG A 72 45.75 -5.49 13.85
N SER A 73 45.28 -4.43 14.52
CA SER A 73 46.05 -3.79 15.57
C SER A 73 45.95 -4.59 16.86
N ASP A 74 46.51 -4.06 17.94
CA ASP A 74 46.52 -4.71 19.24
C ASP A 74 45.34 -4.30 20.11
N ASP A 75 44.43 -3.47 19.60
CA ASP A 75 43.35 -2.95 20.44
C ASP A 75 42.29 -4.01 20.72
N CYS A 76 41.91 -4.78 19.71
CA CYS A 76 40.77 -5.69 19.85
C CYS A 76 40.98 -6.92 18.99
N TYR A 77 40.24 -7.98 19.32
CA TYR A 77 40.18 -9.19 18.53
C TYR A 77 39.02 -9.08 17.53
N LYS A 78 38.67 -10.19 16.90
CA LYS A 78 37.48 -10.30 16.08
C LYS A 78 36.48 -11.21 16.77
N GLY A 79 35.26 -10.73 16.95
CA GLY A 79 34.23 -11.48 17.65
C GLY A 79 33.64 -12.59 16.81
N GLY A 80 32.39 -12.94 17.13
CA GLY A 80 31.69 -14.01 16.44
C GLY A 80 31.83 -15.34 17.14
N SER A 81 31.26 -16.36 16.50
CA SER A 81 31.31 -17.71 17.05
C SER A 81 32.74 -18.24 17.10
N GLY A 82 33.52 -17.97 16.08
CA GLY A 82 34.88 -18.45 16.05
C GLY A 82 35.68 -17.82 14.93
N THR A 83 36.81 -18.46 14.61
CA THR A 83 37.68 -17.94 13.56
C THR A 83 36.99 -17.98 12.19
N GLU A 84 36.20 -19.04 11.93
CA GLU A 84 35.53 -19.18 10.65
C GLU A 84 34.49 -18.09 10.41
N ASP A 85 33.97 -17.48 11.47
CA ASP A 85 33.02 -16.39 11.33
C ASP A 85 33.76 -15.15 10.86
N GLY A 86 33.76 -14.92 9.54
CA GLY A 86 34.60 -13.89 8.96
C GLY A 86 36.03 -14.38 8.78
N GLY A 87 36.19 -15.42 7.96
CA GLY A 87 37.51 -16.02 7.80
C GLY A 87 38.53 -15.07 7.20
N VAL A 88 38.10 -14.25 6.23
CA VAL A 88 39.01 -13.28 5.65
C VAL A 88 39.43 -12.24 6.69
N PHE A 89 38.50 -11.83 7.55
CA PHE A 89 38.84 -10.90 8.62
C PHE A 89 39.75 -11.54 9.66
N ASN A 90 39.55 -12.83 9.94
CA ASN A 90 40.47 -13.55 10.83
C ASN A 90 41.87 -13.60 10.23
N ALA A 91 41.97 -13.86 8.93
CA ALA A 91 43.27 -13.86 8.26
C ALA A 91 43.92 -12.48 8.31
N LEU A 92 43.12 -11.43 8.14
CA LEU A 92 43.64 -10.07 8.27
C LEU A 92 44.15 -9.82 9.68
N GLU A 93 43.40 -10.27 10.69
CA GLU A 93 43.82 -10.08 12.08
C GLU A 93 45.12 -10.81 12.37
N ILE A 94 45.26 -12.05 11.89
CA ILE A 94 46.49 -12.80 12.12
C ILE A 94 47.57 -12.46 11.12
N SER A 95 47.26 -11.67 10.09
CA SER A 95 48.22 -11.25 9.07
C SER A 95 48.85 -12.44 8.35
N LYS A 96 48.13 -13.55 8.27
CA LYS A 96 48.60 -14.75 7.59
C LYS A 96 47.49 -15.29 6.70
N GLY A 97 47.89 -15.82 5.54
CA GLY A 97 46.92 -16.37 4.60
C GLY A 97 45.99 -15.34 3.99
N ILE A 98 46.51 -14.16 3.67
CA ILE A 98 45.73 -13.09 3.07
C ILE A 98 45.89 -13.16 1.56
N ASN A 99 44.77 -13.21 0.84
CA ASN A 99 44.76 -13.30 -0.61
C ASN A 99 44.19 -12.01 -1.20
N THR A 100 44.75 -11.59 -2.34
CA THR A 100 44.24 -10.40 -3.01
C THR A 100 42.83 -10.57 -3.52
N THR A 101 42.36 -11.81 -3.70
CA THR A 101 40.99 -12.08 -4.14
C THR A 101 40.07 -12.23 -2.92
N ASP A 102 40.06 -11.18 -2.10
CA ASP A 102 39.24 -11.15 -0.90
C ASP A 102 38.02 -10.27 -1.15
N TRP A 103 36.85 -10.78 -0.76
CA TRP A 103 35.60 -10.06 -1.04
C TRP A 103 35.47 -8.78 -0.22
N ASN A 104 35.97 -8.78 1.01
CA ASN A 104 35.83 -7.60 1.86
C ASN A 104 36.61 -6.41 1.32
N ILE A 105 37.83 -6.65 0.83
CA ILE A 105 38.66 -5.56 0.31
C ILE A 105 38.00 -4.93 -0.90
N ASN A 106 37.56 -5.76 -1.85
CA ASN A 106 36.87 -5.25 -3.03
C ASN A 106 35.58 -4.54 -2.65
N ASP A 107 34.87 -5.07 -1.65
CA ASP A 107 33.63 -4.46 -1.21
C ASP A 107 33.86 -3.05 -0.66
N ILE A 108 34.84 -2.90 0.22
CA ILE A 108 35.10 -1.58 0.80
C ILE A 108 35.63 -0.62 -0.26
N TRP A 109 36.45 -1.11 -1.18
CA TRP A 109 36.91 -0.30 -2.31
C TRP A 109 35.73 0.22 -3.12
N LYS A 110 34.81 -0.67 -3.47
CA LYS A 110 33.66 -0.28 -4.27
C LYS A 110 32.75 0.69 -3.53
N ARG A 111 32.55 0.46 -2.23
CA ARG A 111 31.67 1.36 -1.47
C ARG A 111 32.27 2.76 -1.35
N LEU A 112 33.56 2.85 -1.06
CA LEU A 112 34.18 4.17 -0.96
C LEU A 112 34.21 4.88 -2.30
N TYR A 113 34.43 4.14 -3.39
CA TYR A 113 34.36 4.79 -4.70
C TYR A 113 32.93 5.14 -5.10
N GLN A 114 31.93 4.43 -4.58
CA GLN A 114 30.55 4.85 -4.76
C GLN A 114 30.28 6.18 -4.06
N CYS A 115 30.83 6.32 -2.85
CA CYS A 115 30.75 7.61 -2.15
C CYS A 115 31.40 8.71 -2.96
N ILE A 116 32.59 8.42 -3.51
CA ILE A 116 33.29 9.40 -4.34
C ILE A 116 32.46 9.75 -5.56
N THR A 117 31.80 8.75 -6.17
CA THR A 117 30.98 9.00 -7.36
C THR A 117 29.80 9.89 -7.02
N ARG A 118 29.14 9.65 -5.88
CA ARG A 118 28.05 10.54 -5.47
C ARG A 118 28.54 11.96 -5.26
N ALA A 119 29.69 12.11 -4.60
CA ALA A 119 30.25 13.45 -4.38
C ALA A 119 30.58 14.13 -5.71
N ASN A 120 31.15 13.37 -6.66
CA ASN A 120 31.49 13.93 -7.96
C ASN A 120 30.24 14.33 -8.74
N THR A 121 29.18 13.53 -8.65
CA THR A 121 27.93 13.88 -9.30
C THR A 121 27.35 15.17 -8.72
N ALA A 122 27.39 15.29 -7.38
CA ALA A 122 26.93 16.52 -6.75
C ALA A 122 27.76 17.72 -7.20
N LEU A 123 29.08 17.55 -7.27
CA LEU A 123 29.95 18.63 -7.72
C LEU A 123 29.66 19.03 -9.16
N GLN A 124 29.46 18.03 -10.03
CA GLN A 124 29.16 18.33 -11.42
C GLN A 124 27.83 19.05 -11.57
N SER A 125 26.82 18.65 -10.79
CA SER A 125 25.55 19.37 -10.82
C SER A 125 25.70 20.79 -10.30
N LEU A 126 26.53 20.98 -9.27
CA LEU A 126 26.70 22.32 -8.69
C LEU A 126 27.48 23.25 -9.62
N ASP A 127 28.45 22.71 -10.37
CA ASP A 127 29.33 23.56 -11.16
C ASP A 127 28.62 24.27 -12.30
N GLN A 128 27.42 23.83 -12.68
CA GLN A 128 26.67 24.42 -13.78
C GLN A 128 25.59 25.37 -13.30
N MET A 129 25.85 26.11 -12.23
CA MET A 129 24.87 27.02 -11.65
C MET A 129 25.46 28.42 -11.56
N ASP A 130 24.58 29.41 -11.74
CA ASP A 130 24.98 30.81 -11.63
C ASP A 130 25.14 31.21 -10.17
N GLU A 131 26.16 32.02 -9.89
CA GLU A 131 26.42 32.43 -8.52
C GLU A 131 25.28 33.29 -7.97
N LYS A 132 24.77 34.22 -8.77
CA LYS A 132 23.69 35.09 -8.30
C LYS A 132 22.42 34.31 -8.00
N THR A 133 22.09 33.33 -8.84
CA THR A 133 20.88 32.54 -8.62
C THR A 133 21.01 31.65 -7.39
N TYR A 134 22.21 31.13 -7.13
CA TYR A 134 22.47 30.23 -6.00
C TYR A 134 23.57 30.84 -5.14
N PRO A 135 23.21 31.66 -4.15
CA PRO A 135 24.25 32.28 -3.30
C PRO A 135 25.09 31.26 -2.54
N LEU A 136 24.51 30.13 -2.14
CA LEU A 136 25.22 29.12 -1.36
C LEU A 136 25.93 28.09 -2.24
N LYS A 137 26.26 28.44 -3.48
CA LYS A 137 26.96 27.51 -4.35
C LYS A 137 28.34 27.16 -3.81
N ASN A 138 29.07 28.15 -3.32
CA ASN A 138 30.41 27.90 -2.80
C ASN A 138 30.37 26.97 -1.59
N GLN A 139 29.41 27.18 -0.68
CA GLN A 139 29.33 26.35 0.51
C GLN A 139 29.01 24.89 0.15
N ARG A 140 28.07 24.68 -0.77
CA ARG A 140 27.74 23.32 -1.18
C ARG A 140 28.91 22.65 -1.90
N ILE A 141 29.62 23.41 -2.74
CA ILE A 141 30.79 22.87 -3.42
C ILE A 141 31.86 22.49 -2.39
N ALA A 142 32.07 23.33 -1.39
CA ALA A 142 33.05 23.03 -0.35
C ALA A 142 32.66 21.78 0.43
N GLU A 143 31.36 21.63 0.74
CA GLU A 143 30.91 20.43 1.43
C GLU A 143 31.13 19.18 0.59
N MET A 144 30.84 19.26 -0.71
CA MET A 144 31.06 18.11 -1.59
C MET A 144 32.53 17.75 -1.68
N ARG A 145 33.39 18.77 -1.80
CA ARG A 145 34.83 18.53 -1.83
C ARG A 145 35.31 17.92 -0.53
N PHE A 146 34.75 18.37 0.60
CA PHE A 146 35.12 17.80 1.90
C PHE A 146 34.74 16.32 1.97
N LEU A 147 33.53 15.97 1.51
CA LEU A 147 33.13 14.57 1.52
C LEU A 147 34.01 13.72 0.62
N ARG A 148 34.30 14.22 -0.59
CA ARG A 148 35.17 13.49 -1.51
C ARG A 148 36.57 13.32 -0.92
N GLY A 149 37.10 14.35 -0.28
CA GLY A 149 38.40 14.25 0.34
C GLY A 149 38.41 13.29 1.51
N HIS A 150 37.32 13.25 2.28
CA HIS A 150 37.23 12.28 3.37
C HIS A 150 37.25 10.85 2.84
N ALA A 151 36.49 10.59 1.77
CA ALA A 151 36.52 9.27 1.16
C ALA A 151 37.90 8.93 0.62
N HIS A 152 38.56 9.89 -0.03
CA HIS A 152 39.90 9.66 -0.57
C HIS A 152 40.89 9.41 0.55
N PHE A 153 40.77 10.13 1.67
CA PHE A 153 41.65 9.92 2.81
C PHE A 153 41.46 8.53 3.40
N MET A 154 40.21 8.08 3.50
CA MET A 154 39.97 6.73 4.01
C MET A 154 40.55 5.68 3.08
N LEU A 155 40.40 5.87 1.76
CA LEU A 155 41.04 4.95 0.81
C LEU A 155 42.55 4.96 0.95
N LYS A 156 43.14 6.15 1.11
CA LYS A 156 44.60 6.25 1.24
C LYS A 156 45.08 5.56 2.50
N GLN A 157 44.32 5.69 3.60
CA GLN A 157 44.65 4.95 4.82
C GLN A 157 44.55 3.45 4.59
N LEU A 158 43.51 3.01 3.88
CA LEU A 158 43.35 1.57 3.62
C LEU A 158 44.37 1.07 2.61
N PHE A 159 44.55 1.82 1.51
CA PHE A 159 45.46 1.42 0.44
C PHE A 159 46.42 2.58 0.14
N LYS A 160 47.71 2.27 0.08
CA LYS A 160 48.69 3.30 -0.24
C LYS A 160 48.48 3.84 -1.65
N LYS A 161 48.24 2.96 -2.62
CA LYS A 161 48.05 3.35 -4.01
C LYS A 161 46.56 3.35 -4.32
N ILE A 162 46.00 4.55 -4.52
CA ILE A 162 44.59 4.72 -4.81
C ILE A 162 44.45 5.64 -6.03
N VAL A 163 43.30 5.55 -6.68
CA VAL A 163 43.00 6.38 -7.84
C VAL A 163 42.37 7.68 -7.34
N ILE A 164 42.94 8.81 -7.73
CA ILE A 164 42.46 10.12 -7.32
C ILE A 164 41.42 10.55 -8.34
N VAL A 165 40.14 10.36 -8.00
CA VAL A 165 39.03 10.75 -8.87
C VAL A 165 38.58 12.13 -8.38
N ASN A 166 39.19 13.16 -8.93
CA ASN A 166 38.89 14.55 -8.55
C ASN A 166 38.41 15.37 -9.74
N ASP A 167 37.90 14.72 -10.78
CA ASP A 167 37.40 15.39 -11.98
C ASP A 167 35.92 15.05 -12.13
N GLU A 168 35.05 15.96 -11.67
CA GLU A 168 33.62 15.73 -11.77
C GLU A 168 33.11 15.79 -13.21
N ASN A 169 33.75 16.61 -14.04
CA ASN A 169 33.36 16.75 -15.45
C ASN A 169 34.15 15.78 -16.33
N MET A 170 34.06 14.50 -15.95
CA MET A 170 34.77 13.43 -16.65
C MET A 170 33.76 12.40 -17.15
N GLU A 171 33.90 12.02 -18.42
CA GLU A 171 33.00 11.03 -18.99
C GLU A 171 33.25 9.65 -18.37
N PRO A 172 32.22 8.81 -18.28
CA PRO A 172 32.43 7.47 -17.70
C PRO A 172 33.48 6.64 -18.42
N ASP A 173 33.56 6.75 -19.74
CA ASP A 173 34.53 5.97 -20.49
C ASP A 173 35.95 6.30 -20.08
N ALA A 174 36.26 7.57 -19.84
CA ALA A 174 37.58 7.95 -19.38
C ALA A 174 37.93 7.32 -18.04
N TYR A 175 36.93 6.87 -17.28
CA TYR A 175 37.21 6.16 -16.04
C TYR A 175 38.00 4.88 -16.28
N ASN A 176 37.93 4.32 -17.49
CA ASN A 176 38.74 3.15 -17.81
C ASN A 176 40.21 3.49 -17.98
N GLU A 177 40.54 4.76 -18.21
CA GLU A 177 41.92 5.18 -18.38
C GLU A 177 42.57 5.65 -17.08
N LEU A 178 41.82 5.66 -15.98
CA LEU A 178 42.37 6.11 -14.71
C LEU A 178 43.37 5.08 -14.17
N SER A 179 44.42 5.58 -13.52
CA SER A 179 45.44 4.73 -12.93
C SER A 179 45.80 5.26 -11.55
N ASN A 180 46.27 4.34 -10.69
CA ASN A 180 46.66 4.70 -9.34
C ASN A 180 48.11 5.16 -9.23
N THR A 181 48.88 5.06 -10.32
CA THR A 181 50.27 5.49 -10.33
C THR A 181 50.47 6.81 -11.07
N THR A 182 49.38 7.52 -11.39
CA THR A 182 49.51 8.81 -12.05
C THR A 182 50.25 9.81 -11.16
N TYR A 183 49.93 9.81 -9.87
CA TYR A 183 50.58 10.67 -8.89
C TYR A 183 51.31 9.83 -7.86
N THR A 184 52.44 10.35 -7.38
CA THR A 184 53.20 9.66 -6.35
C THR A 184 52.51 9.80 -5.00
N ASN A 185 53.14 9.25 -3.95
CA ASN A 185 52.56 9.31 -2.61
C ASN A 185 52.39 10.75 -2.15
N ASP A 186 53.44 11.56 -2.30
CA ASP A 186 53.37 12.96 -1.91
C ASP A 186 52.36 13.72 -2.76
N GLU A 187 52.35 13.47 -4.08
CA GLU A 187 51.40 14.14 -4.95
C GLU A 187 49.98 13.73 -4.64
N GLN A 188 49.75 12.44 -4.33
CA GLN A 188 48.41 12.00 -3.95
C GLN A 188 47.97 12.65 -2.65
N TRP A 189 48.89 12.76 -1.67
CA TRP A 189 48.55 13.45 -0.43
C TRP A 189 48.20 14.91 -0.68
N GLN A 190 48.95 15.58 -1.56
CA GLN A 190 48.66 16.97 -1.88
C GLN A 190 47.31 17.11 -2.58
N LYS A 191 46.99 16.19 -3.49
CA LYS A 191 45.70 16.23 -4.16
C LYS A 191 44.56 16.02 -3.17
N ILE A 192 44.73 15.11 -2.21
CA ILE A 192 43.72 14.89 -1.19
C ILE A 192 43.56 16.14 -0.32
N ALA A 193 44.68 16.78 0.04
CA ALA A 193 44.64 17.95 0.90
C ALA A 193 44.11 19.19 0.20
N ASP A 194 44.16 19.23 -1.14
CA ASP A 194 43.65 20.38 -1.86
C ASP A 194 42.15 20.57 -1.63
N ASP A 195 41.40 19.48 -1.60
CA ASP A 195 39.96 19.57 -1.35
C ASP A 195 39.68 20.15 0.04
N PHE A 196 40.45 19.72 1.05
CA PHE A 196 40.28 20.26 2.39
C PHE A 196 40.67 21.73 2.44
N GLN A 197 41.71 22.12 1.72
CA GLN A 197 42.10 23.52 1.65
C GLN A 197 40.98 24.37 1.06
N PHE A 198 40.38 23.89 -0.03
CA PHE A 198 39.28 24.61 -0.65
C PHE A 198 38.08 24.69 0.30
N ALA A 199 37.76 23.59 0.98
CA ALA A 199 36.64 23.59 1.92
C ALA A 199 36.88 24.57 3.05
N TYR A 200 38.09 24.59 3.61
CA TYR A 200 38.41 25.53 4.69
C TYR A 200 38.32 26.96 4.19
N ASP A 201 38.76 27.22 2.96
CA ASP A 201 38.67 28.56 2.40
C ASP A 201 37.24 28.95 2.06
N ASN A 202 36.33 27.98 1.93
CA ASN A 202 34.96 28.28 1.50
C ASN A 202 33.88 27.96 2.53
N LEU A 203 34.11 27.04 3.45
CA LEU A 203 33.07 26.67 4.39
C LEU A 203 32.80 27.80 5.38
N PRO A 204 31.56 27.95 5.83
CA PRO A 204 31.23 28.99 6.81
C PRO A 204 31.81 28.66 8.18
N GLU A 205 31.96 29.70 8.99
CA GLU A 205 32.51 29.54 10.33
C GLU A 205 31.61 28.67 11.20
N VAL A 206 30.31 28.88 11.13
CA VAL A 206 29.33 28.13 11.92
C VAL A 206 28.22 27.64 11.01
N GLN A 207 27.79 26.40 11.22
CA GLN A 207 26.73 25.78 10.43
C GLN A 207 25.52 25.56 11.33
N ILE A 208 24.36 26.06 10.88
CA ILE A 208 23.13 25.86 11.64
C ILE A 208 22.74 24.39 11.66
N GLU A 209 22.99 23.66 10.58
CA GLU A 209 22.71 22.23 10.51
C GLU A 209 23.97 21.46 10.90
N LYS A 210 23.85 20.58 11.89
CA LYS A 210 24.99 19.83 12.39
C LYS A 210 25.54 18.84 11.36
N GLY A 211 24.71 18.41 10.41
CA GLY A 211 25.18 17.49 9.40
C GLY A 211 26.24 18.09 8.49
N ARG A 212 26.04 19.34 8.08
CA ARG A 212 27.00 20.00 7.21
C ARG A 212 28.28 20.31 7.98
N PRO A 213 29.46 19.92 7.46
CA PRO A 213 30.70 20.26 8.16
C PRO A 213 30.97 21.75 8.17
N ALA A 214 31.67 22.20 9.20
CA ALA A 214 32.00 23.60 9.38
C ALA A 214 33.45 23.85 8.96
N GLN A 215 33.86 25.11 9.05
CA GLN A 215 35.23 25.49 8.71
C GLN A 215 36.23 24.82 9.65
N ALA A 216 35.90 24.74 10.94
CA ALA A 216 36.81 24.13 11.91
C ALA A 216 37.03 22.66 11.60
N ALA A 217 35.97 21.94 11.21
CA ALA A 217 36.12 20.53 10.86
C ALA A 217 37.02 20.36 9.64
N ALA A 218 36.84 21.21 8.63
CA ALA A 218 37.69 21.14 7.45
C ALA A 218 39.15 21.42 7.80
N ALA A 219 39.38 22.43 8.65
CA ALA A 219 40.75 22.75 9.06
C ALA A 219 41.38 21.60 9.83
N ALA A 220 40.62 20.99 10.75
CA ALA A 220 41.14 19.87 11.53
C ALA A 220 41.46 18.67 10.64
N TYR A 221 40.59 18.38 9.68
CA TYR A 221 40.83 17.23 8.83
C TYR A 221 41.98 17.50 7.86
N LEU A 222 42.14 18.75 7.42
CA LEU A 222 43.30 19.12 6.64
C LEU A 222 44.58 18.98 7.45
N ALA A 223 44.53 19.35 8.74
CA ALA A 223 45.68 19.14 9.61
C ALA A 223 46.01 17.66 9.74
N LYS A 224 44.98 16.82 9.86
CA LYS A 224 45.21 15.37 9.90
C LYS A 224 45.87 14.89 8.61
N THR A 225 45.38 15.36 7.46
CA THR A 225 45.96 14.95 6.19
C THR A 225 47.41 15.38 6.06
N TYR A 226 47.71 16.62 6.48
CA TYR A 226 49.10 17.09 6.42
C TYR A 226 49.98 16.33 7.40
N LEU A 227 49.45 15.95 8.56
CA LEU A 227 50.22 15.15 9.51
C LEU A 227 50.54 13.78 8.92
N TYR A 228 49.58 13.15 8.25
CA TYR A 228 49.85 11.91 7.56
C TYR A 228 50.84 12.11 6.41
N LYS A 229 50.79 13.26 5.77
CA LYS A 229 51.74 13.58 4.70
C LYS A 229 53.15 13.78 5.24
N ALA A 230 53.28 14.22 6.49
CA ALA A 230 54.61 14.49 7.05
C ALA A 230 55.44 13.23 7.13
N TYR A 231 54.84 12.11 7.55
CA TYR A 231 55.54 10.83 7.63
C TYR A 231 55.66 10.28 6.22
N ARG A 232 56.72 10.68 5.52
CA ARG A 232 56.91 10.29 4.13
C ARG A 232 57.18 8.79 4.01
N GLN A 233 56.57 8.18 2.99
CA GLN A 233 56.76 6.76 2.73
C GLN A 233 57.32 6.56 1.33
N ASP A 234 58.33 7.36 0.97
CA ASP A 234 58.89 7.30 -0.37
C ASP A 234 59.63 5.98 -0.60
N GLY A 235 59.81 5.64 -1.87
CA GLY A 235 60.45 4.41 -2.27
C GLY A 235 59.46 3.31 -2.58
N ALA A 236 59.99 2.23 -3.17
CA ALA A 236 59.15 1.09 -3.53
C ALA A 236 58.57 0.43 -2.29
N ASP A 237 59.36 0.28 -1.23
CA ASP A 237 58.91 -0.38 -0.02
C ASP A 237 58.02 0.57 0.79
N ASN A 238 57.62 0.11 1.98
CA ASN A 238 56.70 0.85 2.85
C ASN A 238 57.42 1.33 4.12
N ALA A 239 58.67 1.77 3.97
CA ALA A 239 59.47 2.21 5.10
C ALA A 239 59.51 3.74 5.16
N LEU A 240 59.46 4.27 6.38
CA LEU A 240 59.52 5.71 6.57
C LEU A 240 60.89 6.23 6.18
N THR A 241 60.92 7.29 5.37
CA THR A 241 62.16 7.84 4.82
C THR A 241 62.43 9.25 5.31
N GLY A 242 61.77 9.69 6.37
CA GLY A 242 62.02 11.01 6.91
C GLY A 242 60.75 11.74 7.34
N ILE A 243 60.93 12.88 8.01
CA ILE A 243 59.81 13.70 8.48
C ILE A 243 59.93 15.07 7.82
N ASN A 244 58.85 15.51 7.19
CA ASN A 244 58.83 16.79 6.50
C ASN A 244 58.47 17.91 7.47
N GLU A 245 59.32 18.94 7.52
CA GLU A 245 59.08 20.06 8.43
C GLU A 245 57.98 20.97 7.91
N GLU A 246 57.86 21.13 6.59
CA GLU A 246 56.82 22.00 6.03
C GLU A 246 55.43 21.45 6.34
N ASP A 247 55.26 20.12 6.27
CA ASP A 247 53.97 19.52 6.61
C ASP A 247 53.64 19.75 8.08
N LEU A 248 54.63 19.63 8.96
CA LEU A 248 54.40 19.90 10.38
C LEU A 248 54.01 21.36 10.61
N LYS A 249 54.68 22.28 9.91
CA LYS A 249 54.33 23.69 10.02
C LYS A 249 52.90 23.94 9.54
N GLN A 250 52.50 23.28 8.45
CA GLN A 250 51.12 23.40 7.97
C GLN A 250 50.13 22.86 9.00
N VAL A 251 50.47 21.73 9.63
CA VAL A 251 49.60 21.18 10.67
C VAL A 251 49.43 22.18 11.80
N VAL A 252 50.55 22.74 12.27
CA VAL A 252 50.49 23.71 13.37
C VAL A 252 49.67 24.91 12.97
N LYS A 253 49.82 25.36 11.73
CA LYS A 253 49.04 26.50 11.24
C LYS A 253 47.55 26.20 11.23
N TYR A 254 47.17 24.99 10.82
CA TYR A 254 45.76 24.64 10.67
C TYR A 254 45.15 24.00 11.91
N THR A 255 45.90 23.88 13.00
CA THR A 255 45.36 23.38 14.27
C THR A 255 45.34 24.46 15.34
N ASP A 256 45.43 25.73 14.96
CA ASP A 256 45.48 26.81 15.92
C ASP A 256 44.19 26.83 16.75
N PRO A 257 44.29 27.03 18.07
CA PRO A 257 43.08 27.05 18.91
C PRO A 257 42.12 28.18 18.55
N LEU A 258 42.59 29.24 17.91
CA LEU A 258 41.68 30.32 17.52
C LEU A 258 40.66 29.83 16.50
N ILE A 259 41.09 29.02 15.54
CA ILE A 259 40.17 28.51 14.53
C ILE A 259 39.10 27.63 15.17
N MET A 260 39.53 26.75 16.09
CA MET A 260 38.57 25.87 16.76
C MET A 260 37.61 26.65 17.64
N ALA A 261 38.11 27.66 18.35
CA ALA A 261 37.25 28.49 19.19
C ALA A 261 36.31 29.37 18.36
N LYS A 262 36.67 29.66 17.11
CA LYS A 262 35.78 30.41 16.24
C LYS A 262 34.49 29.66 15.98
N GLY A 263 34.57 28.35 15.80
CA GLY A 263 33.42 27.49 15.59
C GLY A 263 32.76 26.98 16.85
N GLY A 264 33.24 27.40 18.02
CA GLY A 264 32.65 26.95 19.27
C GLY A 264 32.84 25.48 19.56
N TYR A 265 34.05 24.96 19.33
CA TYR A 265 34.35 23.56 19.57
C TYR A 265 35.35 23.42 20.71
N GLY A 266 35.11 22.46 21.60
CA GLY A 266 35.98 22.24 22.73
C GLY A 266 35.72 20.89 23.36
N LEU A 267 36.58 20.55 24.32
CA LEU A 267 36.45 19.26 25.00
C LEU A 267 35.20 19.22 25.86
N GLU A 268 34.53 18.07 25.87
CA GLU A 268 33.36 17.88 26.71
C GLU A 268 33.77 17.79 28.18
N THR A 269 32.83 18.17 29.06
CA THR A 269 33.10 18.07 30.49
C THR A 269 33.24 16.63 30.95
N ASP A 270 32.62 15.69 30.22
CA ASP A 270 32.70 14.28 30.54
C ASP A 270 33.05 13.49 29.30
N TYR A 271 33.83 12.41 29.49
CA TYR A 271 34.25 11.59 28.36
C TYR A 271 33.07 10.83 27.77
N SER A 272 32.26 10.19 28.62
CA SER A 272 31.14 9.39 28.15
C SER A 272 30.12 10.23 27.38
N MET A 273 30.10 11.55 27.58
CA MET A 273 29.22 12.41 26.81
C MET A 273 29.49 12.33 25.32
N ASN A 274 30.70 11.91 24.93
CA ASN A 274 31.03 11.74 23.52
C ASN A 274 30.39 10.49 22.92
N PHE A 275 29.88 9.57 23.74
CA PHE A 275 29.32 8.32 23.27
C PHE A 275 27.98 8.03 23.93
N LEU A 276 27.15 9.06 24.07
CA LEU A 276 25.82 8.91 24.63
C LEU A 276 24.80 9.61 23.74
N PRO A 277 23.65 8.97 23.49
CA PRO A 277 22.62 9.61 22.65
C PRO A 277 22.10 10.93 23.21
N GLN A 278 22.10 11.08 24.54
CA GLN A 278 21.56 12.30 25.14
C GLN A 278 22.41 13.53 24.83
N TYR A 279 23.68 13.35 24.49
CA TYR A 279 24.59 14.46 24.22
C TYR A 279 25.15 14.38 22.80
N GLU A 280 24.28 14.10 21.84
CA GLU A 280 24.70 14.07 20.44
C GLU A 280 24.99 15.48 19.95
N ASN A 281 25.93 15.57 19.00
CA ASN A 281 26.35 16.83 18.41
C ASN A 281 26.83 17.81 19.47
N GLY A 282 27.72 17.35 20.33
CA GLY A 282 28.26 18.15 21.40
C GLY A 282 29.40 19.04 20.94
N ALA A 283 30.05 19.67 21.91
CA ALA A 283 31.17 20.56 21.61
C ALA A 283 32.34 19.79 20.99
N GLU A 284 32.64 18.61 21.52
CA GLU A 284 33.73 17.80 20.98
C GLU A 284 33.37 17.16 19.65
N SER A 285 32.09 17.04 19.34
CA SER A 285 31.65 16.44 18.07
C SER A 285 31.87 17.47 16.96
N VAL A 286 33.11 17.55 16.50
CA VAL A 286 33.46 18.50 15.45
C VAL A 286 32.72 18.16 14.16
N TRP A 287 32.71 16.88 13.80
CA TRP A 287 31.94 16.40 12.66
C TRP A 287 31.56 14.95 12.92
N ALA A 288 30.29 14.62 12.65
CA ALA A 288 29.79 13.29 12.92
C ALA A 288 28.76 12.91 11.86
N ILE A 289 28.58 11.61 11.68
CA ILE A 289 27.56 11.09 10.78
C ILE A 289 26.24 11.03 11.53
N GLN A 290 25.24 11.76 11.03
CA GLN A 290 23.96 11.88 11.72
C GLN A 290 23.13 10.64 11.46
N TYR A 291 22.98 9.79 12.48
CA TYR A 291 22.14 8.61 12.42
C TYR A 291 20.81 8.92 13.10
N SER A 292 19.70 8.57 12.43
CA SER A 292 18.38 8.95 12.89
C SER A 292 17.49 7.72 13.00
N ILE A 293 16.46 7.85 13.84
CA ILE A 293 15.46 6.81 14.03
C ILE A 293 14.08 7.44 13.88
N ASN A 294 13.10 6.61 13.52
CA ASN A 294 11.72 7.06 13.29
C ASN A 294 11.68 8.19 12.26
N ASP A 295 12.47 8.04 11.19
CA ASP A 295 12.62 9.06 10.17
C ASP A 295 11.85 8.75 8.89
N GLY A 296 10.94 7.77 8.93
CA GLY A 296 10.12 7.44 7.78
C GLY A 296 10.64 6.34 6.89
N THR A 297 11.85 5.84 7.14
CA THR A 297 12.38 4.73 6.35
C THR A 297 11.87 3.42 6.93
N TYR A 298 12.39 2.30 6.43
CA TYR A 298 11.92 1.00 6.90
C TYR A 298 12.28 0.77 8.36
N ASN A 299 13.49 1.12 8.77
CA ASN A 299 13.91 0.93 10.15
C ASN A 299 14.72 2.10 10.69
N GLY A 300 14.84 3.20 9.95
CA GLY A 300 15.66 4.31 10.39
C GLY A 300 17.08 4.22 9.88
N ASN A 301 17.71 5.38 9.72
CA ASN A 301 19.11 5.45 9.28
C ASN A 301 20.01 5.16 10.48
N LEU A 302 19.95 3.90 10.91
CA LEU A 302 20.75 3.46 12.05
C LEU A 302 22.17 3.13 11.62
N ASN A 303 23.05 3.00 12.61
CA ASN A 303 24.46 2.65 12.36
C ASN A 303 24.54 1.14 12.17
N TRP A 304 24.22 0.70 10.95
CA TRP A 304 24.26 -0.72 10.63
C TRP A 304 25.68 -1.27 10.60
N GLY A 305 26.70 -0.40 10.54
CA GLY A 305 28.07 -0.86 10.62
C GLY A 305 28.45 -1.37 11.99
N MET A 306 27.72 -0.97 13.04
CA MET A 306 27.95 -1.45 14.39
C MET A 306 26.98 -2.56 14.79
N GLY A 307 26.21 -3.09 13.84
CA GLY A 307 25.26 -4.13 14.18
C GLY A 307 25.94 -5.39 14.72
N LEU A 308 27.10 -5.73 14.18
CA LEU A 308 27.82 -6.91 14.62
C LEU A 308 28.48 -6.72 15.99
N THR A 309 28.63 -5.49 16.44
CA THR A 309 29.34 -5.21 17.69
C THR A 309 28.46 -5.32 18.93
N THR A 310 27.16 -5.54 18.77
CA THR A 310 26.28 -5.63 19.93
C THR A 310 26.57 -6.90 20.72
N PRO A 311 26.45 -6.86 22.05
CA PRO A 311 26.81 -8.02 22.86
C PRO A 311 25.84 -9.18 22.66
N GLN A 312 26.25 -10.34 23.17
CA GLN A 312 25.42 -11.53 23.10
C GLN A 312 24.17 -11.43 23.95
N ILE A 313 24.13 -10.48 24.88
CA ILE A 313 22.93 -10.28 25.69
C ILE A 313 21.75 -9.84 24.82
N LEU A 314 22.02 -9.22 23.68
CA LEU A 314 20.97 -8.84 22.76
C LEU A 314 20.54 -10.00 21.86
N GLY A 315 21.32 -11.07 21.77
CA GLY A 315 20.89 -12.26 21.07
C GLY A 315 21.86 -12.84 20.06
N CYS A 316 22.69 -12.00 19.45
CA CYS A 316 23.52 -12.42 18.34
C CYS A 316 24.75 -11.53 18.26
N CYS A 317 25.48 -11.63 17.14
CA CYS A 317 26.59 -10.75 16.79
C CYS A 317 27.80 -10.95 17.70
N ASP A 318 28.02 -10.01 18.62
CA ASP A 318 29.15 -10.02 19.54
C ASP A 318 30.49 -10.00 18.78
N PHE A 319 30.71 -8.92 18.05
CA PHE A 319 31.97 -8.66 17.37
C PHE A 319 32.68 -7.47 18.02
N HIS A 320 33.89 -7.20 17.54
CA HIS A 320 34.70 -6.07 18.00
C HIS A 320 34.92 -6.12 19.51
N LYS A 321 35.51 -7.23 19.95
CA LYS A 321 35.76 -7.45 21.38
C LYS A 321 37.12 -6.89 21.75
N PRO A 322 37.21 -5.94 22.67
CA PRO A 322 38.51 -5.36 23.03
C PRO A 322 39.43 -6.41 23.65
N SER A 323 40.73 -6.22 23.43
CA SER A 323 41.74 -7.17 23.87
C SER A 323 42.19 -6.86 25.29
N GLN A 324 42.84 -7.86 25.91
CA GLN A 324 43.40 -7.67 27.24
C GLN A 324 44.56 -6.68 27.22
N ASN A 325 45.23 -6.53 26.08
CA ASN A 325 46.35 -5.59 25.98
C ASN A 325 45.88 -4.16 26.23
N LEU A 326 44.74 -3.77 25.65
CA LEU A 326 44.22 -2.43 25.88
C LEU A 326 43.85 -2.22 27.34
N VAL A 327 43.23 -3.23 27.96
CA VAL A 327 42.86 -3.14 29.38
C VAL A 327 44.10 -2.94 30.23
N ASN A 328 45.16 -3.70 29.96
CA ASN A 328 46.42 -3.52 30.69
C ASN A 328 47.03 -2.16 30.39
N ALA A 329 46.84 -1.63 29.18
CA ALA A 329 47.33 -0.30 28.86
C ALA A 329 46.62 0.76 29.70
N PHE A 330 45.32 0.60 29.92
CA PHE A 330 44.58 1.55 30.75
C PHE A 330 45.04 1.55 32.20
N LYS A 331 45.76 0.52 32.63
CA LYS A 331 46.26 0.45 34.00
C LYS A 331 47.32 1.51 34.24
N THR A 332 47.26 2.15 35.40
CA THR A 332 48.20 3.19 35.79
C THR A 332 48.88 2.81 37.10
N ASP A 333 49.95 3.53 37.42
CA ASP A 333 50.72 3.29 38.64
C ASP A 333 50.17 4.16 39.77
N SER A 334 50.92 4.21 40.88
CA SER A 334 50.50 5.03 42.02
C SER A 334 50.65 6.52 41.74
N GLN A 335 51.48 6.90 40.78
CA GLN A 335 51.68 8.30 40.44
C GLN A 335 50.67 8.81 39.41
N GLY A 336 49.76 7.97 38.94
CA GLY A 336 48.78 8.36 37.95
C GLY A 336 49.24 8.32 36.52
N LYS A 337 50.48 7.87 36.26
CA LYS A 337 51.01 7.78 34.91
C LYS A 337 50.87 6.35 34.38
N PRO A 338 50.71 6.18 33.08
CA PRO A 338 50.65 4.83 32.51
C PRO A 338 51.97 4.09 32.69
N LEU A 339 51.87 2.77 32.84
CA LEU A 339 53.06 1.93 32.98
C LEU A 339 53.66 1.72 31.60
N PHE A 340 54.81 2.33 31.35
CA PHE A 340 55.41 2.31 30.01
C PHE A 340 56.09 0.99 29.68
N SER A 341 56.43 0.18 30.69
CA SER A 341 57.14 -1.07 30.44
C SER A 341 56.58 -2.28 31.18
N THR A 342 55.83 -2.09 32.27
CA THR A 342 55.33 -3.21 33.06
C THR A 342 53.80 -3.28 33.07
N TYR A 343 53.14 -2.63 32.11
CA TYR A 343 51.69 -2.65 32.05
C TYR A 343 51.16 -4.02 31.65
N ASP A 344 51.84 -4.68 30.71
CA ASP A 344 51.38 -5.96 30.16
C ASP A 344 52.01 -7.16 30.86
N ASN A 345 52.86 -6.94 31.87
CA ASN A 345 53.48 -8.05 32.58
C ASN A 345 52.43 -8.89 33.32
N GLU A 346 51.47 -8.23 33.95
CA GLU A 346 50.40 -8.90 34.68
C GLU A 346 49.06 -8.31 34.28
N ASN A 347 48.02 -9.15 34.36
CA ASN A 347 46.68 -8.69 34.06
C ASN A 347 46.22 -7.66 35.09
N TYR A 348 45.41 -6.71 34.63
CA TYR A 348 44.92 -5.65 35.50
C TYR A 348 44.04 -6.23 36.61
N GLU A 349 44.27 -5.76 37.84
CA GLU A 349 43.50 -6.17 39.00
C GLU A 349 42.67 -5.00 39.49
N VAL A 350 41.36 -5.23 39.63
CA VAL A 350 40.45 -4.15 39.99
C VAL A 350 40.68 -3.67 41.42
N ALA A 351 41.14 -4.56 42.30
CA ALA A 351 41.25 -4.24 43.72
C ALA A 351 42.65 -3.77 44.13
N THR A 352 43.68 -4.06 43.35
CA THR A 352 45.05 -3.73 43.74
C THR A 352 45.78 -2.81 42.79
N ASP A 353 45.25 -2.55 41.60
CA ASP A 353 45.93 -1.76 40.59
C ASP A 353 45.14 -0.50 40.29
N ASN A 354 45.83 0.63 40.23
CA ASN A 354 45.20 1.88 39.82
C ASN A 354 44.82 1.81 38.35
N VAL A 355 43.66 2.36 38.01
CA VAL A 355 43.11 2.27 36.66
C VAL A 355 42.68 3.66 36.20
N ASP A 356 42.94 3.95 34.93
CA ASP A 356 42.44 5.18 34.33
C ASP A 356 40.91 5.12 34.22
N PRO A 357 40.22 6.21 34.56
CA PRO A 357 38.75 6.19 34.46
C PRO A 357 38.23 6.01 33.05
N ARG A 358 39.05 6.26 32.02
CA ARG A 358 38.60 6.10 30.64
C ARG A 358 38.31 4.65 30.27
N LEU A 359 38.83 3.68 31.04
CA LEU A 359 38.62 2.28 30.70
C LEU A 359 37.16 1.89 30.77
N PHE A 360 36.45 2.34 31.81
CA PHE A 360 35.05 1.96 31.98
C PHE A 360 34.13 2.65 30.98
N HIS A 361 34.60 3.70 30.32
CA HIS A 361 33.86 4.33 29.23
C HIS A 361 34.20 3.72 27.87
N THR A 362 35.14 2.80 27.82
CA THR A 362 35.57 2.18 26.57
C THR A 362 35.35 0.67 26.56
N VAL A 363 35.75 -0.03 27.61
CA VAL A 363 35.70 -1.48 27.68
C VAL A 363 34.79 -1.89 28.83
N GLY A 364 33.82 -2.76 28.55
CA GLY A 364 32.96 -3.29 29.58
C GLY A 364 33.49 -4.58 30.18
N MET A 365 34.13 -4.47 31.34
CA MET A 365 34.72 -5.64 31.99
C MET A 365 33.64 -6.48 32.65
N PRO A 366 33.87 -7.79 32.78
CA PRO A 366 32.91 -8.64 33.50
C PRO A 366 32.78 -8.22 34.95
N GLY A 367 31.56 -8.38 35.48
CA GLY A 367 31.27 -7.96 36.83
C GLY A 367 30.95 -6.49 36.99
N PHE A 368 30.77 -5.77 35.89
CA PHE A 368 30.48 -4.34 35.91
C PHE A 368 29.24 -4.05 35.09
N PRO A 369 28.53 -2.97 35.40
CA PRO A 369 27.32 -2.63 34.63
C PRO A 369 27.64 -2.41 33.16
N TYR A 370 26.71 -2.83 32.31
CA TYR A 370 26.86 -2.68 30.86
C TYR A 370 26.25 -1.35 30.42
N LYS A 371 27.09 -0.45 29.92
CA LYS A 371 26.67 0.88 29.49
C LYS A 371 25.95 1.62 30.63
N TYR A 372 26.54 1.57 31.81
CA TYR A 372 26.04 2.27 33.00
C TYR A 372 24.61 1.85 33.33
N ASN A 373 24.31 0.57 33.16
CA ASN A 373 22.99 0.02 33.48
C ASN A 373 23.16 -1.02 34.58
N GLU A 374 22.58 -0.75 35.75
CA GLU A 374 22.72 -1.67 36.87
C GLU A 374 21.98 -2.98 36.63
N GLY A 375 20.93 -2.95 35.79
CA GLY A 375 20.18 -4.16 35.52
C GLY A 375 20.84 -5.15 34.61
N TYR A 376 21.96 -4.79 33.99
CA TYR A 376 22.73 -5.69 33.13
C TYR A 376 24.17 -5.71 33.61
N ILE A 377 24.60 -6.84 34.15
CA ILE A 377 25.95 -7.03 34.66
C ILE A 377 26.66 -8.05 33.79
N ILE A 378 27.83 -7.69 33.28
CA ILE A 378 28.57 -8.58 32.39
C ILE A 378 29.14 -9.74 33.20
N GLN A 379 28.93 -10.96 32.71
CA GLN A 379 29.41 -12.17 33.36
C GLN A 379 30.18 -13.02 32.36
N LYS A 380 31.09 -13.84 32.89
CA LYS A 380 31.91 -14.71 32.05
C LYS A 380 31.16 -16.03 31.80
N ASN A 381 30.10 -15.92 30.99
CA ASN A 381 29.29 -17.06 30.62
C ASN A 381 28.93 -16.96 29.14
N ASP A 382 28.16 -17.93 28.66
CA ASP A 382 27.74 -17.94 27.26
C ASP A 382 26.71 -16.86 26.93
N ASP A 383 26.11 -16.24 27.95
CA ASP A 383 25.14 -15.17 27.71
C ASP A 383 25.77 -13.87 27.27
N TRP A 384 27.09 -13.74 27.36
CA TRP A 384 27.79 -12.52 26.96
C TRP A 384 28.85 -12.75 25.91
N SER A 385 29.45 -13.93 25.84
CA SER A 385 30.49 -14.24 24.86
C SER A 385 29.98 -15.31 23.90
N ARG A 386 30.03 -15.01 22.61
CA ARG A 386 29.59 -15.94 21.58
C ARG A 386 30.67 -16.94 21.18
N SER A 387 31.92 -16.71 21.58
CA SER A 387 33.03 -17.59 21.24
C SER A 387 33.38 -18.55 22.36
N LYS A 388 32.57 -18.61 23.42
CA LYS A 388 32.82 -19.50 24.56
C LYS A 388 34.18 -19.24 25.19
N GLY A 389 34.55 -17.97 25.30
CA GLY A 389 35.81 -17.58 25.90
C GLY A 389 37.00 -17.60 24.98
N LEU A 390 36.83 -17.97 23.71
CA LEU A 390 37.95 -17.97 22.77
C LEU A 390 38.49 -16.56 22.55
N TYR A 391 37.61 -15.58 22.42
CA TYR A 391 37.99 -14.20 22.17
C TYR A 391 37.87 -13.33 23.42
N GLY A 392 37.74 -13.94 24.59
CA GLY A 392 37.62 -13.20 25.82
C GLY A 392 36.17 -12.91 26.19
N TYR A 393 36.02 -12.00 27.15
CA TYR A 393 34.70 -11.60 27.64
C TYR A 393 34.52 -10.10 27.71
N TYR A 394 35.43 -9.32 27.11
CA TYR A 394 35.33 -7.87 27.13
C TYR A 394 34.42 -7.38 26.01
N VAL A 395 33.62 -6.37 26.31
CA VAL A 395 32.65 -5.80 25.38
C VAL A 395 32.93 -4.32 25.22
N SER A 396 33.04 -3.86 23.97
CA SER A 396 33.22 -2.44 23.71
C SER A 396 31.95 -1.67 24.06
N LEU A 397 32.13 -0.46 24.60
CA LEU A 397 31.02 0.36 25.05
C LEU A 397 30.83 1.65 24.29
N LYS A 398 31.84 2.13 23.55
CA LYS A 398 31.72 3.40 22.85
C LYS A 398 30.65 3.34 21.77
N GLU A 399 30.61 2.25 21.00
CA GLU A 399 29.65 2.12 19.90
C GLU A 399 28.34 1.49 20.33
N ASN A 400 28.24 1.01 21.56
CA ASN A 400 27.01 0.40 22.06
C ASN A 400 26.16 1.43 22.81
N VAL A 401 24.89 1.09 23.00
CA VAL A 401 23.94 1.94 23.69
C VAL A 401 23.21 1.11 24.74
N ASP A 402 22.55 1.81 25.65
CA ASP A 402 21.77 1.14 26.68
C ASP A 402 20.60 0.40 26.06
N PRO A 403 20.31 -0.82 26.53
CA PRO A 403 19.16 -1.55 25.97
C PRO A 403 17.82 -0.85 26.20
N ASP A 404 17.74 0.01 27.21
CA ASP A 404 16.51 0.75 27.51
C ASP A 404 16.55 2.19 27.00
N CYS A 405 17.51 2.51 26.12
CA CYS A 405 17.63 3.86 25.59
C CYS A 405 16.43 4.27 24.74
N ASP A 406 15.71 3.30 24.18
CA ASP A 406 14.66 3.47 23.18
C ASP A 406 15.21 3.95 21.85
N CYS A 407 16.53 4.14 21.75
CA CYS A 407 17.20 4.47 20.51
C CYS A 407 17.73 3.23 19.78
N LEU A 408 17.47 2.05 20.32
CA LEU A 408 17.93 0.79 19.75
C LEU A 408 16.76 0.08 19.07
N LYS A 409 16.96 -0.33 17.83
CA LYS A 409 15.92 -0.98 17.04
C LYS A 409 16.46 -2.25 16.42
N LYS A 410 15.58 -3.24 16.25
CA LYS A 410 15.94 -4.53 15.68
C LYS A 410 15.49 -4.56 14.23
N GLY A 411 16.46 -4.46 13.31
CA GLY A 411 16.19 -4.53 11.89
C GLY A 411 16.92 -5.70 11.25
N SER A 412 16.86 -6.86 11.91
CA SER A 412 17.65 -8.07 11.66
C SER A 412 19.09 -7.91 12.14
N TYR A 413 19.48 -6.72 12.58
CA TYR A 413 20.76 -6.49 13.25
C TYR A 413 20.56 -5.36 14.25
N TRP A 414 21.01 -5.58 15.48
CA TRP A 414 20.80 -4.60 16.54
C TRP A 414 21.65 -3.36 16.23
N ALA A 415 20.98 -2.28 15.82
CA ALA A 415 21.66 -1.02 15.48
C ALA A 415 20.92 0.14 16.15
N SER A 416 21.68 1.18 16.46
CA SER A 416 21.17 2.36 17.14
C SER A 416 21.36 3.59 16.28
N SER A 417 20.88 4.73 16.78
CA SER A 417 20.98 6.01 16.08
C SER A 417 22.10 6.88 16.63
N LEU A 418 23.00 6.32 17.43
CA LEU A 418 24.11 7.09 17.98
C LEU A 418 25.02 7.57 16.85
N ASN A 419 25.38 8.85 16.91
CA ASN A 419 26.21 9.44 15.87
C ASN A 419 27.65 8.94 15.97
N HIS A 420 28.26 8.70 14.81
CA HIS A 420 29.67 8.31 14.73
C HIS A 420 30.50 9.56 14.53
N ILE A 421 31.23 9.96 15.57
CA ILE A 421 32.00 11.20 15.53
C ILE A 421 33.31 10.93 14.79
N VAL A 422 33.41 11.45 13.56
CA VAL A 422 34.61 11.22 12.76
C VAL A 422 35.79 11.99 13.32
N ILE A 423 35.59 13.25 13.68
CA ILE A 423 36.65 14.14 14.15
C ILE A 423 36.31 14.61 15.55
N ARG A 424 37.24 14.44 16.48
CA ARG A 424 37.07 14.87 17.86
C ARG A 424 38.08 15.97 18.18
N TYR A 425 37.70 16.84 19.12
CA TYR A 425 38.61 17.90 19.55
C TYR A 425 39.85 17.35 20.24
N ALA A 426 39.70 16.23 20.95
CA ALA A 426 40.88 15.58 21.54
C ALA A 426 41.84 15.12 20.46
N ASP A 427 41.31 14.66 19.32
CA ASP A 427 42.16 14.31 18.19
C ASP A 427 42.92 15.53 17.68
N VAL A 428 42.24 16.67 17.62
CA VAL A 428 42.89 17.90 17.17
C VAL A 428 44.03 18.29 18.12
N LEU A 429 43.76 18.22 19.43
CA LEU A 429 44.78 18.56 20.41
C LEU A 429 45.97 17.61 20.33
N LEU A 430 45.70 16.31 20.19
CA LEU A 430 46.79 15.34 20.11
C LEU A 430 47.58 15.48 18.81
N MET A 431 46.92 15.85 17.72
CA MET A 431 47.65 16.09 16.48
C MET A 431 48.51 17.33 16.57
N ARG A 432 48.01 18.38 17.24
CA ARG A 432 48.84 19.55 17.50
C ARG A 432 50.05 19.18 18.35
N ALA A 433 49.85 18.35 19.37
CA ALA A 433 50.97 17.91 20.20
C ALA A 433 51.96 17.10 19.38
N GLU A 434 51.47 16.24 18.48
CA GLU A 434 52.36 15.45 17.63
C GLU A 434 53.18 16.35 16.72
N ALA A 435 52.54 17.34 16.11
CA ALA A 435 53.29 18.25 15.24
C ALA A 435 54.33 19.04 16.02
N LEU A 436 53.97 19.51 17.22
CA LEU A 436 54.93 20.26 18.03
C LEU A 436 56.10 19.39 18.46
N ILE A 437 55.83 18.13 18.81
CA ILE A 437 56.90 17.24 19.25
C ILE A 437 57.83 16.90 18.08
N GLN A 438 57.25 16.55 16.93
CA GLN A 438 58.06 16.16 15.78
C GLN A 438 58.80 17.35 15.17
N LEU A 439 58.31 18.58 15.39
CA LEU A 439 59.05 19.74 14.88
C LEU A 439 60.40 19.87 15.56
N ASN A 440 60.47 19.62 16.87
CA ASN A 440 61.71 19.68 17.64
C ASN A 440 62.39 21.05 17.54
N ASP A 441 61.58 22.10 17.44
CA ASP A 441 62.06 23.48 17.42
C ASP A 441 61.47 24.28 18.56
N GLY A 442 61.39 23.67 19.74
CA GLY A 442 60.73 24.29 20.86
C GLY A 442 59.26 23.94 20.91
N ARG A 443 58.56 24.62 21.82
CA ARG A 443 57.11 24.47 22.03
C ARG A 443 56.74 23.04 22.45
N ILE A 444 57.70 22.28 22.98
CA ILE A 444 57.38 20.96 23.53
C ILE A 444 56.50 21.12 24.76
N THR A 445 56.71 22.18 25.54
CA THR A 445 55.87 22.43 26.70
C THR A 445 54.41 22.64 26.29
N ASP A 446 54.16 23.17 25.10
CA ASP A 446 52.79 23.30 24.63
C ASP A 446 52.16 21.93 24.40
N ALA A 447 52.91 20.99 23.81
CA ALA A 447 52.41 19.63 23.64
C ALA A 447 52.16 18.97 24.99
N ILE A 448 53.08 19.19 25.95
CA ILE A 448 52.89 18.64 27.29
C ILE A 448 51.63 19.23 27.93
N SER A 449 51.37 20.52 27.71
CA SER A 449 50.17 21.15 28.24
C SER A 449 48.91 20.57 27.62
N LEU A 450 48.95 20.31 26.31
CA LEU A 450 47.79 19.68 25.66
C LEU A 450 47.53 18.29 26.21
N ILE A 451 48.59 17.50 26.40
CA ILE A 451 48.44 16.17 26.97
C ILE A 451 47.90 16.27 28.40
N ASN A 452 48.37 17.26 29.16
CA ASN A 452 47.88 17.47 30.51
C ASN A 452 46.40 17.84 30.52
N GLU A 453 45.98 18.67 29.56
CA GLU A 453 44.57 19.01 29.43
C GLU A 453 43.73 17.78 29.13
N VAL A 454 44.20 16.92 28.23
CA VAL A 454 43.48 15.69 27.93
C VAL A 454 43.39 14.81 29.17
N ARG A 455 44.49 14.68 29.91
CA ARG A 455 44.49 13.86 31.12
C ARG A 455 43.57 14.43 32.18
N SER A 456 43.53 15.77 32.32
CA SER A 456 42.64 16.40 33.27
C SER A 456 41.17 16.19 32.89
N ARG A 457 40.87 16.26 31.59
CA ARG A 457 39.52 15.94 31.14
C ARG A 457 39.15 14.50 31.47
N ALA A 458 40.11 13.58 31.29
CA ALA A 458 39.87 12.19 31.65
C ALA A 458 39.63 12.03 33.14
N ALA A 459 40.36 12.79 33.97
CA ALA A 459 40.25 12.65 35.41
C ALA A 459 38.85 13.01 35.91
N GLY A 460 38.26 14.08 35.35
CA GLY A 460 36.95 14.51 35.77
C GLY A 460 35.79 13.74 35.16
N SER A 461 36.07 12.76 34.31
CA SER A 461 35.02 11.98 33.66
C SER A 461 34.61 10.81 34.57
N THR A 462 33.91 11.17 35.66
CA THR A 462 33.44 10.18 36.63
C THR A 462 32.02 10.49 37.08
N MET A 463 31.23 11.13 36.22
CA MET A 463 29.85 11.47 36.59
C MET A 463 28.94 10.26 36.63
N LEU A 464 29.28 9.18 35.91
CA LEU A 464 28.47 7.97 35.90
C LEU A 464 29.16 6.78 36.55
N ILE A 465 30.44 6.88 36.89
CA ILE A 465 31.18 5.78 37.50
C ILE A 465 31.77 6.19 38.86
N PHE A 466 31.19 7.20 39.51
CA PHE A 466 31.69 7.64 40.80
C PHE A 466 31.45 6.61 41.89
N ASN A 467 30.33 5.88 41.81
CA ASN A 467 30.01 4.88 42.83
C ASN A 467 30.88 3.64 42.74
N TYR A 468 31.66 3.48 41.66
CA TYR A 468 32.48 2.29 41.50
C TYR A 468 33.49 2.14 42.65
N LYS A 469 33.87 3.25 43.27
CA LYS A 469 34.75 3.17 44.44
C LYS A 469 34.07 2.44 45.59
N GLU A 470 32.79 2.73 45.83
CA GLU A 470 32.05 2.14 46.94
C GLU A 470 31.23 0.92 46.54
N ASP A 471 31.32 0.48 45.28
CA ASP A 471 30.56 -0.66 44.82
C ASP A 471 31.43 -1.82 44.36
N TYR A 472 32.60 -1.56 43.79
CA TYR A 472 33.48 -2.62 43.31
C TYR A 472 34.94 -2.40 43.72
N GLY A 473 35.21 -1.41 44.56
CA GLY A 473 36.58 -1.15 44.97
C GLY A 473 37.49 -0.71 43.85
N VAL A 474 37.00 0.18 42.97
CA VAL A 474 37.77 0.65 41.84
C VAL A 474 38.56 1.89 42.27
N ASN A 475 39.87 1.86 42.05
CA ASN A 475 40.75 2.96 42.42
C ASN A 475 41.07 3.78 41.17
N PHE A 476 40.62 5.03 41.15
CA PHE A 476 40.89 5.95 40.05
C PHE A 476 42.06 6.84 40.45
N LYS A 477 43.12 6.85 39.64
CA LYS A 477 44.30 7.66 39.93
C LYS A 477 44.96 8.01 38.61
N VAL A 478 44.70 9.22 38.11
CA VAL A 478 45.35 9.75 36.92
C VAL A 478 45.72 11.20 37.19
N THR A 479 46.95 11.57 36.81
CA THR A 479 47.45 12.91 37.06
C THR A 479 48.13 13.45 35.82
N PRO A 480 48.05 14.76 35.59
CA PRO A 480 48.75 15.36 34.45
C PRO A 480 50.26 15.31 34.63
N TYR A 481 50.96 15.27 33.50
CA TYR A 481 52.42 15.27 33.53
C TYR A 481 52.96 16.61 34.03
N ASP A 482 54.06 16.56 34.76
CA ASP A 482 54.69 17.76 35.27
C ASP A 482 55.25 18.60 34.13
N LEU A 483 55.10 19.92 34.25
CA LEU A 483 55.60 20.84 33.23
C LEU A 483 57.10 21.03 33.42
N LYS A 484 57.88 20.41 32.54
CA LYS A 484 59.33 20.49 32.60
C LYS A 484 59.89 20.14 31.22
N ALA A 485 61.21 20.20 31.10
CA ALA A 485 61.86 19.86 29.84
C ALA A 485 61.78 18.36 29.61
N TYR A 486 61.36 17.98 28.40
CA TYR A 486 61.22 16.57 28.04
C TYR A 486 61.94 16.30 26.73
N ALA A 487 62.61 15.16 26.66
CA ALA A 487 63.28 14.75 25.43
C ALA A 487 62.26 14.38 24.36
N GLN A 488 62.73 14.35 23.11
CA GLN A 488 61.83 14.07 22.00
C GLN A 488 61.25 12.65 22.09
N ASP A 489 62.09 11.66 22.42
CA ASP A 489 61.60 10.29 22.51
C ASP A 489 60.62 10.12 23.66
N GLU A 490 60.91 10.73 24.81
CA GLU A 490 60.00 10.64 25.95
C GLU A 490 58.65 11.28 25.64
N ALA A 491 58.66 12.46 25.01
CA ALA A 491 57.41 13.11 24.64
C ALA A 491 56.65 12.28 23.61
N MET A 492 57.36 11.70 22.64
CA MET A 492 56.72 10.86 21.64
C MET A 492 56.06 9.65 22.29
N LYS A 493 56.75 9.01 23.23
CA LYS A 493 56.18 7.85 23.91
C LYS A 493 54.97 8.23 24.75
N MET A 494 55.04 9.36 25.46
CA MET A 494 53.90 9.82 26.25
C MET A 494 52.71 10.12 25.36
N LEU A 495 52.95 10.77 24.21
CA LEU A 495 51.87 11.06 23.28
C LEU A 495 51.27 9.79 22.71
N LYS A 496 52.12 8.80 22.38
CA LYS A 496 51.61 7.53 21.87
C LYS A 496 50.74 6.84 22.91
N TRP A 497 51.16 6.85 24.17
CA TRP A 497 50.36 6.24 25.22
C TRP A 497 49.05 6.98 25.42
N GLU A 498 49.08 8.31 25.35
CA GLU A 498 47.86 9.10 25.46
C GLU A 498 46.89 8.78 24.34
N ARG A 499 47.42 8.65 23.11
CA ARG A 499 46.57 8.29 21.97
C ARG A 499 45.99 6.89 22.15
N ARG A 500 46.79 5.95 22.65
CA ARG A 500 46.31 4.59 22.87
C ARG A 500 45.20 4.56 23.90
N VAL A 501 45.36 5.30 25.00
CA VAL A 501 44.35 5.27 26.07
C VAL A 501 43.18 6.19 25.79
N GLU A 502 43.27 7.06 24.79
CA GLU A 502 42.21 8.00 24.46
C GLU A 502 41.28 7.49 23.36
N PHE A 503 41.82 6.84 22.35
CA PHE A 503 41.04 6.40 21.18
C PHE A 503 40.88 4.89 21.17
N GLY A 504 40.69 4.28 22.34
CA GLY A 504 40.38 2.87 22.40
C GLY A 504 39.08 2.54 21.71
N MET A 505 39.08 1.49 20.89
CA MET A 505 37.92 1.04 20.13
C MET A 505 37.41 2.11 19.16
N GLU A 506 38.22 3.10 18.84
CA GLU A 506 37.85 4.15 17.91
C GLU A 506 38.42 3.94 16.51
N SER A 507 39.06 2.80 16.27
CA SER A 507 39.50 2.39 14.93
C SER A 507 40.54 3.35 14.37
N SER A 508 41.57 3.64 15.16
CA SER A 508 42.67 4.48 14.71
C SER A 508 44.03 3.99 15.16
N ARG A 509 44.12 2.86 15.86
CA ARG A 509 45.41 2.40 16.38
C ARG A 509 46.30 1.88 15.26
N PHE A 510 45.74 1.06 14.37
CA PHE A 510 46.55 0.47 13.30
C PHE A 510 47.06 1.53 12.34
N PHE A 511 46.22 2.51 11.99
CA PHE A 511 46.65 3.58 11.11
C PHE A 511 47.77 4.40 11.76
N ASP A 512 47.65 4.68 13.06
CA ASP A 512 48.70 5.40 13.76
C ASP A 512 50.00 4.61 13.78
N LEU A 513 49.91 3.30 14.01
CA LEU A 513 51.11 2.46 14.01
C LEU A 513 51.77 2.45 12.63
N VAL A 514 50.96 2.35 11.58
CA VAL A 514 51.51 2.37 10.22
C VAL A 514 52.17 3.70 9.92
N ARG A 515 51.52 4.81 10.31
CA ARG A 515 52.10 6.13 10.07
C ARG A 515 53.40 6.32 10.82
N TRP A 516 53.46 5.87 12.08
CA TRP A 516 54.68 6.02 12.87
C TRP A 516 55.81 5.13 12.39
N GLY A 517 55.51 4.11 11.59
CA GLY A 517 56.53 3.22 11.07
C GLY A 517 56.96 2.11 12.00
N GLU A 518 56.37 2.03 13.20
CA GLU A 518 56.70 0.99 14.17
C GLU A 518 55.62 -0.10 14.25
N ALA A 519 54.81 -0.25 13.20
CA ALA A 519 53.73 -1.21 13.23
C ALA A 519 54.24 -2.65 13.37
N LYS A 520 55.33 -2.97 12.66
CA LYS A 520 55.82 -4.34 12.65
C LYS A 520 56.21 -4.81 14.05
N ASP A 521 57.05 -4.03 14.73
CA ASP A 521 57.54 -4.45 16.05
C ASP A 521 56.39 -4.52 17.06
N VAL A 522 55.49 -3.54 17.05
CA VAL A 522 54.39 -3.53 18.00
C VAL A 522 53.47 -4.71 17.76
N ILE A 523 53.15 -4.99 16.50
CA ILE A 523 52.26 -6.11 16.18
C ILE A 523 52.91 -7.43 16.54
N ASN A 524 54.21 -7.59 16.26
CA ASN A 524 54.89 -8.83 16.61
C ASN A 524 54.93 -9.03 18.13
N ALA A 525 55.23 -7.97 18.88
CA ALA A 525 55.25 -8.09 20.33
C ALA A 525 53.87 -8.43 20.87
N TYR A 526 52.82 -7.81 20.31
CA TYR A 526 51.46 -8.11 20.73
C TYR A 526 51.10 -9.56 20.45
N TYR A 527 51.49 -10.07 19.27
CA TYR A 527 51.23 -11.46 18.94
C TYR A 527 51.94 -12.40 19.91
N VAL A 528 53.22 -12.11 20.20
CA VAL A 528 53.98 -12.96 21.11
C VAL A 528 53.36 -12.94 22.51
N THR A 529 52.98 -11.76 22.99
CA THR A 529 52.40 -11.66 24.32
C THR A 529 51.06 -12.36 24.42
N GLU A 530 50.20 -12.20 23.40
CA GLU A 530 48.84 -12.73 23.46
C GLU A 530 48.73 -14.17 22.99
N ALA A 531 49.80 -14.75 22.44
CA ALA A 531 49.74 -16.15 22.04
C ALA A 531 49.58 -17.07 23.25
N SER A 532 50.09 -16.66 24.41
CA SER A 532 49.98 -17.48 25.61
C SER A 532 48.52 -17.64 26.05
N ARG A 533 47.76 -16.55 26.04
CA ARG A 533 46.38 -16.57 26.50
C ARG A 533 45.37 -16.68 25.35
N CYS A 534 45.82 -16.71 24.10
CA CYS A 534 44.93 -16.83 22.95
C CYS A 534 45.60 -17.71 21.91
N SER A 535 44.95 -18.82 21.55
CA SER A 535 45.50 -19.72 20.54
C SER A 535 45.34 -19.17 19.12
N ILE A 536 44.48 -18.17 18.93
CA ILE A 536 44.25 -17.62 17.59
C ILE A 536 45.53 -17.04 17.02
N TYR A 537 46.44 -16.57 17.87
CA TYR A 537 47.71 -15.99 17.45
C TYR A 537 48.84 -17.00 17.48
N LYS A 538 48.52 -18.30 17.49
CA LYS A 538 49.56 -19.32 17.48
C LYS A 538 50.38 -19.26 16.20
N ASN A 539 49.73 -19.09 15.06
CA ASN A 539 50.40 -19.02 13.76
C ASN A 539 50.44 -17.61 13.20
N ALA A 540 50.13 -16.60 14.01
CA ALA A 540 50.12 -15.23 13.52
C ALA A 540 51.54 -14.75 13.20
N GLY A 541 51.65 -13.93 12.15
CA GLY A 541 52.93 -13.38 11.75
C GLY A 541 52.80 -12.15 10.89
N PHE A 542 53.58 -11.13 11.18
CA PHE A 542 53.50 -9.84 10.48
C PHE A 542 54.74 -9.65 9.64
N THR A 543 54.55 -9.35 8.35
CA THR A 543 55.65 -9.12 7.43
C THR A 543 56.08 -7.66 7.48
N GLU A 544 57.39 -7.44 7.27
CA GLU A 544 57.95 -6.10 7.44
C GLU A 544 57.36 -5.11 6.46
N ASN A 545 57.19 -5.50 5.20
CA ASN A 545 56.76 -4.57 4.16
C ASN A 545 55.58 -5.13 3.36
N LYS A 546 54.73 -5.92 3.98
CA LYS A 546 53.62 -6.51 3.23
C LYS A 546 52.26 -6.32 3.91
N ASN A 547 52.19 -6.40 5.23
CA ASN A 547 50.92 -6.50 5.93
C ASN A 547 50.47 -5.19 6.58
N GLU A 548 51.16 -4.08 6.35
CA GLU A 548 50.73 -2.80 6.89
C GLU A 548 49.85 -2.01 5.92
N TYR A 549 49.57 -2.55 4.74
CA TYR A 549 48.68 -1.92 3.79
C TYR A 549 47.86 -3.00 3.09
N LEU A 550 46.56 -2.75 2.94
CA LEU A 550 45.70 -3.70 2.25
C LEU A 550 46.08 -3.76 0.77
N PRO A 551 46.21 -4.94 0.20
CA PRO A 551 46.58 -5.03 -1.22
C PRO A 551 45.46 -4.54 -2.12
N VAL A 552 45.85 -4.06 -3.30
CA VAL A 552 44.87 -3.66 -4.31
C VAL A 552 44.08 -4.89 -4.74
N PRO A 553 42.75 -4.83 -4.81
CA PRO A 553 41.97 -6.02 -5.18
C PRO A 553 42.37 -6.55 -6.54
N PHE A 554 42.41 -7.88 -6.66
CA PHE A 554 42.79 -8.52 -7.91
C PHE A 554 41.77 -8.27 -9.00
N GLU A 555 40.49 -8.17 -8.64
CA GLU A 555 39.45 -7.89 -9.63
C GLU A 555 39.66 -6.52 -10.27
N GLN A 556 40.02 -5.52 -9.47
CA GLN A 556 40.28 -4.18 -10.01
C GLN A 556 41.46 -4.20 -10.97
N ILE A 557 42.53 -4.91 -10.60
CA ILE A 557 43.71 -4.99 -11.47
C ILE A 557 43.35 -5.69 -12.78
N SER A 558 42.59 -6.78 -12.69
CA SER A 558 42.19 -7.49 -13.90
C SER A 558 41.31 -6.62 -14.79
N ALA A 559 40.39 -5.86 -14.19
CA ALA A 559 39.51 -5.00 -14.97
C ALA A 559 40.31 -3.89 -15.66
N SER A 560 41.25 -3.28 -14.94
CA SER A 560 42.10 -2.22 -15.50
C SER A 560 43.46 -2.82 -15.80
N ASN A 561 43.57 -3.45 -16.97
CA ASN A 561 44.82 -4.09 -17.37
C ASN A 561 45.89 -3.05 -17.65
N GLY A 562 47.08 -3.24 -17.08
CA GLY A 562 48.18 -2.33 -17.30
C GLY A 562 47.99 -0.95 -16.71
N ASN A 563 47.12 -0.81 -15.72
CA ASN A 563 46.85 0.49 -15.12
C ASN A 563 47.04 0.51 -13.61
N TYR A 564 46.70 -0.58 -12.93
CA TYR A 564 46.84 -0.67 -11.48
C TYR A 564 48.02 -1.54 -11.13
N THR A 565 48.87 -1.06 -10.22
CA THR A 565 50.03 -1.80 -9.76
C THR A 565 49.82 -2.25 -8.32
N GLN A 566 50.07 -3.52 -8.05
CA GLN A 566 49.88 -4.08 -6.72
C GLN A 566 50.88 -3.46 -5.74
N ASN A 567 50.48 -3.43 -4.47
CA ASN A 567 51.34 -2.88 -3.43
C ASN A 567 52.58 -3.75 -3.23
N PHE A 568 53.60 -3.16 -2.61
CA PHE A 568 54.86 -3.86 -2.38
C PHE A 568 54.66 -5.03 -1.43
N GLY A 569 55.32 -6.14 -1.74
CA GLY A 569 55.24 -7.34 -0.93
C GLY A 569 54.16 -8.32 -1.33
N TRP A 570 53.27 -7.94 -2.24
CA TRP A 570 52.20 -8.83 -2.67
C TRP A 570 52.51 -9.41 -4.05
N ARG B 118 3.48 -35.36 -38.71
CA ARG B 118 3.54 -34.28 -39.68
C ARG B 118 4.22 -33.05 -39.10
N LYS B 119 5.41 -32.74 -39.60
CA LYS B 119 6.16 -31.57 -39.15
C LYS B 119 5.66 -30.33 -39.85
N ALA B 120 5.61 -29.21 -39.11
CA ALA B 120 5.06 -27.98 -39.66
C ALA B 120 6.12 -27.14 -40.35
N ASP B 121 7.34 -27.68 -40.48
CA ASP B 121 8.41 -26.99 -41.20
C ASP B 121 8.98 -27.86 -42.31
N LEU B 122 9.17 -29.15 -42.04
CA LEU B 122 9.56 -30.16 -43.01
C LEU B 122 10.98 -29.94 -43.56
N THR B 123 11.66 -28.87 -43.14
CA THR B 123 12.99 -28.60 -43.65
C THR B 123 13.96 -28.10 -42.58
N GLY B 124 13.59 -28.19 -41.30
CA GLY B 124 14.44 -27.72 -40.23
C GLY B 124 14.46 -28.69 -39.07
N ALA B 125 15.22 -28.32 -38.03
CA ALA B 125 15.33 -29.13 -36.83
C ALA B 125 14.04 -29.04 -36.02
N VAL B 126 13.12 -29.98 -36.23
CA VAL B 126 11.83 -30.00 -35.57
C VAL B 126 11.71 -31.28 -34.76
N SER B 127 11.35 -31.15 -33.49
CA SER B 127 11.13 -32.31 -32.62
C SER B 127 9.65 -32.42 -32.31
N VAL B 128 9.06 -33.57 -32.61
CA VAL B 128 7.65 -33.82 -32.34
C VAL B 128 7.55 -34.68 -31.10
N VAL B 129 6.82 -34.19 -30.10
CA VAL B 129 6.69 -34.88 -28.82
C VAL B 129 5.36 -35.62 -28.80
N LYS B 130 5.41 -36.92 -28.49
CA LYS B 130 4.20 -37.73 -28.41
C LYS B 130 3.44 -37.39 -27.13
N VAL B 131 2.28 -36.74 -27.29
CA VAL B 131 1.53 -36.27 -26.13
C VAL B 131 0.95 -37.40 -25.30
N ASP B 132 0.75 -38.58 -25.90
CA ASP B 132 0.20 -39.70 -25.14
C ASP B 132 1.13 -40.13 -24.01
N GLU B 133 2.44 -40.15 -24.28
CA GLU B 133 3.39 -40.49 -23.23
C GLU B 133 3.55 -39.36 -22.23
N ILE B 134 3.30 -38.12 -22.65
CA ILE B 134 3.41 -36.97 -21.74
C ILE B 134 2.38 -37.07 -20.62
N GLN B 135 1.13 -37.39 -20.97
CA GLN B 135 0.09 -37.51 -19.96
C GLN B 135 0.24 -38.76 -19.11
N LYS B 136 1.03 -39.73 -19.56
CA LYS B 136 1.23 -40.95 -18.78
C LYS B 136 1.94 -40.66 -17.47
N GLN B 137 2.93 -39.76 -17.50
CA GLN B 137 3.67 -39.42 -16.28
C GLN B 137 2.80 -38.72 -15.25
N GLY B 138 1.71 -38.08 -15.68
CA GLY B 138 0.82 -37.41 -14.74
C GLY B 138 1.44 -36.22 -14.04
N GLU B 139 2.15 -35.38 -14.77
CA GLU B 139 2.78 -34.18 -14.21
C GLU B 139 1.94 -32.95 -14.53
N ASN B 140 1.88 -32.03 -13.58
CA ASN B 140 1.10 -30.81 -13.78
C ASN B 140 1.65 -29.99 -14.94
N ASN B 141 2.97 -29.88 -15.03
CA ASN B 141 3.60 -29.13 -16.11
C ASN B 141 3.92 -30.08 -17.26
N PRO B 142 3.34 -29.88 -18.45
CA PRO B 142 3.72 -30.71 -19.60
C PRO B 142 5.19 -30.59 -19.98
N VAL B 143 5.79 -29.43 -19.75
CA VAL B 143 7.22 -29.25 -20.05
C VAL B 143 8.06 -30.15 -19.15
N LYS B 144 7.72 -30.22 -17.86
CA LYS B 144 8.49 -31.06 -16.94
C LYS B 144 8.39 -32.53 -17.31
N ALA B 145 7.27 -32.95 -17.90
CA ALA B 145 7.13 -34.34 -18.32
C ALA B 145 8.15 -34.71 -19.39
N LEU B 146 8.38 -33.81 -20.34
CA LEU B 146 9.37 -34.01 -21.41
C LEU B 146 10.77 -33.58 -20.98
N GLN B 147 11.19 -34.07 -19.80
CA GLN B 147 12.48 -33.67 -19.25
C GLN B 147 13.64 -34.16 -20.13
N GLY B 148 13.55 -35.38 -20.64
CA GLY B 148 14.61 -35.92 -21.46
C GLY B 148 14.13 -36.63 -22.71
N ARG B 149 12.94 -36.25 -23.19
CA ARG B 149 12.36 -36.85 -24.38
C ARG B 149 12.65 -36.05 -25.66
N VAL B 150 13.36 -34.94 -25.56
CA VAL B 150 13.67 -34.08 -26.69
C VAL B 150 15.19 -33.92 -26.76
N PRO B 151 15.82 -34.24 -27.89
CA PRO B 151 17.27 -34.06 -28.00
C PRO B 151 17.66 -32.59 -27.94
N GLY B 152 18.83 -32.33 -27.35
CA GLY B 152 19.31 -30.97 -27.22
C GLY B 152 18.41 -30.07 -26.41
N MET B 153 17.84 -30.61 -25.33
CA MET B 153 16.91 -29.85 -24.49
C MET B 153 17.07 -30.30 -23.06
N ASN B 154 17.48 -29.37 -22.18
CA ASN B 154 17.70 -29.66 -20.78
C ASN B 154 16.58 -29.03 -19.95
N ILE B 155 15.90 -29.85 -19.16
CA ILE B 155 14.85 -29.40 -18.27
C ILE B 155 15.30 -29.67 -16.84
N THR B 156 15.39 -28.62 -16.04
CA THR B 156 15.81 -28.73 -14.64
C THR B 156 14.64 -28.35 -13.74
N ALA B 157 14.24 -29.28 -12.87
CA ALA B 157 13.15 -29.06 -11.94
C ALA B 157 13.62 -29.38 -10.53
N ASP B 158 13.40 -28.44 -9.60
CA ASP B 158 13.84 -28.66 -8.23
C ASP B 158 12.99 -29.72 -7.54
N GLY B 159 11.68 -29.72 -7.79
CA GLY B 159 10.80 -30.68 -7.15
C GLY B 159 9.74 -30.05 -6.27
N ASN B 160 9.58 -28.73 -6.38
CA ASN B 160 8.54 -28.04 -5.64
C ASN B 160 7.16 -28.43 -6.17
N PRO B 161 6.10 -28.21 -5.39
CA PRO B 161 4.76 -28.68 -5.81
C PRO B 161 4.32 -28.14 -7.17
N SER B 162 4.67 -26.90 -7.49
CA SER B 162 4.37 -26.38 -8.81
C SER B 162 5.27 -27.03 -9.86
N GLY B 163 4.79 -27.03 -11.10
CA GLY B 163 5.56 -27.62 -12.18
C GLY B 163 6.60 -26.68 -12.75
N SER B 164 7.05 -25.71 -11.94
CA SER B 164 8.05 -24.75 -12.40
C SER B 164 9.37 -25.45 -12.72
N ALA B 165 9.96 -25.08 -13.86
CA ALA B 165 11.21 -25.68 -14.28
C ALA B 165 11.95 -24.71 -15.19
N THR B 166 13.25 -24.95 -15.35
CA THR B 166 14.11 -24.15 -16.21
C THR B 166 14.41 -24.94 -17.48
N VAL B 167 14.23 -24.29 -18.63
CA VAL B 167 14.38 -24.93 -19.93
C VAL B 167 15.56 -24.29 -20.66
N ARG B 168 16.46 -25.13 -21.16
CA ARG B 168 17.58 -24.69 -21.98
C ARG B 168 17.55 -25.46 -23.28
N ILE B 169 17.52 -24.74 -24.39
CA ILE B 169 17.45 -25.34 -25.72
C ILE B 169 18.79 -25.10 -26.42
N ARG B 170 19.39 -26.19 -26.90
CA ARG B 170 20.68 -26.14 -27.61
C ARG B 170 21.76 -25.48 -26.74
N GLY B 171 21.76 -25.80 -25.46
CA GLY B 171 22.74 -25.26 -24.55
C GLY B 171 22.49 -23.78 -24.25
N ILE B 172 23.54 -23.13 -23.75
CA ILE B 172 23.48 -21.70 -23.44
C ILE B 172 24.01 -20.94 -24.65
N GLY B 173 23.15 -20.12 -25.26
CA GLY B 173 23.52 -19.39 -26.46
C GLY B 173 23.55 -17.90 -26.28
N THR B 174 23.34 -17.41 -25.06
CA THR B 174 23.31 -15.99 -24.80
C THR B 174 23.63 -15.73 -23.34
N LEU B 175 24.09 -14.50 -23.06
CA LEU B 175 24.43 -14.10 -21.70
C LEU B 175 23.26 -13.49 -20.94
N ASN B 176 22.15 -13.22 -21.61
CA ASN B 176 20.94 -12.75 -20.97
C ASN B 176 19.97 -13.93 -20.82
N ASN B 177 18.72 -13.63 -20.46
CA ASN B 177 17.75 -14.68 -20.15
C ASN B 177 17.61 -15.67 -21.31
N ASN B 178 17.68 -16.96 -20.98
CA ASN B 178 17.64 -18.04 -21.95
C ASN B 178 16.29 -18.73 -22.04
N ASP B 179 15.25 -18.14 -21.46
CA ASP B 179 13.94 -18.79 -21.46
C ASP B 179 13.41 -18.90 -22.89
N PRO B 180 13.00 -20.08 -23.34
CA PRO B 180 12.47 -20.21 -24.70
C PRO B 180 11.08 -19.58 -24.83
N LEU B 181 10.74 -19.26 -26.07
CA LEU B 181 9.47 -18.62 -26.39
C LEU B 181 8.43 -19.70 -26.67
N TYR B 182 7.51 -19.90 -25.73
CA TYR B 182 6.40 -20.82 -25.94
C TYR B 182 5.38 -20.18 -26.87
N ILE B 183 4.71 -21.02 -27.66
CA ILE B 183 3.63 -20.57 -28.53
C ILE B 183 2.45 -21.51 -28.35
N ILE B 184 1.30 -20.97 -27.96
CA ILE B 184 0.08 -21.74 -27.79
C ILE B 184 -1.00 -21.11 -28.67
N ASP B 185 -1.55 -21.89 -29.59
CA ASP B 185 -2.60 -21.44 -30.50
C ASP B 185 -2.17 -20.19 -31.27
N GLY B 186 -0.89 -20.13 -31.62
CA GLY B 186 -0.35 -19.00 -32.34
C GLY B 186 0.00 -17.79 -31.51
N VAL B 187 -0.20 -17.84 -30.20
CA VAL B 187 0.08 -16.73 -29.30
C VAL B 187 1.43 -17.00 -28.63
N PRO B 188 2.40 -16.09 -28.74
CA PRO B 188 3.69 -16.28 -28.06
C PRO B 188 3.66 -15.78 -26.62
N THR B 189 4.51 -16.40 -25.80
CA THR B 189 4.61 -16.07 -24.40
C THR B 189 5.93 -16.63 -23.86
N LYS B 190 6.27 -16.21 -22.64
CA LYS B 190 7.45 -16.73 -21.95
C LYS B 190 7.16 -17.17 -20.53
N ALA B 191 5.92 -17.09 -20.07
CA ALA B 191 5.58 -17.54 -18.73
C ALA B 191 5.61 -19.07 -18.66
N GLY B 192 5.82 -19.56 -17.44
CA GLY B 192 5.88 -21.01 -17.25
C GLY B 192 4.54 -21.68 -17.51
N MET B 193 4.60 -22.93 -17.95
CA MET B 193 3.42 -23.72 -18.23
C MET B 193 2.85 -24.41 -17.01
N HIS B 194 3.49 -24.25 -15.84
CA HIS B 194 2.95 -24.84 -14.62
C HIS B 194 1.62 -24.24 -14.24
N GLU B 195 1.38 -22.98 -14.60
CA GLU B 195 0.14 -22.30 -14.29
C GLU B 195 -0.93 -22.52 -15.35
N LEU B 196 -0.65 -23.31 -16.38
CA LEU B 196 -1.60 -23.65 -17.42
C LEU B 196 -1.91 -25.15 -17.39
N ASN B 197 -3.07 -25.50 -17.92
CA ASN B 197 -3.51 -26.89 -17.96
C ASN B 197 -2.85 -27.57 -19.16
N GLY B 198 -1.94 -28.50 -18.90
CA GLY B 198 -1.26 -29.23 -19.94
C GLY B 198 -1.93 -30.53 -20.35
N ASN B 199 -3.07 -30.86 -19.77
CA ASN B 199 -3.75 -32.11 -20.08
C ASN B 199 -4.60 -32.03 -21.34
N ASP B 200 -4.86 -30.84 -21.85
CA ASP B 200 -5.66 -30.65 -23.06
C ASP B 200 -4.79 -30.29 -24.27
N ILE B 201 -3.61 -30.89 -24.37
CA ILE B 201 -2.67 -30.62 -25.45
C ILE B 201 -2.72 -31.76 -26.45
N GLU B 202 -2.89 -31.42 -27.72
CA GLU B 202 -2.99 -32.42 -28.78
C GLU B 202 -1.64 -32.71 -29.44
N SER B 203 -0.78 -31.71 -29.59
CA SER B 203 0.50 -31.90 -30.24
C SER B 203 1.52 -30.92 -29.66
N ILE B 204 2.77 -31.37 -29.56
CA ILE B 204 3.86 -30.54 -29.08
C ILE B 204 4.98 -30.58 -30.10
N GLN B 205 5.44 -29.41 -30.54
CA GLN B 205 6.53 -29.29 -31.49
C GLN B 205 7.57 -28.31 -30.95
N VAL B 206 8.83 -28.71 -31.01
CA VAL B 206 9.95 -27.90 -30.54
C VAL B 206 10.78 -27.52 -31.75
N LEU B 207 11.00 -26.22 -31.92
CA LEU B 207 11.78 -25.67 -33.02
C LEU B 207 13.11 -25.19 -32.47
N LYS B 208 14.14 -26.03 -32.59
CA LYS B 208 15.47 -25.71 -32.09
C LYS B 208 16.35 -25.05 -33.14
N ASP B 209 15.85 -24.86 -34.36
CA ASP B 209 16.60 -24.24 -35.43
C ASP B 209 16.15 -22.80 -35.63
N ALA B 210 17.11 -21.91 -35.84
CA ALA B 210 16.79 -20.50 -36.02
C ALA B 210 15.98 -20.27 -37.29
N ALA B 211 16.33 -20.96 -38.37
CA ALA B 211 15.62 -20.77 -39.63
C ALA B 211 14.16 -21.19 -39.51
N SER B 212 13.89 -22.31 -38.84
CA SER B 212 12.52 -22.79 -38.72
C SER B 212 11.71 -21.95 -37.73
N ALA B 213 12.34 -21.50 -36.65
CA ALA B 213 11.63 -20.79 -35.58
C ALA B 213 11.57 -19.28 -35.80
N SER B 214 12.27 -18.76 -36.81
CA SER B 214 12.28 -17.31 -37.02
C SER B 214 10.90 -16.80 -37.40
N ILE B 215 10.19 -17.52 -38.28
CA ILE B 215 8.90 -17.05 -38.76
C ILE B 215 7.83 -17.03 -37.68
N TYR B 216 8.08 -17.64 -36.53
CA TYR B 216 7.10 -17.71 -35.47
C TYR B 216 7.26 -16.59 -34.44
N GLY B 217 8.20 -15.69 -34.63
CA GLY B 217 8.37 -14.57 -33.73
C GLY B 217 9.81 -14.07 -33.72
N SER B 218 9.98 -12.89 -33.15
CA SER B 218 11.29 -12.26 -33.03
C SER B 218 12.05 -12.69 -31.78
N ARG B 219 11.43 -13.47 -30.90
CA ARG B 219 12.06 -13.95 -29.68
C ARG B 219 12.45 -15.42 -29.78
N ALA B 220 12.90 -15.85 -30.95
CA ALA B 220 13.28 -17.23 -31.21
C ALA B 220 14.76 -17.49 -31.02
N ALA B 221 15.45 -16.62 -30.27
CA ALA B 221 16.89 -16.80 -30.06
C ALA B 221 17.17 -18.06 -29.25
N ASN B 222 16.33 -18.35 -28.25
CA ASN B 222 16.52 -19.50 -27.38
C ASN B 222 15.64 -20.68 -27.75
N GLY B 223 15.05 -20.67 -28.93
CA GLY B 223 14.20 -21.75 -29.38
C GLY B 223 12.72 -21.44 -29.21
N VAL B 224 11.91 -22.14 -29.99
CA VAL B 224 10.46 -21.96 -30.00
C VAL B 224 9.80 -23.32 -29.76
N ILE B 225 8.86 -23.36 -28.82
CA ILE B 225 8.08 -24.55 -28.52
C ILE B 225 6.64 -24.28 -28.94
N ILE B 226 6.12 -25.11 -29.83
CA ILE B 226 4.76 -24.97 -30.36
C ILE B 226 3.85 -25.91 -29.59
N ILE B 227 2.80 -25.36 -28.99
CA ILE B 227 1.82 -26.14 -28.24
C ILE B 227 0.45 -25.92 -28.88
N THR B 228 -0.20 -27.02 -29.24
CA THR B 228 -1.52 -26.97 -29.85
C THR B 228 -2.53 -27.57 -28.89
N THR B 229 -3.64 -26.87 -28.68
CA THR B 229 -4.68 -27.32 -27.78
C THR B 229 -5.65 -28.25 -28.51
N LYS B 230 -6.37 -29.06 -27.74
CA LYS B 230 -7.32 -30.01 -28.29
C LYS B 230 -8.49 -29.27 -28.94
N GLN B 231 -8.95 -29.81 -30.06
CA GLN B 231 -10.09 -29.26 -30.80
C GLN B 231 -11.04 -30.37 -31.17
N GLY B 232 -12.32 -30.02 -31.32
CA GLY B 232 -13.33 -30.99 -31.68
C GLY B 232 -13.09 -31.56 -33.06
N LYS B 233 -12.96 -32.88 -33.16
CA LYS B 233 -12.76 -33.53 -34.45
C LYS B 233 -14.06 -33.57 -35.23
N LYS B 234 -13.96 -33.30 -36.53
CA LYS B 234 -15.16 -33.22 -37.37
C LYS B 234 -15.87 -34.56 -37.44
N GLY B 235 -17.20 -34.51 -37.31
CA GLY B 235 -18.02 -35.69 -37.48
C GLY B 235 -18.19 -36.57 -36.26
N GLN B 236 -17.69 -36.14 -35.10
CA GLN B 236 -17.83 -36.96 -33.89
C GLN B 236 -17.87 -36.06 -32.66
N ILE B 237 -18.42 -36.61 -31.58
CA ILE B 237 -18.52 -35.93 -30.30
C ILE B 237 -18.04 -36.90 -29.22
N LYS B 238 -17.14 -36.44 -28.36
CA LYS B 238 -16.47 -37.31 -27.40
C LYS B 238 -16.31 -36.59 -26.05
N ILE B 239 -16.08 -37.40 -25.02
CA ILE B 239 -15.81 -36.91 -23.68
C ILE B 239 -14.76 -37.81 -23.03
N ASN B 240 -13.93 -37.21 -22.18
CA ASN B 240 -12.89 -37.93 -21.46
C ASN B 240 -12.81 -37.40 -20.04
N PHE B 241 -12.90 -38.31 -19.06
CA PHE B 241 -12.79 -37.97 -17.65
C PHE B 241 -11.60 -38.71 -17.06
N ASP B 242 -10.66 -37.98 -16.48
CA ASP B 242 -9.44 -38.56 -15.91
C ASP B 242 -9.37 -38.24 -14.43
N ALA B 243 -9.13 -39.26 -13.61
CA ALA B 243 -8.95 -39.10 -12.18
C ALA B 243 -7.60 -39.69 -11.78
N SER B 244 -6.93 -39.06 -10.83
CA SER B 244 -5.59 -39.49 -10.43
C SER B 244 -5.34 -39.12 -8.98
N VAL B 245 -4.91 -40.10 -8.19
CA VAL B 245 -4.55 -39.89 -6.78
C VAL B 245 -3.16 -40.45 -6.57
N SER B 246 -2.27 -39.63 -6.00
CA SER B 246 -0.87 -40.01 -5.85
C SER B 246 -0.39 -39.65 -4.45
N ALA B 247 0.56 -40.44 -3.97
CA ALA B 247 1.25 -40.20 -2.71
C ALA B 247 2.72 -39.96 -3.00
N SER B 248 3.27 -38.86 -2.46
CA SER B 248 4.66 -38.49 -2.64
C SER B 248 5.40 -38.69 -1.33
N MET B 249 6.50 -39.43 -1.39
CA MET B 249 7.30 -39.76 -0.22
C MET B 249 8.72 -39.24 -0.39
N TYR B 250 9.30 -38.79 0.72
CA TYR B 250 10.65 -38.23 0.71
C TYR B 250 11.67 -39.36 0.58
N GLN B 251 12.56 -39.24 -0.40
CA GLN B 251 13.58 -40.25 -0.67
C GLN B 251 15.00 -39.78 -0.37
N SER B 252 15.33 -38.53 -0.68
CA SER B 252 16.67 -38.01 -0.47
C SER B 252 16.85 -37.42 0.93
N LYS B 253 16.53 -38.23 1.95
CA LYS B 253 16.67 -37.81 3.33
C LYS B 253 18.15 -37.70 3.67
N MET B 254 18.64 -36.47 3.83
CA MET B 254 20.04 -36.26 4.15
C MET B 254 20.34 -36.79 5.55
N ASN B 255 21.39 -37.58 5.66
CA ASN B 255 21.77 -38.16 6.95
C ASN B 255 22.55 -37.13 7.77
N VAL B 256 22.07 -36.89 9.00
CA VAL B 256 22.68 -35.92 9.89
C VAL B 256 22.97 -36.60 11.22
N LEU B 257 23.93 -36.03 11.95
CA LEU B 257 24.31 -36.59 13.24
C LEU B 257 23.20 -36.42 14.27
N ASN B 258 22.99 -37.47 15.06
CA ASN B 258 22.08 -37.39 16.19
C ASN B 258 22.83 -36.78 17.38
N THR B 259 22.22 -36.83 18.56
CA THR B 259 22.85 -36.25 19.74
C THR B 259 24.16 -36.96 20.07
N GLU B 260 24.13 -38.30 20.11
CA GLU B 260 25.35 -39.06 20.42
C GLU B 260 26.40 -38.87 19.33
N GLN B 261 25.99 -38.91 18.07
CA GLN B 261 26.93 -38.72 16.97
C GLN B 261 27.52 -37.31 16.98
N TYR B 262 26.69 -36.30 17.27
CA TYR B 262 27.19 -34.93 17.36
C TYR B 262 28.20 -34.79 18.49
N GLY B 263 27.90 -35.39 19.65
CA GLY B 263 28.85 -35.34 20.75
C GLY B 263 30.15 -36.05 20.42
N ARG B 264 30.07 -37.20 19.77
CA ARG B 264 31.27 -37.94 19.38
C ARG B 264 32.11 -37.13 18.39
N ALA B 265 31.46 -36.49 17.42
CA ALA B 265 32.19 -35.67 16.45
C ALA B 265 32.85 -34.48 17.13
N MET B 266 32.14 -33.82 18.05
CA MET B 266 32.73 -32.68 18.76
C MET B 266 33.91 -33.12 19.61
N TRP B 267 33.80 -34.27 20.28
CA TRP B 267 34.91 -34.77 21.08
C TRP B 267 36.09 -35.12 20.19
N GLN B 268 35.84 -35.72 19.03
CA GLN B 268 36.92 -36.05 18.11
C GLN B 268 37.63 -34.80 17.62
N ALA B 269 36.86 -33.76 17.27
CA ALA B 269 37.47 -32.51 16.85
C ALA B 269 38.31 -31.89 17.96
N TYR B 270 37.78 -31.90 19.19
CA TYR B 270 38.50 -31.32 20.32
C TYR B 270 39.81 -32.06 20.59
N VAL B 271 39.78 -33.39 20.57
CA VAL B 271 41.00 -34.15 20.84
C VAL B 271 41.98 -34.03 19.68
N ASN B 272 41.48 -33.90 18.44
CA ASN B 272 42.37 -33.70 17.30
C ASN B 272 43.07 -32.34 17.38
N ASP B 273 42.35 -31.30 17.82
CA ASP B 273 42.95 -29.99 17.97
C ASP B 273 43.78 -29.84 19.24
N GLY B 274 43.77 -30.84 20.12
CA GLY B 274 44.54 -30.80 21.34
C GLY B 274 43.89 -30.06 22.49
N GLU B 275 42.68 -29.52 22.31
CA GLU B 275 41.99 -28.84 23.38
C GLU B 275 41.23 -29.82 24.25
N ASN B 276 40.82 -29.36 25.43
CA ASN B 276 40.08 -30.20 26.35
C ASN B 276 38.65 -30.36 25.86
N PRO B 277 38.18 -31.59 25.60
CA PRO B 277 36.79 -31.76 25.14
C PRO B 277 35.75 -31.37 26.17
N ASN B 278 36.10 -31.32 27.45
CA ASN B 278 35.15 -30.96 28.50
C ASN B 278 34.92 -29.46 28.59
N GLY B 279 35.68 -28.65 27.86
CA GLY B 279 35.50 -27.22 27.87
C GLY B 279 34.58 -26.73 26.77
N ASN B 280 33.84 -27.66 26.16
CA ASN B 280 32.93 -27.30 25.08
C ASN B 280 31.79 -26.39 25.55
N ALA B 281 31.43 -26.45 26.82
CA ALA B 281 30.38 -25.61 27.40
C ALA B 281 29.05 -25.80 26.67
N LEU B 282 28.78 -27.05 26.27
CA LEU B 282 27.53 -27.40 25.61
C LEU B 282 26.76 -28.47 26.36
N GLY B 283 27.11 -28.70 27.63
CA GLY B 283 26.45 -29.71 28.42
C GLY B 283 26.96 -31.12 28.22
N TYR B 284 28.03 -31.30 27.46
CA TYR B 284 28.59 -32.61 27.17
C TYR B 284 29.73 -32.90 28.15
N ALA B 285 29.61 -34.01 28.88
CA ALA B 285 30.67 -34.50 29.75
C ALA B 285 31.20 -35.81 29.18
N TYR B 286 32.50 -35.85 28.93
CA TYR B 286 33.12 -36.97 28.23
C TYR B 286 34.02 -37.75 29.19
N ASN B 287 33.77 -39.05 29.29
CA ASN B 287 34.68 -39.98 29.97
C ASN B 287 35.50 -40.67 28.89
N TRP B 288 36.79 -40.36 28.84
CA TRP B 288 37.65 -40.82 27.76
C TRP B 288 39.07 -41.00 28.28
N GLY B 289 39.87 -41.73 27.50
CA GLY B 289 41.25 -41.98 27.86
C GLY B 289 42.15 -42.17 26.65
N TYR B 290 43.32 -42.76 26.86
CA TYR B 290 44.28 -43.02 25.80
C TYR B 290 44.52 -44.52 25.67
N ASN B 291 44.82 -44.95 24.45
CA ASN B 291 45.09 -46.35 24.17
C ASN B 291 46.60 -46.62 24.32
N ALA B 292 47.04 -47.80 23.89
CA ALA B 292 48.45 -48.14 23.98
C ALA B 292 49.30 -47.23 23.09
N ASP B 293 48.80 -46.90 21.89
CA ASP B 293 49.53 -46.06 20.96
C ASP B 293 49.44 -44.57 21.31
N GLY B 294 48.64 -44.19 22.30
CA GLY B 294 48.48 -42.81 22.68
C GLY B 294 47.38 -42.06 21.99
N ASN B 295 46.71 -42.68 21.02
CA ASN B 295 45.60 -42.01 20.35
C ASN B 295 44.41 -41.90 21.29
N PRO B 296 43.77 -40.74 21.40
CA PRO B 296 42.63 -40.61 22.30
C PRO B 296 41.48 -41.53 21.88
N VAL B 297 40.81 -42.10 22.88
CA VAL B 297 39.65 -42.97 22.67
C VAL B 297 38.54 -42.54 23.62
N LEU B 298 37.31 -42.53 23.10
CA LEU B 298 36.15 -42.08 23.86
C LEU B 298 35.42 -43.29 24.43
N TYR B 299 35.22 -43.30 25.75
CA TYR B 299 34.52 -44.39 26.41
C TYR B 299 33.03 -44.10 26.57
N GLY B 300 32.67 -42.89 26.98
CA GLY B 300 31.27 -42.56 27.15
C GLY B 300 31.05 -41.07 27.21
N MET B 301 29.77 -40.69 27.05
CA MET B 301 29.38 -39.29 27.11
C MET B 301 28.07 -39.17 27.88
N THR B 302 27.87 -38.00 28.49
CA THR B 302 26.66 -37.69 29.24
C THR B 302 26.26 -36.25 28.94
N LEU B 303 24.96 -35.98 29.10
CA LEU B 303 24.40 -34.67 28.81
C LEU B 303 23.56 -34.19 29.97
N SER B 304 23.57 -32.87 30.18
CA SER B 304 22.66 -32.26 31.14
C SER B 304 21.23 -32.32 30.61
N LYS B 305 20.29 -32.44 31.54
CA LYS B 305 18.88 -32.58 31.15
C LYS B 305 18.39 -31.33 30.42
N TYR B 306 18.77 -30.15 30.89
CA TYR B 306 18.34 -28.90 30.30
C TYR B 306 19.55 -28.16 29.73
N LEU B 307 19.40 -27.64 28.51
CA LEU B 307 20.50 -26.95 27.86
C LEU B 307 20.75 -25.56 28.45
N ASP B 308 19.78 -25.00 29.16
CA ASP B 308 19.91 -23.67 29.75
C ASP B 308 19.78 -23.76 31.27
N SER B 309 20.08 -22.64 31.93
CA SER B 309 19.97 -22.56 33.38
C SER B 309 18.55 -22.30 33.86
N LYS B 310 17.62 -22.00 32.94
CA LYS B 310 16.23 -21.76 33.29
C LYS B 310 15.38 -23.01 33.22
N ASN B 311 15.96 -24.15 32.83
CA ASN B 311 15.24 -25.43 32.74
C ASN B 311 14.02 -25.31 31.83
N THR B 312 14.18 -24.62 30.70
CA THR B 312 13.11 -24.42 29.74
C THR B 312 13.35 -25.11 28.41
N MET B 313 14.55 -25.62 28.16
CA MET B 313 14.89 -26.27 26.89
C MET B 313 15.54 -27.62 27.20
N PRO B 314 14.72 -28.64 27.44
CA PRO B 314 15.29 -29.98 27.72
C PRO B 314 15.97 -30.56 26.50
N VAL B 315 16.97 -31.39 26.75
CA VAL B 315 17.72 -32.05 25.68
C VAL B 315 16.89 -33.20 25.12
N ALA B 316 16.95 -33.39 23.81
CA ALA B 316 16.21 -34.46 23.16
C ALA B 316 16.88 -34.78 21.83
N ASP B 317 16.54 -35.96 21.29
CA ASP B 317 17.03 -36.40 19.99
C ASP B 317 15.93 -36.14 18.97
N THR B 318 16.10 -35.08 18.19
CA THR B 318 15.08 -34.63 17.25
C THR B 318 15.57 -34.84 15.82
N ASP B 319 14.77 -35.53 15.01
CA ASP B 319 15.04 -35.70 13.59
C ASP B 319 14.38 -34.53 12.86
N TRP B 320 15.17 -33.48 12.61
CA TRP B 320 14.62 -32.27 12.02
C TRP B 320 14.12 -32.51 10.60
N PHE B 321 14.86 -33.31 9.82
CA PHE B 321 14.42 -33.60 8.46
C PHE B 321 13.10 -34.35 8.45
N ASP B 322 12.94 -35.32 9.35
CA ASP B 322 11.65 -36.01 9.47
C ASP B 322 10.57 -35.10 10.03
N GLU B 323 10.94 -34.19 10.94
CA GLU B 323 9.95 -33.28 11.52
C GLU B 323 9.39 -32.32 10.48
N ILE B 324 10.24 -31.82 9.58
CA ILE B 324 9.80 -30.83 8.59
C ILE B 324 9.27 -31.47 7.31
N THR B 325 9.28 -32.79 7.20
CA THR B 325 8.82 -33.48 6.00
C THR B 325 7.58 -34.31 6.32
N ARG B 326 6.82 -34.62 5.28
CA ARG B 326 5.59 -35.40 5.41
C ARG B 326 5.39 -36.19 4.13
N THR B 327 4.26 -36.89 4.05
CA THR B 327 3.87 -37.64 2.87
C THR B 327 2.80 -36.84 2.13
N GLY B 328 3.18 -36.26 0.99
CA GLY B 328 2.27 -35.39 0.27
C GLY B 328 1.22 -36.16 -0.50
N VAL B 329 0.09 -35.49 -0.74
CA VAL B 329 -1.03 -36.07 -1.47
C VAL B 329 -1.30 -35.20 -2.70
N ILE B 330 -1.39 -35.84 -3.86
CA ILE B 330 -1.63 -35.17 -5.13
C ILE B 330 -2.93 -35.70 -5.70
N GLN B 331 -3.82 -34.79 -6.11
CA GLN B 331 -5.10 -35.17 -6.71
C GLN B 331 -5.31 -34.40 -8.00
N GLN B 332 -5.70 -35.10 -9.05
CA GLN B 332 -5.95 -34.50 -10.36
C GLN B 332 -7.27 -35.01 -10.90
N TYR B 333 -8.11 -34.09 -11.38
CA TYR B 333 -9.41 -34.43 -11.95
C TYR B 333 -9.66 -33.57 -13.17
N ASN B 334 -9.73 -34.20 -14.34
CA ASN B 334 -9.94 -33.50 -15.59
C ASN B 334 -11.20 -34.04 -16.28
N LEU B 335 -11.92 -33.14 -16.96
CA LEU B 335 -13.12 -33.52 -17.70
C LEU B 335 -13.15 -32.66 -18.97
N SER B 336 -12.98 -33.31 -20.12
CA SER B 336 -12.94 -32.61 -21.40
C SER B 336 -14.03 -33.17 -22.32
N VAL B 337 -14.63 -32.28 -23.12
CA VAL B 337 -15.65 -32.67 -24.08
C VAL B 337 -15.37 -31.93 -25.39
N SER B 338 -15.55 -32.64 -26.50
CA SER B 338 -15.32 -32.07 -27.82
C SER B 338 -16.47 -32.47 -28.75
N ASN B 339 -16.78 -31.59 -29.69
CA ASN B 339 -17.87 -31.83 -30.64
C ASN B 339 -17.50 -31.19 -31.96
N GLY B 340 -17.48 -31.99 -33.03
CA GLY B 340 -17.16 -31.47 -34.34
C GLY B 340 -18.31 -31.52 -35.31
N SER B 341 -18.26 -30.66 -36.33
CA SER B 341 -19.31 -30.60 -37.34
C SER B 341 -18.72 -29.98 -38.60
N GLU B 342 -19.50 -30.04 -39.68
CA GLU B 342 -19.04 -29.47 -40.95
C GLU B 342 -19.06 -27.95 -40.91
N LYS B 343 -19.92 -27.35 -40.10
CA LYS B 343 -20.02 -25.90 -39.98
C LYS B 343 -19.16 -25.34 -38.86
N GLY B 344 -18.50 -26.18 -38.08
CA GLY B 344 -17.67 -25.70 -36.99
C GLY B 344 -17.38 -26.81 -36.00
N SER B 345 -16.70 -26.42 -34.93
CA SER B 345 -16.33 -27.36 -33.87
C SER B 345 -16.15 -26.60 -32.57
N SER B 346 -16.18 -27.35 -31.46
CA SER B 346 -16.07 -26.75 -30.14
C SER B 346 -15.48 -27.77 -29.17
N PHE B 347 -14.94 -27.25 -28.07
CA PHE B 347 -14.25 -28.04 -27.07
C PHE B 347 -14.27 -27.28 -25.75
N PHE B 348 -14.54 -28.01 -24.67
CA PHE B 348 -14.66 -27.42 -23.33
C PHE B 348 -14.02 -28.36 -22.32
N SER B 349 -13.07 -27.83 -21.54
CA SER B 349 -12.32 -28.64 -20.59
C SER B 349 -12.29 -27.97 -19.23
N LEU B 350 -12.47 -28.77 -18.18
CA LEU B 350 -12.38 -28.32 -16.79
C LEU B 350 -11.40 -29.20 -16.06
N GLY B 351 -10.39 -28.59 -15.45
CA GLY B 351 -9.36 -29.34 -14.75
C GLY B 351 -9.11 -28.79 -13.37
N TYR B 352 -8.78 -29.71 -12.45
CA TYR B 352 -8.42 -29.37 -11.08
C TYR B 352 -7.19 -30.17 -10.70
N TYR B 353 -6.21 -29.50 -10.11
CA TYR B 353 -4.98 -30.14 -9.67
C TYR B 353 -4.65 -29.64 -8.26
N LYS B 354 -4.11 -30.53 -7.44
CA LYS B 354 -3.63 -30.14 -6.11
C LYS B 354 -2.44 -31.00 -5.74
N ASN B 355 -1.38 -30.35 -5.24
CA ASN B 355 -0.16 -31.03 -4.85
C ASN B 355 0.28 -30.51 -3.49
N LEU B 356 0.39 -31.40 -2.52
CA LEU B 356 0.96 -31.09 -1.22
C LEU B 356 2.41 -31.52 -1.21
N GLY B 357 3.31 -30.56 -0.98
CA GLY B 357 4.73 -30.87 -1.02
C GLY B 357 5.16 -31.72 0.17
N VAL B 358 6.33 -32.33 0.02
CA VAL B 358 6.90 -33.12 1.11
C VAL B 358 7.24 -32.21 2.28
N ILE B 359 7.72 -31.00 2.00
CA ILE B 359 7.96 -30.01 3.05
C ILE B 359 6.62 -29.53 3.59
N LYS B 360 6.49 -29.50 4.91
CA LYS B 360 5.23 -29.14 5.54
C LYS B 360 4.86 -27.69 5.24
N ASP B 361 3.56 -27.43 5.24
CA ASP B 361 3.00 -26.08 5.03
C ASP B 361 3.36 -25.51 3.66
N THR B 362 3.56 -26.38 2.67
CA THR B 362 3.80 -25.98 1.29
C THR B 362 2.83 -26.73 0.40
N ASP B 363 2.12 -26.02 -0.47
CA ASP B 363 1.12 -26.66 -1.31
C ASP B 363 0.86 -25.78 -2.53
N PHE B 364 0.20 -26.38 -3.52
CA PHE B 364 -0.11 -25.67 -4.77
C PHE B 364 -1.31 -26.33 -5.42
N ASP B 365 -2.39 -25.56 -5.61
CA ASP B 365 -3.57 -26.08 -6.31
C ASP B 365 -3.93 -25.13 -7.45
N ARG B 366 -4.62 -25.67 -8.44
CA ARG B 366 -4.92 -24.94 -9.67
C ARG B 366 -6.24 -25.41 -10.26
N PHE B 367 -7.11 -24.44 -10.55
CA PHE B 367 -8.32 -24.66 -11.33
C PHE B 367 -8.09 -24.13 -12.74
N SER B 368 -8.63 -24.83 -13.74
CA SER B 368 -8.43 -24.45 -15.13
C SER B 368 -9.71 -24.68 -15.92
N ALA B 369 -10.06 -23.71 -16.77
CA ALA B 369 -11.23 -23.82 -17.64
C ALA B 369 -10.84 -23.34 -19.03
N ARG B 370 -10.95 -24.23 -20.02
CA ARG B 370 -10.58 -23.93 -21.39
C ARG B 370 -11.77 -24.08 -22.31
N MET B 371 -11.97 -23.09 -23.18
CA MET B 371 -13.03 -23.11 -24.18
C MET B 371 -12.43 -22.78 -25.53
N ASN B 372 -12.54 -23.71 -26.48
CA ASN B 372 -12.08 -23.50 -27.84
C ASN B 372 -13.26 -23.69 -28.78
N SER B 373 -13.30 -22.92 -29.86
CA SER B 373 -14.36 -23.06 -30.84
C SER B 373 -13.91 -22.48 -32.17
N ASP B 374 -14.58 -22.93 -33.23
CA ASP B 374 -14.36 -22.39 -34.57
C ASP B 374 -15.64 -22.56 -35.38
N TYR B 375 -15.89 -21.59 -36.25
CA TYR B 375 -17.09 -21.54 -37.07
C TYR B 375 -16.70 -21.22 -38.50
N LYS B 376 -17.31 -21.92 -39.45
CA LYS B 376 -17.09 -21.70 -40.87
C LYS B 376 -18.37 -21.19 -41.49
N LEU B 377 -18.32 -20.00 -42.10
CA LEU B 377 -19.47 -19.36 -42.70
C LEU B 377 -19.13 -18.94 -44.12
N ILE B 378 -20.17 -18.65 -44.90
CA ILE B 378 -20.06 -18.26 -46.30
C ILE B 378 -19.27 -19.34 -47.04
N ASP B 379 -19.89 -20.52 -47.21
CA ASP B 379 -19.39 -21.68 -47.94
C ASP B 379 -17.87 -21.82 -47.84
N ASP B 380 -17.37 -21.85 -46.60
CA ASP B 380 -15.97 -22.05 -46.23
C ASP B 380 -15.06 -20.88 -46.56
N ILE B 381 -15.59 -19.76 -47.09
CA ILE B 381 -14.75 -18.60 -47.34
C ILE B 381 -14.35 -17.94 -46.02
N LEU B 382 -15.28 -17.78 -45.11
CA LEU B 382 -15.04 -17.09 -43.85
C LEU B 382 -14.91 -18.09 -42.71
N THR B 383 -13.95 -17.84 -41.82
CA THR B 383 -13.77 -18.66 -40.63
C THR B 383 -13.48 -17.76 -39.45
N ILE B 384 -14.10 -18.05 -38.31
CA ILE B 384 -13.87 -17.31 -37.07
C ILE B 384 -13.65 -18.31 -35.95
N GLY B 385 -12.48 -18.24 -35.31
CA GLY B 385 -12.15 -19.15 -34.25
C GLY B 385 -11.65 -18.41 -33.02
N GLN B 386 -11.71 -19.11 -31.88
CA GLN B 386 -11.22 -18.55 -30.63
C GLN B 386 -10.74 -19.69 -29.74
N HIS B 387 -9.68 -19.41 -28.98
CA HIS B 387 -9.14 -20.33 -27.98
C HIS B 387 -8.91 -19.53 -26.71
N PHE B 388 -9.56 -19.93 -25.62
CA PHE B 388 -9.50 -19.20 -24.37
C PHE B 388 -9.26 -20.17 -23.22
N THR B 389 -8.51 -19.70 -22.22
CA THR B 389 -8.32 -20.46 -20.99
C THR B 389 -8.16 -19.51 -19.82
N LEU B 390 -8.73 -19.92 -18.68
CA LEU B 390 -8.64 -19.21 -17.42
C LEU B 390 -8.07 -20.15 -16.37
N ASN B 391 -7.10 -19.65 -15.60
CA ASN B 391 -6.44 -20.46 -14.59
C ASN B 391 -6.42 -19.71 -13.27
N ARG B 392 -6.57 -20.45 -12.18
CA ARG B 392 -6.50 -19.89 -10.83
C ARG B 392 -5.63 -20.81 -9.99
N THR B 393 -4.41 -20.35 -9.66
CA THR B 393 -3.45 -21.15 -8.91
C THR B 393 -3.20 -20.48 -7.57
N SER B 394 -3.43 -21.22 -6.49
CA SER B 394 -3.14 -20.76 -5.13
C SER B 394 -2.00 -21.59 -4.58
N GLU B 395 -0.98 -20.92 -4.05
CA GLU B 395 0.24 -21.62 -3.65
C GLU B 395 0.82 -21.03 -2.38
N VAL B 396 1.29 -21.91 -1.50
CA VAL B 396 2.14 -21.56 -0.36
C VAL B 396 3.49 -22.22 -0.60
N GLN B 397 4.54 -21.42 -0.68
CA GLN B 397 5.87 -21.88 -1.01
C GLN B 397 6.74 -22.00 0.23
N ALA B 398 7.73 -22.90 0.15
CA ALA B 398 8.65 -23.07 1.27
C ALA B 398 9.55 -21.85 1.40
N PRO B 399 9.90 -21.45 2.62
CA PRO B 399 10.84 -20.33 2.79
C PRO B 399 12.22 -20.66 2.25
N GLY B 400 12.92 -19.62 1.81
CA GLY B 400 14.25 -19.78 1.26
C GLY B 400 15.24 -20.40 2.24
N GLY B 401 15.95 -21.43 1.78
CA GLY B 401 16.91 -22.11 2.62
C GLY B 401 16.32 -22.86 3.80
N ILE B 402 15.14 -23.45 3.61
CA ILE B 402 14.53 -24.23 4.69
C ILE B 402 15.30 -25.52 4.91
N ILE B 403 15.75 -26.17 3.84
CA ILE B 403 16.55 -27.38 3.98
C ILE B 403 17.88 -27.06 4.66
N GLU B 404 18.50 -25.94 4.28
CA GLU B 404 19.75 -25.53 4.91
C GLU B 404 19.56 -25.26 6.39
N THR B 405 18.46 -24.59 6.76
CA THR B 405 18.19 -24.32 8.17
C THR B 405 17.95 -25.61 8.93
N ALA B 406 17.22 -26.55 8.34
CA ALA B 406 16.96 -27.83 8.99
C ALA B 406 18.25 -28.62 9.19
N LEU B 407 19.16 -28.58 8.20
CA LEU B 407 20.41 -29.31 8.33
C LEU B 407 21.34 -28.65 9.33
N ASP B 408 21.33 -27.31 9.41
CA ASP B 408 22.30 -26.62 10.26
C ASP B 408 21.96 -26.78 11.74
N ILE B 409 20.67 -26.76 12.09
CA ILE B 409 20.29 -26.81 13.50
C ILE B 409 20.65 -28.17 14.08
N PRO B 410 21.30 -28.22 15.25
CA PRO B 410 21.63 -29.52 15.84
C PRO B 410 20.40 -30.28 16.29
N SER B 411 20.54 -31.60 16.35
CA SER B 411 19.43 -32.45 16.76
C SER B 411 19.13 -32.34 18.25
N ALA B 412 20.04 -31.76 19.03
CA ALA B 412 19.82 -31.65 20.47
C ALA B 412 18.71 -30.65 20.81
N ILE B 413 18.39 -29.73 19.91
CA ILE B 413 17.37 -28.72 20.16
C ILE B 413 15.99 -29.38 20.06
N PRO B 414 15.16 -29.29 21.09
CA PRO B 414 13.82 -29.86 21.02
C PRO B 414 12.91 -29.04 20.12
N VAL B 415 11.88 -29.72 19.59
CA VAL B 415 10.88 -29.03 18.78
C VAL B 415 10.08 -28.06 19.64
N TYR B 416 9.69 -28.49 20.84
CA TYR B 416 8.89 -27.68 21.74
C TYR B 416 9.64 -27.50 23.07
N ALA B 417 9.45 -26.33 23.67
CA ALA B 417 10.09 -26.02 24.94
C ALA B 417 9.32 -26.66 26.09
N SER B 418 9.73 -26.36 27.32
CA SER B 418 9.06 -26.93 28.49
C SER B 418 7.65 -26.37 28.66
N ASP B 419 7.43 -25.11 28.29
CA ASP B 419 6.13 -24.46 28.43
C ASP B 419 5.23 -24.66 27.21
N GLY B 420 5.66 -25.44 26.23
CA GLY B 420 4.89 -25.67 25.03
C GLY B 420 5.19 -24.73 23.88
N SER B 421 6.04 -23.72 24.09
CA SER B 421 6.41 -22.81 23.03
C SER B 421 7.41 -23.47 22.08
N TRP B 422 7.66 -22.81 20.95
CA TRP B 422 8.60 -23.34 19.97
C TRP B 422 10.01 -23.39 20.55
N GLY B 423 10.69 -24.50 20.31
CA GLY B 423 12.05 -24.66 20.79
C GLY B 423 13.04 -23.81 20.02
N GLY B 424 14.15 -23.53 20.67
CA GLY B 424 15.21 -22.73 20.08
C GLY B 424 16.53 -22.88 20.80
N PRO B 425 17.61 -22.49 20.14
CA PRO B 425 18.93 -22.60 20.77
C PRO B 425 19.07 -21.66 21.95
N VAL B 426 19.80 -22.12 22.97
CA VAL B 426 20.06 -21.34 24.18
C VAL B 426 21.54 -21.47 24.53
N GLY B 427 22.02 -20.51 25.31
CA GLY B 427 23.41 -20.54 25.74
C GLY B 427 24.36 -20.45 24.56
N GLY B 428 25.30 -21.39 24.50
CA GLY B 428 26.32 -21.43 23.47
C GLY B 428 25.94 -22.15 22.20
N TRP B 429 24.71 -22.63 22.07
CA TRP B 429 24.29 -23.33 20.87
C TRP B 429 24.23 -22.35 19.68
N PRO B 430 24.46 -22.85 18.47
CA PRO B 430 24.53 -21.94 17.32
C PRO B 430 23.20 -21.25 17.04
N ASP B 431 23.29 -20.06 16.47
CA ASP B 431 22.13 -19.21 16.18
C ASP B 431 21.41 -19.69 14.93
N ARG B 432 20.58 -20.72 15.09
CA ARG B 432 19.80 -21.27 13.99
C ARG B 432 18.33 -21.30 14.36
N ARG B 433 17.48 -20.78 13.48
CA ARG B 433 16.05 -20.73 13.73
C ARG B 433 15.44 -22.13 13.63
N ASN B 434 14.30 -22.30 14.29
CA ASN B 434 13.61 -23.57 14.26
C ASN B 434 12.93 -23.76 12.91
N PRO B 435 13.30 -24.77 12.12
CA PRO B 435 12.65 -24.96 10.81
C PRO B 435 11.17 -25.25 10.91
N ARG B 436 10.77 -26.02 11.94
CA ARG B 436 9.34 -26.32 12.10
C ARG B 436 8.55 -25.06 12.43
N ALA B 437 9.09 -24.20 13.30
CA ALA B 437 8.43 -22.95 13.61
C ALA B 437 8.38 -22.02 12.40
N VAL B 438 9.46 -22.02 11.60
CA VAL B 438 9.48 -21.20 10.38
C VAL B 438 8.40 -21.68 9.41
N LEU B 439 8.27 -22.99 9.24
CA LEU B 439 7.22 -23.52 8.36
C LEU B 439 5.84 -23.20 8.90
N GLU B 440 5.66 -23.29 10.23
CA GLU B 440 4.37 -22.98 10.83
C GLU B 440 4.00 -21.52 10.62
N TYR B 441 4.97 -20.61 10.76
CA TYR B 441 4.70 -19.19 10.56
C TYR B 441 4.54 -18.83 9.10
N ASN B 442 5.13 -19.61 8.19
CA ASN B 442 5.05 -19.33 6.77
C ASN B 442 3.84 -19.97 6.08
N LYS B 443 3.03 -20.73 6.83
CA LYS B 443 1.90 -21.41 6.22
C LYS B 443 0.82 -20.44 5.74
N ASP B 444 0.82 -19.21 6.24
CA ASP B 444 -0.17 -18.22 5.86
C ASP B 444 0.26 -17.35 4.69
N ASN B 445 1.48 -17.55 4.17
CA ASN B 445 1.97 -16.79 3.03
C ASN B 445 1.48 -17.44 1.74
N ARG B 446 0.17 -17.34 1.52
CA ARG B 446 -0.49 -17.92 0.37
C ARG B 446 -0.71 -16.84 -0.69
N TYR B 447 -0.35 -17.14 -1.93
CA TYR B 447 -0.54 -16.21 -3.03
C TYR B 447 -1.46 -16.80 -4.07
N THR B 448 -2.29 -15.96 -4.66
CA THR B 448 -3.27 -16.34 -5.68
C THR B 448 -2.88 -15.72 -7.02
N TYR B 449 -2.97 -16.51 -8.08
CA TYR B 449 -2.54 -16.12 -9.40
C TYR B 449 -3.64 -16.47 -10.41
N TRP B 450 -4.19 -15.44 -11.05
CA TRP B 450 -5.17 -15.61 -12.11
C TRP B 450 -4.49 -15.42 -13.46
N ARG B 451 -4.61 -16.41 -14.33
CA ARG B 451 -4.03 -16.37 -15.66
C ARG B 451 -5.13 -16.34 -16.71
N MET B 452 -4.98 -15.46 -17.69
CA MET B 452 -5.97 -15.21 -18.73
C MET B 452 -5.25 -15.36 -20.06
N PHE B 453 -5.55 -16.43 -20.80
CA PHE B 453 -4.88 -16.66 -22.08
C PHE B 453 -5.96 -16.81 -23.15
N GLY B 454 -6.21 -15.74 -23.91
CA GLY B 454 -7.24 -15.76 -24.92
C GLY B 454 -6.74 -15.40 -26.31
N ASP B 455 -7.45 -15.85 -27.34
CA ASP B 455 -7.06 -15.56 -28.71
C ASP B 455 -8.28 -15.68 -29.60
N ALA B 456 -8.43 -14.71 -30.51
CA ALA B 456 -9.51 -14.72 -31.49
C ALA B 456 -8.94 -14.44 -32.86
N TYR B 457 -9.24 -15.31 -33.83
CA TYR B 457 -8.70 -15.17 -35.18
C TYR B 457 -9.83 -15.25 -36.20
N VAL B 458 -9.64 -14.52 -37.30
CA VAL B 458 -10.57 -14.53 -38.43
C VAL B 458 -9.77 -14.79 -39.71
N ASN B 459 -10.32 -15.63 -40.57
CA ASN B 459 -9.67 -16.02 -41.82
C ASN B 459 -10.64 -15.83 -42.98
N LEU B 460 -10.12 -15.26 -44.06
CA LEU B 460 -10.91 -15.00 -45.27
C LEU B 460 -10.16 -15.52 -46.48
N THR B 461 -10.88 -16.17 -47.38
CA THR B 461 -10.31 -16.72 -48.61
C THR B 461 -10.97 -16.08 -49.82
N PRO B 462 -10.36 -15.03 -50.41
CA PRO B 462 -10.95 -14.43 -51.61
C PRO B 462 -11.11 -15.42 -52.76
N PHE B 463 -10.17 -16.35 -52.90
CA PHE B 463 -10.29 -17.42 -53.88
C PHE B 463 -9.59 -18.65 -53.33
N LYS B 464 -9.31 -19.62 -54.20
CA LYS B 464 -8.81 -20.92 -53.75
C LYS B 464 -7.45 -20.79 -53.07
N GLY B 465 -6.55 -19.98 -53.62
CA GLY B 465 -5.17 -19.94 -53.17
C GLY B 465 -4.79 -18.84 -52.22
N PHE B 466 -5.70 -17.92 -51.89
CA PHE B 466 -5.37 -16.76 -51.07
C PHE B 466 -6.05 -16.87 -49.71
N ASN B 467 -5.29 -16.54 -48.66
CA ASN B 467 -5.79 -16.56 -47.30
C ASN B 467 -5.32 -15.31 -46.56
N LEU B 468 -6.23 -14.67 -45.83
CA LEU B 468 -5.93 -13.52 -44.99
C LEU B 468 -6.40 -13.80 -43.58
N ARG B 469 -5.48 -13.75 -42.63
CA ARG B 469 -5.78 -14.08 -41.23
C ARG B 469 -5.44 -12.89 -40.34
N SER B 470 -6.42 -12.47 -39.54
CA SER B 470 -6.22 -11.44 -38.52
C SER B 470 -6.43 -12.09 -37.16
N THR B 471 -5.41 -12.00 -36.30
CA THR B 471 -5.40 -12.69 -35.03
C THR B 471 -5.09 -11.71 -33.91
N PHE B 472 -5.86 -11.79 -32.82
CA PHE B 472 -5.64 -10.97 -31.64
C PHE B 472 -5.50 -11.88 -30.43
N GLY B 473 -4.37 -11.77 -29.73
CA GLY B 473 -4.11 -12.58 -28.55
C GLY B 473 -3.89 -11.72 -27.32
N LEU B 474 -4.37 -12.20 -26.19
CA LEU B 474 -4.29 -11.47 -24.93
C LEU B 474 -3.82 -12.40 -23.82
N ASP B 475 -2.92 -11.91 -22.98
CA ASP B 475 -2.42 -12.63 -21.81
C ASP B 475 -2.45 -11.68 -20.63
N TYR B 476 -3.35 -11.93 -19.69
CA TYR B 476 -3.53 -11.08 -18.52
C TYR B 476 -3.25 -11.89 -17.26
N ALA B 477 -2.26 -11.46 -16.48
CA ALA B 477 -1.85 -12.17 -15.28
C ALA B 477 -2.06 -11.27 -14.07
N ASN B 478 -2.72 -11.80 -13.05
CA ASN B 478 -3.00 -11.09 -11.81
C ASN B 478 -2.42 -11.90 -10.66
N LYS B 479 -1.69 -11.23 -9.76
CA LYS B 479 -1.12 -11.89 -8.60
C LYS B 479 -1.44 -11.09 -7.36
N GLN B 480 -2.00 -11.76 -6.35
CA GLN B 480 -2.33 -11.14 -5.07
C GLN B 480 -1.71 -11.96 -3.96
N ALA B 481 -0.94 -11.30 -3.09
CA ALA B 481 -0.27 -11.99 -2.00
C ALA B 481 -0.41 -11.19 -0.71
N ARG B 482 -0.44 -11.92 0.40
CA ARG B 482 -0.50 -11.31 1.74
C ARG B 482 0.52 -12.06 2.61
N TYR B 483 1.67 -11.43 2.85
CA TYR B 483 2.73 -12.02 3.64
C TYR B 483 2.66 -11.51 5.07
N PHE B 484 2.81 -12.42 6.02
CA PHE B 484 2.70 -12.10 7.44
C PHE B 484 4.04 -12.35 8.13
N THR B 485 4.40 -11.45 9.05
CA THR B 485 5.61 -11.55 9.83
C THR B 485 5.21 -11.58 11.31
N TYR B 486 5.09 -12.80 11.85
CA TYR B 486 4.67 -12.98 13.23
C TYR B 486 5.84 -12.77 14.18
N PRO B 487 5.58 -12.32 15.41
CA PRO B 487 6.64 -12.23 16.41
C PRO B 487 7.02 -13.61 16.92
N TYR B 488 8.31 -13.92 16.88
CA TYR B 488 8.82 -15.22 17.32
C TYR B 488 9.92 -15.02 18.35
N GLN B 489 10.02 -15.97 19.27
CA GLN B 489 11.05 -15.98 20.31
C GLN B 489 11.49 -17.44 20.49
N GLU B 490 12.54 -17.82 19.79
CA GLU B 490 13.06 -19.19 19.80
C GLU B 490 14.38 -19.17 20.56
N GLY B 491 14.30 -19.30 21.89
CA GLY B 491 15.51 -19.22 22.69
C GLY B 491 16.13 -17.85 22.57
N THR B 492 17.39 -17.82 22.15
CA THR B 492 18.09 -16.55 21.93
C THR B 492 17.75 -15.92 20.59
N GLN B 493 17.01 -16.62 19.73
CA GLN B 493 16.61 -16.09 18.42
C GLN B 493 15.25 -15.44 18.53
N THR B 494 15.18 -14.14 18.22
CA THR B 494 13.92 -13.41 18.28
C THR B 494 14.02 -12.20 17.36
N ASN B 495 12.85 -11.63 17.05
CA ASN B 495 12.75 -10.45 16.22
C ASN B 495 12.24 -9.23 17.00
N ASN B 496 12.44 -9.23 18.32
CA ASN B 496 12.00 -8.13 19.19
C ASN B 496 10.49 -7.88 19.06
N GLY B 497 9.73 -8.95 18.94
CA GLY B 497 8.27 -8.83 18.84
C GLY B 497 7.81 -8.09 17.61
N LYS B 498 8.39 -8.39 16.46
CA LYS B 498 8.03 -7.72 15.21
C LYS B 498 6.88 -8.45 14.54
N SER B 499 5.78 -7.74 14.33
CA SER B 499 4.62 -8.27 13.60
C SER B 499 4.28 -7.31 12.48
N ALA B 500 4.09 -7.84 11.28
CA ALA B 500 3.86 -6.99 10.12
C ALA B 500 3.03 -7.73 9.08
N VAL B 501 2.42 -6.94 8.19
CA VAL B 501 1.66 -7.47 7.06
C VAL B 501 2.12 -6.75 5.80
N GLU B 502 2.18 -7.50 4.70
CA GLU B 502 2.61 -6.99 3.41
C GLU B 502 1.61 -7.46 2.36
N ALA B 503 0.80 -6.55 1.85
CA ALA B 503 -0.19 -6.87 0.83
C ALA B 503 0.35 -6.41 -0.53
N LYS B 504 0.56 -7.36 -1.43
CA LYS B 504 1.20 -7.09 -2.72
C LYS B 504 0.26 -7.47 -3.86
N GLN B 505 0.22 -6.62 -4.88
CA GLN B 505 -0.58 -6.83 -6.07
C GLN B 505 0.28 -6.61 -7.30
N GLU B 506 0.19 -7.52 -8.27
CA GLU B 506 0.96 -7.45 -9.50
C GLU B 506 0.06 -7.72 -10.70
N HIS B 507 0.25 -6.93 -11.76
CA HIS B 507 -0.51 -7.07 -12.99
C HIS B 507 0.43 -7.14 -14.17
N TRP B 508 0.15 -8.07 -15.09
CA TRP B 508 0.86 -8.18 -16.36
C TRP B 508 -0.18 -8.22 -17.47
N THR B 509 0.04 -7.46 -18.53
CA THR B 509 -0.90 -7.41 -19.65
C THR B 509 -0.13 -7.40 -20.96
N LYS B 510 -0.29 -8.46 -21.75
CA LYS B 510 0.34 -8.56 -23.06
C LYS B 510 -0.75 -8.69 -24.11
N TRP B 511 -0.65 -7.91 -25.18
CA TRP B 511 -1.58 -8.05 -26.30
C TRP B 511 -0.82 -8.03 -27.62
N MET B 512 -1.23 -8.93 -28.51
CA MET B 512 -0.57 -9.13 -29.79
C MET B 512 -1.60 -9.11 -30.91
N TRP B 513 -1.25 -8.44 -32.01
CA TRP B 513 -2.05 -8.40 -33.22
C TRP B 513 -1.21 -8.89 -34.39
N ASN B 514 -1.77 -9.81 -35.17
CA ASN B 514 -1.05 -10.42 -36.29
C ASN B 514 -1.92 -10.36 -37.54
N ALA B 515 -1.33 -9.92 -38.64
CA ALA B 515 -1.98 -9.91 -39.95
C ALA B 515 -1.13 -10.73 -40.91
N ILE B 516 -1.71 -11.79 -41.47
CA ILE B 516 -0.98 -12.75 -42.30
C ILE B 516 -1.69 -12.85 -43.64
N ALA B 517 -0.92 -12.78 -44.72
CA ALA B 517 -1.42 -12.99 -46.08
C ALA B 517 -0.62 -14.10 -46.72
N THR B 518 -1.31 -15.15 -47.16
CA THR B 518 -0.66 -16.34 -47.70
C THR B 518 -1.24 -16.67 -49.07
N TYR B 519 -0.37 -17.09 -49.99
CA TYR B 519 -0.76 -17.52 -51.32
C TYR B 519 -0.07 -18.83 -51.64
N GLN B 520 -0.82 -19.76 -52.23
CA GLN B 520 -0.30 -21.07 -52.59
C GLN B 520 -0.60 -21.36 -54.06
N LEU B 521 0.39 -21.93 -54.75
CA LEU B 521 0.27 -22.30 -56.15
C LEU B 521 0.79 -23.71 -56.34
N GLU B 522 0.16 -24.46 -57.24
CA GLU B 522 0.48 -25.87 -57.51
C GLU B 522 0.69 -26.06 -59.01
N VAL B 523 1.50 -25.21 -59.63
CA VAL B 523 1.61 -25.18 -61.08
C VAL B 523 2.61 -26.23 -61.54
N GLY B 524 2.16 -27.11 -62.44
CA GLY B 524 3.01 -28.21 -62.89
C GLY B 524 3.44 -29.08 -61.73
N LYS B 525 4.74 -29.36 -61.67
CA LYS B 525 5.34 -30.06 -60.54
C LYS B 525 5.90 -29.11 -59.49
N HIS B 526 5.69 -27.81 -59.66
CA HIS B 526 6.24 -26.79 -58.76
C HIS B 526 5.16 -26.31 -57.81
N ARG B 527 5.43 -26.42 -56.52
CA ARG B 527 4.56 -25.91 -55.46
C ARG B 527 5.21 -24.69 -54.84
N GLY B 528 4.46 -23.59 -54.78
CA GLY B 528 4.99 -22.35 -54.26
C GLY B 528 4.10 -21.68 -53.23
N ASP B 529 4.64 -21.46 -52.04
CA ASP B 529 3.92 -20.79 -50.97
C ASP B 529 4.63 -19.47 -50.64
N VAL B 530 3.89 -18.38 -50.68
CA VAL B 530 4.41 -17.05 -50.37
C VAL B 530 3.55 -16.45 -49.27
N MET B 531 4.17 -16.12 -48.15
CA MET B 531 3.45 -15.60 -46.99
C MET B 531 4.14 -14.34 -46.49
N ILE B 532 3.33 -13.34 -46.14
CA ILE B 532 3.81 -12.11 -45.52
C ILE B 532 3.03 -11.88 -44.25
N GLY B 533 3.64 -11.17 -43.31
CA GLY B 533 3.00 -10.95 -42.03
C GLY B 533 3.49 -9.75 -41.25
N MET B 534 2.56 -9.07 -40.58
CA MET B 534 2.86 -7.94 -39.71
C MET B 534 2.38 -8.27 -38.30
N GLU B 535 3.27 -8.13 -37.33
CA GLU B 535 2.98 -8.49 -35.95
C GLU B 535 3.31 -7.32 -35.02
N LEU B 536 2.40 -7.05 -34.08
CA LEU B 536 2.59 -6.03 -33.07
C LEU B 536 2.38 -6.67 -31.70
N ASN B 537 3.33 -6.44 -30.79
CA ASN B 537 3.27 -6.94 -29.43
C ASN B 537 3.41 -5.77 -28.46
N ARG B 538 2.63 -5.80 -27.38
CA ARG B 538 2.75 -4.78 -26.35
C ARG B 538 2.59 -5.43 -24.99
N GLU B 539 3.58 -5.25 -24.11
CA GLU B 539 3.54 -5.77 -22.75
C GLU B 539 3.65 -4.61 -21.77
N ASP B 540 2.79 -4.63 -20.75
CA ASP B 540 2.79 -3.65 -19.68
C ASP B 540 2.70 -4.36 -18.35
N ASP B 541 3.65 -4.10 -17.46
CA ASP B 541 3.71 -4.73 -16.15
C ASP B 541 3.65 -3.65 -15.07
N SER B 542 3.00 -3.97 -13.96
CA SER B 542 2.90 -3.05 -12.84
C SER B 542 2.78 -3.84 -11.55
N HIS B 543 3.15 -3.18 -10.45
CA HIS B 543 3.02 -3.81 -9.13
C HIS B 543 2.98 -2.72 -8.07
N PHE B 544 2.26 -3.01 -6.99
CA PHE B 544 2.19 -2.10 -5.86
C PHE B 544 1.87 -2.89 -4.59
N SER B 545 2.43 -2.44 -3.47
CA SER B 545 2.30 -3.17 -2.22
C SER B 545 2.25 -2.19 -1.05
N GLY B 546 1.54 -2.61 -0.01
CA GLY B 546 1.45 -1.86 1.22
C GLY B 546 1.98 -2.66 2.39
N TYR B 547 2.58 -1.96 3.35
CA TYR B 547 3.25 -2.58 4.48
C TYR B 547 2.77 -1.93 5.77
N LYS B 548 2.35 -2.76 6.73
CA LYS B 548 1.83 -2.28 8.00
C LYS B 548 2.45 -3.09 9.14
N GLU B 549 2.46 -2.50 10.33
CA GLU B 549 3.13 -3.10 11.49
C GLU B 549 2.26 -2.91 12.74
N ASP B 550 2.79 -3.39 13.87
CA ASP B 550 2.21 -3.19 15.20
C ASP B 550 0.79 -3.75 15.30
N PHE B 551 0.72 -5.08 15.17
CA PHE B 551 -0.52 -5.81 15.38
C PHE B 551 -0.54 -6.47 16.76
N SER B 552 -1.74 -6.78 17.22
CA SER B 552 -1.94 -7.29 18.58
C SER B 552 -2.46 -8.72 18.62
N ILE B 553 -3.53 -9.02 17.89
CA ILE B 553 -4.12 -10.36 17.94
C ILE B 553 -3.19 -11.38 17.29
N LEU B 554 -2.49 -10.97 16.22
CA LEU B 554 -1.52 -11.81 15.53
C LEU B 554 -2.17 -13.06 14.93
N THR B 555 -3.18 -12.81 14.09
CA THR B 555 -3.85 -13.85 13.32
C THR B 555 -4.10 -13.32 11.92
N PRO B 556 -4.18 -14.20 10.92
CA PRO B 556 -4.43 -13.72 9.56
C PRO B 556 -5.73 -12.95 9.41
N ASP B 557 -6.75 -13.30 10.19
CA ASP B 557 -8.02 -12.56 10.13
C ASP B 557 -7.85 -11.12 10.58
N TYR B 558 -7.06 -10.90 11.64
CA TYR B 558 -6.90 -9.55 12.18
C TYR B 558 -5.81 -8.77 11.45
N MET B 559 -4.82 -9.45 10.87
CA MET B 559 -3.69 -8.78 10.23
C MET B 559 -4.14 -8.20 8.89
N TRP B 560 -4.63 -6.97 8.95
CA TRP B 560 -4.95 -6.17 7.77
C TRP B 560 -4.36 -4.78 7.93
N PRO B 561 -4.00 -4.13 6.82
CA PRO B 561 -3.35 -2.81 6.94
C PRO B 561 -4.18 -1.78 7.68
N ASP B 562 -5.51 -1.82 7.58
CA ASP B 562 -6.33 -0.89 8.33
C ASP B 562 -6.32 -1.18 9.82
N ALA B 563 -6.07 -2.44 10.19
CA ALA B 563 -6.03 -2.84 11.59
C ALA B 563 -4.67 -2.63 12.24
N GLY B 564 -3.67 -2.22 11.48
CA GLY B 564 -2.36 -1.97 12.04
C GLY B 564 -2.29 -0.66 12.81
N SER B 565 -1.24 -0.54 13.63
CA SER B 565 -1.03 0.66 14.43
C SER B 565 0.43 1.09 14.41
N GLY B 566 1.15 0.79 13.34
CA GLY B 566 2.55 1.13 13.24
C GLY B 566 2.92 1.88 11.97
N THR B 567 4.21 1.92 11.67
CA THR B 567 4.68 2.58 10.46
C THR B 567 4.20 1.85 9.22
N ALA B 568 3.68 2.59 8.25
CA ALA B 568 3.18 2.02 7.00
C ALA B 568 4.07 2.48 5.84
N GLN B 569 4.28 1.58 4.89
CA GLN B 569 5.11 1.86 3.73
C GLN B 569 4.35 1.50 2.45
N ALA B 570 4.65 2.22 1.37
CA ALA B 570 4.02 2.00 0.08
C ALA B 570 5.11 1.82 -0.97
N TYR B 571 4.98 0.76 -1.77
CA TYR B 571 5.90 0.50 -2.87
C TYR B 571 5.10 0.36 -4.15
N GLY B 572 5.70 0.76 -5.27
CA GLY B 572 5.00 0.66 -6.54
C GLY B 572 5.88 0.98 -7.74
N ALA B 573 5.75 0.17 -8.79
CA ALA B 573 6.55 0.36 -9.99
C ALA B 573 5.76 -0.11 -11.21
N GLY B 574 6.19 0.36 -12.37
CA GLY B 574 5.57 -0.04 -13.62
C GLY B 574 6.57 0.07 -14.75
N GLU B 575 6.37 -0.75 -15.78
CA GLU B 575 7.26 -0.78 -16.93
C GLU B 575 6.54 -1.45 -18.09
N GLY B 576 7.22 -1.58 -19.21
CA GLY B 576 6.65 -2.22 -20.36
C GLY B 576 7.53 -2.04 -21.58
N TYR B 577 7.10 -2.68 -22.67
CA TYR B 577 7.82 -2.59 -23.94
C TYR B 577 6.89 -2.99 -25.07
N SER B 578 7.38 -2.82 -26.30
CA SER B 578 6.61 -3.11 -27.50
C SER B 578 7.54 -3.70 -28.56
N LEU B 579 6.94 -4.43 -29.50
CA LEU B 579 7.65 -5.11 -30.56
C LEU B 579 6.88 -4.96 -31.87
N VAL B 580 7.61 -4.69 -32.95
CA VAL B 580 7.03 -4.59 -34.28
C VAL B 580 7.82 -5.51 -35.20
N SER B 581 7.11 -6.33 -35.99
CA SER B 581 7.78 -7.30 -36.84
C SER B 581 7.11 -7.36 -38.20
N PHE B 582 7.93 -7.39 -39.25
CA PHE B 582 7.48 -7.62 -40.61
C PHE B 582 8.26 -8.80 -41.16
N PHE B 583 7.57 -9.91 -41.44
CA PHE B 583 8.24 -11.13 -41.84
C PHE B 583 7.68 -11.65 -43.16
N GLY B 584 8.55 -12.34 -43.90
CA GLY B 584 8.18 -12.95 -45.17
C GLY B 584 8.80 -14.31 -45.35
N LYS B 585 8.00 -15.28 -45.82
CA LYS B 585 8.42 -16.67 -45.96
C LYS B 585 8.05 -17.16 -47.35
N MET B 586 9.02 -17.76 -48.04
CA MET B 586 8.79 -18.32 -49.37
C MET B 586 9.27 -19.76 -49.38
N ASN B 587 8.40 -20.67 -49.81
CA ASN B 587 8.69 -22.09 -49.89
C ASN B 587 8.47 -22.57 -51.31
N TYR B 588 9.45 -23.29 -51.85
CA TYR B 588 9.38 -23.85 -53.19
C TYR B 588 9.66 -25.34 -53.14
N SER B 589 8.81 -26.13 -53.77
CA SER B 589 8.94 -27.57 -53.81
C SER B 589 8.91 -28.05 -55.25
N TYR B 590 9.94 -28.79 -55.65
CA TYR B 590 10.07 -29.33 -56.99
C TYR B 590 10.02 -30.85 -56.92
N ALA B 591 9.07 -31.45 -57.64
CA ALA B 591 8.88 -32.89 -57.74
C ALA B 591 8.73 -33.57 -56.39
N ASP B 592 8.31 -32.81 -55.37
CA ASP B 592 8.24 -33.30 -53.99
C ASP B 592 9.58 -33.89 -53.55
N ARG B 593 10.66 -33.40 -54.13
CA ARG B 593 12.01 -33.90 -53.90
C ARG B 593 12.98 -32.79 -53.49
N TYR B 594 12.86 -31.60 -54.07
CA TYR B 594 13.75 -30.49 -53.76
C TYR B 594 12.94 -29.41 -53.04
N LEU B 595 13.35 -29.06 -51.83
CA LEU B 595 12.65 -28.08 -51.01
C LEU B 595 13.58 -26.90 -50.72
N LEU B 596 13.08 -25.70 -50.94
CA LEU B 596 13.82 -24.48 -50.64
C LEU B 596 12.94 -23.54 -49.83
N SER B 597 13.52 -22.96 -48.78
CA SER B 597 12.81 -22.03 -47.92
C SER B 597 13.67 -20.80 -47.70
N LEU B 598 13.08 -19.62 -47.89
CA LEU B 598 13.76 -18.36 -47.67
C LEU B 598 12.86 -17.46 -46.85
N THR B 599 13.34 -16.99 -45.70
CA THR B 599 12.56 -16.09 -44.87
C THR B 599 13.39 -14.87 -44.50
N LEU B 600 12.70 -13.75 -44.38
CA LEU B 600 13.29 -12.47 -44.02
C LEU B 600 12.48 -11.83 -42.90
N ARG B 601 13.16 -11.23 -41.94
CA ARG B 601 12.50 -10.58 -40.81
C ARG B 601 13.05 -9.18 -40.62
N ARG B 602 12.14 -8.24 -40.37
CA ARG B 602 12.50 -6.87 -39.98
C ARG B 602 11.85 -6.63 -38.63
N ASP B 603 12.69 -6.54 -37.58
CA ASP B 603 12.20 -6.50 -36.21
C ASP B 603 12.67 -5.24 -35.52
N GLY B 604 11.77 -4.61 -34.78
CA GLY B 604 12.10 -3.42 -34.01
C GLY B 604 11.47 -3.49 -32.63
N SER B 605 12.16 -2.87 -31.68
CA SER B 605 11.71 -2.89 -30.29
C SER B 605 11.85 -1.48 -29.70
N SER B 606 11.05 -1.23 -28.67
CA SER B 606 11.10 0.06 -27.96
C SER B 606 12.26 0.15 -26.99
N ARG B 607 12.99 -0.94 -26.77
CA ARG B 607 14.12 -0.94 -25.84
C ARG B 607 15.37 -0.31 -26.42
N PHE B 608 15.40 -0.01 -27.72
CA PHE B 608 16.54 0.61 -28.37
C PHE B 608 16.19 2.00 -28.85
N GLY B 609 17.22 2.75 -29.23
CA GLY B 609 17.03 4.07 -29.79
C GLY B 609 16.48 4.02 -31.20
N LYS B 610 16.12 5.20 -31.70
CA LYS B 610 15.53 5.30 -33.03
C LYS B 610 16.54 4.88 -34.11
N ASN B 611 17.81 5.23 -33.93
CA ASN B 611 18.82 4.91 -34.93
C ASN B 611 19.00 3.40 -35.09
N HIS B 612 19.01 2.67 -33.98
CA HIS B 612 19.23 1.22 -33.99
C HIS B 612 17.97 0.45 -33.59
N ARG B 613 16.80 0.99 -33.95
CA ARG B 613 15.54 0.34 -33.55
C ARG B 613 15.29 -0.93 -34.33
N TYR B 614 15.50 -0.90 -35.65
CA TYR B 614 15.12 -1.99 -36.53
C TYR B 614 16.35 -2.75 -37.01
N ALA B 615 16.16 -4.06 -37.18
CA ALA B 615 17.22 -4.95 -37.65
C ALA B 615 16.63 -5.99 -38.60
N THR B 616 17.48 -6.52 -39.47
CA THR B 616 17.06 -7.46 -40.51
C THR B 616 17.76 -8.80 -40.29
N PHE B 617 16.98 -9.87 -40.41
CA PHE B 617 17.48 -11.24 -40.18
C PHE B 617 17.04 -12.15 -41.32
N PRO B 618 17.98 -12.67 -42.11
CA PRO B 618 17.62 -13.67 -43.14
C PRO B 618 17.81 -15.11 -42.69
N SER B 619 17.13 -16.03 -43.36
CA SER B 619 17.33 -17.45 -43.10
C SER B 619 17.01 -18.25 -44.37
N VAL B 620 17.83 -19.26 -44.64
CA VAL B 620 17.72 -20.09 -45.83
C VAL B 620 17.75 -21.55 -45.38
N SER B 621 16.96 -22.39 -46.06
CA SER B 621 16.91 -23.81 -45.77
C SER B 621 16.78 -24.58 -47.08
N LEU B 622 17.53 -25.67 -47.19
CA LEU B 622 17.51 -26.54 -48.35
C LEU B 622 17.24 -27.97 -47.90
N GLY B 623 16.54 -28.72 -48.74
CA GLY B 623 16.22 -30.11 -48.44
C GLY B 623 16.12 -30.98 -49.68
N TRP B 624 16.68 -32.19 -49.60
CA TRP B 624 16.69 -33.13 -50.71
C TRP B 624 16.26 -34.49 -50.20
N ARG B 625 15.20 -35.04 -50.81
CA ARG B 625 14.71 -36.37 -50.45
C ARG B 625 15.41 -37.38 -51.35
N ILE B 626 16.42 -38.06 -50.80
CA ILE B 626 17.21 -39.00 -51.60
C ILE B 626 16.35 -40.19 -52.03
N THR B 627 15.42 -40.61 -51.18
CA THR B 627 14.57 -41.75 -51.50
C THR B 627 13.68 -41.49 -52.71
N GLN B 628 13.41 -40.23 -53.04
CA GLN B 628 12.59 -39.91 -54.20
C GLN B 628 13.37 -39.99 -55.51
N GLU B 629 14.70 -40.02 -55.45
CA GLU B 629 15.51 -40.15 -56.65
C GLU B 629 15.34 -41.55 -57.25
N ASN B 630 15.39 -41.60 -58.58
CA ASN B 630 15.09 -42.84 -59.31
C ASN B 630 16.28 -43.78 -59.41
N PHE B 631 17.45 -43.40 -58.90
CA PHE B 631 18.62 -44.26 -58.99
C PHE B 631 18.71 -45.28 -57.87
N MET B 632 17.75 -45.30 -56.93
CA MET B 632 17.72 -46.28 -55.86
C MET B 632 16.31 -46.83 -55.68
N LYS B 633 15.63 -47.11 -56.79
CA LYS B 633 14.31 -47.73 -56.72
C LYS B 633 14.36 -49.16 -56.19
N GLU B 634 15.52 -49.83 -56.30
CA GLU B 634 15.65 -51.19 -55.81
C GLU B 634 15.84 -51.28 -54.31
N LEU B 635 16.07 -50.15 -53.63
CA LEU B 635 16.26 -50.14 -52.18
C LEU B 635 14.89 -50.13 -51.51
N THR B 636 14.27 -51.31 -51.48
CA THR B 636 12.95 -51.44 -50.86
C THR B 636 13.03 -51.26 -49.34
N TRP B 637 14.12 -51.70 -48.72
CA TRP B 637 14.27 -51.56 -47.26
C TRP B 637 14.31 -50.10 -46.86
N LEU B 638 15.03 -49.27 -47.62
CA LEU B 638 15.09 -47.84 -47.33
C LEU B 638 13.79 -47.15 -47.70
N ASP B 639 12.88 -47.02 -46.74
CA ASP B 639 11.58 -46.43 -47.03
C ASP B 639 11.69 -44.94 -47.34
N ASP B 640 12.50 -44.20 -46.57
CA ASP B 640 12.60 -42.77 -46.76
C ASP B 640 13.96 -42.30 -46.25
N LEU B 641 14.54 -41.33 -46.97
CA LEU B 641 15.81 -40.73 -46.57
C LEU B 641 15.84 -39.30 -47.07
N LYS B 642 16.15 -38.36 -46.18
CA LYS B 642 16.17 -36.94 -46.49
C LYS B 642 17.37 -36.26 -45.85
N LEU B 643 18.03 -35.41 -46.63
CA LEU B 643 19.15 -34.60 -46.17
C LEU B 643 18.75 -33.13 -46.23
N ARG B 644 18.86 -32.43 -45.10
CA ARG B 644 18.47 -31.03 -45.05
C ARG B 644 19.57 -30.20 -44.39
N ALA B 645 19.68 -28.95 -44.82
CA ALA B 645 20.61 -28.00 -44.25
C ALA B 645 19.89 -26.67 -44.07
N SER B 646 20.38 -25.87 -43.12
CA SER B 646 19.77 -24.58 -42.85
C SER B 646 20.80 -23.63 -42.26
N TRP B 647 20.75 -22.38 -42.71
CA TRP B 647 21.58 -21.30 -42.18
C TRP B 647 20.67 -20.11 -41.92
N GLY B 648 20.54 -19.70 -40.66
CA GLY B 648 19.60 -18.67 -40.29
C GLY B 648 20.20 -17.68 -39.31
N GLN B 649 19.60 -16.50 -39.27
CA GLN B 649 19.97 -15.46 -38.31
C GLN B 649 18.74 -15.04 -37.53
N THR B 650 18.92 -14.84 -36.23
CA THR B 650 17.83 -14.42 -35.35
C THR B 650 18.33 -13.31 -34.44
N GLY B 651 17.37 -12.53 -33.95
CA GLY B 651 17.66 -11.37 -33.11
C GLY B 651 17.25 -11.63 -31.66
N ASN B 652 18.07 -11.16 -30.74
CA ASN B 652 17.81 -11.27 -29.31
C ASN B 652 17.86 -9.88 -28.71
N GLN B 653 16.83 -9.54 -27.92
CA GLN B 653 16.76 -8.26 -27.23
C GLN B 653 16.20 -8.41 -25.83
N GLU B 654 16.28 -9.60 -25.24
CA GLU B 654 15.71 -9.85 -23.90
C GLU B 654 16.62 -9.21 -22.86
N ILE B 655 16.42 -7.91 -22.66
CA ILE B 655 17.18 -7.11 -21.71
C ILE B 655 16.21 -6.28 -20.88
N SER B 656 16.77 -5.46 -20.00
CA SER B 656 15.95 -4.56 -19.20
C SER B 656 15.26 -3.54 -20.09
N ASN B 657 14.03 -3.18 -19.71
CA ASN B 657 13.26 -2.21 -20.50
C ASN B 657 13.96 -0.86 -20.52
N LEU B 658 14.47 -0.42 -19.38
CA LEU B 658 15.17 0.85 -19.27
C LEU B 658 16.68 0.62 -19.35
N ALA B 659 17.12 0.23 -20.55
CA ALA B 659 18.52 -0.11 -20.77
C ALA B 659 19.33 1.01 -21.40
N ARG B 660 18.71 1.84 -22.23
CA ARG B 660 19.41 2.93 -22.91
C ARG B 660 19.31 4.26 -22.17
N TYR B 661 18.73 4.27 -20.99
CA TYR B 661 18.56 5.50 -20.22
C TYR B 661 19.44 5.46 -18.97
N THR B 662 20.08 6.59 -18.67
CA THR B 662 20.81 6.75 -17.42
C THR B 662 19.79 6.94 -16.30
N ILE B 663 19.61 5.91 -15.47
CA ILE B 663 18.51 5.87 -14.53
C ILE B 663 18.91 6.56 -13.24
N TYR B 664 18.14 7.57 -12.84
CA TYR B 664 18.25 8.20 -11.54
C TYR B 664 16.94 7.98 -10.80
N ALA B 665 17.03 7.40 -9.60
CA ALA B 665 15.84 7.06 -8.85
C ALA B 665 15.89 7.67 -7.46
N PRO B 666 14.75 8.12 -6.93
CA PRO B 666 14.71 8.68 -5.56
C PRO B 666 14.52 7.60 -4.50
N ASN B 667 15.57 6.82 -4.29
CA ASN B 667 15.54 5.73 -3.31
C ASN B 667 15.63 6.33 -1.92
N TYR B 668 14.46 6.61 -1.33
CA TYR B 668 14.43 7.20 0.01
C TYR B 668 15.00 6.24 1.04
N GLY B 669 14.71 4.95 0.92
CA GLY B 669 15.21 3.96 1.86
C GLY B 669 14.10 3.21 2.57
N THR B 670 12.92 3.15 1.93
CA THR B 670 11.78 2.45 2.51
C THR B 670 11.80 0.96 2.25
N THR B 671 12.73 0.47 1.43
CA THR B 671 12.80 -0.94 1.10
C THR B 671 13.68 -1.68 2.10
N ASP B 672 13.22 -2.85 2.53
CA ASP B 672 13.97 -3.66 3.48
C ASP B 672 15.27 -4.14 2.85
N SER B 673 16.34 -4.12 3.63
CA SER B 673 17.65 -4.58 3.17
C SER B 673 18.33 -5.33 4.30
N PHE B 674 19.17 -6.30 3.92
CA PHE B 674 19.92 -7.11 4.87
C PHE B 674 21.35 -6.59 4.97
N GLY B 675 21.81 -6.39 6.20
CA GLY B 675 23.14 -5.86 6.44
C GLY B 675 23.24 -4.36 6.45
N GLY B 676 22.15 -3.65 6.18
CA GLY B 676 22.15 -2.20 6.19
C GLY B 676 22.61 -1.53 4.91
N GLN B 677 22.91 -2.30 3.87
CA GLN B 677 23.34 -1.74 2.60
C GLN B 677 22.14 -1.39 1.71
N SER B 678 21.21 -0.61 2.25
CA SER B 678 20.02 -0.23 1.51
C SER B 678 20.32 0.79 0.42
N TYR B 679 21.42 1.53 0.53
CA TYR B 679 21.80 2.56 -0.43
C TYR B 679 20.70 3.62 -0.59
N GLY B 680 19.92 3.84 0.46
CA GLY B 680 18.86 4.83 0.40
C GLY B 680 19.41 6.24 0.42
N THR B 681 18.54 7.18 0.04
CA THR B 681 18.90 8.60 -0.02
C THR B 681 18.01 9.35 0.97
N ALA B 682 18.48 9.41 2.22
CA ALA B 682 17.77 10.14 3.27
C ALA B 682 18.76 10.39 4.40
N TYR B 683 19.05 11.66 4.67
CA TYR B 683 20.02 12.03 5.69
C TYR B 683 19.42 13.08 6.61
N ASP B 684 19.68 12.93 7.91
CA ASP B 684 19.23 13.90 8.91
C ASP B 684 20.25 15.04 8.96
N ILE B 685 20.15 15.93 7.97
CA ILE B 685 21.10 17.02 7.86
C ILE B 685 20.99 17.98 9.04
N THR B 686 19.80 18.10 9.63
CA THR B 686 19.64 18.97 10.79
C THR B 686 20.29 18.37 12.03
N GLY B 687 20.20 17.05 12.18
CA GLY B 687 20.78 16.38 13.34
C GLY B 687 19.81 16.29 14.50
N SER B 688 18.54 16.04 14.20
CA SER B 688 17.50 15.95 15.22
C SER B 688 17.13 14.51 15.55
N ASN B 689 17.93 13.53 15.11
CA ASN B 689 17.67 12.11 15.35
C ASN B 689 16.30 11.70 14.83
N GLY B 690 15.95 12.18 13.63
CA GLY B 690 14.68 11.81 13.03
C GLY B 690 13.52 12.61 13.60
N GLY B 691 12.35 11.99 13.58
CA GLY B 691 11.13 12.63 14.02
C GLY B 691 10.26 13.21 12.92
N GLY B 692 10.61 12.98 11.67
CA GLY B 692 9.82 13.53 10.57
C GLY B 692 10.35 13.04 9.25
N VAL B 693 9.91 13.71 8.18
CA VAL B 693 10.33 13.37 6.83
C VAL B 693 11.70 14.00 6.58
N LEU B 694 12.72 13.17 6.42
CA LEU B 694 14.07 13.66 6.17
C LEU B 694 14.21 14.12 4.73
N PRO B 695 15.10 15.07 4.46
CA PRO B 695 15.36 15.47 3.08
C PRO B 695 15.90 14.30 2.26
N SER B 696 15.50 14.25 0.99
CA SER B 696 15.90 13.14 0.12
C SER B 696 16.56 13.64 -1.16
N GLY B 697 16.81 12.73 -2.09
CA GLY B 697 17.46 13.08 -3.33
C GLY B 697 17.34 12.00 -4.39
N PHE B 698 18.38 11.84 -5.21
CA PHE B 698 18.38 10.85 -6.27
C PHE B 698 19.72 10.15 -6.31
N LYS B 699 19.71 8.91 -6.81
CA LYS B 699 20.92 8.13 -7.00
C LYS B 699 20.91 7.51 -8.38
N ARG B 700 22.10 7.27 -8.93
CA ARG B 700 22.24 6.72 -10.27
C ARG B 700 22.16 5.20 -10.20
N ASN B 701 21.21 4.62 -10.94
CA ASN B 701 21.07 3.17 -11.00
C ASN B 701 21.92 2.55 -12.09
N GLN B 702 21.97 3.18 -13.27
CA GLN B 702 22.80 2.70 -14.36
C GLN B 702 23.05 3.85 -15.33
N ILE B 703 24.10 3.69 -16.14
CA ILE B 703 24.46 4.66 -17.16
C ILE B 703 23.89 4.21 -18.50
N GLY B 704 23.17 5.10 -19.17
CA GLY B 704 22.54 4.74 -20.41
C GLY B 704 23.53 4.58 -21.55
N ASN B 705 23.06 3.91 -22.60
CA ASN B 705 23.87 3.67 -23.80
C ASN B 705 22.94 3.69 -24.99
N ASP B 706 23.13 4.66 -25.89
CA ASP B 706 22.28 4.81 -27.06
C ASP B 706 22.75 4.00 -28.26
N ASN B 707 23.86 3.27 -28.12
CA ASN B 707 24.42 2.48 -29.21
C ASN B 707 24.05 1.00 -29.12
N ILE B 708 23.16 0.63 -28.21
CA ILE B 708 22.78 -0.77 -28.07
C ILE B 708 21.91 -1.19 -29.25
N LYS B 709 22.18 -2.38 -29.78
CA LYS B 709 21.43 -2.92 -30.91
C LYS B 709 21.10 -4.39 -30.63
N TRP B 710 20.47 -5.03 -31.62
CA TRP B 710 20.05 -6.42 -31.47
C TRP B 710 21.25 -7.34 -31.40
N GLU B 711 21.11 -8.43 -30.64
CA GLU B 711 22.12 -9.47 -30.58
C GLU B 711 21.85 -10.48 -31.70
N THR B 712 22.85 -10.73 -32.53
CA THR B 712 22.67 -11.54 -33.73
C THR B 712 23.16 -12.96 -33.48
N THR B 713 22.27 -13.93 -33.58
CA THR B 713 22.62 -15.34 -33.41
C THR B 713 22.48 -16.04 -34.75
N THR B 714 23.57 -16.61 -35.23
CA THR B 714 23.59 -17.35 -36.48
C THR B 714 23.65 -18.84 -36.19
N GLN B 715 22.69 -19.59 -36.74
CA GLN B 715 22.57 -21.02 -36.51
C GLN B 715 22.71 -21.75 -37.84
N THR B 716 23.60 -22.75 -37.87
CA THR B 716 23.78 -23.62 -39.02
C THR B 716 23.48 -25.05 -38.58
N ASN B 717 22.51 -25.68 -39.24
CA ASN B 717 22.05 -27.01 -38.86
C ASN B 717 22.10 -27.93 -40.07
N VAL B 718 22.54 -29.17 -39.84
CA VAL B 718 22.56 -30.22 -40.86
C VAL B 718 21.86 -31.44 -40.27
N GLY B 719 20.87 -31.96 -40.99
CA GLY B 719 20.07 -33.06 -40.49
C GLY B 719 19.89 -34.15 -41.53
N ILE B 720 19.84 -35.38 -41.04
CA ILE B 720 19.57 -36.58 -41.84
C ILE B 720 18.40 -37.30 -41.20
N ASP B 721 17.32 -37.45 -41.95
CA ASP B 721 16.13 -38.15 -41.48
C ASP B 721 15.98 -39.45 -42.26
N PHE B 722 15.86 -40.57 -41.56
CA PHE B 722 15.78 -41.87 -42.21
C PHE B 722 14.62 -42.68 -41.63
N SER B 723 14.06 -43.54 -42.48
CA SER B 723 12.99 -44.44 -42.08
C SER B 723 13.13 -45.72 -42.90
N LEU B 724 13.22 -46.86 -42.22
CA LEU B 724 13.52 -48.13 -42.85
C LEU B 724 12.54 -49.20 -42.40
N PHE B 725 12.42 -50.23 -43.23
CA PHE B 725 11.59 -51.40 -42.96
C PHE B 725 10.11 -51.03 -42.79
N LYS B 726 9.58 -50.42 -43.85
CA LYS B 726 8.16 -50.05 -43.93
C LYS B 726 7.76 -49.14 -42.77
N GLN B 727 8.51 -48.05 -42.60
CA GLN B 727 8.23 -47.04 -41.59
C GLN B 727 8.19 -47.64 -40.18
N SER B 728 9.09 -48.59 -39.92
CA SER B 728 9.21 -49.20 -38.61
C SER B 728 10.41 -48.70 -37.82
N LEU B 729 11.57 -48.57 -38.47
CA LEU B 729 12.78 -48.07 -37.81
C LEU B 729 13.05 -46.66 -38.34
N TYR B 730 12.61 -45.65 -37.58
CA TYR B 730 12.79 -44.26 -37.97
C TYR B 730 13.87 -43.63 -37.10
N GLY B 731 14.40 -42.51 -37.58
CA GLY B 731 15.43 -41.81 -36.81
C GLY B 731 15.87 -40.55 -37.51
N SER B 732 16.65 -39.77 -36.77
CA SER B 732 17.17 -38.50 -37.24
C SER B 732 18.50 -38.20 -36.55
N LEU B 733 19.43 -37.64 -37.31
CA LEU B 733 20.73 -37.23 -36.80
C LEU B 733 20.95 -35.76 -37.14
N GLU B 734 21.33 -34.97 -36.15
CA GLU B 734 21.44 -33.52 -36.31
C GLU B 734 22.79 -33.03 -35.80
N TYR B 735 23.37 -32.08 -36.52
CA TYR B 735 24.56 -31.38 -36.09
C TYR B 735 24.31 -29.88 -36.21
N TYR B 736 24.54 -29.13 -35.13
CA TYR B 736 24.24 -27.71 -35.12
C TYR B 736 25.42 -26.90 -34.60
N TYR B 737 25.58 -25.72 -35.19
CA TYR B 737 26.59 -24.74 -34.79
C TYR B 737 25.89 -23.41 -34.58
N LYS B 738 25.95 -22.89 -33.35
CA LYS B 738 25.33 -21.63 -32.99
C LYS B 738 26.41 -20.63 -32.61
N LYS B 739 26.34 -19.43 -33.20
CA LYS B 739 27.30 -18.36 -32.94
C LYS B 739 26.54 -17.08 -32.66
N ALA B 740 26.56 -16.63 -31.42
CA ALA B 740 25.87 -15.41 -31.01
C ALA B 740 26.89 -14.30 -30.82
N THR B 741 26.68 -13.18 -31.51
CA THR B 741 27.56 -12.03 -31.47
C THR B 741 26.73 -10.78 -31.17
N ASP B 742 27.44 -9.71 -30.81
CA ASP B 742 26.82 -8.45 -30.39
C ASP B 742 25.85 -8.68 -29.25
N ILE B 743 26.25 -9.55 -28.31
CA ILE B 743 25.37 -9.95 -27.22
C ILE B 743 25.21 -8.80 -26.24
N LEU B 744 23.96 -8.44 -25.95
CA LEU B 744 23.67 -7.36 -25.00
C LEU B 744 23.95 -7.86 -23.60
N THR B 745 25.10 -7.47 -23.04
CA THR B 745 25.50 -7.86 -21.71
C THR B 745 25.61 -6.62 -20.82
N GLU B 746 25.24 -6.78 -19.56
CA GLU B 746 25.26 -5.67 -18.59
C GLU B 746 26.58 -5.72 -17.84
N MET B 747 27.56 -4.96 -18.32
CA MET B 747 28.86 -4.89 -17.67
C MET B 747 28.77 -4.05 -16.40
N ALA B 748 29.50 -4.48 -15.37
CA ALA B 748 29.55 -3.73 -14.13
C ALA B 748 30.56 -2.58 -14.23
N GLY B 749 30.59 -1.76 -13.19
CA GLY B 749 31.53 -0.65 -13.16
C GLY B 749 32.96 -1.13 -13.05
N VAL B 750 33.88 -0.28 -13.52
CA VAL B 750 35.30 -0.60 -13.47
C VAL B 750 35.82 -0.64 -12.04
N GLY B 751 35.09 -0.07 -11.10
CA GLY B 751 35.49 -0.07 -9.71
C GLY B 751 35.59 1.33 -9.12
N VAL B 752 36.09 2.27 -9.91
CA VAL B 752 36.12 3.67 -9.52
C VAL B 752 34.93 4.46 -10.06
N LEU B 753 34.16 3.86 -10.96
CA LEU B 753 32.95 4.53 -11.47
C LEU B 753 31.85 4.60 -10.43
N GLY B 754 31.93 3.79 -9.38
CA GLY B 754 30.93 3.84 -8.33
C GLY B 754 29.60 3.22 -8.74
N GLU B 755 28.56 3.66 -8.04
CA GLU B 755 27.22 3.13 -8.29
C GLU B 755 26.71 3.58 -9.66
N GLY B 756 25.89 2.72 -10.27
CA GLY B 756 25.38 3.01 -11.59
C GLY B 756 26.35 2.79 -12.72
N GLY B 757 27.51 2.19 -12.45
CA GLY B 757 28.49 1.97 -13.51
C GLY B 757 28.11 0.87 -14.47
N SER B 758 27.16 0.01 -14.10
CA SER B 758 26.71 -1.05 -14.99
C SER B 758 25.98 -0.46 -16.18
N ARG B 759 26.28 -0.98 -17.37
CA ARG B 759 25.64 -0.52 -18.60
C ARG B 759 25.59 -1.67 -19.59
N TRP B 760 24.63 -1.60 -20.51
CA TRP B 760 24.44 -2.65 -21.50
C TRP B 760 25.29 -2.34 -22.73
N ILE B 761 26.00 -3.36 -23.20
CA ILE B 761 26.92 -3.22 -24.33
C ILE B 761 26.88 -4.48 -25.17
N ASN B 762 27.19 -4.33 -26.46
CA ASN B 762 27.25 -5.46 -27.38
C ASN B 762 28.70 -5.91 -27.50
N SER B 763 29.16 -6.65 -26.49
CA SER B 763 30.53 -7.13 -26.43
C SER B 763 30.57 -8.59 -26.00
N GLY B 764 29.70 -9.42 -26.58
CA GLY B 764 29.67 -10.82 -26.23
C GLY B 764 29.82 -11.74 -27.43
N ALA B 765 30.25 -12.98 -27.19
CA ALA B 765 30.42 -13.95 -28.27
C ALA B 765 30.29 -15.34 -27.67
N MET B 766 29.25 -16.07 -28.07
CA MET B 766 28.99 -17.41 -27.58
C MET B 766 28.99 -18.40 -28.74
N LYS B 767 29.60 -19.56 -28.52
CA LYS B 767 29.67 -20.62 -29.53
C LYS B 767 29.16 -21.92 -28.94
N ASN B 768 28.35 -22.64 -29.72
CA ASN B 768 27.78 -23.92 -29.29
C ASN B 768 27.85 -24.90 -30.44
N GLN B 769 28.57 -26.01 -30.24
CA GLN B 769 28.66 -27.07 -31.24
C GLN B 769 28.02 -28.32 -30.66
N GLY B 770 27.00 -28.84 -31.32
CA GLY B 770 26.21 -29.91 -30.74
C GLY B 770 25.81 -30.97 -31.73
N PHE B 771 25.61 -32.19 -31.21
CA PHE B 771 25.14 -33.33 -31.96
C PHE B 771 23.92 -33.92 -31.26
N GLU B 772 22.98 -34.44 -32.06
CA GLU B 772 21.77 -35.07 -31.55
C GLU B 772 21.45 -36.29 -32.40
N PHE B 773 20.87 -37.30 -31.77
CA PHE B 773 20.48 -38.52 -32.46
C PHE B 773 19.23 -39.10 -31.81
N ASN B 774 18.16 -39.20 -32.59
CA ASN B 774 16.90 -39.79 -32.14
C ASN B 774 16.62 -41.04 -32.97
N LEU B 775 16.13 -42.09 -32.32
CA LEU B 775 15.84 -43.34 -32.99
C LEU B 775 14.56 -43.94 -32.41
N GLY B 776 13.84 -44.68 -33.25
CA GLY B 776 12.60 -45.31 -32.82
C GLY B 776 12.28 -46.57 -33.61
N TYR B 777 11.93 -47.63 -32.89
CA TYR B 777 11.62 -48.92 -33.51
C TYR B 777 10.37 -49.48 -32.85
N ARG B 778 9.30 -49.64 -33.64
CA ARG B 778 8.05 -50.21 -33.16
C ARG B 778 7.73 -51.44 -33.99
N ASN B 779 7.33 -52.52 -33.32
CA ASN B 779 7.04 -53.76 -34.03
C ASN B 779 6.19 -54.67 -33.16
N LYS B 780 5.40 -55.51 -33.83
CA LYS B 780 4.56 -56.48 -33.14
C LYS B 780 5.33 -57.79 -32.94
N THR B 781 4.65 -58.80 -32.39
CA THR B 781 5.27 -60.09 -32.12
C THR B 781 4.25 -61.17 -32.47
N ALA B 782 4.75 -62.39 -32.69
CA ALA B 782 3.91 -63.49 -33.14
C ALA B 782 2.81 -63.81 -32.15
N PHE B 783 3.13 -63.81 -30.85
CA PHE B 783 2.15 -64.17 -29.83
C PHE B 783 1.30 -62.99 -29.37
N GLY B 784 1.49 -61.81 -29.95
CA GLY B 784 0.60 -60.69 -29.66
C GLY B 784 1.17 -59.66 -28.71
N LEU B 785 2.44 -59.30 -28.89
CA LEU B 785 3.09 -58.27 -28.10
C LEU B 785 3.59 -57.17 -29.03
N THR B 786 3.22 -55.93 -28.73
CA THR B 786 3.66 -54.78 -29.50
C THR B 786 4.65 -53.98 -28.67
N TYR B 787 5.88 -53.87 -29.15
CA TYR B 787 6.95 -53.20 -28.44
C TYR B 787 7.41 -51.99 -29.24
N ASP B 788 7.52 -50.85 -28.57
CA ASP B 788 8.00 -49.61 -29.16
C ASP B 788 9.13 -49.08 -28.30
N LEU B 789 10.30 -48.88 -28.90
CA LEU B 789 11.48 -48.36 -28.23
C LEU B 789 11.87 -47.03 -28.86
N ASN B 790 12.01 -46.00 -28.03
CA ASN B 790 12.41 -44.67 -28.48
C ASN B 790 13.68 -44.28 -27.74
N GLY B 791 14.80 -44.25 -28.45
CA GLY B 791 16.07 -43.86 -27.88
C GLY B 791 16.48 -42.47 -28.33
N ASN B 792 17.17 -41.76 -27.43
CA ASN B 792 17.58 -40.40 -27.70
C ASN B 792 18.93 -40.15 -27.04
N ILE B 793 19.81 -39.45 -27.75
CA ILE B 793 21.12 -39.07 -27.21
C ILE B 793 21.47 -37.68 -27.74
N SER B 794 22.13 -36.89 -26.91
CA SER B 794 22.51 -35.54 -27.31
C SER B 794 23.78 -35.14 -26.57
N THR B 795 24.59 -34.31 -27.24
CA THR B 795 25.80 -33.77 -26.64
C THR B 795 26.03 -32.38 -27.21
N TYR B 796 26.72 -31.54 -26.43
CA TYR B 796 27.00 -30.19 -26.88
C TYR B 796 28.23 -29.67 -26.15
N ARG B 797 28.87 -28.68 -26.78
CA ARG B 797 30.04 -28.02 -26.22
C ARG B 797 29.84 -26.51 -26.38
N ASN B 798 30.03 -25.78 -25.27
CA ASN B 798 29.82 -24.35 -25.22
C ASN B 798 31.15 -23.63 -24.96
N GLU B 799 31.30 -22.45 -25.55
CA GLU B 799 32.52 -21.69 -25.44
C GLU B 799 32.20 -20.19 -25.47
N ILE B 800 32.97 -19.42 -24.72
CA ILE B 800 32.88 -17.97 -24.69
C ILE B 800 34.10 -17.42 -25.40
N LEU B 801 33.87 -16.61 -26.43
CA LEU B 801 34.95 -16.07 -27.26
C LEU B 801 35.28 -14.62 -26.95
N GLU B 802 34.28 -13.79 -26.68
CA GLU B 802 34.50 -12.39 -26.35
C GLU B 802 33.65 -12.01 -25.14
N LEU B 803 34.17 -11.09 -24.34
CA LEU B 803 33.51 -10.65 -23.12
C LEU B 803 34.14 -9.33 -22.70
N PRO B 804 33.37 -8.42 -22.10
CA PRO B 804 33.95 -7.19 -21.57
C PRO B 804 34.97 -7.48 -20.48
N GLU B 805 35.97 -6.59 -20.37
CA GLU B 805 37.05 -6.81 -19.42
C GLU B 805 36.54 -6.82 -17.98
N THR B 806 35.61 -5.92 -17.65
CA THR B 806 35.06 -5.90 -16.29
C THR B 806 34.28 -7.17 -15.99
N VAL B 807 33.51 -7.66 -16.97
CA VAL B 807 32.74 -8.89 -16.76
C VAL B 807 33.67 -10.07 -16.52
N ALA B 808 34.75 -10.17 -17.30
CA ALA B 808 35.72 -11.24 -17.08
C ALA B 808 36.45 -11.07 -15.76
N ALA B 809 36.64 -9.83 -15.31
CA ALA B 809 37.34 -9.61 -14.05
C ALA B 809 36.49 -10.00 -12.85
N ASN B 810 35.21 -9.62 -12.86
CA ASN B 810 34.35 -9.98 -11.74
C ASN B 810 33.94 -11.44 -11.77
N GLY B 811 34.05 -12.10 -12.92
CA GLY B 811 33.76 -13.52 -13.01
C GLY B 811 32.30 -13.88 -12.74
N LYS B 812 31.36 -13.08 -13.25
CA LYS B 812 29.95 -13.40 -13.06
C LYS B 812 29.52 -14.58 -13.92
N PHE B 813 30.21 -14.81 -15.04
CA PHE B 813 29.89 -15.92 -15.93
C PHE B 813 30.87 -17.08 -15.78
N GLY B 814 31.73 -17.05 -14.78
CA GLY B 814 32.69 -18.12 -14.54
C GLY B 814 34.07 -17.56 -14.25
N GLY B 815 34.94 -18.42 -13.73
CA GLY B 815 36.29 -18.05 -13.38
C GLY B 815 36.49 -17.64 -11.93
N ASN B 816 35.41 -17.40 -11.20
CA ASN B 816 35.45 -17.03 -9.78
C ASN B 816 36.26 -15.75 -9.53
N GLY B 817 36.40 -14.91 -10.54
CA GLY B 817 37.17 -13.68 -10.41
C GLY B 817 38.66 -13.87 -10.39
N VAL B 818 39.16 -15.06 -10.69
CA VAL B 818 40.60 -15.34 -10.70
C VAL B 818 41.16 -15.33 -12.11
N LYS B 819 40.49 -15.99 -13.05
CA LYS B 819 40.93 -16.03 -14.44
C LYS B 819 39.74 -15.75 -15.35
N SER B 820 40.04 -15.20 -16.53
CA SER B 820 39.01 -14.87 -17.48
C SER B 820 38.36 -16.12 -18.05
N VAL B 821 37.03 -16.09 -18.16
CA VAL B 821 36.29 -17.23 -18.71
C VAL B 821 36.35 -17.28 -20.23
N VAL B 822 36.92 -16.26 -20.86
CA VAL B 822 37.03 -16.23 -22.31
C VAL B 822 37.86 -17.41 -22.79
N GLY B 823 37.36 -18.11 -23.80
CA GLY B 823 38.00 -19.32 -24.29
C GLY B 823 37.65 -20.58 -23.55
N HIS B 824 36.72 -20.53 -22.59
CA HIS B 824 36.32 -21.67 -21.81
C HIS B 824 34.80 -21.76 -21.78
N THR B 825 34.31 -22.88 -21.24
CA THR B 825 32.87 -23.12 -21.20
C THR B 825 32.20 -22.17 -20.21
N TYR B 826 30.97 -21.77 -20.55
CA TYR B 826 30.18 -20.93 -19.66
C TYR B 826 29.91 -21.65 -18.35
N GLY B 827 30.11 -20.95 -17.23
CA GLY B 827 29.91 -21.52 -15.93
C GLY B 827 31.08 -22.30 -15.37
N ALA B 828 32.18 -22.40 -16.11
CA ALA B 828 33.35 -23.10 -15.61
C ALA B 828 33.96 -22.36 -14.43
N GLN B 829 34.44 -23.11 -13.45
CA GLN B 829 34.95 -22.54 -12.21
C GLN B 829 36.40 -22.94 -11.98
N VAL B 830 37.19 -21.97 -11.53
CA VAL B 830 38.62 -22.16 -11.26
C VAL B 830 38.80 -22.37 -9.77
N GLY B 831 39.58 -23.38 -9.40
CA GLY B 831 39.85 -23.66 -8.01
C GLY B 831 41.15 -24.42 -7.85
N TYR B 832 41.45 -24.76 -6.60
CA TYR B 832 42.66 -25.49 -6.27
C TYR B 832 42.49 -26.97 -6.60
N ILE B 833 43.57 -27.73 -6.45
CA ILE B 833 43.58 -29.16 -6.68
C ILE B 833 43.95 -29.84 -5.37
N ALA B 834 43.09 -30.75 -4.90
CA ALA B 834 43.30 -31.45 -3.65
C ALA B 834 43.97 -32.79 -3.95
N ASP B 835 45.25 -32.91 -3.60
CA ASP B 835 46.00 -34.14 -3.81
C ASP B 835 46.02 -34.96 -2.52
N GLY B 836 44.82 -35.41 -2.14
CA GLY B 836 44.69 -36.21 -0.94
C GLY B 836 44.85 -35.38 0.33
N ILE B 837 45.18 -36.08 1.42
CA ILE B 837 45.36 -35.46 2.72
C ILE B 837 46.69 -35.92 3.30
N PHE B 838 47.19 -35.13 4.26
CA PHE B 838 48.45 -35.43 4.92
C PHE B 838 48.23 -36.53 5.95
N LYS B 839 48.84 -37.70 5.73
CA LYS B 839 48.71 -38.82 6.64
C LYS B 839 49.83 -38.89 7.67
N SER B 840 50.85 -38.04 7.56
CA SER B 840 51.96 -38.06 8.50
C SER B 840 52.68 -36.72 8.43
N GLN B 841 53.52 -36.47 9.45
CA GLN B 841 54.32 -35.26 9.48
C GLN B 841 55.37 -35.25 8.36
N ASP B 842 55.88 -36.43 7.99
CA ASP B 842 56.84 -36.51 6.91
C ASP B 842 56.22 -36.05 5.59
N GLU B 843 54.95 -36.40 5.36
CA GLU B 843 54.26 -35.92 4.17
C GLU B 843 54.12 -34.41 4.17
N VAL B 844 53.85 -33.83 5.34
CA VAL B 844 53.75 -32.37 5.45
C VAL B 844 55.10 -31.72 5.13
N ASP B 845 56.17 -32.28 5.69
CA ASP B 845 57.50 -31.71 5.45
C ASP B 845 57.91 -31.84 3.98
N ASN B 846 57.63 -32.98 3.37
CA ASN B 846 58.01 -33.19 1.97
C ASN B 846 57.24 -32.26 1.04
N HIS B 847 55.96 -32.04 1.32
CA HIS B 847 55.13 -31.19 0.46
C HIS B 847 55.56 -29.73 0.58
N ALA B 848 55.21 -28.95 -0.43
CA ALA B 848 55.53 -27.53 -0.43
C ALA B 848 54.83 -26.82 0.71
N THR B 849 55.50 -25.81 1.27
CA THR B 849 54.97 -25.10 2.43
C THR B 849 53.67 -24.39 2.08
N GLN B 850 52.73 -24.42 3.03
CA GLN B 850 51.44 -23.76 2.86
C GLN B 850 50.89 -23.39 4.23
N GLU B 851 49.97 -22.43 4.23
CA GLU B 851 49.38 -21.98 5.48
C GLU B 851 48.40 -23.02 6.01
N GLY B 852 48.51 -23.34 7.30
CA GLY B 852 47.61 -24.28 7.93
C GLY B 852 47.92 -25.73 7.67
N ALA B 853 49.07 -26.05 7.09
CA ALA B 853 49.42 -27.45 6.82
C ALA B 853 49.62 -28.20 8.12
N ALA B 854 49.00 -29.37 8.23
CA ALA B 854 49.10 -30.21 9.42
C ALA B 854 48.70 -31.62 9.04
N VAL B 855 48.79 -32.53 10.01
CA VAL B 855 48.41 -33.92 9.79
C VAL B 855 46.90 -34.02 9.66
N GLY B 856 46.43 -34.71 8.62
CA GLY B 856 45.02 -34.85 8.38
C GLY B 856 44.36 -33.72 7.62
N ARG B 857 45.13 -32.74 7.15
CA ARG B 857 44.61 -31.62 6.40
C ARG B 857 44.73 -31.86 4.90
N ILE B 858 43.98 -31.07 4.14
CA ILE B 858 43.96 -31.23 2.68
C ILE B 858 45.27 -30.75 2.09
N ARG B 859 45.87 -31.57 1.22
CA ARG B 859 47.09 -31.21 0.52
C ARG B 859 46.74 -30.61 -0.83
N TYR B 860 47.30 -29.44 -1.13
CA TYR B 860 47.00 -28.73 -2.36
C TYR B 860 48.19 -28.82 -3.31
N ARG B 861 47.90 -29.14 -4.57
CA ARG B 861 48.95 -29.32 -5.57
C ARG B 861 49.59 -27.98 -5.92
N ASP B 862 50.90 -28.00 -6.15
CA ASP B 862 51.65 -26.83 -6.56
C ASP B 862 51.73 -26.83 -8.08
N ILE B 863 50.87 -26.04 -8.72
CA ILE B 863 50.76 -26.06 -10.18
C ILE B 863 52.02 -25.46 -10.81
N ASP B 864 52.45 -24.30 -10.33
CA ASP B 864 53.58 -23.60 -10.93
C ASP B 864 54.92 -24.02 -10.34
N HIS B 865 54.93 -24.92 -9.35
CA HIS B 865 56.14 -25.48 -8.77
C HIS B 865 57.07 -24.39 -8.23
N ASN B 866 56.48 -23.39 -7.58
CA ASN B 866 57.25 -22.32 -6.96
C ASN B 866 57.65 -22.64 -5.51
N GLY B 867 57.18 -23.76 -4.97
CA GLY B 867 57.51 -24.16 -3.62
C GLY B 867 56.59 -23.64 -2.54
N VAL B 868 55.61 -22.80 -2.89
CA VAL B 868 54.67 -22.24 -1.91
C VAL B 868 53.28 -22.25 -2.52
N ILE B 869 52.28 -22.58 -1.71
CA ILE B 869 50.89 -22.60 -2.15
C ILE B 869 50.29 -21.23 -1.89
N ASP B 870 49.80 -20.59 -2.95
CA ASP B 870 49.24 -19.24 -2.86
C ASP B 870 48.05 -19.15 -3.80
N GLU B 871 47.58 -17.92 -4.05
CA GLU B 871 46.41 -17.70 -4.87
C GLU B 871 46.65 -18.03 -6.34
N ARG B 872 47.91 -18.16 -6.76
CA ARG B 872 48.22 -18.47 -8.15
C ARG B 872 48.26 -19.97 -8.44
N ASP B 873 48.04 -20.80 -7.43
CA ASP B 873 47.98 -22.26 -7.63
C ASP B 873 46.54 -22.71 -7.83
N GLN B 874 45.92 -22.13 -8.87
CA GLN B 874 44.54 -22.44 -9.22
C GLN B 874 44.44 -22.73 -10.71
N ASN B 875 43.50 -23.59 -11.07
CA ASN B 875 43.28 -23.98 -12.46
C ASN B 875 41.80 -24.26 -12.66
N TRP B 876 41.43 -24.47 -13.92
CA TRP B 876 40.04 -24.78 -14.26
C TRP B 876 39.68 -26.16 -13.74
N ILE B 877 38.71 -26.21 -12.82
CA ILE B 877 38.38 -27.48 -12.15
C ILE B 877 36.94 -27.88 -12.42
N TYR B 878 36.06 -26.91 -12.66
CA TYR B 878 34.64 -27.17 -12.81
C TYR B 878 34.19 -26.85 -14.23
N ASP B 879 33.57 -27.82 -14.88
CA ASP B 879 33.01 -27.65 -16.23
C ASP B 879 31.59 -28.18 -16.23
N PRO B 880 30.57 -27.31 -16.23
CA PRO B 880 29.17 -27.74 -16.16
C PRO B 880 28.58 -28.18 -17.51
N THR B 881 29.31 -29.03 -18.21
CA THR B 881 28.87 -29.55 -19.50
C THR B 881 28.91 -31.08 -19.47
N PRO B 882 27.76 -31.75 -19.51
CA PRO B 882 27.77 -33.22 -19.54
C PRO B 882 28.37 -33.75 -20.83
N SER B 883 28.96 -34.93 -20.74
CA SER B 883 29.48 -35.59 -21.94
C SER B 883 28.35 -35.95 -22.89
N PHE B 884 27.26 -36.51 -22.37
CA PHE B 884 26.09 -36.78 -23.19
C PHE B 884 24.88 -37.07 -22.29
N SER B 885 23.72 -36.63 -22.76
CA SER B 885 22.44 -36.90 -22.08
C SER B 885 21.60 -37.80 -22.97
N TYR B 886 21.07 -38.87 -22.39
CA TYR B 886 20.35 -39.89 -23.14
C TYR B 886 19.04 -40.22 -22.45
N GLY B 887 18.12 -40.75 -23.24
CA GLY B 887 16.82 -41.17 -22.75
C GLY B 887 16.33 -42.37 -23.52
N LEU B 888 15.51 -43.19 -22.86
CA LEU B 888 14.99 -44.41 -23.47
C LEU B 888 13.57 -44.64 -22.98
N ASN B 889 12.63 -44.70 -23.91
CA ASN B 889 11.22 -44.96 -23.60
C ASN B 889 10.83 -46.31 -24.19
N ILE B 890 10.23 -47.16 -23.35
CA ILE B 890 9.80 -48.50 -23.75
C ILE B 890 8.30 -48.60 -23.51
N TYR B 891 7.56 -48.99 -24.54
CA TYR B 891 6.11 -49.17 -24.46
C TYR B 891 5.77 -50.57 -24.91
N LEU B 892 5.11 -51.34 -24.06
CA LEU B 892 4.76 -52.73 -24.34
C LEU B 892 3.25 -52.90 -24.23
N GLU B 893 2.65 -53.51 -25.24
CA GLU B 893 1.22 -53.80 -25.26
C GLU B 893 1.02 -55.30 -25.41
N TYR B 894 0.22 -55.87 -24.50
CA TYR B 894 -0.01 -57.31 -24.49
C TYR B 894 -1.29 -57.60 -23.72
N LYS B 895 -2.29 -58.14 -24.41
CA LYS B 895 -3.56 -58.57 -23.81
C LYS B 895 -4.16 -57.48 -22.92
N ASN B 896 -4.42 -56.33 -23.53
CA ASN B 896 -5.02 -55.17 -22.88
C ASN B 896 -4.18 -54.65 -21.73
N PHE B 897 -2.89 -55.00 -21.68
CA PHE B 897 -1.97 -54.50 -20.67
C PHE B 897 -0.92 -53.64 -21.35
N ASP B 898 -0.83 -52.38 -20.94
CA ASP B 898 0.15 -51.44 -21.48
C ASP B 898 1.12 -51.05 -20.38
N LEU B 899 2.41 -51.24 -20.64
CA LEU B 899 3.48 -50.93 -19.71
C LEU B 899 4.40 -49.89 -20.33
N THR B 900 4.64 -48.80 -19.60
CA THR B 900 5.51 -47.73 -20.05
C THR B 900 6.69 -47.60 -19.08
N MET B 901 7.88 -47.42 -19.63
CA MET B 901 9.09 -47.34 -18.80
C MET B 901 10.04 -46.34 -19.45
N PHE B 902 10.31 -45.23 -18.75
CA PHE B 902 11.17 -44.18 -19.27
C PHE B 902 12.38 -44.01 -18.38
N TRP B 903 13.57 -44.14 -18.96
CA TRP B 903 14.83 -43.93 -18.27
C TRP B 903 15.52 -42.70 -18.82
N GLN B 904 16.08 -41.88 -17.93
CA GLN B 904 16.84 -40.70 -18.34
C GLN B 904 18.19 -40.71 -17.65
N GLY B 905 19.25 -40.51 -18.42
CA GLY B 905 20.60 -40.56 -17.88
C GLY B 905 21.43 -39.41 -18.39
N VAL B 906 22.37 -38.98 -17.56
CA VAL B 906 23.33 -37.94 -17.88
C VAL B 906 24.72 -38.44 -17.53
N GLN B 907 25.66 -38.33 -18.46
CA GLN B 907 27.00 -38.86 -18.26
C GLN B 907 28.03 -37.78 -18.58
N GLY B 908 29.09 -37.72 -17.77
CA GLY B 908 30.17 -36.79 -18.01
C GLY B 908 29.92 -35.38 -17.52
N VAL B 909 29.16 -35.21 -16.44
CA VAL B 909 28.86 -33.90 -15.89
C VAL B 909 29.44 -33.81 -14.48
N ASP B 910 30.06 -32.68 -14.17
CA ASP B 910 30.59 -32.41 -12.85
C ASP B 910 29.67 -31.47 -12.09
N ILE B 911 29.60 -31.65 -10.77
CA ILE B 911 28.71 -30.87 -9.91
C ILE B 911 29.49 -30.38 -8.71
N ILE B 912 29.20 -29.16 -8.29
CA ILE B 912 29.76 -28.59 -7.06
C ILE B 912 28.78 -28.86 -5.93
N SER B 913 29.23 -29.58 -4.91
CA SER B 913 28.38 -30.01 -3.81
C SER B 913 28.60 -29.09 -2.61
N ASP B 914 27.60 -28.26 -2.33
CA ASP B 914 27.63 -27.44 -1.12
C ASP B 914 27.30 -28.25 0.13
N VAL B 915 26.62 -29.39 -0.03
CA VAL B 915 26.36 -30.27 1.11
C VAL B 915 27.65 -30.87 1.63
N LYS B 916 28.60 -31.16 0.73
CA LYS B 916 29.89 -31.71 1.16
C LYS B 916 30.62 -30.74 2.09
N LYS B 917 30.49 -29.43 1.83
CA LYS B 917 31.17 -28.43 2.64
C LYS B 917 30.83 -28.56 4.12
N LYS B 918 29.62 -29.03 4.43
CA LYS B 918 29.17 -29.20 5.79
C LYS B 918 28.87 -30.67 6.11
N SER B 919 29.50 -31.59 5.39
CA SER B 919 29.34 -33.02 5.69
C SER B 919 30.70 -33.69 5.79
N ASP B 920 31.70 -33.15 5.11
CA ASP B 920 33.05 -33.70 5.15
C ASP B 920 33.99 -32.89 6.04
N PHE B 921 33.51 -31.81 6.65
CA PHE B 921 34.34 -30.96 7.49
C PHE B 921 33.56 -30.56 8.73
N TRP B 922 34.31 -30.25 9.78
CA TRP B 922 33.74 -29.73 11.03
C TRP B 922 34.09 -28.26 11.15
N SER B 923 33.07 -27.44 11.46
CA SER B 923 33.21 -25.99 11.57
C SER B 923 33.76 -25.40 10.27
N ALA B 924 33.09 -25.69 9.17
CA ALA B 924 33.45 -25.15 7.86
C ALA B 924 32.39 -24.21 7.31
N SER B 925 31.48 -23.74 8.15
CA SER B 925 30.42 -22.83 7.77
C SER B 925 30.68 -21.45 8.36
N ASN B 926 29.71 -20.54 8.18
CA ASN B 926 29.85 -19.20 8.72
C ASN B 926 29.89 -19.20 10.25
N VAL B 927 29.24 -20.18 10.88
CA VAL B 927 29.25 -20.32 12.32
C VAL B 927 29.60 -21.76 12.68
N GLY B 928 30.12 -21.94 13.90
CA GLY B 928 30.55 -23.24 14.36
C GLY B 928 29.47 -23.98 15.12
N PHE B 929 29.82 -25.21 15.52
CA PHE B 929 28.94 -26.07 16.31
C PHE B 929 27.63 -26.39 15.59
N LEU B 930 27.67 -26.43 14.26
CA LEU B 930 26.49 -26.77 13.48
C LEU B 930 26.41 -28.27 13.26
N ASN B 931 25.19 -28.75 13.01
CA ASN B 931 24.99 -30.15 12.71
C ASN B 931 25.55 -30.48 11.34
N LYS B 932 26.21 -31.63 11.24
CA LYS B 932 26.87 -32.06 10.02
C LYS B 932 26.31 -33.42 9.59
N GLY B 933 26.87 -33.94 8.48
CA GLY B 933 26.41 -35.21 7.96
C GLY B 933 26.93 -36.40 8.75
N THR B 934 26.28 -37.54 8.54
CA THR B 934 26.67 -38.76 9.23
C THR B 934 28.06 -39.23 8.80
N ARG B 935 28.37 -39.10 7.50
CA ARG B 935 29.66 -39.58 6.99
C ARG B 935 30.83 -38.84 7.60
N LEU B 936 30.58 -37.69 8.26
CA LEU B 936 31.64 -37.00 8.98
C LEU B 936 32.26 -37.89 10.06
N LEU B 937 31.50 -38.87 10.55
CA LEU B 937 32.05 -39.80 11.54
C LEU B 937 33.21 -40.61 10.97
N ASN B 938 33.22 -40.81 9.66
CA ASN B 938 34.29 -41.57 9.01
C ASN B 938 35.43 -40.66 8.56
N ALA B 939 35.94 -39.85 9.48
CA ALA B 939 37.05 -38.95 9.19
C ALA B 939 38.38 -39.63 9.46
N TRP B 940 39.44 -39.08 8.89
CA TRP B 940 40.77 -39.64 9.06
C TRP B 940 41.24 -39.47 10.49
N SER B 941 41.90 -40.50 11.01
CA SER B 941 42.43 -40.49 12.37
C SER B 941 43.49 -41.56 12.47
N PRO B 942 44.38 -41.48 13.47
CA PRO B 942 45.34 -42.59 13.67
C PRO B 942 44.67 -43.92 13.91
N THR B 943 43.48 -43.94 14.53
CA THR B 943 42.76 -45.19 14.72
C THR B 943 42.17 -45.70 13.42
N ASN B 944 41.78 -44.80 12.52
CA ASN B 944 41.14 -45.15 11.25
C ASN B 944 41.92 -44.49 10.12
N PRO B 945 43.09 -45.03 9.76
CA PRO B 945 43.89 -44.40 8.70
C PRO B 945 43.33 -44.62 7.29
N ASN B 946 42.46 -45.61 7.10
CA ASN B 946 41.90 -45.90 5.78
C ASN B 946 40.66 -45.03 5.54
N SER B 947 40.92 -43.75 5.33
CA SER B 947 39.86 -42.79 5.07
C SER B 947 40.42 -41.61 4.29
N ASP B 948 39.57 -41.01 3.45
CA ASP B 948 39.96 -39.84 2.67
C ASP B 948 39.39 -38.54 3.21
N ILE B 949 38.40 -38.61 4.08
CA ILE B 949 37.84 -37.39 4.69
C ILE B 949 38.87 -36.77 5.62
N PRO B 950 39.11 -35.46 5.55
CA PRO B 950 40.13 -34.85 6.41
C PRO B 950 39.74 -34.94 7.89
N ALA B 951 40.76 -34.95 8.74
CA ALA B 951 40.55 -35.07 10.17
C ALA B 951 39.76 -33.87 10.71
N LEU B 952 38.95 -34.14 11.73
CA LEU B 952 38.11 -33.10 12.30
C LEU B 952 38.95 -32.03 12.99
N THR B 953 38.49 -30.78 12.91
CA THR B 953 39.17 -29.67 13.55
C THR B 953 38.15 -28.57 13.84
N ARG B 954 38.50 -27.71 14.79
CA ARG B 954 37.65 -26.58 15.14
C ARG B 954 38.08 -25.28 14.51
N SER B 955 39.33 -25.17 14.07
CA SER B 955 39.85 -23.97 13.43
C SER B 955 40.25 -24.31 12.00
N ASP B 956 39.78 -23.50 11.05
CA ASP B 956 40.09 -23.71 9.63
C ASP B 956 41.40 -23.00 9.27
N THR B 957 42.49 -23.47 9.88
CA THR B 957 43.80 -22.92 9.59
C THR B 957 44.22 -23.17 8.15
N ASN B 958 43.93 -24.37 7.64
CA ASN B 958 44.28 -24.70 6.26
C ASN B 958 43.38 -24.03 5.23
N ASN B 959 42.29 -23.39 5.67
CA ASN B 959 41.34 -22.72 4.78
C ASN B 959 40.78 -23.70 3.75
N GLU B 960 40.08 -24.72 4.26
CA GLU B 960 39.48 -25.74 3.41
C GLU B 960 38.19 -25.28 2.75
N GLN B 961 37.67 -24.11 3.12
CA GLN B 961 36.47 -23.57 2.48
C GLN B 961 36.73 -23.06 1.07
N ARG B 962 37.99 -22.97 0.66
CA ARG B 962 38.31 -22.48 -0.68
C ARG B 962 37.83 -23.46 -1.74
N VAL B 963 37.57 -22.94 -2.93
CA VAL B 963 37.11 -23.77 -4.04
C VAL B 963 38.25 -24.68 -4.48
N SER B 964 37.96 -25.98 -4.57
CA SER B 964 38.97 -26.97 -4.94
C SER B 964 38.26 -28.18 -5.54
N THR B 965 39.06 -29.13 -6.02
CA THR B 965 38.53 -30.34 -6.63
C THR B 965 37.86 -31.26 -5.63
N TYR B 966 38.03 -31.01 -4.33
CA TYR B 966 37.38 -31.85 -3.32
C TYR B 966 35.87 -31.74 -3.39
N PHE B 967 35.36 -30.54 -3.66
CA PHE B 967 33.92 -30.29 -3.73
C PHE B 967 33.34 -30.58 -5.11
N VAL B 968 34.16 -31.00 -6.07
CA VAL B 968 33.70 -31.33 -7.42
C VAL B 968 33.48 -32.84 -7.47
N GLU B 969 32.26 -33.26 -7.80
CA GLU B 969 31.92 -34.67 -7.85
C GLU B 969 31.33 -35.00 -9.22
N ASN B 970 31.33 -36.29 -9.53
CA ASN B 970 30.77 -36.78 -10.79
C ASN B 970 29.25 -36.80 -10.68
N GLY B 971 28.58 -36.00 -11.50
CA GLY B 971 27.15 -35.90 -11.50
C GLY B 971 26.43 -36.88 -12.41
N SER B 972 27.14 -37.85 -12.98
CA SER B 972 26.52 -38.82 -13.86
C SER B 972 25.49 -39.66 -13.10
N PHE B 973 24.34 -39.87 -13.72
CA PHE B 973 23.25 -40.60 -13.09
C PHE B 973 22.37 -41.22 -14.17
N LEU B 974 21.54 -42.16 -13.75
CA LEU B 974 20.56 -42.77 -14.65
C LEU B 974 19.36 -43.17 -13.81
N LYS B 975 18.21 -42.52 -14.03
CA LYS B 975 17.05 -42.72 -13.18
C LYS B 975 15.83 -43.09 -14.01
N LEU B 976 14.96 -43.91 -13.42
CA LEU B 976 13.68 -44.25 -14.00
C LEU B 976 12.72 -43.10 -13.73
N ARG B 977 12.54 -42.24 -14.73
CA ARG B 977 11.71 -41.05 -14.54
C ARG B 977 10.25 -41.42 -14.30
N ASN B 978 9.74 -42.40 -15.04
CA ASN B 978 8.33 -42.76 -14.92
C ASN B 978 8.14 -44.18 -15.44
N ILE B 979 7.51 -45.02 -14.62
CA ILE B 979 7.09 -46.36 -15.02
C ILE B 979 5.58 -46.45 -14.78
N GLN B 980 4.87 -47.11 -15.69
CA GLN B 980 3.42 -47.18 -15.57
C GLN B 980 2.92 -48.50 -16.11
N LEU B 981 2.10 -49.19 -15.31
CA LEU B 981 1.44 -50.42 -15.72
C LEU B 981 -0.06 -50.20 -15.70
N GLY B 982 -0.72 -50.48 -16.82
CA GLY B 982 -2.13 -50.21 -16.95
C GLY B 982 -2.90 -51.40 -17.50
N TYR B 983 -4.20 -51.38 -17.25
CA TYR B 983 -5.13 -52.38 -17.75
C TYR B 983 -6.32 -51.67 -18.40
N THR B 984 -6.64 -52.06 -19.62
CA THR B 984 -7.75 -51.49 -20.38
C THR B 984 -8.90 -52.50 -20.41
N VAL B 985 -10.10 -52.03 -20.10
CA VAL B 985 -11.27 -52.91 -20.12
C VAL B 985 -11.52 -53.37 -21.55
N PRO B 986 -11.80 -54.64 -21.79
CA PRO B 986 -12.06 -55.10 -23.16
C PRO B 986 -13.28 -54.40 -23.76
N ALA B 987 -13.27 -54.31 -25.10
CA ALA B 987 -14.27 -53.50 -25.80
C ALA B 987 -15.68 -54.01 -25.55
N VAL B 988 -15.85 -55.32 -25.43
CA VAL B 988 -17.20 -55.88 -25.28
C VAL B 988 -17.80 -55.50 -23.93
N ILE B 989 -17.00 -55.56 -22.86
CA ILE B 989 -17.49 -55.14 -21.55
C ILE B 989 -17.80 -53.65 -21.54
N SER B 990 -16.94 -52.84 -22.17
CA SER B 990 -17.18 -51.40 -22.22
C SER B 990 -18.47 -51.09 -22.98
N LYS B 991 -18.71 -51.78 -24.08
CA LYS B 991 -19.96 -51.59 -24.82
C LYS B 991 -21.16 -52.07 -24.02
N LYS B 992 -20.99 -53.13 -23.23
CA LYS B 992 -22.06 -53.56 -22.33
C LYS B 992 -22.39 -52.48 -21.31
N MET B 993 -21.36 -51.81 -20.80
CA MET B 993 -21.54 -50.67 -19.91
C MET B 993 -21.68 -49.35 -20.66
N ARG B 994 -21.73 -49.40 -22.01
CA ARG B 994 -21.99 -48.25 -22.87
C ARG B 994 -20.78 -47.32 -22.91
N MET B 995 -19.76 -47.62 -22.11
CA MET B 995 -18.54 -46.82 -22.11
C MET B 995 -17.75 -47.08 -23.39
N ASP B 996 -17.21 -46.00 -23.97
CA ASP B 996 -16.34 -46.17 -25.14
C ASP B 996 -14.94 -46.63 -24.73
N ARG B 997 -14.46 -46.21 -23.57
CA ARG B 997 -13.14 -46.62 -23.10
C ARG B 997 -13.08 -46.50 -21.58
N LEU B 998 -12.54 -47.53 -20.94
CA LEU B 998 -12.34 -47.54 -19.49
C LEU B 998 -10.98 -48.14 -19.20
N ARG B 999 -10.10 -47.35 -18.60
CA ARG B 999 -8.72 -47.79 -18.35
C ARG B 999 -8.33 -47.44 -16.92
N PHE B 1000 -7.47 -48.29 -16.34
CA PHE B 1000 -6.89 -48.03 -15.03
C PHE B 1000 -5.38 -48.16 -15.15
N TYR B 1001 -4.65 -47.46 -14.28
CA TYR B 1001 -3.20 -47.52 -14.34
C TYR B 1001 -2.59 -47.20 -12.98
N CYS B 1002 -1.42 -47.78 -12.73
CA CYS B 1002 -0.62 -47.50 -11.55
C CYS B 1002 0.79 -47.16 -12.00
N SER B 1003 1.34 -46.07 -11.49
CA SER B 1003 2.61 -45.54 -11.96
C SER B 1003 3.50 -45.15 -10.79
N ALA B 1004 4.80 -45.16 -11.05
CA ALA B 1004 5.82 -44.72 -10.11
C ALA B 1004 6.72 -43.72 -10.81
N GLN B 1005 6.92 -42.56 -10.18
CA GLN B 1005 7.76 -41.50 -10.69
C GLN B 1005 8.95 -41.31 -9.76
N ASN B 1006 10.15 -41.25 -10.33
CA ASN B 1006 11.40 -41.13 -9.58
C ASN B 1006 11.56 -42.29 -8.58
N LEU B 1007 11.14 -43.49 -9.00
CA LEU B 1007 11.18 -44.63 -8.11
C LEU B 1007 12.60 -45.12 -7.87
N LEU B 1008 13.40 -45.24 -8.92
CA LEU B 1008 14.72 -45.83 -8.82
C LEU B 1008 15.73 -44.98 -9.56
N THR B 1009 16.97 -44.99 -9.07
CA THR B 1009 18.06 -44.24 -9.70
C THR B 1009 19.37 -44.96 -9.44
N ILE B 1010 20.34 -44.72 -10.32
CA ILE B 1010 21.70 -45.24 -10.19
C ILE B 1010 22.65 -44.06 -10.31
N LYS B 1011 23.57 -43.95 -9.35
CA LYS B 1011 24.54 -42.87 -9.28
C LYS B 1011 25.94 -43.42 -9.37
N SER B 1012 26.91 -42.52 -9.48
CA SER B 1012 28.31 -42.88 -9.53
C SER B 1012 28.88 -43.07 -8.14
N LYS B 1013 29.89 -43.94 -8.03
CA LYS B 1013 30.51 -44.19 -6.73
C LYS B 1013 31.27 -42.97 -6.23
N ASN B 1014 31.72 -42.09 -7.14
CA ASN B 1014 32.43 -40.90 -6.72
C ASN B 1014 31.52 -39.92 -5.99
N PHE B 1015 30.25 -39.86 -6.39
CA PHE B 1015 29.29 -38.96 -5.76
C PHE B 1015 29.00 -39.42 -4.33
N THR B 1016 29.53 -38.70 -3.34
CA THR B 1016 29.33 -39.09 -1.95
C THR B 1016 27.92 -38.78 -1.47
N GLY B 1017 27.28 -37.78 -2.07
CA GLY B 1017 25.94 -37.38 -1.66
C GLY B 1017 24.87 -38.22 -2.32
N GLU B 1018 23.66 -37.67 -2.35
CA GLU B 1018 22.50 -38.33 -2.93
C GLU B 1018 21.77 -37.35 -3.84
N ASP B 1019 20.88 -37.90 -4.68
CA ASP B 1019 20.10 -37.14 -5.65
C ASP B 1019 21.03 -36.30 -6.53
N PRO B 1020 21.75 -36.92 -7.47
CA PRO B 1020 22.68 -36.15 -8.31
C PRO B 1020 22.00 -35.05 -9.11
N GLU B 1021 20.73 -35.22 -9.46
CA GLU B 1021 20.01 -34.16 -10.17
C GLU B 1021 19.91 -32.89 -9.33
N ASN B 1022 19.68 -33.04 -8.03
CA ASN B 1022 19.55 -31.91 -7.10
C ASN B 1022 20.52 -32.13 -5.95
N PRO B 1023 21.81 -31.84 -6.16
CA PRO B 1023 22.80 -32.08 -5.10
C PRO B 1023 22.98 -30.89 -4.18
N ASN B 1024 22.05 -29.94 -4.23
CA ASN B 1024 22.13 -28.71 -3.44
C ASN B 1024 21.01 -28.68 -2.41
N PHE B 1025 20.92 -27.57 -1.68
CA PHE B 1025 19.96 -27.40 -0.60
C PHE B 1025 18.60 -26.90 -1.09
N SER B 1026 18.29 -27.11 -2.37
CA SER B 1026 17.00 -26.68 -2.92
C SER B 1026 15.93 -27.69 -2.54
N TYR B 1027 14.75 -27.56 -3.16
CA TYR B 1027 13.64 -28.45 -2.84
C TYR B 1027 13.98 -29.87 -3.28
N PRO B 1028 13.68 -30.87 -2.45
CA PRO B 1028 13.97 -32.26 -2.82
C PRO B 1028 12.98 -32.80 -3.85
N ILE B 1029 13.41 -33.89 -4.49
CA ILE B 1029 12.59 -34.60 -5.48
C ILE B 1029 12.05 -35.86 -4.82
N PRO B 1030 10.74 -35.99 -4.65
CA PRO B 1030 10.18 -37.17 -3.97
C PRO B 1030 9.83 -38.28 -4.95
N VAL B 1031 9.50 -39.45 -4.37
CA VAL B 1031 9.01 -40.59 -5.14
C VAL B 1031 7.49 -40.54 -5.14
N ASN B 1032 6.91 -40.63 -6.34
CA ASN B 1032 5.45 -40.54 -6.49
C ASN B 1032 4.89 -41.91 -6.83
N ILE B 1033 3.88 -42.34 -6.09
CA ILE B 1033 3.13 -43.55 -6.39
C ILE B 1033 1.70 -43.14 -6.70
N THR B 1034 1.27 -43.38 -7.94
CA THR B 1034 0.04 -42.81 -8.47
C THR B 1034 -0.89 -43.93 -8.94
N PHE B 1035 -2.18 -43.77 -8.68
CA PHE B 1035 -3.23 -44.62 -9.23
C PHE B 1035 -4.24 -43.75 -9.95
N GLY B 1036 -4.56 -44.10 -11.19
CA GLY B 1036 -5.41 -43.26 -12.01
C GLY B 1036 -6.37 -44.09 -12.83
N LEU B 1037 -7.44 -43.42 -13.26
CA LEU B 1037 -8.46 -44.03 -14.09
C LEU B 1037 -8.89 -43.05 -15.18
N ASN B 1038 -9.26 -43.61 -16.33
CA ASN B 1038 -9.72 -42.84 -17.48
C ASN B 1038 -11.03 -43.44 -17.97
N ILE B 1039 -12.03 -42.58 -18.18
CA ILE B 1039 -13.36 -42.98 -18.61
C ILE B 1039 -13.72 -42.22 -19.88
N GLY B 1040 -14.25 -42.93 -20.87
CA GLY B 1040 -14.59 -42.33 -22.14
C GLY B 1040 -16.07 -42.39 -22.48
N PHE B 1041 -16.92 -41.96 -21.56
CA PHE B 1041 -18.37 -41.94 -21.76
C PHE B 1041 -18.78 -41.40 -23.13
N ASP C 20 -22.04 -29.09 9.61
CA ASP C 20 -22.26 -28.03 8.63
C ASP C 20 -21.50 -26.76 9.02
N ASP C 21 -20.22 -26.69 8.61
CA ASP C 21 -19.37 -25.55 8.91
C ASP C 21 -19.29 -24.57 7.75
N PHE C 22 -20.14 -24.72 6.74
CA PHE C 22 -20.12 -23.80 5.60
C PHE C 22 -20.47 -22.38 6.03
N LEU C 23 -21.44 -22.23 6.93
CA LEU C 23 -21.90 -20.93 7.39
C LEU C 23 -21.10 -20.40 8.58
N ASP C 24 -20.09 -21.15 9.05
CA ASP C 24 -19.27 -20.72 10.17
C ASP C 24 -17.80 -20.61 9.83
N ARG C 25 -17.39 -20.95 8.60
CA ARG C 25 -15.98 -20.89 8.24
C ARG C 25 -15.46 -19.46 8.26
N GLN C 26 -16.25 -18.52 7.75
CA GLN C 26 -15.79 -17.14 7.65
C GLN C 26 -16.03 -16.39 8.96
N VAL C 27 -15.05 -15.55 9.32
CA VAL C 27 -15.07 -14.82 10.58
C VAL C 27 -14.78 -13.36 10.30
N PRO C 28 -15.17 -12.46 11.20
CA PRO C 28 -14.86 -11.04 11.00
C PRO C 28 -13.36 -10.81 10.89
N GLN C 29 -12.98 -9.86 10.04
CA GLN C 29 -11.59 -9.59 9.72
C GLN C 29 -11.22 -8.18 10.16
N GLY C 30 -10.08 -8.06 10.84
CA GLY C 30 -9.54 -6.76 11.19
C GLY C 30 -10.21 -6.05 12.34
N ILE C 31 -11.08 -6.73 13.09
CA ILE C 31 -11.80 -6.12 14.20
C ILE C 31 -11.66 -7.01 15.43
N VAL C 32 -12.02 -6.46 16.57
CA VAL C 32 -12.02 -7.17 17.85
C VAL C 32 -13.45 -7.25 18.36
N THR C 33 -13.88 -8.45 18.71
CA THR C 33 -15.25 -8.65 19.17
C THR C 33 -15.45 -8.02 20.54
N GLY C 34 -16.72 -7.86 20.92
CA GLY C 34 -17.05 -7.19 22.16
C GLY C 34 -16.66 -7.98 23.39
N ASP C 35 -16.61 -9.30 23.28
CA ASP C 35 -16.24 -10.13 24.41
C ASP C 35 -14.73 -10.22 24.62
N GLN C 36 -13.93 -9.71 23.69
CA GLN C 36 -12.48 -9.73 23.80
C GLN C 36 -11.89 -8.38 24.19
N ILE C 37 -12.68 -7.30 24.12
CA ILE C 37 -12.16 -5.98 24.47
C ILE C 37 -11.94 -5.83 25.97
N ALA C 38 -12.52 -6.72 26.77
CA ALA C 38 -12.36 -6.68 28.21
C ALA C 38 -11.11 -7.40 28.70
N SER C 39 -10.32 -7.97 27.79
CA SER C 39 -9.13 -8.70 28.18
C SER C 39 -8.10 -7.74 28.77
N PRO C 40 -7.30 -8.19 29.75
CA PRO C 40 -6.36 -7.29 30.41
C PRO C 40 -5.28 -6.72 29.50
N GLU C 41 -5.00 -7.35 28.36
CA GLU C 41 -3.93 -6.86 27.50
C GLU C 41 -4.34 -5.68 26.62
N TYR C 42 -5.62 -5.30 26.62
CA TYR C 42 -6.08 -4.19 25.81
C TYR C 42 -6.51 -2.98 26.62
N VAL C 43 -6.66 -3.11 27.94
CA VAL C 43 -7.24 -2.03 28.75
C VAL C 43 -6.41 -0.76 28.63
N ASP C 44 -5.08 -0.88 28.69
CA ASP C 44 -4.22 0.29 28.52
C ASP C 44 -4.49 0.97 27.19
N ASN C 45 -4.62 0.18 26.12
CA ASN C 45 -4.98 0.74 24.83
C ASN C 45 -6.29 1.52 24.92
N LEU C 46 -7.29 0.93 25.59
CA LEU C 46 -8.56 1.64 25.77
C LEU C 46 -8.35 2.97 26.49
N VAL C 47 -7.43 2.99 27.46
CA VAL C 47 -7.12 4.24 28.15
C VAL C 47 -6.69 5.30 27.15
N ILE C 48 -5.81 4.92 26.22
CA ILE C 48 -5.37 5.87 25.20
C ILE C 48 -6.56 6.37 24.40
N SER C 49 -7.53 5.48 24.12
CA SER C 49 -8.73 5.89 23.40
C SER C 49 -9.41 7.05 24.12
N ALA C 50 -9.54 6.96 25.45
CA ALA C 50 -10.22 8.00 26.21
C ALA C 50 -9.53 9.35 26.07
N TYR C 51 -8.25 9.36 25.73
CA TYR C 51 -7.56 10.61 25.47
C TYR C 51 -7.68 11.03 24.01
N ALA C 52 -7.66 10.07 23.09
CA ALA C 52 -7.62 10.39 21.68
C ALA C 52 -8.86 11.14 21.22
N ILE C 53 -10.01 10.86 21.85
CA ILE C 53 -11.25 11.55 21.48
C ILE C 53 -11.14 13.04 21.74
N TRP C 54 -10.28 13.45 22.67
CA TRP C 54 -10.11 14.88 22.95
C TRP C 54 -9.22 15.56 21.93
N ALA C 55 -8.57 14.81 21.04
CA ALA C 55 -7.75 15.38 19.98
C ALA C 55 -8.22 15.03 18.58
N THR C 56 -9.03 13.99 18.41
CA THR C 56 -9.51 13.58 17.10
C THR C 56 -11.04 13.59 17.00
N GLY C 57 -11.75 13.84 18.10
CA GLY C 57 -13.20 13.79 18.08
C GLY C 57 -13.86 15.14 18.00
N ASP C 58 -13.11 16.16 17.58
CA ASP C 58 -13.62 17.53 17.47
C ASP C 58 -13.64 17.96 16.01
N ASP C 59 -14.71 18.63 15.62
CA ASP C 59 -14.88 19.12 14.26
C ASP C 59 -14.63 20.62 14.20
N ILE C 60 -14.61 21.16 12.98
CA ILE C 60 -14.41 22.59 12.80
C ILE C 60 -15.58 23.38 13.36
N ASN C 61 -16.81 22.89 13.18
CA ASN C 61 -17.99 23.54 13.70
C ASN C 61 -18.35 23.08 15.10
N SER C 62 -17.67 22.07 15.64
CA SER C 62 -17.93 21.57 16.99
C SER C 62 -16.57 21.23 17.61
N SER C 63 -16.02 22.19 18.34
CA SER C 63 -14.74 22.04 19.01
C SER C 63 -14.93 22.01 20.52
N PHE C 64 -14.11 21.22 21.20
CA PHE C 64 -14.19 21.08 22.65
C PHE C 64 -13.76 22.35 23.38
N SER C 65 -13.11 23.28 22.70
CA SER C 65 -12.83 24.58 23.30
C SER C 65 -14.08 25.44 23.41
N LEU C 66 -15.15 25.07 22.71
CA LEU C 66 -16.43 25.79 22.74
C LEU C 66 -16.28 27.24 22.28
N TRP C 67 -15.38 27.48 21.32
CA TRP C 67 -15.26 28.82 20.76
C TRP C 67 -16.40 29.14 19.80
N ASN C 68 -16.98 28.12 19.17
CA ASN C 68 -18.10 28.35 18.26
C ASN C 68 -19.31 28.88 19.01
N TYR C 69 -19.57 28.37 20.20
CA TYR C 69 -20.70 28.81 21.02
C TYR C 69 -20.34 29.99 21.91
N ASP C 70 -19.10 30.46 21.91
CA ASP C 70 -18.68 31.61 22.68
C ASP C 70 -18.92 32.92 21.93
N VAL C 71 -19.36 32.86 20.68
CA VAL C 71 -19.65 34.09 19.93
C VAL C 71 -20.85 34.83 20.51
N ARG C 72 -21.65 34.16 21.36
CA ARG C 72 -22.78 34.82 22.00
C ARG C 72 -22.34 35.93 22.95
N SER C 73 -21.12 35.86 23.47
CA SER C 73 -20.62 36.86 24.41
C SER C 73 -20.17 38.11 23.65
N ASP C 74 -19.59 39.06 24.37
CA ASP C 74 -19.14 40.31 23.80
C ASP C 74 -17.67 40.27 23.36
N ASP C 75 -17.01 39.13 23.49
CA ASP C 75 -15.58 39.06 23.21
C ASP C 75 -15.29 39.12 21.71
N CYS C 76 -16.06 38.39 20.90
CA CYS C 76 -15.74 38.24 19.50
C CYS C 76 -17.02 38.09 18.67
N TYR C 77 -16.89 38.35 17.38
CA TYR C 77 -17.95 38.10 16.42
C TYR C 77 -17.79 36.69 15.84
N LYS C 78 -18.53 36.40 14.78
CA LYS C 78 -18.35 35.18 14.01
C LYS C 78 -17.78 35.54 12.64
N GLY C 79 -16.67 34.91 12.27
CA GLY C 79 -16.00 35.20 11.02
C GLY C 79 -16.71 34.62 9.81
N GLY C 80 -15.94 34.37 8.76
CA GLY C 80 -16.46 33.82 7.52
C GLY C 80 -16.79 34.92 6.52
N SER C 81 -17.34 34.47 5.39
CA SER C 81 -17.72 35.40 4.32
C SER C 81 -18.82 36.35 4.78
N GLY C 82 -19.80 35.84 5.52
CA GLY C 82 -20.89 36.66 5.97
C GLY C 82 -21.74 35.95 6.99
N THR C 83 -22.95 36.49 7.20
CA THR C 83 -23.86 35.93 8.18
C THR C 83 -24.30 34.51 7.78
N GLU C 84 -24.50 34.28 6.48
CA GLU C 84 -24.94 32.97 6.02
C GLU C 84 -23.90 31.89 6.25
N ASP C 85 -22.63 32.25 6.37
CA ASP C 85 -21.58 31.28 6.67
C ASP C 85 -21.71 30.85 8.12
N GLY C 86 -22.38 29.74 8.36
CA GLY C 86 -22.73 29.34 9.72
C GLY C 86 -23.96 30.08 10.21
N GLY C 87 -25.09 29.87 9.52
CA GLY C 87 -26.30 30.61 9.85
C GLY C 87 -26.80 30.33 11.24
N VAL C 88 -26.73 29.07 11.68
CA VAL C 88 -27.14 28.73 13.03
C VAL C 88 -26.24 29.41 14.05
N PHE C 89 -24.94 29.48 13.77
CA PHE C 89 -24.03 30.18 14.68
C PHE C 89 -24.28 31.68 14.67
N ASN C 90 -24.64 32.25 13.52
CA ASN C 90 -25.01 33.66 13.48
C ASN C 90 -26.26 33.91 14.31
N ALA C 91 -27.26 33.02 14.22
CA ALA C 91 -28.46 33.15 15.05
C ALA C 91 -28.12 33.05 16.53
N LEU C 92 -27.22 32.14 16.88
CA LEU C 92 -26.77 32.04 18.27
C LEU C 92 -26.08 33.32 18.72
N GLU C 93 -25.24 33.90 17.87
CA GLU C 93 -24.55 35.13 18.20
C GLU C 93 -25.54 36.28 18.41
N ILE C 94 -26.54 36.40 17.53
CA ILE C 94 -27.54 37.45 17.68
C ILE C 94 -28.65 37.09 18.65
N SER C 95 -28.68 35.84 19.13
CA SER C 95 -29.67 35.38 20.10
C SER C 95 -31.09 35.53 19.58
N LYS C 96 -31.27 35.50 18.26
CA LYS C 96 -32.56 35.61 17.62
C LYS C 96 -32.71 34.54 16.56
N GLY C 97 -33.92 34.00 16.43
CA GLY C 97 -34.18 32.96 15.45
C GLY C 97 -33.46 31.66 15.72
N ILE C 98 -33.38 31.25 16.99
CA ILE C 98 -32.73 30.00 17.37
C ILE C 98 -33.78 28.91 17.49
N ASN C 99 -33.56 27.81 16.80
CA ASN C 99 -34.48 26.68 16.78
C ASN C 99 -33.84 25.48 17.47
N THR C 100 -34.66 24.71 18.20
CA THR C 100 -34.18 23.52 18.87
C THR C 100 -33.70 22.45 17.89
N THR C 101 -34.16 22.51 16.63
CA THR C 101 -33.72 21.56 15.61
C THR C 101 -32.49 22.11 14.87
N ASP C 102 -31.45 22.40 15.65
CA ASP C 102 -30.19 22.92 15.14
C ASP C 102 -29.16 21.81 15.10
N TRP C 103 -28.46 21.70 13.96
CA TRP C 103 -27.51 20.61 13.77
C TRP C 103 -26.29 20.75 14.68
N ASN C 104 -25.83 21.98 14.94
CA ASN C 104 -24.64 22.18 15.75
C ASN C 104 -24.85 21.73 17.18
N ILE C 105 -26.02 22.03 17.76
CA ILE C 105 -26.29 21.66 19.14
C ILE C 105 -26.30 20.15 19.30
N ASN C 106 -27.04 19.47 18.41
CA ASN C 106 -27.08 18.00 18.46
C ASN C 106 -25.69 17.42 18.20
N ASP C 107 -24.92 18.04 17.31
CA ASP C 107 -23.58 17.54 17.01
C ASP C 107 -22.68 17.61 18.25
N ILE C 108 -22.67 18.75 18.94
CA ILE C 108 -21.81 18.89 20.11
C ILE C 108 -22.29 17.97 21.23
N TRP C 109 -23.61 17.83 21.38
CA TRP C 109 -24.16 16.90 22.36
C TRP C 109 -23.67 15.48 22.09
N LYS C 110 -23.77 15.05 20.84
CA LYS C 110 -23.36 13.68 20.47
C LYS C 110 -21.86 13.49 20.66
N ARG C 111 -21.05 14.49 20.30
CA ARG C 111 -19.61 14.35 20.44
C ARG C 111 -19.20 14.26 21.90
N LEU C 112 -19.76 15.10 22.76
CA LEU C 112 -19.42 15.05 24.18
C LEU C 112 -19.89 13.75 24.81
N TYR C 113 -21.06 13.24 24.40
CA TYR C 113 -21.49 11.96 24.94
C TYR C 113 -20.69 10.79 24.36
N GLN C 114 -20.12 10.95 23.16
CA GLN C 114 -19.17 9.95 22.67
C GLN C 114 -17.91 9.94 23.53
N CYS C 115 -17.42 11.12 23.92
CA CYS C 115 -16.31 11.18 24.85
C CYS C 115 -16.64 10.49 26.16
N ILE C 116 -17.84 10.75 26.69
CA ILE C 116 -18.29 10.11 27.92
C ILE C 116 -18.35 8.60 27.74
N THR C 117 -18.82 8.14 26.58
CA THR C 117 -18.91 6.71 26.32
C THR C 117 -17.54 6.06 26.29
N ARG C 118 -16.56 6.72 25.65
CA ARG C 118 -15.21 6.18 25.67
C ARG C 118 -14.66 6.11 27.09
N ALA C 119 -14.88 7.15 27.88
CA ALA C 119 -14.42 7.15 29.26
C ALA C 119 -15.08 6.03 30.06
N ASN C 120 -16.38 5.82 29.85
CA ASN C 120 -17.10 4.77 30.56
C ASN C 120 -16.62 3.39 30.15
N THR C 121 -16.33 3.20 28.86
CA THR C 121 -15.78 1.93 28.41
C THR C 121 -14.41 1.66 29.05
N ALA C 122 -13.57 2.69 29.12
CA ALA C 122 -12.27 2.53 29.78
C ALA C 122 -12.46 2.18 31.26
N LEU C 123 -13.39 2.85 31.93
CA LEU C 123 -13.65 2.56 33.34
C LEU C 123 -14.16 1.14 33.54
N GLN C 124 -15.06 0.69 32.66
CA GLN C 124 -15.58 -0.67 32.76
C GLN C 124 -14.49 -1.70 32.55
N SER C 125 -13.60 -1.44 31.58
CA SER C 125 -12.48 -2.36 31.36
C SER C 125 -11.54 -2.37 32.56
N LEU C 126 -11.32 -1.20 33.18
CA LEU C 126 -10.40 -1.12 34.32
C LEU C 126 -10.97 -1.77 35.56
N ASP C 127 -12.28 -1.70 35.76
CA ASP C 127 -12.89 -2.17 37.01
C ASP C 127 -12.78 -3.68 37.18
N GLN C 128 -12.51 -4.42 36.11
CA GLN C 128 -12.43 -5.89 36.17
C GLN C 128 -10.99 -6.38 36.25
N MET C 129 -10.12 -5.66 36.95
CA MET C 129 -8.71 -6.00 37.04
C MET C 129 -8.30 -6.12 38.51
N ASP C 130 -7.38 -7.04 38.77
CA ASP C 130 -6.85 -7.24 40.11
C ASP C 130 -5.86 -6.14 40.45
N GLU C 131 -5.90 -5.68 41.71
CA GLU C 131 -5.01 -4.60 42.14
C GLU C 131 -3.55 -5.04 42.10
N LYS C 132 -3.26 -6.26 42.55
CA LYS C 132 -1.87 -6.72 42.57
C LYS C 132 -1.31 -6.86 41.17
N THR C 133 -2.11 -7.37 40.22
CA THR C 133 -1.63 -7.53 38.85
C THR C 133 -1.42 -6.18 38.18
N TYR C 134 -2.25 -5.18 38.48
CA TYR C 134 -2.18 -3.85 37.88
C TYR C 134 -2.02 -2.82 38.99
N PRO C 135 -0.78 -2.50 39.39
CA PRO C 135 -0.59 -1.51 40.46
C PRO C 135 -1.14 -0.14 40.14
N LEU C 136 -1.13 0.27 38.88
CA LEU C 136 -1.59 1.59 38.47
C LEU C 136 -3.08 1.62 38.13
N LYS C 137 -3.87 0.68 38.67
CA LYS C 137 -5.29 0.66 38.39
C LYS C 137 -5.98 1.90 38.92
N ASN C 138 -5.64 2.32 40.14
CA ASN C 138 -6.26 3.50 40.74
C ASN C 138 -5.97 4.76 39.93
N GLN C 139 -4.73 4.91 39.47
CA GLN C 139 -4.37 6.10 38.70
C GLN C 139 -5.13 6.16 37.38
N ARG C 140 -5.21 5.03 36.68
CA ARG C 140 -5.96 5.01 35.42
C ARG C 140 -7.44 5.26 35.64
N ILE C 141 -8.01 4.69 36.71
CA ILE C 141 -9.41 4.93 37.02
C ILE C 141 -9.63 6.42 37.32
N ALA C 142 -8.72 7.02 38.07
CA ALA C 142 -8.84 8.44 38.39
C ALA C 142 -8.76 9.30 37.13
N GLU C 143 -7.85 8.94 36.21
CA GLU C 143 -7.75 9.68 34.94
C GLU C 143 -9.04 9.56 34.13
N MET C 144 -9.61 8.35 34.07
CA MET C 144 -10.86 8.16 33.33
C MET C 144 -12.00 8.95 33.95
N ARG C 145 -12.08 8.94 35.29
CA ARG C 145 -13.11 9.72 35.97
C ARG C 145 -12.90 11.21 35.73
N PHE C 146 -11.65 11.67 35.69
CA PHE C 146 -11.38 13.07 35.41
C PHE C 146 -11.84 13.45 34.01
N LEU C 147 -11.56 12.60 33.02
CA LEU C 147 -12.02 12.88 31.66
C LEU C 147 -13.53 12.90 31.56
N ARG C 148 -14.19 11.93 32.19
CA ARG C 148 -15.65 11.89 32.18
C ARG C 148 -16.25 13.12 32.86
N GLY C 149 -15.65 13.54 33.99
CA GLY C 149 -16.12 14.72 34.67
C GLY C 149 -15.89 15.98 33.87
N HIS C 150 -14.78 16.06 33.14
CA HIS C 150 -14.55 17.21 32.26
C HIS C 150 -15.61 17.29 31.17
N ALA C 151 -15.93 16.15 30.56
CA ALA C 151 -16.99 16.14 29.54
C ALA C 151 -18.33 16.52 30.15
N HIS C 152 -18.64 16.01 31.33
CA HIS C 152 -19.90 16.34 31.99
C HIS C 152 -19.96 17.82 32.35
N PHE C 153 -18.84 18.38 32.79
CA PHE C 153 -18.80 19.81 33.12
C PHE C 153 -19.01 20.65 31.87
N MET C 154 -18.42 20.26 30.75
CA MET C 154 -18.64 21.02 29.51
C MET C 154 -20.09 20.92 29.07
N LEU C 155 -20.71 19.74 29.20
CA LEU C 155 -22.14 19.63 28.90
C LEU C 155 -22.98 20.50 29.83
N LYS C 156 -22.64 20.52 31.12
CA LYS C 156 -23.40 21.31 32.07
C LYS C 156 -23.27 22.80 31.77
N GLN C 157 -22.08 23.23 31.36
CA GLN C 157 -21.90 24.62 30.92
C GLN C 157 -22.75 24.91 29.69
N LEU C 158 -22.77 23.97 28.73
CA LEU C 158 -23.54 24.19 27.51
C LEU C 158 -25.04 24.06 27.79
N PHE C 159 -25.44 23.04 28.53
CA PHE C 159 -26.85 22.78 28.82
C PHE C 159 -27.03 22.63 30.32
N LYS C 160 -28.02 23.34 30.87
CA LYS C 160 -28.30 23.22 32.31
C LYS C 160 -28.75 21.82 32.66
N LYS C 161 -29.64 21.23 31.86
CA LYS C 161 -30.17 19.90 32.12
C LYS C 161 -29.45 18.90 31.22
N ILE C 162 -28.62 18.05 31.83
CA ILE C 162 -27.85 17.04 31.11
C ILE C 162 -28.04 15.70 31.82
N VAL C 163 -27.79 14.63 31.07
CA VAL C 163 -27.89 13.27 31.60
C VAL C 163 -26.54 12.90 32.21
N ILE C 164 -26.56 12.50 33.49
CA ILE C 164 -25.35 12.12 34.21
C ILE C 164 -25.12 10.64 33.96
N VAL C 165 -24.24 10.34 33.01
CA VAL C 165 -23.88 8.96 32.68
C VAL C 165 -22.62 8.64 33.47
N ASN C 166 -22.79 8.16 34.69
CA ASN C 166 -21.68 7.82 35.58
C ASN C 166 -21.70 6.35 36.00
N ASP C 167 -22.36 5.50 35.21
CA ASP C 167 -22.44 4.06 35.50
C ASP C 167 -21.79 3.33 34.32
N GLU C 168 -20.53 2.92 34.50
CA GLU C 168 -19.83 2.21 33.45
C GLU C 168 -20.37 0.80 33.25
N ASN C 169 -20.85 0.17 34.32
CA ASN C 169 -21.39 -1.19 34.25
C ASN C 169 -22.90 -1.14 34.00
N MET C 170 -23.28 -0.45 32.92
CA MET C 170 -24.67 -0.28 32.54
C MET C 170 -24.87 -0.83 31.14
N GLU C 171 -25.91 -1.64 30.96
CA GLU C 171 -26.23 -2.20 29.66
C GLU C 171 -26.69 -1.10 28.70
N PRO C 172 -26.44 -1.26 27.40
CA PRO C 172 -26.88 -0.23 26.44
C PRO C 172 -28.38 0.01 26.45
N ASP C 173 -29.18 -1.04 26.65
CA ASP C 173 -30.63 -0.87 26.65
C ASP C 173 -31.09 0.06 27.76
N ALA C 174 -30.48 -0.04 28.95
CA ALA C 174 -30.80 0.86 30.04
C ALA C 174 -30.53 2.32 29.70
N TYR C 175 -29.68 2.57 28.69
CA TYR C 175 -29.46 3.94 28.24
C TYR C 175 -30.73 4.59 27.72
N ASN C 176 -31.71 3.80 27.30
CA ASN C 176 -32.99 4.35 26.87
C ASN C 176 -33.82 4.84 28.04
N GLU C 177 -33.52 4.39 29.26
CA GLU C 177 -34.26 4.81 30.44
C GLU C 177 -33.63 6.00 31.15
N LEU C 178 -32.49 6.49 30.67
CA LEU C 178 -31.83 7.62 31.29
C LEU C 178 -32.62 8.90 31.07
N SER C 179 -32.62 9.77 32.07
CA SER C 179 -33.32 11.05 32.00
C SER C 179 -32.43 12.14 32.57
N ASN C 180 -32.65 13.37 32.10
CA ASN C 180 -31.89 14.51 32.56
C ASN C 180 -32.48 15.16 33.80
N THR C 181 -33.66 14.74 34.24
CA THR C 181 -34.30 15.28 35.43
C THR C 181 -34.21 14.33 36.63
N THR C 182 -33.38 13.29 36.54
CA THR C 182 -33.22 12.39 37.68
C THR C 182 -32.62 13.12 38.87
N TYR C 183 -31.64 13.98 38.63
CA TYR C 183 -31.00 14.77 39.66
C TYR C 183 -31.25 16.25 39.39
N THR C 184 -31.38 17.03 40.47
CA THR C 184 -31.57 18.47 40.35
C THR C 184 -30.25 19.14 39.98
N ASN C 185 -30.27 20.47 39.89
CA ASN C 185 -29.08 21.21 39.52
C ASN C 185 -27.97 21.01 40.54
N ASP C 186 -28.29 21.14 41.82
CA ASP C 186 -27.30 20.93 42.87
C ASP C 186 -26.82 19.48 42.89
N GLU C 187 -27.74 18.53 42.75
CA GLU C 187 -27.37 17.12 42.74
C GLU C 187 -26.50 16.79 41.52
N GLN C 188 -26.83 17.36 40.36
CA GLN C 188 -25.99 17.15 39.18
C GLN C 188 -24.60 17.73 39.37
N TRP C 189 -24.51 18.91 39.97
CA TRP C 189 -23.20 19.50 40.25
C TRP C 189 -22.41 18.61 41.20
N GLN C 190 -23.07 18.07 42.23
CA GLN C 190 -22.38 17.19 43.17
C GLN C 190 -21.91 15.91 42.49
N LYS C 191 -22.73 15.35 41.61
CA LYS C 191 -22.34 14.15 40.87
C LYS C 191 -21.14 14.44 39.98
N ILE C 192 -21.13 15.59 39.32
CA ILE C 192 -19.98 15.96 38.48
C ILE C 192 -18.73 16.15 39.34
N ALA C 193 -18.87 16.77 40.51
CA ALA C 193 -17.73 17.03 41.37
C ALA C 193 -17.21 15.78 42.06
N ASP C 194 -18.04 14.74 42.18
CA ASP C 194 -17.58 13.50 42.82
C ASP C 194 -16.42 12.87 42.05
N ASP C 195 -16.50 12.89 40.72
CA ASP C 195 -15.42 12.33 39.90
C ASP C 195 -14.12 13.09 40.14
N PHE C 196 -14.18 14.42 40.22
CA PHE C 196 -12.99 15.21 40.48
C PHE C 196 -12.46 14.94 41.88
N GLN C 197 -13.35 14.76 42.86
CA GLN C 197 -12.91 14.43 44.20
C GLN C 197 -12.16 13.10 44.22
N PHE C 198 -12.70 12.10 43.52
CA PHE C 198 -12.03 10.79 43.45
C PHE C 198 -10.68 10.91 42.74
N ALA C 199 -10.63 11.68 41.64
CA ALA C 199 -9.38 11.86 40.92
C ALA C 199 -8.33 12.53 41.80
N TYR C 200 -8.72 13.59 42.51
CA TYR C 200 -7.79 14.27 43.41
C TYR C 200 -7.31 13.33 44.52
N ASP C 201 -8.21 12.50 45.04
CA ASP C 201 -7.82 11.55 46.07
C ASP C 201 -6.95 10.42 45.53
N ASN C 202 -6.96 10.18 44.21
CA ASN C 202 -6.24 9.06 43.63
C ASN C 202 -5.10 9.43 42.68
N LEU C 203 -5.15 10.61 42.05
CA LEU C 203 -4.13 10.95 41.08
C LEU C 203 -2.79 11.21 41.76
N PRO C 204 -1.67 10.89 41.10
CA PRO C 204 -0.36 11.15 41.69
C PRO C 204 -0.05 12.63 41.72
N GLU C 205 0.89 12.98 42.61
CA GLU C 205 1.28 14.39 42.75
C GLU C 205 1.92 14.92 41.47
N VAL C 206 2.79 14.13 40.84
CA VAL C 206 3.48 14.53 39.63
C VAL C 206 3.36 13.42 38.61
N GLN C 207 3.12 13.79 37.35
CA GLN C 207 2.99 12.85 36.25
C GLN C 207 4.16 13.02 35.30
N ILE C 208 4.85 11.91 35.00
CA ILE C 208 5.96 11.96 34.06
C ILE C 208 5.46 12.30 32.66
N GLU C 209 4.29 11.82 32.28
CA GLU C 209 3.70 12.11 30.99
C GLU C 209 2.78 13.31 31.12
N LYS C 210 3.02 14.34 30.31
CA LYS C 210 2.24 15.57 30.40
C LYS C 210 0.78 15.37 29.99
N GLY C 211 0.49 14.35 29.18
CA GLY C 211 -0.88 14.11 28.78
C GLY C 211 -1.78 13.71 29.94
N ARG C 212 -1.27 12.86 30.83
CA ARG C 212 -2.07 12.43 31.98
C ARG C 212 -2.22 13.57 32.97
N PRO C 213 -3.44 13.89 33.39
CA PRO C 213 -3.61 14.95 34.39
C PRO C 213 -3.02 14.58 35.74
N ALA C 214 -2.59 15.60 36.47
CA ALA C 214 -1.98 15.41 37.78
C ALA C 214 -2.99 15.72 38.88
N GLN C 215 -2.55 15.58 40.13
CA GLN C 215 -3.42 15.87 41.27
C GLN C 215 -3.79 17.35 41.31
N ALA C 216 -2.84 18.22 40.99
CA ALA C 216 -3.11 19.66 41.02
C ALA C 216 -4.18 20.04 40.00
N ALA C 217 -4.13 19.45 38.81
CA ALA C 217 -5.14 19.73 37.80
C ALA C 217 -6.53 19.28 38.26
N ALA C 218 -6.60 18.09 38.87
CA ALA C 218 -7.88 17.62 39.39
C ALA C 218 -8.41 18.52 40.49
N ALA C 219 -7.53 18.97 41.39
CA ALA C 219 -7.95 19.87 42.45
C ALA C 219 -8.45 21.20 41.89
N ALA C 220 -7.74 21.75 40.91
CA ALA C 220 -8.14 23.02 40.31
C ALA C 220 -9.48 22.89 39.60
N TYR C 221 -9.69 21.80 38.87
CA TYR C 221 -10.94 21.64 38.14
C TYR C 221 -12.09 21.35 39.09
N LEU C 222 -11.82 20.66 40.20
CA LEU C 222 -12.82 20.49 41.25
C LEU C 222 -13.18 21.83 41.88
N ALA C 223 -12.19 22.70 42.07
CA ALA C 223 -12.46 24.04 42.58
C ALA C 223 -13.33 24.82 41.61
N LYS C 224 -13.05 24.69 40.31
CA LYS C 224 -13.90 25.32 39.30
C LYS C 224 -15.33 24.82 39.37
N THR C 225 -15.49 23.50 39.50
CA THR C 225 -16.83 22.91 39.57
C THR C 225 -17.56 23.40 40.81
N TYR C 226 -16.88 23.46 41.96
CA TYR C 226 -17.52 23.94 43.17
C TYR C 226 -17.85 25.43 43.08
N LEU C 227 -17.01 26.21 42.40
CA LEU C 227 -17.31 27.61 42.19
C LEU C 227 -18.56 27.79 41.34
N TYR C 228 -18.69 26.99 40.28
CA TYR C 228 -19.91 27.02 39.49
C TYR C 228 -21.11 26.54 40.29
N LYS C 229 -20.89 25.60 41.21
CA LYS C 229 -21.96 25.12 42.08
C LYS C 229 -22.40 26.19 43.08
N ALA C 230 -21.49 27.10 43.46
CA ALA C 230 -21.83 28.12 44.45
C ALA C 230 -22.94 29.03 43.95
N TYR C 231 -22.87 29.45 42.69
CA TYR C 231 -23.89 30.31 42.10
C TYR C 231 -25.11 29.45 41.79
N ARG C 232 -25.97 29.29 42.79
CA ARG C 232 -27.14 28.42 42.66
C ARG C 232 -28.12 28.97 41.63
N GLN C 233 -28.68 28.07 40.83
CA GLN C 233 -29.67 28.44 39.84
C GLN C 233 -30.97 27.68 40.08
N ASP C 234 -31.41 27.64 41.33
CA ASP C 234 -32.60 26.88 41.69
C ASP C 234 -33.85 27.52 41.10
N GLY C 235 -34.90 26.72 41.00
CA GLY C 235 -36.17 27.17 40.45
C GLY C 235 -36.30 26.80 38.97
N ALA C 236 -37.52 26.97 38.47
CA ALA C 236 -37.80 26.65 37.07
C ALA C 236 -37.03 27.58 36.13
N ASP C 237 -36.95 28.86 36.46
CA ASP C 237 -36.26 29.82 35.62
C ASP C 237 -34.75 29.69 35.78
N ASN C 238 -34.01 30.58 35.12
CA ASN C 238 -32.55 30.56 35.12
C ASN C 238 -31.97 31.74 35.88
N ALA C 239 -32.60 32.11 36.99
CA ALA C 239 -32.18 33.26 37.78
C ALA C 239 -31.39 32.80 39.01
N LEU C 240 -30.35 33.55 39.34
CA LEU C 240 -29.55 33.24 40.52
C LEU C 240 -30.38 33.45 41.78
N THR C 241 -30.34 32.45 42.67
CA THR C 241 -31.15 32.45 43.88
C THR C 241 -30.32 32.49 45.15
N GLY C 242 -29.04 32.85 45.05
CA GLY C 242 -28.19 32.95 46.21
C GLY C 242 -26.80 32.40 46.01
N ILE C 243 -25.92 32.62 46.98
CA ILE C 243 -24.54 32.14 46.94
C ILE C 243 -24.32 31.21 48.12
N ASN C 244 -23.83 30.01 47.84
CA ASN C 244 -23.59 29.01 48.87
C ASN C 244 -22.21 29.22 49.49
N GLU C 245 -22.18 29.33 50.82
CA GLU C 245 -20.92 29.54 51.53
C GLU C 245 -20.09 28.26 51.60
N GLU C 246 -20.75 27.10 51.71
CA GLU C 246 -20.01 25.83 51.78
C GLU C 246 -19.25 25.57 50.49
N ASP C 247 -19.86 25.88 49.34
CA ASP C 247 -19.16 25.71 48.07
C ASP C 247 -17.95 26.63 47.98
N LEU C 248 -18.08 27.88 48.45
CA LEU C 248 -16.94 28.78 48.46
C LEU C 248 -15.83 28.26 49.38
N LYS C 249 -16.20 27.72 50.53
CA LYS C 249 -15.21 27.15 51.43
C LYS C 249 -14.50 25.96 50.77
N GLN C 250 -15.25 25.13 50.06
CA GLN C 250 -14.64 24.01 49.34
C GLN C 250 -13.68 24.52 48.26
N VAL C 251 -14.07 25.57 47.55
CA VAL C 251 -13.19 26.15 46.53
C VAL C 251 -11.89 26.63 47.18
N VAL C 252 -12.00 27.37 48.28
CA VAL C 252 -10.81 27.87 48.96
C VAL C 252 -9.94 26.72 49.44
N LYS C 253 -10.56 25.65 49.93
CA LYS C 253 -9.81 24.48 50.39
C LYS C 253 -9.05 23.83 49.23
N TYR C 254 -9.68 23.74 48.06
CA TYR C 254 -9.09 23.02 46.93
C TYR C 254 -8.28 23.92 46.01
N THR C 255 -8.13 25.20 46.33
CA THR C 255 -7.29 26.10 45.54
C THR C 255 -6.07 26.57 46.34
N ASP C 256 -5.72 25.87 47.40
CA ASP C 256 -4.62 26.29 48.25
C ASP C 256 -3.32 26.29 47.45
N PRO C 257 -2.47 27.32 47.62
CA PRO C 257 -1.21 27.36 46.85
C PRO C 257 -0.28 26.21 47.17
N LEU C 258 -0.41 25.57 48.33
CA LEU C 258 0.45 24.43 48.66
C LEU C 258 0.21 23.27 47.68
N ILE C 259 -1.05 23.01 47.35
CA ILE C 259 -1.37 21.93 46.42
C ILE C 259 -0.77 22.21 45.05
N MET C 260 -0.91 23.45 44.57
CA MET C 260 -0.36 23.80 43.26
C MET C 260 1.16 23.73 43.26
N ALA C 261 1.79 24.21 44.34
CA ALA C 261 3.25 24.15 44.43
C ALA C 261 3.76 22.72 44.58
N LYS C 262 2.92 21.81 45.09
CA LYS C 262 3.32 20.40 45.18
C LYS C 262 3.58 19.81 43.81
N GLY C 263 2.75 20.16 42.83
CA GLY C 263 2.90 19.71 41.46
C GLY C 263 3.82 20.55 40.60
N GLY C 264 4.45 21.57 41.17
CA GLY C 264 5.34 22.43 40.40
C GLY C 264 4.66 23.26 39.34
N TYR C 265 3.52 23.87 39.68
CA TYR C 265 2.76 24.69 38.74
C TYR C 265 2.79 26.15 39.19
N GLY C 266 2.99 27.05 38.25
CA GLY C 266 3.04 28.47 38.56
C GLY C 266 2.90 29.29 37.30
N LEU C 267 2.78 30.60 37.50
CA LEU C 267 2.63 31.53 36.39
C LEU C 267 3.90 31.59 35.55
N GLU C 268 3.73 31.66 34.23
CA GLU C 268 4.86 31.80 33.34
C GLU C 268 5.46 33.20 33.46
N THR C 269 6.76 33.30 33.15
CA THR C 269 7.42 34.60 33.17
C THR C 269 6.89 35.53 32.08
N ASP C 270 6.35 34.97 31.00
CA ASP C 270 5.79 35.75 29.91
C ASP C 270 4.41 35.21 29.56
N TYR C 271 3.51 36.13 29.17
CA TYR C 271 2.15 35.73 28.83
C TYR C 271 2.12 34.92 27.53
N SER C 272 2.82 35.42 26.50
CA SER C 272 2.82 34.75 25.20
C SER C 272 3.40 33.34 25.27
N MET C 273 4.20 33.04 26.30
CA MET C 273 4.70 31.69 26.48
C MET C 273 3.58 30.67 26.65
N ASN C 274 2.39 31.11 27.07
CA ASN C 274 1.25 30.22 27.18
C ASN C 274 0.64 29.86 25.83
N PHE C 275 1.00 30.56 24.77
CA PHE C 275 0.42 30.34 23.44
C PHE C 275 1.49 30.29 22.38
N LEU C 276 2.61 29.63 22.68
CA LEU C 276 3.68 29.45 21.72
C LEU C 276 4.12 27.98 21.69
N PRO C 277 4.35 27.44 20.50
CA PRO C 277 4.78 26.03 20.42
C PRO C 277 6.11 25.76 21.12
N GLN C 278 7.00 26.75 21.18
CA GLN C 278 8.31 26.53 21.79
C GLN C 278 8.23 26.29 23.29
N TYR C 279 7.15 26.73 23.95
CA TYR C 279 6.99 26.60 25.39
C TYR C 279 5.74 25.78 25.73
N GLU C 280 5.55 24.67 25.01
CA GLU C 280 4.43 23.79 25.31
C GLU C 280 4.65 23.05 26.62
N ASN C 281 3.54 22.75 27.30
CA ASN C 281 3.56 22.05 28.59
C ASN C 281 4.42 22.81 29.61
N GLY C 282 4.15 24.09 29.75
CA GLY C 282 4.89 24.94 30.68
C GLY C 282 4.34 24.83 32.09
N ALA C 283 4.87 25.72 32.95
CA ALA C 283 4.45 25.74 34.34
C ALA C 283 2.97 26.10 34.47
N GLU C 284 2.51 27.09 33.70
CA GLU C 284 1.11 27.48 33.75
C GLU C 284 0.19 26.47 33.08
N SER C 285 0.72 25.61 32.21
CA SER C 285 -0.08 24.60 31.53
C SER C 285 -0.37 23.47 32.52
N VAL C 286 -1.37 23.71 33.37
CA VAL C 286 -1.74 22.72 34.37
C VAL C 286 -2.26 21.45 33.70
N TRP C 287 -3.11 21.60 32.70
CA TRP C 287 -3.58 20.47 31.90
C TRP C 287 -3.92 20.98 30.51
N ALA C 288 -3.46 20.25 29.49
CA ALA C 288 -3.67 20.66 28.11
C ALA C 288 -3.88 19.43 27.23
N ILE C 289 -4.54 19.65 26.10
CA ILE C 289 -4.72 18.60 25.10
C ILE C 289 -3.48 18.56 24.23
N GLN C 290 -2.81 17.41 24.22
CA GLN C 290 -1.54 17.27 23.50
C GLN C 290 -1.82 17.08 22.02
N TYR C 291 -1.53 18.10 21.22
CA TYR C 291 -1.65 18.04 19.77
C TYR C 291 -0.27 17.79 19.19
N SER C 292 -0.18 16.83 18.25
CA SER C 292 1.10 16.39 17.72
C SER C 292 1.10 16.46 16.21
N ILE C 293 2.30 16.55 15.64
CA ILE C 293 2.51 16.56 14.21
C ILE C 293 3.58 15.53 13.86
N ASN C 294 3.53 15.04 12.62
CA ASN C 294 4.46 14.00 12.16
C ASN C 294 4.43 12.78 13.07
N ASP C 295 3.23 12.39 13.48
CA ASP C 295 3.03 11.30 14.42
C ASP C 295 2.56 10.00 13.76
N GLY C 296 2.64 9.91 12.43
CA GLY C 296 2.29 8.71 11.72
C GLY C 296 0.87 8.64 11.21
N THR C 297 0.03 9.61 11.53
CA THR C 297 -1.34 9.65 11.01
C THR C 297 -1.33 10.30 9.63
N TYR C 298 -2.53 10.55 9.09
CA TYR C 298 -2.62 11.15 7.76
C TYR C 298 -2.04 12.56 7.73
N ASN C 299 -2.37 13.38 8.73
CA ASN C 299 -1.88 14.74 8.78
C ASN C 299 -1.45 15.17 10.17
N GLY C 300 -1.42 14.26 11.14
CA GLY C 300 -1.09 14.65 12.51
C GLY C 300 -2.33 14.98 13.32
N ASN C 301 -2.22 14.78 14.63
CA ASN C 301 -3.30 15.10 15.56
C ASN C 301 -3.29 16.61 15.82
N LEU C 302 -3.61 17.36 14.78
CA LEU C 302 -3.63 18.82 14.86
C LEU C 302 -4.94 19.30 15.48
N ASN C 303 -4.93 20.58 15.88
CA ASN C 303 -6.11 21.21 16.47
C ASN C 303 -7.05 21.63 15.34
N TRP C 304 -7.82 20.64 14.85
CA TRP C 304 -8.75 20.91 13.76
C TRP C 304 -9.91 21.79 14.19
N GLY C 305 -10.14 21.95 15.50
CA GLY C 305 -11.16 22.87 15.97
C GLY C 305 -10.81 24.32 15.73
N MET C 306 -9.53 24.64 15.57
CA MET C 306 -9.08 25.99 15.27
C MET C 306 -8.82 26.21 13.78
N GLY C 307 -9.18 25.25 12.93
CA GLY C 307 -8.92 25.40 11.51
C GLY C 307 -9.63 26.59 10.91
N LEU C 308 -10.86 26.87 11.37
CA LEU C 308 -11.62 28.00 10.85
C LEU C 308 -11.10 29.34 11.35
N THR C 309 -10.28 29.36 12.40
CA THR C 309 -9.82 30.60 13.00
C THR C 309 -8.59 31.17 12.32
N THR C 310 -8.00 30.47 11.36
CA THR C 310 -6.80 30.97 10.71
C THR C 310 -7.13 32.18 9.83
N PRO C 311 -6.23 33.15 9.74
CA PRO C 311 -6.53 34.39 9.00
C PRO C 311 -6.65 34.15 7.51
N GLN C 312 -7.18 35.16 6.82
CA GLN C 312 -7.32 35.10 5.37
C GLN C 312 -5.98 35.11 4.65
N ILE C 313 -4.90 35.49 5.34
CA ILE C 313 -3.58 35.46 4.73
C ILE C 313 -3.16 34.03 4.40
N LEU C 314 -3.71 33.04 5.11
CA LEU C 314 -3.45 31.64 4.80
C LEU C 314 -4.31 31.12 3.65
N GLY C 315 -5.38 31.82 3.30
CA GLY C 315 -6.14 31.45 2.12
C GLY C 315 -7.65 31.35 2.29
N CYS C 316 -8.10 30.99 3.49
CA CYS C 316 -9.50 30.68 3.71
C CYS C 316 -9.85 30.92 5.18
N CYS C 317 -11.03 30.44 5.59
CA CYS C 317 -11.49 30.42 6.97
C CYS C 317 -11.77 31.81 7.51
N ASP C 318 -10.87 32.33 8.35
CA ASP C 318 -11.01 33.64 9.00
C ASP C 318 -12.28 33.70 9.85
N PHE C 319 -12.32 32.86 10.88
CA PHE C 319 -13.37 32.88 11.89
C PHE C 319 -12.80 33.33 13.22
N HIS C 320 -13.70 33.47 14.20
CA HIS C 320 -13.34 33.84 15.57
C HIS C 320 -12.59 35.17 15.60
N LYS C 321 -13.23 36.20 15.05
CA LYS C 321 -12.63 37.52 14.98
C LYS C 321 -12.96 38.32 16.23
N PRO C 322 -11.96 38.76 16.99
CA PRO C 322 -12.25 39.52 18.23
C PRO C 322 -12.96 40.82 17.94
N SER C 323 -13.81 41.23 18.89
CA SER C 323 -14.63 42.42 18.75
C SER C 323 -13.88 43.66 19.19
N GLN C 324 -14.40 44.83 18.77
CA GLN C 324 -13.85 46.10 19.21
C GLN C 324 -14.06 46.32 20.70
N ASN C 325 -15.10 45.71 21.28
CA ASN C 325 -15.36 45.87 22.70
C ASN C 325 -14.21 45.34 23.55
N LEU C 326 -13.66 44.18 23.18
CA LEU C 326 -12.54 43.63 23.92
C LEU C 326 -11.30 44.53 23.79
N VAL C 327 -11.06 45.06 22.59
CA VAL C 327 -9.92 45.95 22.38
C VAL C 327 -10.06 47.19 23.25
N ASN C 328 -11.26 47.77 23.30
CA ASN C 328 -11.50 48.91 24.18
C ASN C 328 -11.36 48.53 25.64
N ALA C 329 -11.72 47.30 26.00
CA ALA C 329 -11.54 46.83 27.37
C ALA C 329 -10.06 46.76 27.74
N PHE C 330 -9.22 46.34 26.81
CA PHE C 330 -7.77 46.30 27.07
C PHE C 330 -7.18 47.67 27.29
N LYS C 331 -7.88 48.73 26.89
CA LYS C 331 -7.37 50.08 27.08
C LYS C 331 -7.35 50.44 28.56
N THR C 332 -6.28 51.12 28.99
CA THR C 332 -6.09 51.54 30.37
C THR C 332 -5.89 53.05 30.42
N ASP C 333 -6.00 53.59 31.63
CA ASP C 333 -5.85 55.03 31.85
C ASP C 333 -4.39 55.36 32.16
N SER C 334 -4.14 56.58 32.60
CA SER C 334 -2.78 57.00 32.95
C SER C 334 -2.29 56.34 34.23
N GLN C 335 -3.19 55.86 35.08
CA GLN C 335 -2.81 55.20 36.33
C GLN C 335 -2.56 53.72 36.17
N GLY C 336 -2.72 53.17 34.95
CA GLY C 336 -2.51 51.77 34.71
C GLY C 336 -3.70 50.87 35.02
N LYS C 337 -4.84 51.44 35.43
CA LYS C 337 -6.02 50.68 35.74
C LYS C 337 -6.99 50.68 34.56
N PRO C 338 -7.78 49.62 34.37
CA PRO C 338 -8.76 49.62 33.29
C PRO C 338 -9.84 50.68 33.51
N LEU C 339 -10.35 51.21 32.40
CA LEU C 339 -11.41 52.20 32.45
C LEU C 339 -12.73 51.48 32.69
N PHE C 340 -13.27 51.66 33.90
CA PHE C 340 -14.46 50.91 34.31
C PHE C 340 -15.75 51.44 33.69
N SER C 341 -15.76 52.68 33.21
CA SER C 341 -16.97 53.28 32.66
C SER C 341 -16.78 53.99 31.33
N THR C 342 -15.57 54.42 30.98
CA THR C 342 -15.33 55.18 29.76
C THR C 342 -14.44 54.44 28.78
N TYR C 343 -14.30 53.12 28.93
CA TYR C 343 -13.45 52.35 28.02
C TYR C 343 -14.07 52.25 26.64
N ASP C 344 -15.39 52.06 26.56
CA ASP C 344 -16.08 51.85 25.30
C ASP C 344 -16.65 53.14 24.71
N ASN C 345 -16.44 54.27 25.36
CA ASN C 345 -16.95 55.54 24.82
C ASN C 345 -16.28 55.88 23.49
N GLU C 346 -14.97 55.67 23.40
CA GLU C 346 -14.22 55.95 22.18
C GLU C 346 -13.34 54.76 21.85
N ASN C 347 -13.08 54.58 20.55
CA ASN C 347 -12.21 53.50 20.11
C ASN C 347 -10.78 53.73 20.60
N TYR C 348 -10.08 52.63 20.87
CA TYR C 348 -8.72 52.71 21.38
C TYR C 348 -7.80 53.34 20.33
N GLU C 349 -6.95 54.27 20.80
CA GLU C 349 -5.98 54.94 19.95
C GLU C 349 -4.59 54.50 20.34
N VAL C 350 -3.81 54.04 19.36
CA VAL C 350 -2.49 53.48 19.66
C VAL C 350 -1.53 54.58 20.10
N ALA C 351 -1.72 55.81 19.65
CA ALA C 351 -0.76 56.88 19.91
C ALA C 351 -1.12 57.74 21.11
N THR C 352 -2.38 57.75 21.55
CA THR C 352 -2.81 58.65 22.61
C THR C 352 -3.37 57.93 23.84
N ASP C 353 -3.65 56.64 23.77
CA ASP C 353 -4.28 55.91 24.85
C ASP C 353 -3.34 54.83 25.38
N ASN C 354 -3.23 54.74 26.70
CA ASN C 354 -2.46 53.67 27.32
C ASN C 354 -3.16 52.33 27.09
N VAL C 355 -2.38 51.30 26.83
CA VAL C 355 -2.91 49.98 26.49
C VAL C 355 -2.23 48.92 27.35
N ASP C 356 -3.01 47.94 27.79
CA ASP C 356 -2.45 46.79 28.49
C ASP C 356 -1.61 45.96 27.52
N PRO C 357 -0.43 45.50 27.93
CA PRO C 357 0.40 44.68 27.03
C PRO C 357 -0.24 43.36 26.63
N ARG C 358 -1.24 42.89 27.37
CA ARG C 358 -1.89 41.62 27.03
C ARG C 358 -2.66 41.69 25.72
N LEU C 359 -3.00 42.89 25.24
CA LEU C 359 -3.80 43.00 24.02
C LEU C 359 -3.05 42.45 22.81
N PHE C 360 -1.76 42.76 22.70
CA PHE C 360 -0.99 42.32 21.53
C PHE C 360 -0.69 40.83 21.56
N HIS C 361 -0.85 40.18 22.72
CA HIS C 361 -0.74 38.72 22.81
C HIS C 361 -2.07 38.03 22.59
N THR C 362 -3.17 38.78 22.44
CA THR C 362 -4.49 38.23 22.25
C THR C 362 -5.13 38.63 20.94
N VAL C 363 -5.08 39.90 20.57
CA VAL C 363 -5.74 40.43 19.39
C VAL C 363 -4.68 41.03 18.47
N GLY C 364 -4.71 40.61 17.19
CA GLY C 364 -3.82 41.18 16.20
C GLY C 364 -4.44 42.37 15.49
N MET C 365 -4.06 43.57 15.91
CA MET C 365 -4.61 44.78 15.32
C MET C 365 -3.97 45.05 13.96
N PRO C 366 -4.70 45.73 13.07
CA PRO C 366 -4.11 46.11 11.78
C PRO C 366 -2.92 47.04 11.96
N GLY C 367 -1.94 46.91 11.07
CA GLY C 367 -0.73 47.68 11.17
C GLY C 367 0.31 47.14 12.14
N PHE C 368 0.12 45.92 12.64
CA PHE C 368 1.01 45.31 13.59
C PHE C 368 1.43 43.93 13.09
N PRO C 369 2.60 43.44 13.52
CA PRO C 369 3.04 42.11 13.07
C PRO C 369 2.07 41.03 13.52
N TYR C 370 1.90 40.03 12.65
CA TYR C 370 1.00 38.91 12.92
C TYR C 370 1.78 37.80 13.61
N LYS C 371 1.41 37.51 14.86
CA LYS C 371 2.09 36.50 15.69
C LYS C 371 3.58 36.78 15.78
N TYR C 372 3.91 38.04 16.04
CA TYR C 372 5.30 38.48 16.24
C TYR C 372 6.17 38.16 15.04
N ASN C 373 5.60 38.32 13.84
CA ASN C 373 6.31 38.10 12.58
C ASN C 373 6.35 39.42 11.82
N GLU C 374 7.56 39.96 11.62
CA GLU C 374 7.71 41.23 10.93
C GLU C 374 7.36 41.11 9.45
N GLY C 375 7.49 39.92 8.88
CA GLY C 375 7.19 39.73 7.47
C GLY C 375 5.71 39.70 7.13
N TYR C 376 4.84 39.65 8.13
CA TYR C 376 3.39 39.66 7.92
C TYR C 376 2.80 40.77 8.77
N ILE C 377 2.29 41.81 8.10
CA ILE C 377 1.68 42.95 8.77
C ILE C 377 0.20 42.98 8.41
N ILE C 378 -0.66 43.03 9.44
CA ILE C 378 -2.09 43.02 9.22
C ILE C 378 -2.54 44.35 8.63
N GLN C 379 -3.31 44.27 7.55
CA GLN C 379 -3.82 45.45 6.85
C GLN C 379 -5.33 45.33 6.69
N LYS C 380 -5.98 46.49 6.58
CA LYS C 380 -7.44 46.55 6.41
C LYS C 380 -7.79 46.43 4.92
N ASN C 381 -7.59 45.22 4.41
CA ASN C 381 -7.89 44.90 3.02
C ASN C 381 -8.52 43.52 2.95
N ASP C 382 -8.82 43.09 1.73
CA ASP C 382 -9.42 41.77 1.52
C ASP C 382 -8.45 40.62 1.77
N ASP C 383 -7.15 40.91 1.86
CA ASP C 383 -6.17 39.85 2.11
C ASP C 383 -6.17 39.38 3.55
N TRP C 384 -6.85 40.07 4.46
CA TRP C 384 -6.91 39.69 5.86
C TRP C 384 -8.32 39.45 6.38
N SER C 385 -9.33 40.12 5.82
CA SER C 385 -10.71 39.97 6.24
C SER C 385 -11.51 39.33 5.12
N ARG C 386 -12.19 38.22 5.44
CA ARG C 386 -13.01 37.51 4.49
C ARG C 386 -14.43 38.09 4.37
N SER C 387 -14.82 38.95 5.30
CA SER C 387 -16.16 39.55 5.30
C SER C 387 -16.18 40.95 4.70
N LYS C 388 -15.07 41.39 4.11
CA LYS C 388 -14.96 42.73 3.51
C LYS C 388 -15.29 43.82 4.52
N GLY C 389 -14.81 43.66 5.75
CA GLY C 389 -15.02 44.63 6.79
C GLY C 389 -16.32 44.51 7.55
N LEU C 390 -17.17 43.54 7.21
CA LEU C 390 -18.43 43.38 7.93
C LEU C 390 -18.19 42.99 9.38
N TYR C 391 -17.23 42.08 9.62
CA TYR C 391 -16.92 41.62 10.96
C TYR C 391 -15.64 42.25 11.52
N GLY C 392 -15.16 43.32 10.90
CA GLY C 392 -13.95 43.97 11.37
C GLY C 392 -12.70 43.43 10.70
N TYR C 393 -11.56 43.80 11.28
CA TYR C 393 -10.26 43.39 10.78
C TYR C 393 -9.35 42.83 11.86
N TYR C 394 -9.88 42.55 13.05
CA TYR C 394 -9.07 42.02 14.14
C TYR C 394 -8.96 40.50 14.02
N VAL C 395 -7.76 39.98 14.32
CA VAL C 395 -7.47 38.56 14.21
C VAL C 395 -6.97 38.07 15.56
N SER C 396 -7.57 36.98 16.05
CA SER C 396 -7.13 36.37 17.30
C SER C 396 -5.76 35.74 17.11
N LEU C 397 -4.92 35.84 18.16
CA LEU C 397 -3.55 35.35 18.10
C LEU C 397 -3.26 34.20 19.05
N LYS C 398 -4.08 33.97 20.07
CA LYS C 398 -3.79 32.91 21.04
C LYS C 398 -3.82 31.54 20.39
N GLU C 399 -4.82 31.29 19.54
CA GLU C 399 -4.96 29.99 18.90
C GLU C 399 -4.21 29.88 17.58
N ASN C 400 -3.64 30.96 17.08
CA ASN C 400 -2.90 30.95 15.82
C ASN C 400 -1.41 30.77 16.09
N VAL C 401 -0.69 30.39 15.04
CA VAL C 401 0.74 30.17 15.11
C VAL C 401 1.41 30.91 13.96
N ASP C 402 2.73 31.06 14.07
CA ASP C 402 3.49 31.72 13.02
C ASP C 402 3.45 30.89 11.74
N PRO C 403 3.30 31.53 10.58
CA PRO C 403 3.30 30.77 9.32
C PRO C 403 4.60 30.03 9.06
N ASP C 404 5.72 30.48 9.65
CA ASP C 404 7.01 29.85 9.48
C ASP C 404 7.40 28.98 10.66
N CYS C 405 6.45 28.65 11.53
CA CYS C 405 6.73 27.83 12.69
C CYS C 405 7.14 26.41 12.33
N ASP C 406 6.77 25.93 11.14
CA ASP C 406 6.89 24.55 10.68
C ASP C 406 5.97 23.62 11.45
N CYS C 407 5.21 24.13 12.42
CA CYS C 407 4.20 23.38 13.15
C CYS C 407 2.82 23.50 12.51
N LEU C 408 2.71 24.20 11.39
CA LEU C 408 1.44 24.41 10.70
C LEU C 408 1.38 23.54 9.45
N LYS C 409 0.30 22.78 9.31
CA LYS C 409 0.13 21.87 8.19
C LYS C 409 -1.22 22.09 7.54
N LYS C 410 -1.28 21.85 6.23
CA LYS C 410 -2.50 22.03 5.44
C LYS C 410 -3.13 20.66 5.22
N GLY C 411 -4.23 20.38 5.92
CA GLY C 411 -4.97 19.15 5.77
C GLY C 411 -6.39 19.41 5.31
N SER C 412 -6.54 20.31 4.33
CA SER C 412 -7.78 20.92 3.87
C SER C 412 -8.29 21.97 4.85
N TYR C 413 -7.66 22.12 6.01
CA TYR C 413 -7.92 23.20 6.94
C TYR C 413 -6.63 23.50 7.68
N TRP C 414 -6.25 24.78 7.72
CA TRP C 414 -4.99 25.18 8.34
C TRP C 414 -5.07 24.93 9.83
N ALA C 415 -4.37 23.90 10.30
CA ALA C 415 -4.35 23.54 11.72
C ALA C 415 -2.92 23.30 12.16
N SER C 416 -2.66 23.56 13.44
CA SER C 416 -1.33 23.44 14.03
C SER C 416 -1.36 22.42 15.16
N SER C 417 -0.19 22.19 15.74
CA SER C 417 -0.03 21.25 16.85
C SER C 417 0.06 21.95 18.20
N LEU C 418 -0.29 23.23 18.27
CA LEU C 418 -0.24 23.95 19.53
C LEU C 418 -1.24 23.36 20.52
N ASN C 419 -0.78 23.14 21.75
CA ASN C 419 -1.62 22.52 22.76
C ASN C 419 -2.69 23.50 23.24
N HIS C 420 -3.90 22.98 23.47
CA HIS C 420 -5.00 23.76 24.02
C HIS C 420 -5.00 23.59 25.53
N ILE C 421 -4.62 24.64 26.25
CA ILE C 421 -4.48 24.57 27.71
C ILE C 421 -5.88 24.73 28.32
N VAL C 422 -6.43 23.64 28.85
CA VAL C 422 -7.76 23.69 29.43
C VAL C 422 -7.76 24.46 30.74
N ILE C 423 -6.78 24.21 31.59
CA ILE C 423 -6.69 24.81 32.92
C ILE C 423 -5.39 25.58 33.03
N ARG C 424 -5.48 26.85 33.41
CA ARG C 424 -4.32 27.70 33.60
C ARG C 424 -4.18 28.09 35.07
N TYR C 425 -2.94 28.34 35.49
CA TYR C 425 -2.69 28.77 36.86
C TYR C 425 -3.32 30.13 37.15
N ALA C 426 -3.36 31.01 36.15
CA ALA C 426 -4.05 32.28 36.31
C ALA C 426 -5.53 32.07 36.59
N ASP C 427 -6.13 31.08 35.95
CA ASP C 427 -7.52 30.73 36.24
C ASP C 427 -7.68 30.28 37.68
N VAL C 428 -6.72 29.49 38.19
CA VAL C 428 -6.78 29.05 39.58
C VAL C 428 -6.70 30.24 40.52
N LEU C 429 -5.77 31.16 40.26
CA LEU C 429 -5.62 32.33 41.11
C LEU C 429 -6.87 33.21 41.08
N LEU C 430 -7.45 33.41 39.90
CA LEU C 430 -8.65 34.22 39.80
C LEU C 430 -9.86 33.55 40.44
N MET C 431 -9.94 32.22 40.38
CA MET C 431 -11.02 31.51 41.06
C MET C 431 -10.85 31.60 42.57
N ARG C 432 -9.62 31.52 43.07
CA ARG C 432 -9.37 31.74 44.49
C ARG C 432 -9.79 33.14 44.90
N ALA C 433 -9.46 34.14 44.08
CA ALA C 433 -9.87 35.51 44.36
C ALA C 433 -11.38 35.65 44.37
N GLU C 434 -12.05 34.99 43.43
CA GLU C 434 -13.52 35.03 43.39
C GLU C 434 -14.12 34.42 44.63
N ALA C 435 -13.61 33.26 45.07
CA ALA C 435 -14.12 32.64 46.27
C ALA C 435 -13.90 33.51 47.49
N LEU C 436 -12.71 34.11 47.60
CA LEU C 436 -12.42 34.98 48.74
C LEU C 436 -13.31 36.21 48.75
N ILE C 437 -13.57 36.79 47.57
CA ILE C 437 -14.41 37.98 47.49
C ILE C 437 -15.85 37.65 47.84
N GLN C 438 -16.38 36.56 47.26
CA GLN C 438 -17.77 36.19 47.50
C GLN C 438 -18.00 35.67 48.92
N LEU C 439 -16.96 35.17 49.59
CA LEU C 439 -17.12 34.75 50.97
C LEU C 439 -17.47 35.91 51.88
N ASN C 440 -16.84 37.07 51.67
CA ASN C 440 -17.09 38.29 52.44
C ASN C 440 -16.88 38.08 53.93
N ASP C 441 -15.92 37.24 54.28
CA ASP C 441 -15.54 36.98 55.67
C ASP C 441 -14.06 37.31 55.89
N GLY C 442 -13.61 38.41 55.31
CA GLY C 442 -12.21 38.76 55.34
C GLY C 442 -11.46 38.18 54.17
N ARG C 443 -10.13 38.31 54.24
CA ARG C 443 -9.20 37.80 53.23
C ARG C 443 -9.43 38.44 51.86
N ILE C 444 -10.08 39.60 51.81
CA ILE C 444 -10.21 40.32 50.56
C ILE C 444 -8.84 40.81 50.08
N THR C 445 -7.97 41.17 51.02
CA THR C 445 -6.61 41.57 50.66
C THR C 445 -5.87 40.44 49.95
N ASP C 446 -6.18 39.19 50.28
CA ASP C 446 -5.57 38.07 49.55
C ASP C 446 -6.00 38.05 48.10
N ALA C 447 -7.29 38.29 47.84
CA ALA C 447 -7.77 38.37 46.46
C ALA C 447 -7.13 39.55 45.73
N ILE C 448 -7.00 40.69 46.42
CA ILE C 448 -6.34 41.84 45.81
C ILE C 448 -4.89 41.51 45.48
N SER C 449 -4.22 40.76 46.36
CA SER C 449 -2.84 40.36 46.10
C SER C 449 -2.75 39.43 44.91
N LEU C 450 -3.70 38.50 44.77
CA LEU C 450 -3.70 37.62 43.61
C LEU C 450 -3.91 38.41 42.32
N ILE C 451 -4.84 39.36 42.34
CA ILE C 451 -5.06 40.21 41.16
C ILE C 451 -3.82 41.02 40.85
N ASN C 452 -3.14 41.51 41.89
CA ASN C 452 -1.92 42.28 41.70
C ASN C 452 -0.82 41.40 41.10
N GLU C 453 -0.73 40.14 41.53
CA GLU C 453 0.24 39.22 40.94
C GLU C 453 -0.05 38.98 39.47
N VAL C 454 -1.33 38.81 39.12
CA VAL C 454 -1.69 38.63 37.71
C VAL C 454 -1.32 39.86 36.91
N ARG C 455 -1.61 41.04 37.44
CA ARG C 455 -1.29 42.29 36.74
C ARG C 455 0.22 42.47 36.59
N SER C 456 0.99 42.10 37.62
CA SER C 456 2.45 42.18 37.53
C SER C 456 2.99 41.21 36.50
N ARG C 457 2.42 40.01 36.41
CA ARG C 457 2.82 39.08 35.37
C ARG C 457 2.51 39.66 33.99
N ALA C 458 1.36 40.31 33.85
CA ALA C 458 1.02 40.96 32.59
C ALA C 458 2.00 42.08 32.25
N ALA C 459 2.43 42.84 33.26
CA ALA C 459 3.32 43.97 33.01
C ALA C 459 4.65 43.52 32.43
N GLY C 460 5.21 42.43 32.94
CA GLY C 460 6.49 41.94 32.47
C GLY C 460 6.44 41.15 31.19
N SER C 461 5.26 40.97 30.61
CA SER C 461 5.11 40.18 29.37
C SER C 461 5.33 41.09 28.16
N THR C 462 6.59 41.49 27.98
CA THR C 462 6.97 42.35 26.87
C THR C 462 8.27 41.88 26.22
N MET C 463 8.56 40.58 26.28
CA MET C 463 9.80 40.07 25.69
C MET C 463 9.77 40.06 24.17
N LEU C 464 8.58 40.04 23.57
CA LEU C 464 8.45 40.03 22.11
C LEU C 464 7.83 41.31 21.55
N ILE C 465 7.31 42.19 22.40
CA ILE C 465 6.67 43.42 21.96
C ILE C 465 7.35 44.65 22.58
N PHE C 466 8.61 44.52 23.00
CA PHE C 466 9.31 45.64 23.60
C PHE C 466 9.60 46.74 22.58
N ASN C 467 9.86 46.37 21.33
CA ASN C 467 10.17 47.36 20.30
C ASN C 467 8.96 48.15 19.85
N TYR C 468 7.75 47.76 20.26
CA TYR C 468 6.55 48.46 19.82
C TYR C 468 6.55 49.91 20.26
N LYS C 469 7.26 50.23 21.36
CA LYS C 469 7.40 51.61 21.78
C LYS C 469 8.14 52.44 20.73
N GLU C 470 9.22 51.88 20.18
CA GLU C 470 10.05 52.60 19.21
C GLU C 470 9.69 52.28 17.76
N ASP C 471 8.67 51.48 17.52
CA ASP C 471 8.26 51.12 16.17
C ASP C 471 6.86 51.60 15.79
N TYR C 472 5.93 51.64 16.74
CA TYR C 472 4.57 52.08 16.46
C TYR C 472 4.04 53.07 17.51
N GLY C 473 4.88 53.52 18.43
CA GLY C 473 4.43 54.45 19.46
C GLY C 473 3.40 53.87 20.40
N VAL C 474 3.62 52.63 20.84
CA VAL C 474 2.69 51.95 21.74
C VAL C 474 3.10 52.25 23.18
N ASN C 475 2.14 52.75 23.96
CA ASN C 475 2.39 53.11 25.36
C ASN C 475 1.84 52.01 26.26
N PHE C 476 2.74 51.33 26.96
CA PHE C 476 2.37 50.29 27.91
C PHE C 476 2.35 50.88 29.31
N LYS C 477 1.21 50.77 29.99
CA LYS C 477 1.07 51.31 31.35
C LYS C 477 0.03 50.48 32.08
N VAL C 478 0.51 49.54 32.90
CA VAL C 478 -0.35 48.73 33.76
C VAL C 478 0.31 48.63 35.13
N THR C 479 -0.47 48.83 36.18
CA THR C 479 0.03 48.82 37.54
C THR C 479 -0.86 47.98 38.44
N PRO C 480 -0.28 47.31 39.44
CA PRO C 480 -1.11 46.56 40.39
C PRO C 480 -1.95 47.47 41.26
N TYR C 481 -3.08 46.95 41.72
CA TYR C 481 -3.95 47.71 42.59
C TYR C 481 -3.30 47.91 43.96
N ASP C 482 -3.57 49.06 44.56
CA ASP C 482 -3.02 49.36 45.87
C ASP C 482 -3.65 48.47 46.94
N LEU C 483 -2.82 48.03 47.88
CA LEU C 483 -3.27 47.15 48.95
C LEU C 483 -3.98 47.99 50.01
N LYS C 484 -5.31 47.90 50.03
CA LYS C 484 -6.12 48.66 50.98
C LYS C 484 -7.48 47.97 51.09
N ALA C 485 -8.33 48.51 51.97
CA ALA C 485 -9.66 47.97 52.14
C ALA C 485 -10.52 48.26 50.91
N TYR C 486 -11.19 47.22 50.40
CA TYR C 486 -12.03 47.34 49.23
C TYR C 486 -13.41 46.77 49.52
N ALA C 487 -14.44 47.45 49.01
CA ALA C 487 -15.80 46.95 49.16
C ALA C 487 -16.02 45.72 48.29
N GLN C 488 -17.08 44.97 48.60
CA GLN C 488 -17.35 43.74 47.87
C GLN C 488 -17.65 44.01 46.40
N ASP C 489 -18.46 45.03 46.11
CA ASP C 489 -18.81 45.32 44.73
C ASP C 489 -17.59 45.81 43.94
N GLU C 490 -16.75 46.65 44.56
CA GLU C 490 -15.55 47.13 43.88
C GLU C 490 -14.60 45.97 43.57
N ALA C 491 -14.39 45.08 44.54
CA ALA C 491 -13.53 43.93 44.31
C ALA C 491 -14.10 43.01 43.24
N MET C 492 -15.42 42.81 43.26
CA MET C 492 -16.05 41.99 42.23
C MET C 492 -15.88 42.59 40.85
N LYS C 493 -16.05 43.90 40.72
CA LYS C 493 -15.87 44.56 39.43
C LYS C 493 -14.42 44.47 38.96
N MET C 494 -13.46 44.68 39.87
CA MET C 494 -12.05 44.58 39.50
C MET C 494 -11.71 43.16 39.05
N LEU C 495 -12.23 42.15 39.76
CA LEU C 495 -11.99 40.77 39.37
C LEU C 495 -12.62 40.45 38.02
N LYS C 496 -13.83 40.96 37.76
CA LYS C 496 -14.47 40.73 36.48
C LYS C 496 -13.66 41.36 35.36
N TRP C 497 -13.14 42.58 35.57
CA TRP C 497 -12.32 43.22 34.56
C TRP C 497 -11.02 42.46 34.33
N GLU C 498 -10.41 41.95 35.41
CA GLU C 498 -9.20 41.16 35.27
C GLU C 498 -9.46 39.88 34.48
N ARG C 499 -10.58 39.21 34.75
CA ARG C 499 -10.94 38.02 34.00
C ARG C 499 -11.18 38.35 32.53
N ARG C 500 -11.85 39.48 32.26
CA ARG C 500 -12.11 39.87 30.88
C ARG C 500 -10.81 40.15 30.12
N VAL C 501 -9.87 40.84 30.76
CA VAL C 501 -8.62 41.19 30.08
C VAL C 501 -7.60 40.06 30.11
N GLU C 502 -7.83 39.01 30.89
CA GLU C 502 -6.90 37.89 31.00
C GLU C 502 -7.26 36.73 30.09
N PHE C 503 -8.54 36.42 29.94
CA PHE C 503 -8.99 35.27 29.17
C PHE C 503 -9.67 35.68 27.87
N GLY C 504 -9.14 36.73 27.22
CA GLY C 504 -9.62 37.12 25.92
C GLY C 504 -9.42 36.02 24.89
N MET C 505 -10.45 35.74 24.10
CA MET C 505 -10.42 34.70 23.06
C MET C 505 -10.17 33.30 23.64
N GLU C 506 -10.37 33.12 24.94
CA GLU C 506 -10.17 31.84 25.59
C GLU C 506 -11.47 31.09 25.83
N SER C 507 -12.59 31.61 25.32
CA SER C 507 -13.88 30.92 25.32
C SER C 507 -14.38 30.66 26.75
N SER C 508 -14.37 31.71 27.56
CA SER C 508 -14.90 31.62 28.92
C SER C 508 -15.71 32.84 29.34
N ARG C 509 -15.91 33.82 28.47
CA ARG C 509 -16.61 35.04 28.87
C ARG C 509 -18.10 34.79 29.05
N PHE C 510 -18.72 34.08 28.09
CA PHE C 510 -20.15 33.85 28.17
C PHE C 510 -20.53 32.98 29.36
N PHE C 511 -19.73 31.94 29.64
CA PHE C 511 -19.99 31.09 30.80
C PHE C 511 -19.86 31.88 32.09
N ASP C 512 -18.85 32.75 32.19
CA ASP C 512 -18.70 33.58 33.37
C ASP C 512 -19.89 34.53 33.53
N LEU C 513 -20.36 35.12 32.43
CA LEU C 513 -21.51 36.02 32.50
C LEU C 513 -22.76 35.27 32.94
N VAL C 514 -22.96 34.04 32.43
CA VAL C 514 -24.11 33.25 32.83
C VAL C 514 -24.03 32.89 34.31
N ARG C 515 -22.84 32.49 34.77
CA ARG C 515 -22.66 32.12 36.17
C ARG C 515 -22.92 33.31 37.08
N TRP C 516 -22.41 34.50 36.71
CA TRP C 516 -22.59 35.68 37.54
C TRP C 516 -24.03 36.17 37.55
N GLY C 517 -24.85 35.75 36.59
CA GLY C 517 -26.24 36.16 36.53
C GLY C 517 -26.48 37.50 35.87
N GLU C 518 -25.44 38.18 35.39
CA GLU C 518 -25.57 39.46 34.72
C GLU C 518 -25.41 39.37 33.22
N ALA C 519 -25.64 38.18 32.65
CA ALA C 519 -25.44 37.98 31.21
C ALA C 519 -26.39 38.84 30.40
N LYS C 520 -27.66 38.95 30.83
CA LYS C 520 -28.66 39.66 30.05
C LYS C 520 -28.27 41.12 29.85
N ASP C 521 -27.98 41.83 30.95
CA ASP C 521 -27.68 43.25 30.86
C ASP C 521 -26.41 43.50 30.05
N VAL C 522 -25.37 42.71 30.29
CA VAL C 522 -24.10 42.90 29.59
C VAL C 522 -24.29 42.66 28.09
N ILE C 523 -24.99 41.58 27.73
CA ILE C 523 -25.20 41.26 26.32
C ILE C 523 -26.05 42.34 25.65
N ASN C 524 -27.09 42.82 26.33
CA ASN C 524 -27.93 43.87 25.76
C ASN C 524 -27.14 45.17 25.55
N ALA C 525 -26.32 45.55 26.54
CA ALA C 525 -25.50 46.75 26.40
C ALA C 525 -24.50 46.59 25.26
N TYR C 526 -23.90 45.41 25.14
CA TYR C 526 -22.96 45.16 24.05
C TYR C 526 -23.65 45.26 22.70
N TYR C 527 -24.86 44.69 22.59
CA TYR C 527 -25.61 44.78 21.34
C TYR C 527 -25.92 46.24 20.99
N VAL C 528 -26.37 47.01 21.98
CA VAL C 528 -26.72 48.41 21.74
C VAL C 528 -25.48 49.19 21.31
N THR C 529 -24.35 48.98 21.98
CA THR C 529 -23.14 49.70 21.67
C THR C 529 -22.62 49.34 20.29
N GLU C 530 -22.63 48.05 19.93
CA GLU C 530 -22.03 47.59 18.69
C GLU C 530 -22.97 47.66 17.49
N ALA C 531 -24.26 47.97 17.71
CA ALA C 531 -25.17 48.12 16.58
C ALA C 531 -24.80 49.30 15.71
N SER C 532 -24.18 50.34 16.30
CA SER C 532 -23.81 51.51 15.52
C SER C 532 -22.73 51.18 14.50
N ARG C 533 -21.72 50.41 14.89
CA ARG C 533 -20.61 50.08 14.01
C ARG C 533 -20.74 48.71 13.37
N CYS C 534 -21.80 47.96 13.66
CA CYS C 534 -22.02 46.64 13.07
C CYS C 534 -23.51 46.45 12.84
N SER C 535 -23.88 46.23 11.58
CA SER C 535 -25.28 46.01 11.24
C SER C 535 -25.78 44.62 11.64
N ILE C 536 -24.87 43.69 11.91
CA ILE C 536 -25.27 42.32 12.27
C ILE C 536 -26.11 42.32 13.53
N TYR C 537 -25.90 43.28 14.42
CA TYR C 537 -26.64 43.40 15.67
C TYR C 537 -27.83 44.34 15.55
N LYS C 538 -28.28 44.63 14.33
CA LYS C 538 -29.44 45.50 14.16
C LYS C 538 -30.69 44.89 14.77
N ASN C 539 -30.90 43.58 14.55
CA ASN C 539 -32.06 42.87 15.07
C ASN C 539 -31.72 41.96 16.24
N ALA C 540 -30.53 42.10 16.82
CA ALA C 540 -30.13 41.24 17.92
C ALA C 540 -30.95 41.53 19.17
N GLY C 541 -31.25 40.48 19.93
CA GLY C 541 -32.00 40.61 21.17
C GLY C 541 -31.81 39.43 22.09
N PHE C 542 -31.60 39.71 23.37
CA PHE C 542 -31.33 38.68 24.37
C PHE C 542 -32.50 38.56 25.33
N THR C 543 -33.02 37.35 25.49
CA THR C 543 -34.14 37.09 26.39
C THR C 543 -33.64 36.85 27.80
N GLU C 544 -34.44 37.27 28.78
CA GLU C 544 -34.01 37.22 30.17
C GLU C 544 -33.75 35.80 30.63
N ASN C 545 -34.62 34.85 30.28
CA ASN C 545 -34.52 33.49 30.79
C ASN C 545 -34.57 32.45 29.67
N LYS C 546 -34.07 32.80 28.50
CA LYS C 546 -34.13 31.85 27.39
C LYS C 546 -32.81 31.62 26.68
N ASN C 547 -31.99 32.67 26.52
CA ASN C 547 -30.83 32.62 25.64
C ASN C 547 -29.50 32.45 26.36
N GLU C 548 -29.52 32.23 27.68
CA GLU C 548 -28.28 32.00 28.41
C GLU C 548 -27.93 30.53 28.54
N TYR C 549 -28.75 29.63 28.00
CA TYR C 549 -28.46 28.21 27.98
C TYR C 549 -28.93 27.61 26.66
N LEU C 550 -28.10 26.77 26.08
CA LEU C 550 -28.47 26.10 24.83
C LEU C 550 -29.63 25.14 25.07
N PRO C 551 -30.67 25.16 24.25
CA PRO C 551 -31.81 24.27 24.47
C PRO C 551 -31.43 22.82 24.21
N VAL C 552 -32.14 21.91 24.88
CA VAL C 552 -31.94 20.48 24.64
C VAL C 552 -32.34 20.17 23.20
N PRO C 553 -31.54 19.42 22.44
CA PRO C 553 -31.89 19.14 21.04
C PRO C 553 -33.24 18.45 20.93
N PHE C 554 -34.00 18.84 19.90
CA PHE C 554 -35.32 18.26 19.69
C PHE C 554 -35.23 16.79 19.30
N GLU C 555 -34.18 16.40 18.58
CA GLU C 555 -34.00 14.99 18.22
C GLU C 555 -33.83 14.12 19.45
N GLN C 556 -33.06 14.59 20.43
CA GLN C 556 -32.88 13.83 21.67
C GLN C 556 -34.19 13.68 22.41
N ILE C 557 -34.98 14.75 22.49
CA ILE C 557 -36.27 14.68 23.18
C ILE C 557 -37.21 13.71 22.47
N SER C 558 -37.23 13.78 21.14
CA SER C 558 -38.08 12.86 20.38
C SER C 558 -37.64 11.41 20.58
N ALA C 559 -36.34 11.16 20.58
CA ALA C 559 -35.84 9.80 20.78
C ALA C 559 -36.18 9.28 22.16
N SER C 560 -36.02 10.11 23.20
CA SER C 560 -36.35 9.72 24.57
C SER C 560 -37.67 10.38 24.95
N ASN C 561 -38.76 9.73 24.56
CA ASN C 561 -40.09 10.27 24.83
C ASN C 561 -40.39 10.21 26.32
N GLY C 562 -40.87 11.34 26.86
CA GLY C 562 -41.21 11.40 28.26
C GLY C 562 -40.05 11.30 29.22
N ASN C 563 -38.84 11.59 28.76
CA ASN C 563 -37.65 11.49 29.60
C ASN C 563 -36.84 12.78 29.67
N TYR C 564 -36.77 13.52 28.57
CA TYR C 564 -36.01 14.76 28.51
C TYR C 564 -36.97 15.94 28.53
N THR C 565 -36.68 16.92 29.39
CA THR C 565 -37.49 18.12 29.50
C THR C 565 -36.70 19.31 28.94
N GLN C 566 -37.34 20.10 28.08
CA GLN C 566 -36.69 21.24 27.47
C GLN C 566 -36.40 22.32 28.51
N ASN C 567 -35.37 23.11 28.24
CA ASN C 567 -34.98 24.17 29.15
C ASN C 567 -36.04 25.25 29.21
N PHE C 568 -35.99 26.05 30.28
CA PHE C 568 -36.98 27.11 30.49
C PHE C 568 -36.87 28.16 29.40
N GLY C 569 -38.03 28.64 28.94
CA GLY C 569 -38.09 29.65 27.90
C GLY C 569 -38.17 29.13 26.49
N TRP C 570 -37.97 27.83 26.28
CA TRP C 570 -38.04 27.25 24.94
C TRP C 570 -39.36 26.51 24.73
N ARG D 118 -43.51 -16.72 -24.19
CA ARG D 118 -43.60 -17.83 -23.27
C ARG D 118 -43.04 -17.44 -21.90
N LYS D 119 -43.92 -17.36 -20.92
CA LYS D 119 -43.52 -17.02 -19.56
C LYS D 119 -43.00 -18.26 -18.84
N ALA D 120 -41.97 -18.08 -18.02
CA ALA D 120 -41.34 -19.21 -17.35
C ALA D 120 -41.99 -19.51 -16.02
N ASP D 121 -43.08 -18.82 -15.69
CA ASP D 121 -43.82 -19.09 -14.46
C ASP D 121 -45.30 -19.38 -14.74
N LEU D 122 -45.89 -18.63 -15.68
CA LEU D 122 -47.24 -18.85 -16.20
C LEU D 122 -48.32 -18.64 -15.14
N THR D 123 -47.95 -18.34 -13.89
CA THR D 123 -48.94 -18.16 -12.84
C THR D 123 -48.63 -17.01 -11.91
N GLY D 124 -47.67 -16.13 -12.26
CA GLY D 124 -47.31 -15.03 -11.41
C GLY D 124 -47.10 -13.76 -12.21
N ALA D 125 -46.74 -12.69 -11.50
CA ALA D 125 -46.49 -11.40 -12.14
C ALA D 125 -45.16 -11.44 -12.88
N VAL D 126 -45.20 -11.74 -14.18
CA VAL D 126 -44.01 -11.87 -15.01
C VAL D 126 -44.10 -10.84 -16.13
N SER D 127 -43.03 -10.07 -16.31
CA SER D 127 -42.96 -9.09 -17.38
C SER D 127 -41.91 -9.55 -18.39
N VAL D 128 -42.31 -9.69 -19.65
CA VAL D 128 -41.42 -10.11 -20.72
C VAL D 128 -41.03 -8.87 -21.52
N VAL D 129 -39.73 -8.61 -21.62
CA VAL D 129 -39.21 -7.43 -22.30
C VAL D 129 -38.77 -7.83 -23.70
N LYS D 130 -39.26 -7.11 -24.71
CA LYS D 130 -38.87 -7.38 -26.08
C LYS D 130 -37.46 -6.87 -26.33
N VAL D 131 -36.53 -7.80 -26.53
CA VAL D 131 -35.11 -7.43 -26.65
C VAL D 131 -34.83 -6.67 -27.94
N ASP D 132 -35.67 -6.83 -28.97
CA ASP D 132 -35.44 -6.13 -30.23
C ASP D 132 -35.54 -4.62 -30.05
N GLU D 133 -36.51 -4.16 -29.26
CA GLU D 133 -36.63 -2.73 -28.99
C GLU D 133 -35.54 -2.25 -28.03
N ILE D 134 -35.01 -3.14 -27.20
CA ILE D 134 -33.96 -2.75 -26.27
C ILE D 134 -32.70 -2.35 -27.01
N GLN D 135 -32.30 -3.15 -28.00
CA GLN D 135 -31.10 -2.83 -28.78
C GLN D 135 -31.31 -1.65 -29.71
N LYS D 136 -32.57 -1.27 -30.00
CA LYS D 136 -32.83 -0.14 -30.87
C LYS D 136 -32.32 1.16 -30.26
N GLN D 137 -32.48 1.32 -28.93
CA GLN D 137 -32.03 2.54 -28.28
C GLN D 137 -30.51 2.68 -28.28
N GLY D 138 -29.78 1.58 -28.43
CA GLY D 138 -28.32 1.63 -28.48
C GLY D 138 -27.68 2.09 -27.20
N GLU D 139 -28.13 1.58 -26.05
CA GLU D 139 -27.58 1.93 -24.76
C GLU D 139 -26.64 0.82 -24.28
N ASN D 140 -25.55 1.24 -23.63
CA ASN D 140 -24.59 0.26 -23.13
C ASN D 140 -25.22 -0.65 -22.09
N ASN D 141 -26.03 -0.10 -21.19
CA ASN D 141 -26.69 -0.90 -20.17
C ASN D 141 -28.06 -1.33 -20.67
N PRO D 142 -28.33 -2.63 -20.81
CA PRO D 142 -29.69 -3.06 -21.20
C PRO D 142 -30.74 -2.65 -20.20
N VAL D 143 -30.39 -2.57 -18.91
CA VAL D 143 -31.36 -2.15 -17.89
C VAL D 143 -31.79 -0.71 -18.13
N LYS D 144 -30.83 0.17 -18.45
CA LYS D 144 -31.15 1.58 -18.69
C LYS D 144 -32.08 1.74 -19.90
N ALA D 145 -31.96 0.84 -20.89
CA ALA D 145 -32.83 0.92 -22.06
C ALA D 145 -34.29 0.71 -21.68
N LEU D 146 -34.55 -0.22 -20.78
CA LEU D 146 -35.90 -0.51 -20.31
C LEU D 146 -36.29 0.39 -19.12
N GLN D 147 -36.07 1.70 -19.30
CA GLN D 147 -36.34 2.65 -18.23
C GLN D 147 -37.82 2.70 -17.87
N GLY D 148 -38.69 2.68 -18.87
CA GLY D 148 -40.12 2.75 -18.62
C GLY D 148 -40.93 1.76 -19.41
N ARG D 149 -40.31 0.65 -19.81
CA ARG D 149 -40.99 -0.38 -20.59
C ARG D 149 -41.53 -1.51 -19.74
N VAL D 150 -41.35 -1.46 -18.42
CA VAL D 150 -41.80 -2.49 -17.51
C VAL D 150 -42.69 -1.85 -16.46
N PRO D 151 -43.92 -2.32 -16.26
CA PRO D 151 -44.78 -1.72 -15.24
C PRO D 151 -44.25 -1.99 -13.83
N GLY D 152 -44.48 -1.03 -12.95
CA GLY D 152 -44.00 -1.15 -11.58
C GLY D 152 -42.50 -1.26 -11.46
N MET D 153 -41.76 -0.52 -12.27
CA MET D 153 -40.31 -0.59 -12.28
C MET D 153 -39.76 0.79 -12.59
N ASN D 154 -39.02 1.37 -11.66
CA ASN D 154 -38.44 2.70 -11.80
C ASN D 154 -36.93 2.57 -12.02
N ILE D 155 -36.44 3.13 -13.12
CA ILE D 155 -35.03 3.16 -13.44
C ILE D 155 -34.58 4.60 -13.45
N THR D 156 -33.61 4.92 -12.60
CA THR D 156 -33.07 6.28 -12.49
C THR D 156 -31.62 6.29 -12.94
N ALA D 157 -31.31 7.09 -13.96
CA ALA D 157 -29.96 7.19 -14.49
C ALA D 157 -29.56 8.66 -14.51
N ASP D 158 -28.40 8.96 -13.94
CA ASP D 158 -27.92 10.35 -13.91
C ASP D 158 -27.52 10.82 -15.30
N GLY D 159 -26.86 9.97 -16.08
CA GLY D 159 -26.43 10.36 -17.40
C GLY D 159 -24.93 10.31 -17.59
N ASN D 160 -24.23 9.69 -16.65
CA ASN D 160 -22.79 9.51 -16.76
C ASN D 160 -22.47 8.52 -17.89
N PRO D 161 -21.23 8.55 -18.39
CA PRO D 161 -20.90 7.69 -19.56
C PRO D 161 -21.19 6.22 -19.34
N SER D 162 -20.98 5.71 -18.13
CA SER D 162 -21.33 4.32 -17.84
C SER D 162 -22.84 4.17 -17.76
N GLY D 163 -23.31 2.95 -18.00
CA GLY D 163 -24.74 2.68 -17.94
C GLY D 163 -25.24 2.43 -16.54
N SER D 164 -24.55 2.96 -15.54
CA SER D 164 -24.95 2.77 -14.16
C SER D 164 -26.30 3.42 -13.89
N ALA D 165 -27.18 2.70 -13.20
CA ALA D 165 -28.50 3.20 -12.89
C ALA D 165 -29.02 2.51 -11.63
N THR D 166 -30.03 3.13 -11.02
CA THR D 166 -30.68 2.61 -9.83
C THR D 166 -32.03 2.02 -10.22
N VAL D 167 -32.30 0.80 -9.76
CA VAL D 167 -33.50 0.06 -10.12
C VAL D 167 -34.34 -0.14 -8.86
N ARG D 168 -35.63 0.21 -8.96
CA ARG D 168 -36.58 -0.03 -7.89
C ARG D 168 -37.75 -0.81 -8.47
N ILE D 169 -38.04 -1.96 -7.86
CA ILE D 169 -39.12 -2.84 -8.32
C ILE D 169 -40.24 -2.79 -7.30
N ARG D 170 -41.45 -2.50 -7.77
CA ARG D 170 -42.64 -2.43 -6.91
C ARG D 170 -42.45 -1.43 -5.77
N GLY D 171 -41.82 -0.30 -6.08
CA GLY D 171 -41.59 0.73 -5.08
C GLY D 171 -40.52 0.33 -4.08
N ILE D 172 -40.52 1.03 -2.95
CA ILE D 172 -39.59 0.75 -1.86
C ILE D 172 -40.26 -0.20 -0.89
N GLY D 173 -39.69 -1.39 -0.74
CA GLY D 173 -40.28 -2.40 0.12
C GLY D 173 -39.43 -2.77 1.31
N THR D 174 -38.32 -2.06 1.51
CA THR D 174 -37.42 -2.37 2.61
C THR D 174 -36.60 -1.14 2.95
N LEU D 175 -36.09 -1.10 4.18
CA LEU D 175 -35.28 0.00 4.66
C LEU D 175 -33.79 -0.20 4.40
N ASN D 176 -33.38 -1.39 3.96
CA ASN D 176 -32.01 -1.65 3.57
C ASN D 176 -31.92 -1.61 2.04
N ASN D 177 -30.79 -2.05 1.50
CA ASN D 177 -30.53 -1.94 0.06
C ASN D 177 -31.65 -2.59 -0.75
N ASN D 178 -32.13 -1.85 -1.75
CA ASN D 178 -33.25 -2.27 -2.58
C ASN D 178 -32.83 -2.78 -3.96
N ASP D 179 -31.54 -3.05 -4.15
CA ASP D 179 -31.07 -3.49 -5.46
C ASP D 179 -31.67 -4.85 -5.80
N PRO D 180 -32.28 -5.00 -6.97
CA PRO D 180 -32.85 -6.30 -7.34
C PRO D 180 -31.77 -7.32 -7.67
N LEU D 181 -32.15 -8.58 -7.58
CA LEU D 181 -31.24 -9.70 -7.83
C LEU D 181 -31.32 -10.08 -9.31
N TYR D 182 -30.28 -9.72 -10.07
CA TYR D 182 -30.20 -10.13 -11.46
C TYR D 182 -29.82 -11.61 -11.54
N ILE D 183 -30.31 -12.28 -12.57
CA ILE D 183 -29.94 -13.68 -12.84
C ILE D 183 -29.59 -13.79 -14.31
N ILE D 184 -28.38 -14.26 -14.59
CA ILE D 184 -27.91 -14.48 -15.96
C ILE D 184 -27.47 -15.92 -16.07
N ASP D 185 -28.10 -16.67 -16.99
CA ASP D 185 -27.77 -18.07 -17.23
C ASP D 185 -27.87 -18.89 -15.95
N GLY D 186 -28.84 -18.54 -15.10
CA GLY D 186 -29.05 -19.23 -13.84
C GLY D 186 -28.14 -18.81 -12.72
N VAL D 187 -27.24 -17.86 -12.94
CA VAL D 187 -26.31 -17.39 -11.92
C VAL D 187 -26.86 -16.08 -11.34
N PRO D 188 -27.07 -16.00 -10.03
CA PRO D 188 -27.53 -14.74 -9.41
C PRO D 188 -26.39 -13.79 -9.11
N THR D 189 -26.73 -12.51 -9.12
CA THR D 189 -25.76 -11.44 -8.85
C THR D 189 -26.53 -10.17 -8.52
N LYS D 190 -25.79 -9.18 -8.04
CA LYS D 190 -26.35 -7.86 -7.75
C LYS D 190 -25.53 -6.72 -8.33
N ALA D 191 -24.45 -7.01 -9.05
CA ALA D 191 -23.66 -5.97 -9.68
C ALA D 191 -24.40 -5.36 -10.86
N GLY D 192 -24.04 -4.12 -11.19
CA GLY D 192 -24.68 -3.45 -12.31
C GLY D 192 -24.36 -4.10 -13.64
N MET D 193 -25.30 -3.98 -14.57
CA MET D 193 -25.15 -4.53 -15.90
C MET D 193 -24.40 -3.61 -16.85
N HIS D 194 -24.00 -2.42 -16.39
CA HIS D 194 -23.23 -1.51 -17.24
C HIS D 194 -21.86 -2.09 -17.59
N GLU D 195 -21.31 -2.93 -16.72
CA GLU D 195 -20.02 -3.56 -16.95
C GLU D 195 -20.12 -4.86 -17.73
N LEU D 196 -21.32 -5.26 -18.14
CA LEU D 196 -21.54 -6.45 -18.94
C LEU D 196 -22.08 -6.05 -20.32
N ASN D 197 -21.87 -6.94 -21.28
CA ASN D 197 -22.33 -6.72 -22.65
C ASN D 197 -23.80 -7.11 -22.74
N GLY D 198 -24.67 -6.12 -22.92
CA GLY D 198 -26.09 -6.35 -23.05
C GLY D 198 -26.59 -6.57 -24.46
N ASN D 199 -25.70 -6.56 -25.45
CA ASN D 199 -26.11 -6.72 -26.84
C ASN D 199 -26.32 -8.17 -27.24
N ASP D 200 -25.87 -9.13 -26.43
CA ASP D 200 -26.02 -10.55 -26.71
C ASP D 200 -27.10 -11.20 -25.86
N ILE D 201 -28.19 -10.47 -25.60
CA ILE D 201 -29.28 -10.94 -24.77
C ILE D 201 -30.43 -11.37 -25.66
N GLU D 202 -30.94 -12.58 -25.43
CA GLU D 202 -32.03 -13.12 -26.25
C GLU D 202 -33.40 -12.86 -25.63
N SER D 203 -33.51 -12.90 -24.30
CA SER D 203 -34.79 -12.70 -23.65
C SER D 203 -34.56 -12.07 -22.27
N ILE D 204 -35.49 -11.20 -21.87
CA ILE D 204 -35.46 -10.55 -20.56
C ILE D 204 -36.79 -10.78 -19.87
N GLN D 205 -36.74 -11.31 -18.65
CA GLN D 205 -37.93 -11.55 -17.85
C GLN D 205 -37.74 -10.94 -16.47
N VAL D 206 -38.75 -10.21 -16.02
CA VAL D 206 -38.74 -9.55 -14.71
C VAL D 206 -39.80 -10.22 -13.85
N LEU D 207 -39.37 -10.69 -12.67
CA LEU D 207 -40.25 -11.36 -11.72
C LEU D 207 -40.49 -10.42 -10.55
N LYS D 208 -41.62 -9.71 -10.59
CA LYS D 208 -41.96 -8.76 -9.55
C LYS D 208 -42.81 -9.37 -8.44
N ASP D 209 -43.14 -10.65 -8.54
CA ASP D 209 -43.96 -11.34 -7.54
C ASP D 209 -43.07 -12.22 -6.67
N ALA D 210 -43.33 -12.20 -5.36
CA ALA D 210 -42.53 -12.99 -4.43
C ALA D 210 -42.69 -14.48 -4.70
N ALA D 211 -43.92 -14.93 -4.98
CA ALA D 211 -44.15 -16.35 -5.22
C ALA D 211 -43.40 -16.85 -6.44
N SER D 212 -43.38 -16.06 -7.52
CA SER D 212 -42.72 -16.49 -8.74
C SER D 212 -41.21 -16.41 -8.61
N ALA D 213 -40.69 -15.38 -7.92
CA ALA D 213 -39.26 -15.15 -7.84
C ALA D 213 -38.60 -15.87 -6.67
N SER D 214 -39.37 -16.49 -5.78
CA SER D 214 -38.78 -17.15 -4.63
C SER D 214 -37.91 -18.33 -5.03
N ILE D 215 -38.37 -19.13 -6.00
CA ILE D 215 -37.63 -20.33 -6.40
C ILE D 215 -36.31 -20.02 -7.08
N TYR D 216 -36.08 -18.78 -7.47
CA TYR D 216 -34.86 -18.40 -8.16
C TYR D 216 -33.76 -17.89 -7.22
N GLY D 217 -34.01 -17.88 -5.92
CA GLY D 217 -32.99 -17.46 -4.97
C GLY D 217 -33.62 -16.90 -3.71
N SER D 218 -32.77 -16.76 -2.69
CA SER D 218 -33.19 -16.23 -1.40
C SER D 218 -33.12 -14.71 -1.33
N ARG D 219 -32.60 -14.06 -2.36
CA ARG D 219 -32.48 -12.60 -2.41
C ARG D 219 -33.52 -11.98 -3.33
N ALA D 220 -34.73 -12.54 -3.34
CA ALA D 220 -35.81 -12.08 -4.20
C ALA D 220 -36.73 -11.09 -3.50
N ALA D 221 -36.26 -10.45 -2.43
CA ALA D 221 -37.10 -9.49 -1.71
C ALA D 221 -37.42 -8.29 -2.57
N ASN D 222 -36.45 -7.81 -3.36
CA ASN D 222 -36.61 -6.62 -4.18
C ASN D 222 -36.89 -6.96 -5.65
N GLY D 223 -37.24 -8.20 -5.94
CA GLY D 223 -37.54 -8.60 -7.30
C GLY D 223 -36.37 -9.32 -7.96
N VAL D 224 -36.70 -10.11 -8.99
CA VAL D 224 -35.72 -10.91 -9.72
C VAL D 224 -35.86 -10.59 -11.20
N ILE D 225 -34.73 -10.30 -11.85
CA ILE D 225 -34.68 -10.05 -13.29
C ILE D 225 -33.92 -11.20 -13.92
N ILE D 226 -34.56 -11.88 -14.87
CA ILE D 226 -33.97 -13.03 -15.55
C ILE D 226 -33.43 -12.56 -16.90
N ILE D 227 -32.14 -12.80 -17.12
CA ILE D 227 -31.47 -12.43 -18.36
C ILE D 227 -30.92 -13.70 -18.99
N THR D 228 -31.28 -13.94 -20.24
CA THR D 228 -30.83 -15.11 -20.99
C THR D 228 -29.93 -14.65 -22.13
N THR D 229 -28.77 -15.29 -22.24
CA THR D 229 -27.80 -14.94 -23.28
C THR D 229 -28.13 -15.69 -24.58
N LYS D 230 -27.62 -15.15 -25.68
CA LYS D 230 -27.85 -15.75 -26.98
C LYS D 230 -27.17 -17.11 -27.09
N GLN D 231 -27.84 -18.04 -27.76
CA GLN D 231 -27.31 -19.38 -27.97
C GLN D 231 -27.51 -19.78 -29.42
N GLY D 232 -26.65 -20.66 -29.91
CA GLY D 232 -26.74 -21.12 -31.28
C GLY D 232 -28.01 -21.91 -31.52
N LYS D 233 -28.81 -21.46 -32.49
CA LYS D 233 -30.05 -22.15 -32.82
C LYS D 233 -29.75 -23.42 -33.62
N LYS D 234 -30.46 -24.49 -33.29
CA LYS D 234 -30.21 -25.79 -33.91
C LYS D 234 -30.48 -25.75 -35.40
N GLY D 235 -29.57 -26.33 -36.18
CA GLY D 235 -29.75 -26.47 -37.61
C GLY D 235 -29.36 -25.28 -38.45
N GLN D 236 -28.74 -24.25 -37.86
CA GLN D 236 -28.33 -23.09 -38.65
C GLN D 236 -27.11 -22.44 -38.01
N ILE D 237 -26.39 -21.68 -38.83
CA ILE D 237 -25.21 -20.95 -38.41
C ILE D 237 -25.32 -19.52 -38.94
N LYS D 238 -25.13 -18.54 -38.05
CA LYS D 238 -25.38 -17.14 -38.38
C LYS D 238 -24.31 -16.25 -37.78
N ILE D 239 -24.23 -15.03 -38.32
CA ILE D 239 -23.33 -13.99 -37.83
C ILE D 239 -24.04 -12.65 -37.93
N ASN D 240 -23.72 -11.76 -36.98
CA ASN D 240 -24.28 -10.42 -36.96
C ASN D 240 -23.20 -9.43 -36.54
N PHE D 241 -23.00 -8.40 -37.36
CA PHE D 241 -22.04 -7.34 -37.07
C PHE D 241 -22.79 -6.01 -36.99
N ASP D 242 -22.64 -5.33 -35.85
CA ASP D 242 -23.33 -4.07 -35.60
C ASP D 242 -22.31 -2.98 -35.36
N ALA D 243 -22.49 -1.85 -36.06
CA ALA D 243 -21.64 -0.67 -35.87
C ALA D 243 -22.52 0.52 -35.55
N SER D 244 -22.03 1.39 -34.67
CA SER D 244 -22.82 2.53 -34.23
C SER D 244 -21.91 3.68 -33.84
N VAL D 245 -22.18 4.87 -34.39
CA VAL D 245 -21.44 6.08 -34.06
C VAL D 245 -22.45 7.15 -33.66
N SER D 246 -22.24 7.77 -32.50
CA SER D 246 -23.19 8.71 -31.96
C SER D 246 -22.46 9.95 -31.43
N ALA D 247 -23.15 11.09 -31.51
CA ALA D 247 -22.68 12.34 -30.95
C ALA D 247 -23.63 12.78 -29.85
N SER D 248 -23.09 13.10 -28.68
CA SER D 248 -23.87 13.53 -27.53
C SER D 248 -23.62 15.01 -27.29
N MET D 249 -24.70 15.78 -27.21
CA MET D 249 -24.65 17.22 -27.03
C MET D 249 -25.36 17.62 -25.74
N TYR D 250 -24.80 18.63 -25.08
CA TYR D 250 -25.36 19.11 -23.82
C TYR D 250 -26.64 19.91 -24.09
N GLN D 251 -27.72 19.53 -23.41
CA GLN D 251 -29.01 20.19 -23.57
C GLN D 251 -29.46 20.99 -22.35
N SER D 252 -29.21 20.47 -21.14
CA SER D 252 -29.65 21.13 -19.92
C SER D 252 -28.62 22.13 -19.42
N LYS D 253 -28.21 23.04 -20.29
CA LYS D 253 -27.25 24.07 -19.93
C LYS D 253 -27.89 25.05 -18.96
N MET D 254 -27.47 25.00 -17.69
CA MET D 254 -28.02 25.89 -16.69
C MET D 254 -27.62 27.33 -16.99
N ASN D 255 -28.60 28.23 -16.98
CA ASN D 255 -28.35 29.63 -17.26
C ASN D 255 -27.80 30.32 -16.02
N VAL D 256 -26.64 30.96 -16.16
CA VAL D 256 -25.98 31.66 -15.06
C VAL D 256 -25.67 33.08 -15.48
N LEU D 257 -25.54 33.95 -14.48
CA LEU D 257 -25.28 35.35 -14.74
C LEU D 257 -23.89 35.56 -15.33
N ASN D 258 -23.80 36.44 -16.32
CA ASN D 258 -22.52 36.85 -16.86
C ASN D 258 -21.94 37.96 -15.97
N THR D 259 -20.88 38.60 -16.44
CA THR D 259 -20.25 39.66 -15.65
C THR D 259 -21.21 40.82 -15.42
N GLU D 260 -21.84 41.30 -16.50
CA GLU D 260 -22.78 42.42 -16.37
C GLU D 260 -23.99 42.03 -15.54
N GLN D 261 -24.54 40.82 -15.77
CA GLN D 261 -25.68 40.37 -14.99
C GLN D 261 -25.32 40.19 -13.52
N TYR D 262 -24.13 39.64 -13.24
CA TYR D 262 -23.69 39.50 -11.86
C TYR D 262 -23.55 40.86 -11.18
N GLY D 263 -22.96 41.83 -11.88
CA GLY D 263 -22.86 43.16 -11.32
C GLY D 263 -24.20 43.81 -11.06
N ARG D 264 -25.14 43.64 -12.01
CA ARG D 264 -26.47 44.19 -11.83
C ARG D 264 -27.18 43.56 -10.64
N ALA D 265 -27.06 42.23 -10.49
CA ALA D 265 -27.68 41.56 -9.36
C ALA D 265 -27.07 42.01 -8.04
N MET D 266 -25.74 42.16 -7.99
CA MET D 266 -25.11 42.63 -6.77
C MET D 266 -25.53 44.05 -6.43
N TRP D 267 -25.62 44.92 -7.43
CA TRP D 267 -26.08 46.29 -7.20
C TRP D 267 -27.52 46.30 -6.71
N GLN D 268 -28.37 45.46 -7.29
CA GLN D 268 -29.77 45.39 -6.85
C GLN D 268 -29.86 44.92 -5.40
N ALA D 269 -29.08 43.90 -5.04
CA ALA D 269 -29.09 43.44 -3.65
C ALA D 269 -28.60 44.53 -2.70
N TYR D 270 -27.54 45.25 -3.09
CA TYR D 270 -27.00 46.30 -2.24
C TYR D 270 -28.01 47.42 -2.05
N VAL D 271 -28.67 47.86 -3.11
CA VAL D 271 -29.64 48.95 -2.98
C VAL D 271 -30.89 48.48 -2.24
N ASN D 272 -31.26 47.20 -2.38
CA ASN D 272 -32.40 46.68 -1.63
C ASN D 272 -32.10 46.63 -0.14
N ASP D 273 -30.87 46.26 0.23
CA ASP D 273 -30.49 46.23 1.63
C ASP D 273 -30.14 47.60 2.19
N GLY D 274 -30.10 48.63 1.35
CA GLY D 274 -29.81 49.98 1.80
C GLY D 274 -28.34 50.30 1.94
N GLU D 275 -27.45 49.37 1.64
CA GLU D 275 -26.02 49.63 1.73
C GLU D 275 -25.52 50.28 0.43
N ASN D 276 -24.32 50.84 0.51
CA ASN D 276 -23.72 51.49 -0.64
C ASN D 276 -23.23 50.44 -1.63
N PRO D 277 -23.73 50.41 -2.87
CA PRO D 277 -23.24 49.41 -3.83
C PRO D 277 -21.78 49.57 -4.20
N ASN D 278 -21.20 50.75 -4.01
CA ASN D 278 -19.80 50.97 -4.35
C ASN D 278 -18.84 50.41 -3.30
N GLY D 279 -19.34 49.94 -2.17
CA GLY D 279 -18.49 49.37 -1.14
C GLY D 279 -18.36 47.86 -1.27
N ASN D 280 -18.74 47.32 -2.43
CA ASN D 280 -18.66 45.89 -2.65
C ASN D 280 -17.23 45.37 -2.65
N ALA D 281 -16.25 46.23 -2.96
CA ALA D 281 -14.84 45.85 -2.96
C ALA D 281 -14.57 44.67 -3.89
N LEU D 282 -15.27 44.65 -5.03
CA LEU D 282 -15.08 43.61 -6.04
C LEU D 282 -14.70 44.20 -7.40
N GLY D 283 -14.25 45.45 -7.42
CA GLY D 283 -13.87 46.10 -8.65
C GLY D 283 -15.02 46.68 -9.45
N TYR D 284 -16.23 46.68 -8.90
CA TYR D 284 -17.41 47.19 -9.59
C TYR D 284 -17.66 48.63 -9.17
N ALA D 285 -17.71 49.53 -10.15
CA ALA D 285 -18.06 50.93 -9.93
C ALA D 285 -19.40 51.19 -10.61
N TYR D 286 -20.38 51.66 -9.85
CA TYR D 286 -21.74 51.81 -10.34
C TYR D 286 -22.10 53.29 -10.44
N ASN D 287 -22.54 53.69 -11.63
CA ASN D 287 -23.15 55.01 -11.84
C ASN D 287 -24.65 54.80 -11.84
N TRP D 288 -25.32 55.31 -10.81
CA TRP D 288 -26.74 55.04 -10.60
C TRP D 288 -27.38 56.23 -9.91
N GLY D 289 -28.71 56.27 -9.96
CA GLY D 289 -29.48 57.33 -9.33
C GLY D 289 -30.84 56.88 -8.88
N TYR D 290 -31.74 57.85 -8.64
CA TYR D 290 -33.10 57.58 -8.22
C TYR D 290 -34.09 58.12 -9.26
N ASN D 291 -35.23 57.45 -9.36
CA ASN D 291 -36.28 57.85 -10.29
C ASN D 291 -37.23 58.82 -9.60
N ALA D 292 -38.36 59.11 -10.24
CA ALA D 292 -39.35 60.01 -9.65
C ALA D 292 -39.94 59.41 -8.39
N ASP D 293 -40.20 58.11 -8.37
CA ASP D 293 -40.79 57.45 -7.22
C ASP D 293 -39.79 57.16 -6.12
N GLY D 294 -38.50 57.41 -6.35
CA GLY D 294 -37.46 57.17 -5.36
C GLY D 294 -36.84 55.80 -5.41
N ASN D 295 -37.33 54.90 -6.26
CA ASN D 295 -36.73 53.58 -6.38
C ASN D 295 -35.37 53.70 -7.06
N PRO D 296 -34.32 53.06 -6.54
CA PRO D 296 -33.01 53.15 -7.18
C PRO D 296 -33.02 52.56 -8.59
N VAL D 297 -32.29 53.20 -9.48
CA VAL D 297 -32.16 52.76 -10.86
C VAL D 297 -30.68 52.80 -11.24
N LEU D 298 -30.23 51.78 -11.96
CA LEU D 298 -28.83 51.64 -12.34
C LEU D 298 -28.64 52.13 -13.77
N TYR D 299 -27.73 53.08 -13.95
CA TYR D 299 -27.44 53.62 -15.27
C TYR D 299 -26.29 52.90 -15.96
N GLY D 300 -25.21 52.62 -15.23
CA GLY D 300 -24.08 51.94 -15.84
C GLY D 300 -23.15 51.36 -14.79
N MET D 301 -22.28 50.47 -15.26
CA MET D 301 -21.29 49.82 -14.40
C MET D 301 -19.96 49.73 -15.13
N THR D 302 -18.89 49.73 -14.35
CA THR D 302 -17.53 49.60 -14.88
C THR D 302 -16.74 48.66 -13.97
N LEU D 303 -15.72 48.04 -14.55
CA LEU D 303 -14.88 47.08 -13.84
C LEU D 303 -13.42 47.41 -14.02
N SER D 304 -12.63 47.13 -12.98
CA SER D 304 -11.18 47.22 -13.09
C SER D 304 -10.65 46.10 -13.99
N LYS D 305 -9.57 46.40 -14.71
CA LYS D 305 -9.02 45.44 -15.65
C LYS D 305 -8.54 44.17 -14.93
N TYR D 306 -7.89 44.34 -13.78
CA TYR D 306 -7.35 43.22 -13.03
C TYR D 306 -8.07 43.12 -11.68
N LEU D 307 -8.46 41.90 -11.30
CA LEU D 307 -9.18 41.70 -10.06
C LEU D 307 -8.28 41.82 -8.84
N ASP D 308 -6.97 41.69 -9.00
CA ASP D 308 -6.01 41.77 -7.91
C ASP D 308 -5.06 42.95 -8.11
N SER D 309 -4.28 43.23 -7.09
CA SER D 309 -3.28 44.30 -7.14
C SER D 309 -1.99 43.87 -7.82
N LYS D 310 -1.82 42.58 -8.11
CA LYS D 310 -0.64 42.07 -8.77
C LYS D 310 -0.79 42.02 -10.29
N ASN D 311 -1.96 42.40 -10.82
CA ASN D 311 -2.21 42.39 -12.26
C ASN D 311 -1.97 41.02 -12.88
N THR D 312 -2.40 39.97 -12.18
CA THR D 312 -2.23 38.60 -12.64
C THR D 312 -3.54 37.90 -12.99
N MET D 313 -4.68 38.48 -12.64
CA MET D 313 -5.99 37.88 -12.89
C MET D 313 -6.88 38.90 -13.58
N PRO D 314 -6.75 39.05 -14.90
CA PRO D 314 -7.59 40.00 -15.62
C PRO D 314 -9.06 39.58 -15.63
N VAL D 315 -9.93 40.57 -15.68
CA VAL D 315 -11.37 40.32 -15.70
C VAL D 315 -11.78 39.86 -17.10
N ALA D 316 -12.73 38.92 -17.15
CA ALA D 316 -13.20 38.40 -18.41
C ALA D 316 -14.59 37.80 -18.21
N ASP D 317 -15.29 37.60 -19.32
CA ASP D 317 -16.61 36.97 -19.32
C ASP D 317 -16.42 35.52 -19.74
N THR D 318 -16.46 34.62 -18.76
CA THR D 318 -16.19 33.21 -18.97
C THR D 318 -17.47 32.40 -18.78
N ASP D 319 -17.81 31.59 -19.79
CA ASP D 319 -18.93 30.65 -19.70
C ASP D 319 -18.39 29.35 -19.14
N TRP D 320 -18.49 29.18 -17.83
CA TRP D 320 -17.90 28.02 -17.17
C TRP D 320 -18.58 26.74 -17.60
N PHE D 321 -19.91 26.76 -17.75
CA PHE D 321 -20.62 25.56 -18.20
C PHE D 321 -20.19 25.15 -19.59
N ASP D 322 -20.03 26.12 -20.49
CA ASP D 322 -19.52 25.79 -21.83
C ASP D 322 -18.06 25.37 -21.79
N GLU D 323 -17.27 25.96 -20.89
CA GLU D 323 -15.85 25.62 -20.79
C GLU D 323 -15.66 24.18 -20.33
N ILE D 324 -16.48 23.72 -19.37
CA ILE D 324 -16.31 22.38 -18.82
C ILE D 324 -17.09 21.32 -19.58
N THR D 325 -17.83 21.69 -20.62
CA THR D 325 -18.61 20.75 -21.40
C THR D 325 -18.09 20.67 -22.82
N ARG D 326 -18.41 19.56 -23.49
CA ARG D 326 -17.97 19.31 -24.85
C ARG D 326 -19.03 18.47 -25.56
N THR D 327 -18.72 18.08 -26.79
CA THR D 327 -19.60 17.20 -27.58
C THR D 327 -18.99 15.80 -27.55
N GLY D 328 -19.61 14.90 -26.81
CA GLY D 328 -19.06 13.56 -26.64
C GLY D 328 -19.28 12.68 -27.86
N VAL D 329 -18.39 11.70 -28.01
CA VAL D 329 -18.43 10.75 -29.12
C VAL D 329 -18.59 9.35 -28.54
N ILE D 330 -19.56 8.61 -29.06
CA ILE D 330 -19.85 7.24 -28.62
C ILE D 330 -19.67 6.31 -29.81
N GLN D 331 -18.91 5.23 -29.60
CA GLN D 331 -18.69 4.25 -30.66
C GLN D 331 -18.94 2.86 -30.12
N GLN D 332 -19.71 2.06 -30.87
CA GLN D 332 -20.04 0.69 -30.48
C GLN D 332 -19.82 -0.23 -31.67
N TYR D 333 -19.13 -1.34 -31.44
CA TYR D 333 -18.86 -2.33 -32.49
C TYR D 333 -19.02 -3.72 -31.89
N ASN D 334 -20.01 -4.47 -32.39
CA ASN D 334 -20.28 -5.81 -31.91
C ASN D 334 -20.20 -6.80 -33.06
N LEU D 335 -19.72 -8.01 -32.77
CA LEU D 335 -19.63 -9.07 -33.76
C LEU D 335 -19.95 -10.39 -33.05
N SER D 336 -21.07 -11.00 -33.41
CA SER D 336 -21.53 -12.24 -32.78
C SER D 336 -21.71 -13.31 -33.83
N VAL D 337 -21.37 -14.55 -33.46
CA VAL D 337 -21.53 -15.71 -34.35
C VAL D 337 -22.13 -16.84 -33.54
N SER D 338 -23.06 -17.57 -34.16
CA SER D 338 -23.71 -18.70 -33.52
C SER D 338 -23.76 -19.87 -34.49
N ASN D 339 -23.71 -21.08 -33.93
CA ASN D 339 -23.74 -22.30 -34.75
C ASN D 339 -24.45 -23.38 -33.97
N GLY D 340 -25.51 -23.94 -34.54
CA GLY D 340 -26.25 -25.00 -33.87
C GLY D 340 -26.17 -26.33 -34.57
N SER D 341 -26.37 -27.41 -33.82
CA SER D 341 -26.32 -28.76 -34.36
C SER D 341 -27.13 -29.68 -33.46
N GLU D 342 -27.35 -30.90 -33.94
CA GLU D 342 -28.11 -31.87 -33.15
C GLU D 342 -27.31 -32.38 -31.96
N LYS D 343 -25.98 -32.37 -32.05
CA LYS D 343 -25.12 -32.82 -30.96
C LYS D 343 -24.68 -31.69 -30.04
N GLY D 344 -25.04 -30.45 -30.34
CA GLY D 344 -24.64 -29.34 -29.51
C GLY D 344 -24.77 -28.03 -30.25
N SER D 345 -24.35 -26.96 -29.57
CA SER D 345 -24.40 -25.63 -30.13
C SER D 345 -23.33 -24.76 -29.48
N SER D 346 -23.02 -23.64 -30.14
CA SER D 346 -21.98 -22.74 -29.67
C SER D 346 -22.27 -21.33 -30.15
N PHE D 347 -21.66 -20.37 -29.45
CA PHE D 347 -21.87 -18.95 -29.70
C PHE D 347 -20.68 -18.18 -29.17
N PHE D 348 -20.22 -17.21 -29.96
CA PHE D 348 -19.04 -16.41 -29.63
C PHE D 348 -19.29 -14.96 -30.02
N SER D 349 -19.13 -14.05 -29.06
CA SER D 349 -19.42 -12.64 -29.28
C SER D 349 -18.27 -11.77 -28.79
N LEU D 350 -17.92 -10.77 -29.59
CA LEU D 350 -16.91 -9.78 -29.23
C LEU D 350 -17.50 -8.38 -29.37
N GLY D 351 -17.44 -7.61 -28.30
CA GLY D 351 -18.03 -6.28 -28.30
C GLY D 351 -17.06 -5.24 -27.77
N TYR D 352 -17.16 -4.04 -28.33
CA TYR D 352 -16.39 -2.89 -27.90
C TYR D 352 -17.30 -1.68 -27.81
N TYR D 353 -17.22 -0.96 -26.70
CA TYR D 353 -18.02 0.24 -26.47
C TYR D 353 -17.12 1.33 -25.94
N LYS D 354 -17.39 2.58 -26.35
CA LYS D 354 -16.68 3.72 -25.81
C LYS D 354 -17.62 4.91 -25.78
N ASN D 355 -17.64 5.62 -24.65
CA ASN D 355 -18.49 6.78 -24.46
C ASN D 355 -17.67 7.89 -23.83
N LEU D 356 -17.60 9.03 -24.51
CA LEU D 356 -16.99 10.23 -23.99
C LEU D 356 -18.10 11.12 -23.44
N GLY D 357 -18.02 11.44 -22.14
CA GLY D 357 -19.07 12.23 -21.53
C GLY D 357 -19.04 13.67 -21.97
N VAL D 358 -20.17 14.35 -21.75
CA VAL D 358 -20.24 15.77 -22.06
C VAL D 358 -19.28 16.56 -21.19
N ILE D 359 -19.13 16.17 -19.93
CA ILE D 359 -18.14 16.78 -19.05
C ILE D 359 -16.75 16.37 -19.50
N LYS D 360 -15.86 17.34 -19.62
CA LYS D 360 -14.52 17.08 -20.12
C LYS D 360 -13.73 16.17 -19.19
N ASP D 361 -12.82 15.40 -19.78
CA ASP D 361 -11.92 14.50 -19.04
C ASP D 361 -12.69 13.41 -18.31
N THR D 362 -13.84 13.02 -18.83
CA THR D 362 -14.63 11.91 -18.31
C THR D 362 -14.96 10.97 -19.46
N ASP D 363 -14.69 9.68 -19.28
CA ASP D 363 -14.91 8.73 -20.37
C ASP D 363 -15.05 7.33 -19.78
N PHE D 364 -15.57 6.41 -20.61
CA PHE D 364 -15.77 5.03 -20.19
C PHE D 364 -15.76 4.13 -21.42
N ASP D 365 -14.83 3.17 -21.46
CA ASP D 365 -14.79 2.21 -22.54
C ASP D 365 -14.79 0.80 -21.97
N ARG D 366 -15.25 -0.16 -22.77
CA ARG D 366 -15.45 -1.52 -22.33
C ARG D 366 -15.22 -2.50 -23.47
N PHE D 367 -14.39 -3.51 -23.23
CA PHE D 367 -14.23 -4.65 -24.10
C PHE D 367 -14.96 -5.85 -23.47
N SER D 368 -15.60 -6.66 -24.31
CA SER D 368 -16.37 -7.80 -23.83
C SER D 368 -16.17 -8.99 -24.77
N ALA D 369 -15.99 -10.16 -24.17
CA ALA D 369 -15.85 -11.41 -24.93
C ALA D 369 -16.70 -12.48 -24.26
N ARG D 370 -17.68 -13.02 -24.99
CA ARG D 370 -18.59 -14.00 -24.45
C ARG D 370 -18.51 -15.30 -25.26
N MET D 371 -18.41 -16.42 -24.57
CA MET D 371 -18.37 -17.75 -25.18
C MET D 371 -19.40 -18.63 -24.49
N ASN D 372 -20.38 -19.11 -25.26
CA ASN D 372 -21.39 -20.03 -24.76
C ASN D 372 -21.33 -21.31 -25.58
N SER D 373 -21.57 -22.45 -24.94
CA SER D 373 -21.59 -23.71 -25.67
C SER D 373 -22.39 -24.74 -24.88
N ASP D 374 -22.85 -25.76 -25.59
CA ASP D 374 -23.52 -26.89 -24.98
C ASP D 374 -23.32 -28.12 -25.85
N TYR D 375 -23.19 -29.27 -25.20
CA TYR D 375 -22.94 -30.54 -25.85
C TYR D 375 -23.90 -31.59 -25.30
N LYS D 376 -24.44 -32.41 -26.19
CA LYS D 376 -25.35 -33.50 -25.82
C LYS D 376 -24.67 -34.82 -26.16
N LEU D 377 -24.47 -35.67 -25.16
CA LEU D 377 -23.81 -36.95 -25.33
C LEU D 377 -24.68 -38.05 -24.73
N ILE D 378 -24.36 -39.29 -25.10
CA ILE D 378 -25.09 -40.48 -24.66
C ILE D 378 -26.57 -40.30 -25.00
N ASP D 379 -26.88 -40.35 -26.31
CA ASP D 379 -28.23 -40.27 -26.89
C ASP D 379 -29.17 -39.37 -26.08
N ASP D 380 -28.73 -38.13 -25.84
CA ASP D 380 -29.46 -37.06 -25.17
C ASP D 380 -29.63 -37.27 -23.67
N ILE D 381 -29.07 -38.34 -23.11
CA ILE D 381 -29.14 -38.51 -21.65
C ILE D 381 -28.27 -37.49 -20.94
N LEU D 382 -27.04 -37.29 -21.43
CA LEU D 382 -26.08 -36.41 -20.79
C LEU D 382 -25.98 -35.10 -21.55
N THR D 383 -25.90 -34.00 -20.81
CA THR D 383 -25.70 -32.68 -21.40
C THR D 383 -24.70 -31.91 -20.55
N ILE D 384 -23.78 -31.21 -21.22
CA ILE D 384 -22.79 -30.38 -20.55
C ILE D 384 -22.75 -29.03 -21.24
N GLY D 385 -23.02 -27.96 -20.50
CA GLY D 385 -23.05 -26.64 -21.08
C GLY D 385 -22.23 -25.66 -20.24
N GLN D 386 -21.86 -24.56 -20.87
CA GLN D 386 -21.12 -23.51 -20.19
C GLN D 386 -21.44 -22.17 -20.84
N HIS D 387 -21.49 -21.14 -20.00
CA HIS D 387 -21.67 -19.75 -20.45
C HIS D 387 -20.64 -18.90 -19.73
N PHE D 388 -19.78 -18.23 -20.49
CA PHE D 388 -18.69 -17.46 -19.93
C PHE D 388 -18.62 -16.09 -20.58
N THR D 389 -18.24 -15.09 -19.81
CA THR D 389 -17.98 -13.76 -20.36
C THR D 389 -16.89 -13.07 -19.56
N LEU D 390 -16.07 -12.32 -20.27
CA LEU D 390 -14.99 -11.52 -19.71
C LEU D 390 -15.17 -10.07 -20.15
N ASN D 391 -15.04 -9.15 -19.21
CA ASN D 391 -15.25 -7.74 -19.48
C ASN D 391 -14.07 -6.94 -18.93
N ARG D 392 -13.68 -5.89 -19.66
CA ARG D 392 -12.63 -4.98 -19.24
C ARG D 392 -13.11 -3.56 -19.47
N THR D 393 -13.43 -2.86 -18.39
CA THR D 393 -13.96 -1.50 -18.45
C THR D 393 -12.96 -0.54 -17.83
N SER D 394 -12.54 0.46 -18.61
CA SER D 394 -11.66 1.51 -18.13
C SER D 394 -12.44 2.82 -18.11
N GLU D 395 -12.41 3.52 -16.97
CA GLU D 395 -13.26 4.69 -16.82
C GLU D 395 -12.54 5.79 -16.05
N VAL D 396 -12.74 7.03 -16.50
CA VAL D 396 -12.39 8.23 -15.75
C VAL D 396 -13.69 8.95 -15.44
N GLN D 397 -13.98 9.14 -14.16
CA GLN D 397 -15.24 9.71 -13.70
C GLN D 397 -15.08 11.18 -13.33
N ALA D 398 -16.17 11.92 -13.43
CA ALA D 398 -16.16 13.32 -13.05
C ALA D 398 -16.01 13.47 -11.54
N PRO D 399 -15.28 14.48 -11.07
CA PRO D 399 -15.19 14.70 -9.62
C PRO D 399 -16.53 15.08 -9.02
N GLY D 400 -16.69 14.73 -7.74
CA GLY D 400 -17.92 15.02 -7.03
C GLY D 400 -18.25 16.49 -6.97
N GLY D 401 -19.48 16.86 -7.33
CA GLY D 401 -19.90 18.24 -7.31
C GLY D 401 -19.20 19.12 -8.32
N ILE D 402 -18.89 18.58 -9.50
CA ILE D 402 -18.25 19.39 -10.54
C ILE D 402 -19.24 20.42 -11.09
N ILE D 403 -20.49 20.01 -11.30
CA ILE D 403 -21.52 20.95 -11.77
C ILE D 403 -21.75 22.03 -10.74
N GLU D 404 -21.81 21.66 -9.46
CA GLU D 404 -21.97 22.66 -8.40
C GLU D 404 -20.82 23.64 -8.37
N THR D 405 -19.58 23.15 -8.52
CA THR D 405 -18.43 24.03 -8.53
C THR D 405 -18.47 24.96 -9.73
N ALA D 406 -18.85 24.45 -10.90
CA ALA D 406 -18.94 25.28 -12.10
C ALA D 406 -20.00 26.35 -11.95
N LEU D 407 -21.14 26.01 -11.33
CA LEU D 407 -22.20 26.99 -11.15
C LEU D 407 -21.83 28.04 -10.09
N ASP D 408 -21.11 27.63 -9.04
CA ASP D 408 -20.82 28.55 -7.95
C ASP D 408 -19.80 29.60 -8.34
N ILE D 409 -18.79 29.22 -9.12
CA ILE D 409 -17.72 30.17 -9.46
C ILE D 409 -18.27 31.28 -10.35
N PRO D 410 -17.99 32.55 -10.04
CA PRO D 410 -18.49 33.63 -10.88
C PRO D 410 -17.84 33.63 -12.25
N SER D 411 -18.55 34.20 -13.23
CA SER D 411 -18.05 34.26 -14.60
C SER D 411 -16.90 35.25 -14.75
N ALA D 412 -16.69 36.14 -13.78
CA ALA D 412 -15.62 37.12 -13.87
C ALA D 412 -14.24 36.50 -13.77
N ILE D 413 -14.13 35.30 -13.20
CA ILE D 413 -12.85 34.63 -13.04
C ILE D 413 -12.38 34.08 -14.39
N PRO D 414 -11.21 34.45 -14.87
CA PRO D 414 -10.72 33.92 -16.14
C PRO D 414 -10.29 32.47 -16.01
N VAL D 415 -10.33 31.76 -17.14
CA VAL D 415 -9.86 30.39 -17.17
C VAL D 415 -8.37 30.32 -16.93
N TYR D 416 -7.61 31.22 -17.56
CA TYR D 416 -6.16 31.26 -17.44
C TYR D 416 -5.72 32.61 -16.89
N ALA D 417 -4.64 32.61 -16.13
CA ALA D 417 -4.11 33.83 -15.53
C ALA D 417 -3.26 34.56 -16.56
N SER D 418 -2.61 35.65 -16.13
CA SER D 418 -1.78 36.43 -17.03
C SER D 418 -0.53 35.65 -17.46
N ASP D 419 0.02 34.82 -16.58
CA ASP D 419 1.23 34.06 -16.87
C ASP D 419 0.93 32.71 -17.51
N GLY D 420 -0.32 32.42 -17.83
CA GLY D 420 -0.70 31.16 -18.43
C GLY D 420 -1.10 30.08 -17.45
N SER D 421 -0.99 30.32 -16.15
CA SER D 421 -1.40 29.35 -15.15
C SER D 421 -2.92 29.33 -15.04
N TRP D 422 -3.43 28.34 -14.30
CA TRP D 422 -4.86 28.21 -14.10
C TRP D 422 -5.40 29.40 -13.31
N GLY D 423 -6.54 29.94 -13.77
CA GLY D 423 -7.15 31.06 -13.10
C GLY D 423 -7.79 30.65 -11.79
N GLY D 424 -7.94 31.64 -10.90
CA GLY D 424 -8.55 31.42 -9.61
C GLY D 424 -8.98 32.70 -8.95
N PRO D 425 -9.86 32.60 -7.96
CA PRO D 425 -10.33 33.80 -7.26
C PRO D 425 -9.22 34.48 -6.49
N VAL D 426 -9.29 35.81 -6.45
CA VAL D 426 -8.33 36.63 -5.73
C VAL D 426 -9.08 37.70 -4.95
N GLY D 427 -8.41 38.23 -3.93
CA GLY D 427 -9.02 39.29 -3.13
C GLY D 427 -10.28 38.80 -2.43
N GLY D 428 -11.36 39.56 -2.60
CA GLY D 428 -12.64 39.26 -1.96
C GLY D 428 -13.54 38.31 -2.71
N TRP D 429 -13.11 37.76 -3.83
CA TRP D 429 -13.93 36.83 -4.58
C TRP D 429 -14.12 35.53 -3.80
N PRO D 430 -15.24 34.85 -3.99
CA PRO D 430 -15.54 33.65 -3.18
C PRO D 430 -14.54 32.53 -3.44
N ASP D 431 -14.34 31.72 -2.41
CA ASP D 431 -13.39 30.61 -2.43
C ASP D 431 -13.95 29.42 -3.20
N ARG D 432 -13.85 29.48 -4.53
CA ARG D 432 -14.33 28.41 -5.39
C ARG D 432 -13.21 27.97 -6.32
N ARG D 433 -12.97 26.66 -6.39
CA ARG D 433 -11.91 26.14 -7.23
C ARG D 433 -12.31 26.22 -8.71
N ASN D 434 -11.30 26.22 -9.56
CA ASN D 434 -11.53 26.29 -11.00
C ASN D 434 -12.04 24.94 -11.50
N PRO D 435 -13.26 24.86 -12.03
CA PRO D 435 -13.74 23.56 -12.52
C PRO D 435 -12.92 23.00 -13.66
N ARG D 436 -12.44 23.86 -14.57
CA ARG D 436 -11.61 23.38 -15.67
C ARG D 436 -10.31 22.80 -15.17
N ALA D 437 -9.67 23.47 -14.20
CA ALA D 437 -8.44 22.95 -13.63
C ALA D 437 -8.69 21.65 -12.86
N VAL D 438 -9.82 21.56 -12.17
CA VAL D 438 -10.17 20.32 -11.47
C VAL D 438 -10.33 19.18 -12.45
N LEU D 439 -11.03 19.42 -13.56
CA LEU D 439 -11.19 18.39 -14.58
C LEU D 439 -9.84 18.01 -15.20
N GLU D 440 -8.98 19.00 -15.44
CA GLU D 440 -7.66 18.72 -16.00
C GLU D 440 -6.82 17.86 -15.06
N TYR D 441 -6.88 18.15 -13.76
CA TYR D 441 -6.12 17.37 -12.79
C TYR D 441 -6.73 16.00 -12.54
N ASN D 442 -8.02 15.84 -12.76
CA ASN D 442 -8.71 14.57 -12.51
C ASN D 442 -8.71 13.66 -13.73
N LYS D 443 -8.15 14.10 -14.86
CA LYS D 443 -8.16 13.27 -16.07
C LYS D 443 -7.31 12.02 -15.94
N ASP D 444 -6.38 12.00 -14.98
CA ASP D 444 -5.49 10.86 -14.78
C ASP D 444 -6.04 9.85 -13.78
N ASN D 445 -7.20 10.11 -13.18
CA ASN D 445 -7.81 9.19 -12.21
C ASN D 445 -8.63 8.14 -12.98
N ARG D 446 -7.90 7.28 -13.69
CA ARG D 446 -8.50 6.23 -14.51
C ARG D 446 -8.46 4.92 -13.73
N TYR D 447 -9.59 4.22 -13.69
CA TYR D 447 -9.68 2.93 -13.02
C TYR D 447 -10.06 1.84 -14.02
N THR D 448 -9.47 0.67 -13.83
CA THR D 448 -9.68 -0.49 -14.68
C THR D 448 -10.42 -1.57 -13.89
N TYR D 449 -11.41 -2.19 -14.53
CA TYR D 449 -12.28 -3.15 -13.90
C TYR D 449 -12.40 -4.37 -14.79
N TRP D 450 -11.94 -5.52 -14.30
CA TRP D 450 -12.07 -6.81 -14.98
C TRP D 450 -13.22 -7.59 -14.35
N ARG D 451 -14.16 -8.01 -15.17
CA ARG D 451 -15.32 -8.77 -14.73
C ARG D 451 -15.25 -10.17 -15.34
N MET D 452 -15.50 -11.18 -14.51
CA MET D 452 -15.41 -12.59 -14.86
C MET D 452 -16.73 -13.22 -14.49
N PHE D 453 -17.54 -13.59 -15.48
CA PHE D 453 -18.84 -14.20 -15.20
C PHE D 453 -18.91 -15.53 -15.93
N GLY D 454 -18.68 -16.63 -15.20
CA GLY D 454 -18.68 -17.94 -15.81
C GLY D 454 -19.64 -18.90 -15.15
N ASP D 455 -20.06 -19.93 -15.89
CA ASP D 455 -20.98 -20.92 -15.36
C ASP D 455 -20.85 -22.20 -16.16
N ALA D 456 -20.81 -23.33 -15.46
CA ALA D 456 -20.75 -24.65 -16.08
C ALA D 456 -21.81 -25.55 -15.44
N TYR D 457 -22.63 -26.17 -16.27
CA TYR D 457 -23.72 -27.01 -15.78
C TYR D 457 -23.69 -28.36 -16.48
N VAL D 458 -24.12 -29.39 -15.75
CA VAL D 458 -24.23 -30.74 -16.26
C VAL D 458 -25.63 -31.27 -15.92
N ASN D 459 -26.25 -31.94 -16.89
CA ASN D 459 -27.59 -32.45 -16.75
C ASN D 459 -27.62 -33.93 -17.14
N LEU D 460 -28.31 -34.73 -16.33
CA LEU D 460 -28.42 -36.17 -16.55
C LEU D 460 -29.88 -36.57 -16.46
N THR D 461 -30.32 -37.43 -17.37
CA THR D 461 -31.70 -37.92 -17.41
C THR D 461 -31.70 -39.43 -17.24
N PRO D 462 -31.90 -39.96 -16.03
CA PRO D 462 -31.97 -41.41 -15.86
C PRO D 462 -33.07 -42.06 -16.68
N PHE D 463 -34.20 -41.38 -16.84
CA PHE D 463 -35.26 -41.85 -17.72
C PHE D 463 -35.98 -40.64 -18.29
N LYS D 464 -37.17 -40.85 -18.85
CA LYS D 464 -37.86 -39.79 -19.60
C LYS D 464 -38.22 -38.61 -18.70
N GLY D 465 -38.69 -38.88 -17.48
CA GLY D 465 -39.24 -37.85 -16.63
C GLY D 465 -38.34 -37.28 -15.56
N PHE D 466 -37.12 -37.78 -15.41
CA PHE D 466 -36.24 -37.37 -14.32
C PHE D 466 -35.05 -36.59 -14.87
N ASN D 467 -34.71 -35.50 -14.20
CA ASN D 467 -33.57 -34.66 -14.58
C ASN D 467 -32.79 -34.28 -13.34
N LEU D 468 -31.47 -34.37 -13.43
CA LEU D 468 -30.57 -33.96 -12.36
C LEU D 468 -29.56 -32.98 -12.93
N ARG D 469 -29.51 -31.76 -12.37
CA ARG D 469 -28.64 -30.70 -12.86
C ARG D 469 -27.71 -30.24 -11.76
N SER D 470 -26.42 -30.24 -12.06
CA SER D 470 -25.39 -29.69 -11.17
C SER D 470 -24.75 -28.49 -11.86
N THR D 471 -24.82 -27.33 -11.22
CA THR D 471 -24.40 -26.07 -11.82
C THR D 471 -23.42 -25.37 -10.90
N PHE D 472 -22.32 -24.87 -11.48
CA PHE D 472 -21.32 -24.10 -10.75
C PHE D 472 -21.14 -22.76 -11.44
N GLY D 473 -21.34 -21.68 -10.69
CA GLY D 473 -21.21 -20.33 -11.22
C GLY D 473 -20.15 -19.55 -10.45
N LEU D 474 -19.41 -18.72 -11.18
CA LEU D 474 -18.31 -17.93 -10.61
C LEU D 474 -18.40 -16.50 -11.11
N ASP D 475 -18.19 -15.55 -10.20
CA ASP D 475 -18.16 -14.13 -10.52
C ASP D 475 -16.94 -13.53 -9.84
N TYR D 476 -15.94 -13.15 -10.63
CA TYR D 476 -14.68 -12.61 -10.11
C TYR D 476 -14.50 -11.20 -10.64
N ALA D 477 -14.42 -10.23 -9.73
CA ALA D 477 -14.29 -8.83 -10.09
C ALA D 477 -12.98 -8.28 -9.56
N ASN D 478 -12.22 -7.63 -10.43
CA ASN D 478 -10.93 -7.02 -10.09
C ASN D 478 -10.99 -5.53 -10.42
N LYS D 479 -10.56 -4.70 -9.50
CA LYS D 479 -10.54 -3.26 -9.72
C LYS D 479 -9.18 -2.70 -9.32
N GLN D 480 -8.56 -1.97 -10.25
CA GLN D 480 -7.27 -1.34 -10.01
C GLN D 480 -7.38 0.14 -10.34
N ALA D 481 -6.99 0.99 -9.38
CA ALA D 481 -7.09 2.43 -9.57
C ALA D 481 -5.82 3.11 -9.08
N ARG D 482 -5.47 4.22 -9.72
CA ARG D 482 -4.33 5.05 -9.33
C ARG D 482 -4.79 6.50 -9.34
N TYR D 483 -5.04 7.06 -8.15
CA TYR D 483 -5.51 8.42 -8.00
C TYR D 483 -4.34 9.34 -7.70
N PHE D 484 -4.31 10.49 -8.38
CA PHE D 484 -3.22 11.45 -8.25
C PHE D 484 -3.74 12.75 -7.66
N THR D 485 -2.95 13.35 -6.78
CA THR D 485 -3.28 14.63 -6.14
C THR D 485 -2.15 15.60 -6.48
N TYR D 486 -2.34 16.38 -7.54
CA TYR D 486 -1.34 17.33 -8.00
C TYR D 486 -1.37 18.61 -7.16
N PRO D 487 -0.24 19.28 -7.03
CA PRO D 487 -0.24 20.59 -6.34
C PRO D 487 -0.85 21.65 -7.24
N TYR D 488 -1.82 22.39 -6.69
CA TYR D 488 -2.52 23.43 -7.42
C TYR D 488 -2.48 24.73 -6.64
N GLN D 489 -2.44 25.84 -7.38
CA GLN D 489 -2.45 27.19 -6.80
C GLN D 489 -3.34 28.05 -7.70
N GLU D 490 -4.61 28.15 -7.33
CA GLU D 490 -5.61 28.90 -8.09
C GLU D 490 -5.95 30.16 -7.30
N GLY D 491 -5.16 31.21 -7.52
CA GLY D 491 -5.36 32.44 -6.76
C GLY D 491 -5.13 32.19 -5.28
N THR D 492 -6.14 32.48 -4.47
CA THR D 492 -6.08 32.21 -3.04
C THR D 492 -6.36 30.76 -2.68
N GLN D 493 -6.78 29.94 -3.65
CA GLN D 493 -7.07 28.53 -3.41
C GLN D 493 -5.83 27.71 -3.74
N THR D 494 -5.33 26.98 -2.74
CA THR D 494 -4.16 26.14 -2.92
C THR D 494 -4.16 25.05 -1.87
N ASN D 495 -3.35 24.01 -2.12
CA ASN D 495 -3.20 22.89 -1.20
C ASN D 495 -1.80 22.83 -0.59
N ASN D 496 -1.11 23.98 -0.53
CA ASN D 496 0.24 24.07 0.04
C ASN D 496 1.20 23.13 -0.67
N GLY D 497 1.07 23.02 -1.99
CA GLY D 497 1.96 22.16 -2.76
C GLY D 497 1.87 20.69 -2.41
N LYS D 498 0.66 20.18 -2.25
CA LYS D 498 0.45 18.79 -1.87
C LYS D 498 0.37 17.92 -3.12
N SER D 499 1.28 16.96 -3.22
CA SER D 499 1.29 15.98 -4.32
C SER D 499 1.30 14.58 -3.71
N ALA D 500 0.41 13.72 -4.20
CA ALA D 500 0.29 12.39 -3.61
C ALA D 500 -0.22 11.40 -4.66
N VAL D 501 0.01 10.13 -4.37
CA VAL D 501 -0.47 9.02 -5.20
C VAL D 501 -1.16 8.01 -4.30
N GLU D 502 -2.24 7.43 -4.81
CA GLU D 502 -3.04 6.45 -4.08
C GLU D 502 -3.30 5.28 -5.03
N ALA D 503 -2.66 4.15 -4.78
CA ALA D 503 -2.83 2.94 -5.58
C ALA D 503 -3.75 1.99 -4.84
N LYS D 504 -4.92 1.71 -5.42
CA LYS D 504 -5.95 0.91 -4.76
C LYS D 504 -6.27 -0.33 -5.58
N GLN D 505 -6.43 -1.45 -4.89
CA GLN D 505 -6.77 -2.73 -5.50
C GLN D 505 -7.94 -3.34 -4.74
N GLU D 506 -8.93 -3.84 -5.47
CA GLU D 506 -10.12 -4.46 -4.89
C GLU D 506 -10.43 -5.76 -5.60
N HIS D 507 -10.80 -6.77 -4.82
CA HIS D 507 -11.14 -8.10 -5.34
C HIS D 507 -12.48 -8.52 -4.78
N TRP D 508 -13.34 -9.08 -5.63
CA TRP D 508 -14.60 -9.69 -5.24
C TRP D 508 -14.66 -11.07 -5.86
N THR D 509 -15.06 -12.07 -5.07
CA THR D 509 -15.13 -13.44 -5.55
C THR D 509 -16.40 -14.09 -5.02
N LYS D 510 -17.32 -14.44 -5.92
CA LYS D 510 -18.55 -15.12 -5.57
C LYS D 510 -18.58 -16.46 -6.29
N TRP D 511 -18.90 -17.53 -5.57
CA TRP D 511 -19.09 -18.83 -6.19
C TRP D 511 -20.34 -19.49 -5.65
N MET D 512 -21.09 -20.11 -6.57
CA MET D 512 -22.38 -20.72 -6.28
C MET D 512 -22.42 -22.14 -6.83
N TRP D 513 -22.97 -23.05 -6.04
CA TRP D 513 -23.19 -24.44 -6.46
C TRP D 513 -24.66 -24.77 -6.28
N ASN D 514 -25.27 -25.35 -7.31
CA ASN D 514 -26.69 -25.67 -7.31
C ASN D 514 -26.89 -27.11 -7.74
N ALA D 515 -27.70 -27.85 -6.98
CA ALA D 515 -28.10 -29.21 -7.32
C ALA D 515 -29.61 -29.26 -7.40
N ILE D 516 -30.13 -29.63 -8.57
CA ILE D 516 -31.57 -29.59 -8.85
C ILE D 516 -32.00 -30.97 -9.30
N ALA D 517 -33.10 -31.46 -8.73
CA ALA D 517 -33.72 -32.72 -9.15
C ALA D 517 -35.17 -32.45 -9.52
N THR D 518 -35.53 -32.78 -10.75
CA THR D 518 -36.86 -32.48 -11.28
C THR D 518 -37.50 -33.74 -11.84
N TYR D 519 -38.81 -33.88 -11.58
CA TYR D 519 -39.59 -34.98 -12.11
C TYR D 519 -40.88 -34.45 -12.71
N GLN D 520 -41.25 -34.97 -13.88
CA GLN D 520 -42.44 -34.54 -14.59
C GLN D 520 -43.30 -35.75 -14.94
N LEU D 521 -44.60 -35.60 -14.75
CA LEU D 521 -45.58 -36.65 -15.06
C LEU D 521 -46.73 -36.04 -15.85
N GLU D 522 -47.26 -36.82 -16.79
CA GLU D 522 -48.34 -36.39 -17.69
C GLU D 522 -49.47 -37.41 -17.66
N VAL D 523 -49.92 -37.78 -16.46
CA VAL D 523 -50.85 -38.89 -16.31
C VAL D 523 -52.28 -38.38 -16.51
N GLY D 524 -52.99 -39.01 -17.45
CA GLY D 524 -54.34 -38.58 -17.77
C GLY D 524 -54.33 -37.13 -18.25
N LYS D 525 -55.24 -36.34 -17.69
CA LYS D 525 -55.28 -34.90 -17.93
C LYS D 525 -54.49 -34.11 -16.89
N HIS D 526 -53.82 -34.80 -15.96
CA HIS D 526 -53.10 -34.17 -14.87
C HIS D 526 -51.61 -34.12 -15.19
N ARG D 527 -51.04 -32.92 -15.16
CA ARG D 527 -49.62 -32.69 -15.34
C ARG D 527 -49.00 -32.30 -14.00
N GLY D 528 -47.96 -33.01 -13.58
CA GLY D 528 -47.35 -32.75 -12.30
C GLY D 528 -45.84 -32.62 -12.36
N ASP D 529 -45.32 -31.47 -11.91
CA ASP D 529 -43.89 -31.21 -11.86
C ASP D 529 -43.47 -31.06 -10.40
N VAL D 530 -42.49 -31.84 -9.98
CA VAL D 530 -41.95 -31.79 -8.62
C VAL D 530 -40.45 -31.56 -8.72
N MET D 531 -39.98 -30.47 -8.12
CA MET D 531 -38.57 -30.09 -8.20
C MET D 531 -38.05 -29.78 -6.81
N ILE D 532 -36.84 -30.25 -6.53
CA ILE D 532 -36.14 -29.96 -5.29
C ILE D 532 -34.76 -29.42 -5.64
N GLY D 533 -34.21 -28.60 -4.74
CA GLY D 533 -32.93 -27.99 -5.02
C GLY D 533 -32.15 -27.53 -3.80
N MET D 534 -30.84 -27.70 -3.85
CA MET D 534 -29.92 -27.26 -2.82
C MET D 534 -28.93 -26.27 -3.44
N GLU D 535 -28.82 -25.09 -2.82
CA GLU D 535 -27.97 -24.03 -3.34
C GLU D 535 -27.03 -23.53 -2.26
N LEU D 536 -25.77 -23.34 -2.64
CA LEU D 536 -24.74 -22.79 -1.76
C LEU D 536 -24.11 -21.59 -2.44
N ASN D 537 -24.02 -20.47 -1.72
CA ASN D 537 -23.41 -19.25 -2.22
C ASN D 537 -22.32 -18.82 -1.25
N ARG D 538 -21.20 -18.34 -1.79
CA ARG D 538 -20.12 -17.81 -0.96
C ARG D 538 -19.53 -16.59 -1.63
N GLU D 539 -19.50 -15.46 -0.92
CA GLU D 539 -18.92 -14.23 -1.42
C GLU D 539 -17.80 -13.79 -0.48
N ASP D 540 -16.67 -13.41 -1.06
CA ASP D 540 -15.52 -12.90 -0.33
C ASP D 540 -15.01 -11.64 -1.01
N ASP D 541 -14.92 -10.56 -0.25
CA ASP D 541 -14.48 -9.26 -0.78
C ASP D 541 -13.24 -8.82 -0.01
N SER D 542 -12.32 -8.15 -0.71
CA SER D 542 -11.12 -7.64 -0.09
C SER D 542 -10.66 -6.40 -0.84
N HIS D 543 -9.89 -5.56 -0.15
CA HIS D 543 -9.32 -4.38 -0.77
C HIS D 543 -8.10 -3.93 0.02
N PHE D 544 -7.15 -3.33 -0.70
CA PHE D 544 -5.95 -2.78 -0.07
C PHE D 544 -5.40 -1.67 -0.95
N SER D 545 -4.83 -0.66 -0.30
CA SER D 545 -4.34 0.52 -1.00
C SER D 545 -3.12 1.08 -0.31
N GLY D 546 -2.26 1.69 -1.12
CA GLY D 546 -1.07 2.37 -0.63
C GLY D 546 -1.09 3.83 -1.00
N TYR D 547 -0.52 4.65 -0.12
CA TYR D 547 -0.56 6.11 -0.25
C TYR D 547 0.85 6.66 -0.09
N LYS D 548 1.28 7.50 -1.03
CA LYS D 548 2.61 8.08 -1.02
C LYS D 548 2.52 9.56 -1.33
N GLU D 549 3.53 10.32 -0.92
CA GLU D 549 3.53 11.77 -1.04
C GLU D 549 4.91 12.26 -1.47
N ASP D 550 5.03 13.59 -1.58
CA ASP D 550 6.30 14.28 -1.83
C ASP D 550 6.94 13.83 -3.14
N PHE D 551 6.24 14.15 -4.24
CA PHE D 551 6.76 13.95 -5.58
C PHE D 551 7.28 15.26 -6.16
N SER D 552 8.14 15.13 -7.17
CA SER D 552 8.83 16.28 -7.76
C SER D 552 8.44 16.53 -9.20
N ILE D 553 8.52 15.51 -10.06
CA ILE D 553 8.23 15.72 -11.49
C ILE D 553 6.76 16.03 -11.69
N LEU D 554 5.88 15.40 -10.91
CA LEU D 554 4.43 15.63 -10.94
C LEU D 554 3.85 15.25 -12.31
N THR D 555 4.07 14.00 -12.69
CA THR D 555 3.49 13.41 -13.88
C THR D 555 3.06 12.00 -13.55
N PRO D 556 2.06 11.46 -14.25
CA PRO D 556 1.62 10.08 -13.97
C PRO D 556 2.73 9.05 -14.14
N ASP D 557 3.66 9.27 -15.07
CA ASP D 557 4.75 8.33 -15.26
C ASP D 557 5.65 8.27 -14.03
N TYR D 558 5.93 9.43 -13.43
CA TYR D 558 6.83 9.49 -12.29
C TYR D 558 6.12 9.19 -10.97
N MET D 559 4.81 9.46 -10.90
CA MET D 559 4.07 9.29 -9.64
C MET D 559 3.83 7.81 -9.39
N TRP D 560 4.78 7.18 -8.72
CA TRP D 560 4.66 5.81 -8.23
C TRP D 560 5.09 5.77 -6.77
N PRO D 561 4.53 4.83 -5.99
CA PRO D 561 4.87 4.80 -4.55
C PRO D 561 6.35 4.61 -4.27
N ASP D 562 7.08 3.88 -5.12
CA ASP D 562 8.51 3.73 -4.91
C ASP D 562 9.26 5.03 -5.21
N ALA D 563 8.70 5.89 -6.06
CA ALA D 563 9.33 7.14 -6.42
C ALA D 563 9.00 8.27 -5.45
N GLY D 564 8.12 8.04 -4.47
CA GLY D 564 7.79 9.06 -3.51
C GLY D 564 8.87 9.25 -2.46
N SER D 565 8.79 10.37 -1.76
CA SER D 565 9.76 10.71 -0.72
C SER D 565 9.07 11.29 0.51
N GLY D 566 7.82 10.89 0.76
CA GLY D 566 7.08 11.42 1.89
C GLY D 566 6.45 10.34 2.75
N THR D 567 5.50 10.73 3.58
CA THR D 567 4.81 9.78 4.46
C THR D 567 3.98 8.81 3.62
N ALA D 568 4.08 7.53 3.94
CA ALA D 568 3.34 6.48 3.26
C ALA D 568 2.33 5.86 4.20
N GLN D 569 1.16 5.51 3.65
CA GLN D 569 0.09 4.91 4.43
C GLN D 569 -0.40 3.64 3.75
N ALA D 570 -0.88 2.70 4.55
CA ALA D 570 -1.40 1.44 4.04
C ALA D 570 -2.79 1.21 4.60
N TYR D 571 -3.74 0.88 3.72
CA TYR D 571 -5.10 0.55 4.12
C TYR D 571 -5.46 -0.81 3.58
N GLY D 572 -6.31 -1.54 4.31
CA GLY D 572 -6.70 -2.85 3.87
C GLY D 572 -7.81 -3.47 4.70
N ALA D 573 -8.78 -4.10 4.02
CA ALA D 573 -9.90 -4.71 4.71
C ALA D 573 -10.39 -5.90 3.91
N GLY D 574 -11.13 -6.77 4.59
CA GLY D 574 -11.72 -7.95 3.96
C GLY D 574 -12.96 -8.38 4.70
N GLU D 575 -13.87 -9.01 3.98
CA GLU D 575 -15.14 -9.46 4.54
C GLU D 575 -15.73 -10.51 3.63
N GLY D 576 -16.91 -11.01 3.99
CA GLY D 576 -17.59 -11.99 3.18
C GLY D 576 -18.77 -12.58 3.91
N TYR D 577 -19.49 -13.43 3.19
CA TYR D 577 -20.65 -14.11 3.75
C TYR D 577 -20.97 -15.33 2.92
N SER D 578 -21.94 -16.12 3.41
CA SER D 578 -22.35 -17.36 2.76
C SER D 578 -23.85 -17.53 2.91
N LEU D 579 -24.43 -18.32 2.01
CA LEU D 579 -25.85 -18.56 1.95
C LEU D 579 -26.11 -20.04 1.65
N VAL D 580 -27.06 -20.63 2.36
CA VAL D 580 -27.48 -22.01 2.15
C VAL D 580 -28.99 -22.02 1.93
N SER D 581 -29.45 -22.71 0.89
CA SER D 581 -30.86 -22.72 0.55
C SER D 581 -31.30 -24.12 0.17
N PHE D 582 -32.46 -24.53 0.68
CA PHE D 582 -33.14 -25.76 0.28
C PHE D 582 -34.54 -25.39 -0.16
N PHE D 583 -34.85 -25.59 -1.43
CA PHE D 583 -36.12 -25.14 -1.98
C PHE D 583 -36.85 -26.28 -2.67
N GLY D 584 -38.18 -26.20 -2.65
CA GLY D 584 -39.03 -27.19 -3.31
C GLY D 584 -40.20 -26.54 -4.01
N LYS D 585 -40.48 -26.98 -5.24
CA LYS D 585 -41.52 -26.41 -6.08
C LYS D 585 -42.39 -27.52 -6.62
N MET D 586 -43.71 -27.38 -6.48
CA MET D 586 -44.66 -28.35 -7.01
C MET D 586 -45.69 -27.62 -7.85
N ASN D 587 -45.87 -28.09 -9.09
CA ASN D 587 -46.82 -27.51 -10.03
C ASN D 587 -47.79 -28.59 -10.49
N TYR D 588 -49.08 -28.27 -10.44
CA TYR D 588 -50.14 -29.18 -10.86
C TYR D 588 -51.02 -28.48 -11.88
N SER D 589 -51.28 -29.14 -13.00
CA SER D 589 -52.12 -28.60 -14.06
C SER D 589 -53.23 -29.61 -14.38
N TYR D 590 -54.47 -29.14 -14.33
CA TYR D 590 -55.63 -29.96 -14.62
C TYR D 590 -56.33 -29.40 -15.86
N ALA D 591 -56.48 -30.24 -16.88
CA ALA D 591 -57.17 -29.92 -18.13
C ALA D 591 -56.58 -28.70 -18.82
N ASP D 592 -55.32 -28.36 -18.52
CA ASP D 592 -54.69 -27.13 -19.01
C ASP D 592 -55.53 -25.90 -18.68
N ARG D 593 -56.31 -25.99 -17.61
CA ARG D 593 -57.24 -24.96 -17.19
C ARG D 593 -57.04 -24.53 -15.75
N TYR D 594 -56.72 -25.46 -14.85
CA TYR D 594 -56.51 -25.14 -13.44
C TYR D 594 -55.03 -25.35 -13.11
N LEU D 595 -54.37 -24.30 -12.64
CA LEU D 595 -52.95 -24.35 -12.31
C LEU D 595 -52.75 -24.05 -10.84
N LEU D 596 -51.96 -24.89 -10.17
CA LEU D 596 -51.62 -24.71 -8.77
C LEU D 596 -50.12 -24.83 -8.60
N SER D 597 -49.54 -23.90 -7.83
CA SER D 597 -48.11 -23.90 -7.57
C SER D 597 -47.88 -23.72 -6.08
N LEU D 598 -47.05 -24.56 -5.50
CA LEU D 598 -46.69 -24.49 -4.08
C LEU D 598 -45.18 -24.60 -3.96
N THR D 599 -44.55 -23.60 -3.35
CA THR D 599 -43.11 -23.64 -3.15
C THR D 599 -42.78 -23.36 -1.69
N LEU D 600 -41.72 -24.00 -1.22
CA LEU D 600 -41.21 -23.86 0.13
C LEU D 600 -39.72 -23.60 0.09
N ARG D 601 -39.24 -22.70 0.94
CA ARG D 601 -37.82 -22.36 1.00
C ARG D 601 -37.34 -22.42 2.44
N ARG D 602 -36.16 -23.00 2.64
CA ARG D 602 -35.45 -22.98 3.91
C ARG D 602 -34.10 -22.32 3.66
N ASP D 603 -33.93 -21.11 4.18
CA ASP D 603 -32.79 -20.28 3.86
C ASP D 603 -32.01 -19.92 5.13
N GLY D 604 -30.69 -20.00 5.03
CA GLY D 604 -29.83 -19.65 6.14
C GLY D 604 -28.64 -18.85 5.65
N SER D 605 -28.17 -17.95 6.51
CA SER D 605 -27.05 -17.07 6.17
C SER D 605 -26.08 -17.02 7.33
N SER D 606 -24.83 -16.69 7.01
CA SER D 606 -23.78 -16.54 8.02
C SER D 606 -23.85 -15.22 8.76
N ARG D 607 -24.72 -14.30 8.34
CA ARG D 607 -24.84 -13.00 8.98
C ARG D 607 -25.65 -13.05 10.28
N PHE D 608 -26.29 -14.17 10.58
CA PHE D 608 -27.09 -14.32 11.79
C PHE D 608 -26.46 -15.36 12.70
N GLY D 609 -26.95 -15.40 13.94
CA GLY D 609 -26.50 -16.39 14.89
C GLY D 609 -27.05 -17.77 14.58
N LYS D 610 -26.53 -18.76 15.32
CA LYS D 610 -26.95 -20.14 15.09
C LYS D 610 -28.42 -20.35 15.42
N ASN D 611 -28.91 -19.67 16.46
CA ASN D 611 -30.31 -19.85 16.86
C ASN D 611 -31.27 -19.36 15.79
N HIS D 612 -30.98 -18.23 15.17
CA HIS D 612 -31.84 -17.63 14.16
C HIS D 612 -31.22 -17.69 12.76
N ARG D 613 -30.45 -18.75 12.49
CA ARG D 613 -29.75 -18.83 11.20
C ARG D 613 -30.72 -19.15 10.07
N TYR D 614 -31.63 -20.09 10.27
CA TYR D 614 -32.49 -20.61 9.22
C TYR D 614 -33.92 -20.10 9.38
N ALA D 615 -34.57 -19.88 8.24
CA ALA D 615 -35.96 -19.42 8.21
C ALA D 615 -36.69 -20.10 7.05
N THR D 616 -38.01 -20.19 7.20
CA THR D 616 -38.87 -20.89 6.25
C THR D 616 -39.82 -19.91 5.59
N PHE D 617 -39.98 -20.03 4.28
CA PHE D 617 -40.81 -19.13 3.49
C PHE D 617 -41.71 -19.94 2.56
N PRO D 618 -43.04 -19.91 2.74
CA PRO D 618 -43.94 -20.57 1.79
C PRO D 618 -44.50 -19.62 0.75
N SER D 619 -44.96 -20.17 -0.39
CA SER D 619 -45.64 -19.38 -1.40
C SER D 619 -46.61 -20.27 -2.16
N VAL D 620 -47.80 -19.73 -2.45
CA VAL D 620 -48.87 -20.43 -3.13
C VAL D 620 -49.36 -19.56 -4.29
N SER D 621 -49.70 -20.21 -5.40
CA SER D 621 -50.21 -19.52 -6.57
C SER D 621 -51.32 -20.36 -7.21
N LEU D 622 -52.40 -19.69 -7.60
CA LEU D 622 -53.53 -20.32 -8.26
C LEU D 622 -53.81 -19.61 -9.58
N GLY D 623 -54.27 -20.37 -10.56
CA GLY D 623 -54.60 -19.81 -11.85
C GLY D 623 -55.72 -20.54 -12.56
N TRP D 624 -56.63 -19.78 -13.19
CA TRP D 624 -57.79 -20.34 -13.87
C TRP D 624 -57.90 -19.68 -15.23
N ARG D 625 -57.90 -20.50 -16.28
CA ARG D 625 -58.05 -20.02 -17.65
C ARG D 625 -59.53 -20.03 -17.98
N ILE D 626 -60.17 -18.85 -17.94
CA ILE D 626 -61.60 -18.76 -18.17
C ILE D 626 -61.94 -19.12 -19.61
N THR D 627 -61.06 -18.77 -20.56
CA THR D 627 -61.31 -19.06 -21.96
C THR D 627 -61.38 -20.56 -22.24
N GLN D 628 -60.77 -21.40 -21.38
CA GLN D 628 -60.82 -22.83 -21.58
C GLN D 628 -62.14 -23.45 -21.12
N GLU D 629 -62.92 -22.72 -20.34
CA GLU D 629 -64.22 -23.22 -19.90
C GLU D 629 -65.18 -23.30 -21.08
N ASN D 630 -66.05 -24.31 -21.04
CA ASN D 630 -66.94 -24.62 -22.15
C ASN D 630 -68.21 -23.77 -22.18
N PHE D 631 -68.41 -22.90 -21.19
CA PHE D 631 -69.62 -22.09 -21.15
C PHE D 631 -69.51 -20.80 -21.97
N MET D 632 -68.36 -20.54 -22.58
CA MET D 632 -68.18 -19.37 -23.43
C MET D 632 -67.49 -19.74 -24.74
N LYS D 633 -67.88 -20.87 -25.33
CA LYS D 633 -67.34 -21.26 -26.62
C LYS D 633 -67.77 -20.33 -27.74
N GLU D 634 -68.88 -19.61 -27.57
CA GLU D 634 -69.37 -18.69 -28.59
C GLU D 634 -68.61 -17.37 -28.61
N LEU D 635 -67.77 -17.10 -27.61
CA LEU D 635 -66.99 -15.86 -27.54
C LEU D 635 -65.75 -16.03 -28.40
N THR D 636 -65.93 -15.90 -29.72
CA THR D 636 -64.82 -16.03 -30.64
C THR D 636 -63.85 -14.85 -30.52
N TRP D 637 -64.36 -13.66 -30.23
CA TRP D 637 -63.50 -12.50 -30.10
C TRP D 637 -62.54 -12.64 -28.93
N LEU D 638 -63.02 -13.17 -27.80
CA LEU D 638 -62.17 -13.40 -26.64
C LEU D 638 -61.25 -14.59 -26.88
N ASP D 639 -60.04 -14.33 -27.37
CA ASP D 639 -59.11 -15.42 -27.68
C ASP D 639 -58.63 -16.13 -26.42
N ASP D 640 -58.28 -15.35 -25.38
CA ASP D 640 -57.73 -15.94 -24.17
C ASP D 640 -58.01 -15.02 -22.98
N LEU D 641 -58.33 -15.63 -21.84
CA LEU D 641 -58.57 -14.88 -20.61
C LEU D 641 -58.16 -15.76 -19.43
N LYS D 642 -57.34 -15.21 -18.54
CA LYS D 642 -56.82 -15.95 -17.39
C LYS D 642 -56.83 -15.07 -16.15
N LEU D 643 -57.27 -15.65 -15.04
CA LEU D 643 -57.27 -14.99 -13.73
C LEU D 643 -56.32 -15.75 -12.81
N ARG D 644 -55.35 -15.04 -12.24
CA ARG D 644 -54.37 -15.67 -11.36
C ARG D 644 -54.22 -14.88 -10.07
N ALA D 645 -53.92 -15.60 -9.00
CA ALA D 645 -53.66 -15.01 -7.70
C ALA D 645 -52.45 -15.68 -7.08
N SER D 646 -51.77 -14.96 -6.21
CA SER D 646 -50.57 -15.50 -5.57
C SER D 646 -50.38 -14.84 -4.21
N TRP D 647 -49.98 -15.66 -3.23
CA TRP D 647 -49.62 -15.18 -1.90
C TRP D 647 -48.31 -15.85 -1.51
N GLY D 648 -47.25 -15.05 -1.33
CA GLY D 648 -45.94 -15.59 -1.09
C GLY D 648 -45.21 -14.85 0.01
N GLN D 649 -44.22 -15.53 0.58
CA GLN D 649 -43.35 -14.94 1.58
C GLN D 649 -41.90 -15.09 1.13
N THR D 650 -41.12 -14.04 1.34
CA THR D 650 -39.71 -14.03 0.97
C THR D 650 -38.89 -13.44 2.11
N GLY D 651 -37.61 -13.80 2.13
CA GLY D 651 -36.70 -13.39 3.18
C GLY D 651 -35.69 -12.37 2.67
N ASN D 652 -35.40 -11.38 3.51
CA ASN D 652 -34.43 -10.34 3.20
C ASN D 652 -33.38 -10.31 4.31
N GLN D 653 -32.11 -10.33 3.90
CA GLN D 653 -31.00 -10.26 4.85
C GLN D 653 -29.87 -9.38 4.33
N GLU D 654 -30.16 -8.46 3.41
CA GLU D 654 -29.14 -7.59 2.81
C GLU D 654 -28.73 -6.54 3.83
N ILE D 655 -27.83 -6.93 4.72
CA ILE D 655 -27.32 -6.07 5.79
C ILE D 655 -25.80 -6.18 5.80
N SER D 656 -25.19 -5.49 6.76
CA SER D 656 -23.74 -5.57 6.94
C SER D 656 -23.35 -6.98 7.36
N ASN D 657 -22.18 -7.42 6.88
CA ASN D 657 -21.71 -8.77 7.22
C ASN D 657 -21.47 -8.90 8.72
N LEU D 658 -20.86 -7.89 9.33
CA LEU D 658 -20.58 -7.89 10.76
C LEU D 658 -21.67 -7.11 11.50
N ALA D 659 -22.87 -7.69 11.51
CA ALA D 659 -24.04 -7.05 12.09
C ALA D 659 -24.35 -7.53 13.50
N ARG D 660 -24.05 -8.79 13.82
CA ARG D 660 -24.35 -9.35 15.14
C ARG D 660 -23.18 -9.27 16.10
N TYR D 661 -22.07 -8.63 15.71
CA TYR D 661 -20.88 -8.52 16.54
C TYR D 661 -20.70 -7.08 16.99
N THR D 662 -20.34 -6.91 18.27
CA THR D 662 -19.94 -5.60 18.78
C THR D 662 -18.54 -5.30 18.26
N ILE D 663 -18.44 -4.38 17.31
CA ILE D 663 -17.22 -4.18 16.55
C ILE D 663 -16.33 -3.19 17.29
N TYR D 664 -15.11 -3.61 17.60
CA TYR D 664 -14.06 -2.74 18.12
C TYR D 664 -12.92 -2.74 17.12
N ALA D 665 -12.53 -1.54 16.66
CA ALA D 665 -11.52 -1.43 15.63
C ALA D 665 -10.40 -0.51 16.08
N PRO D 666 -9.15 -0.82 15.72
CA PRO D 666 -8.00 0.04 16.08
C PRO D 666 -7.79 1.16 15.07
N ASN D 667 -8.70 2.13 15.07
CA ASN D 667 -8.64 3.27 14.15
C ASN D 667 -7.54 4.21 14.62
N TYR D 668 -6.33 3.99 14.11
CA TYR D 668 -5.20 4.82 14.49
C TYR D 668 -5.40 6.27 14.04
N GLY D 669 -5.95 6.46 12.85
CA GLY D 669 -6.17 7.80 12.33
C GLY D 669 -5.45 8.05 11.03
N THR D 670 -5.15 6.99 10.29
CA THR D 670 -4.44 7.11 9.02
C THR D 670 -5.37 7.43 7.86
N THR D 671 -6.68 7.41 8.07
CA THR D 671 -7.64 7.67 7.01
C THR D 671 -7.94 9.16 6.92
N ASP D 672 -7.98 9.68 5.69
CA ASP D 672 -8.28 11.08 5.47
C ASP D 672 -9.70 11.41 5.89
N SER D 673 -9.87 12.55 6.54
CA SER D 673 -11.17 13.01 6.99
C SER D 673 -11.30 14.51 6.77
N PHE D 674 -12.52 14.96 6.52
CA PHE D 674 -12.81 16.37 6.29
C PHE D 674 -13.36 16.99 7.57
N GLY D 675 -12.81 18.13 7.96
CA GLY D 675 -13.20 18.80 9.17
C GLY D 675 -12.50 18.35 10.43
N GLY D 676 -11.64 17.34 10.35
CA GLY D 676 -10.90 16.85 11.49
C GLY D 676 -11.63 15.85 12.35
N GLN D 677 -12.83 15.44 11.97
CA GLN D 677 -13.58 14.44 12.74
C GLN D 677 -13.22 13.02 12.32
N SER D 678 -11.92 12.71 12.34
CA SER D 678 -11.45 11.39 11.95
C SER D 678 -11.78 10.33 12.99
N TYR D 679 -12.01 10.73 14.24
CA TYR D 679 -12.31 9.79 15.34
C TYR D 679 -11.21 8.75 15.51
N GLY D 680 -9.98 9.11 15.16
CA GLY D 680 -8.88 8.19 15.30
C GLY D 680 -8.47 7.99 16.76
N THR D 681 -7.71 6.92 16.99
CA THR D 681 -7.25 6.57 18.33
C THR D 681 -5.73 6.65 18.34
N ALA D 682 -5.22 7.86 18.61
CA ALA D 682 -3.78 8.09 18.71
C ALA D 682 -3.57 9.39 19.47
N TYR D 683 -2.94 9.31 20.64
CA TYR D 683 -2.73 10.48 21.48
C TYR D 683 -1.27 10.55 21.91
N ASP D 684 -0.71 11.76 21.89
CA ASP D 684 0.66 12.00 22.34
C ASP D 684 0.64 12.16 23.86
N ILE D 685 0.55 11.02 24.54
CA ILE D 685 0.44 11.03 26.00
C ILE D 685 1.72 11.59 26.64
N THR D 686 2.86 11.41 25.98
CA THR D 686 4.11 11.94 26.52
C THR D 686 4.16 13.47 26.39
N GLY D 687 3.64 13.99 25.29
CA GLY D 687 3.66 15.43 25.06
C GLY D 687 4.92 15.89 24.35
N SER D 688 5.39 15.11 23.39
CA SER D 688 6.59 15.41 22.64
C SER D 688 6.30 15.98 21.25
N ASN D 689 5.05 16.37 20.99
CA ASN D 689 4.63 16.92 19.70
C ASN D 689 4.95 15.96 18.56
N GLY D 690 4.68 14.68 18.78
CA GLY D 690 4.90 13.69 17.74
C GLY D 690 6.36 13.28 17.64
N GLY D 691 6.75 12.88 16.43
CA GLY D 691 8.09 12.40 16.18
C GLY D 691 8.25 10.89 16.17
N GLY D 692 7.16 10.15 16.25
CA GLY D 692 7.25 8.71 16.24
C GLY D 692 5.87 8.09 16.24
N VAL D 693 5.83 6.79 16.55
CA VAL D 693 4.57 6.05 16.59
C VAL D 693 3.92 6.32 17.94
N LEU D 694 2.76 6.99 17.90
CA LEU D 694 2.03 7.30 19.13
C LEU D 694 1.30 6.07 19.64
N PRO D 695 1.07 5.98 20.96
CA PRO D 695 0.27 4.88 21.49
C PRO D 695 -1.14 4.91 20.91
N SER D 696 -1.70 3.72 20.70
CA SER D 696 -3.02 3.61 20.09
C SER D 696 -3.95 2.77 20.95
N GLY D 697 -5.14 2.47 20.42
CA GLY D 697 -6.12 1.68 21.14
C GLY D 697 -7.23 1.16 20.26
N PHE D 698 -8.45 1.09 20.81
CA PHE D 698 -9.59 0.59 20.07
C PHE D 698 -10.80 1.48 20.33
N LYS D 699 -11.72 1.50 19.36
CA LYS D 699 -12.97 2.24 19.50
C LYS D 699 -14.12 1.34 19.05
N ARG D 700 -15.30 1.59 19.61
CA ARG D 700 -16.48 0.79 19.31
C ARG D 700 -17.16 1.33 18.06
N ASN D 701 -17.32 0.47 17.05
CA ASN D 701 -17.99 0.84 15.82
C ASN D 701 -19.50 0.61 15.90
N GLN D 702 -19.92 -0.51 16.48
CA GLN D 702 -21.34 -0.79 16.66
C GLN D 702 -21.50 -1.82 17.76
N ILE D 703 -22.72 -1.89 18.30
CA ILE D 703 -23.08 -2.84 19.33
C ILE D 703 -23.76 -4.03 18.68
N GLY D 704 -23.28 -5.23 18.99
CA GLY D 704 -23.83 -6.42 18.37
C GLY D 704 -25.21 -6.77 18.90
N ASN D 705 -25.90 -7.61 18.13
CA ASN D 705 -27.25 -8.06 18.49
C ASN D 705 -27.40 -9.48 17.98
N ASP D 706 -27.57 -10.43 18.90
CA ASP D 706 -27.68 -11.84 18.56
C ASP D 706 -29.12 -12.27 18.26
N ASN D 707 -30.08 -11.35 18.34
CA ASN D 707 -31.48 -11.66 18.11
C ASN D 707 -31.95 -11.26 16.72
N ILE D 708 -31.03 -10.86 15.83
CA ILE D 708 -31.42 -10.47 14.48
C ILE D 708 -31.81 -11.69 13.67
N LYS D 709 -32.89 -11.57 12.92
CA LYS D 709 -33.40 -12.65 12.08
C LYS D 709 -33.77 -12.10 10.70
N TRP D 710 -34.31 -12.98 9.86
CA TRP D 710 -34.66 -12.59 8.50
C TRP D 710 -35.83 -11.62 8.50
N GLU D 711 -35.82 -10.71 7.52
CA GLU D 711 -36.93 -9.80 7.30
C GLU D 711 -37.95 -10.47 6.39
N THR D 712 -39.20 -10.54 6.83
CA THR D 712 -40.23 -11.30 6.13
C THR D 712 -41.10 -10.36 5.31
N THR D 713 -41.10 -10.55 3.99
CA THR D 713 -41.92 -9.76 3.08
C THR D 713 -43.00 -10.65 2.50
N THR D 714 -44.25 -10.29 2.73
CA THR D 714 -45.40 -11.01 2.22
C THR D 714 -46.01 -10.24 1.05
N GLN D 715 -46.13 -10.90 -0.10
CA GLN D 715 -46.65 -10.29 -1.32
C GLN D 715 -47.90 -11.02 -1.76
N THR D 716 -48.97 -10.25 -1.99
CA THR D 716 -50.22 -10.77 -2.53
C THR D 716 -50.49 -10.09 -3.86
N ASN D 717 -50.60 -10.88 -4.93
CA ASN D 717 -50.77 -10.36 -6.28
C ASN D 717 -52.00 -10.97 -6.93
N VAL D 718 -52.75 -10.14 -7.65
CA VAL D 718 -53.91 -10.57 -8.41
C VAL D 718 -53.75 -10.05 -9.84
N GLY D 719 -53.84 -10.94 -10.82
CA GLY D 719 -53.61 -10.57 -12.20
C GLY D 719 -54.67 -11.11 -13.13
N ILE D 720 -54.96 -10.30 -14.16
CA ILE D 720 -55.89 -10.67 -15.23
C ILE D 720 -55.15 -10.51 -16.54
N ASP D 721 -55.01 -11.59 -17.29
CA ASP D 721 -54.36 -11.57 -18.59
C ASP D 721 -55.40 -11.83 -19.67
N PHE D 722 -55.46 -10.95 -20.67
CA PHE D 722 -56.46 -11.05 -21.72
C PHE D 722 -55.80 -10.90 -23.09
N SER D 723 -56.42 -11.55 -24.08
CA SER D 723 -55.97 -11.47 -25.46
C SER D 723 -57.20 -11.61 -26.35
N LEU D 724 -57.41 -10.64 -27.22
CA LEU D 724 -58.62 -10.54 -28.02
C LEU D 724 -58.28 -10.31 -29.49
N PHE D 725 -59.23 -10.68 -30.35
CA PHE D 725 -59.16 -10.47 -31.79
C PHE D 725 -57.96 -11.22 -32.39
N LYS D 726 -57.97 -12.54 -32.19
CA LYS D 726 -56.97 -13.45 -32.76
C LYS D 726 -55.55 -13.04 -32.33
N GLN D 727 -55.36 -12.90 -31.02
CA GLN D 727 -54.06 -12.58 -30.43
C GLN D 727 -53.48 -11.28 -30.99
N SER D 728 -54.35 -10.30 -31.22
CA SER D 728 -53.94 -8.98 -31.68
C SER D 728 -53.94 -7.93 -30.58
N LEU D 729 -54.98 -7.91 -29.75
CA LEU D 729 -55.08 -6.96 -28.64
C LEU D 729 -54.84 -7.72 -27.34
N TYR D 730 -53.61 -7.68 -26.84
CA TYR D 730 -53.26 -8.37 -25.62
C TYR D 730 -53.07 -7.37 -24.49
N GLY D 731 -53.12 -7.86 -23.26
CA GLY D 731 -52.93 -6.98 -22.12
C GLY D 731 -52.99 -7.74 -20.81
N SER D 732 -52.62 -7.03 -19.76
CA SER D 732 -52.59 -7.58 -18.42
C SER D 732 -52.83 -6.45 -17.41
N LEU D 733 -53.58 -6.79 -16.36
CA LEU D 733 -53.86 -5.86 -15.27
C LEU D 733 -53.46 -6.53 -13.96
N GLU D 734 -52.70 -5.82 -13.13
CA GLU D 734 -52.13 -6.40 -11.92
C GLU D 734 -52.39 -5.48 -10.73
N TYR D 735 -52.71 -6.09 -9.59
CA TYR D 735 -52.82 -5.39 -8.32
C TYR D 735 -51.99 -6.13 -7.29
N TYR D 736 -51.10 -5.41 -6.60
CA TYR D 736 -50.19 -6.04 -5.65
C TYR D 736 -50.19 -5.31 -4.32
N TYR D 737 -50.05 -6.10 -3.26
CA TYR D 737 -49.93 -5.62 -1.89
C TYR D 737 -48.71 -6.27 -1.27
N LYS D 738 -47.73 -5.44 -0.88
CA LYS D 738 -46.50 -5.91 -0.27
C LYS D 738 -46.42 -5.41 1.17
N LYS D 739 -46.13 -6.32 2.09
CA LYS D 739 -46.03 -5.99 3.52
C LYS D 739 -44.74 -6.60 4.05
N ALA D 740 -43.77 -5.75 4.37
CA ALA D 740 -42.49 -6.20 4.89
C ALA D 740 -42.44 -5.91 6.39
N THR D 741 -42.16 -6.95 7.18
CA THR D 741 -42.09 -6.88 8.63
C THR D 741 -40.78 -7.48 9.10
N ASP D 742 -40.45 -7.21 10.37
CA ASP D 742 -39.19 -7.63 10.97
C ASP D 742 -38.01 -7.12 10.14
N ILE D 743 -38.11 -5.88 9.66
CA ILE D 743 -37.11 -5.34 8.75
C ILE D 743 -35.84 -5.03 9.54
N LEU D 744 -34.72 -5.55 9.05
CA LEU D 744 -33.42 -5.32 9.67
C LEU D 744 -32.98 -3.88 9.39
N THR D 745 -33.16 -3.01 10.37
CA THR D 745 -32.79 -1.61 10.26
C THR D 745 -31.69 -1.28 11.26
N GLU D 746 -30.77 -0.41 10.86
CA GLU D 746 -29.65 -0.02 11.70
C GLU D 746 -30.01 1.26 12.44
N MET D 747 -30.53 1.10 13.66
CA MET D 747 -30.88 2.26 14.47
C MET D 747 -29.64 2.93 15.03
N ALA D 748 -29.68 4.25 15.09
CA ALA D 748 -28.57 5.02 15.66
C ALA D 748 -28.68 5.04 17.19
N GLY D 749 -27.65 5.60 17.82
CA GLY D 749 -27.65 5.71 19.26
C GLY D 749 -28.70 6.69 19.76
N VAL D 750 -29.12 6.49 21.01
CA VAL D 750 -30.11 7.35 21.61
C VAL D 750 -29.58 8.76 21.83
N GLY D 751 -28.27 8.94 21.80
CA GLY D 751 -27.67 10.25 21.98
C GLY D 751 -26.67 10.28 23.12
N VAL D 752 -26.99 9.58 24.22
CA VAL D 752 -26.05 9.43 25.33
C VAL D 752 -25.27 8.13 25.25
N LEU D 753 -25.64 7.22 24.34
CA LEU D 753 -24.88 5.98 24.16
C LEU D 753 -23.54 6.23 23.50
N GLY D 754 -23.35 7.38 22.85
CA GLY D 754 -22.07 7.70 22.25
C GLY D 754 -21.82 6.92 20.97
N GLU D 755 -20.53 6.78 20.64
CA GLU D 755 -20.13 6.10 19.43
C GLU D 755 -20.44 4.61 19.53
N GLY D 756 -20.73 4.00 18.38
CA GLY D 756 -21.07 2.60 18.34
C GLY D 756 -22.47 2.26 18.80
N GLY D 757 -23.32 3.27 19.04
CA GLY D 757 -24.67 3.01 19.50
C GLY D 757 -25.58 2.43 18.43
N SER D 758 -25.20 2.54 17.17
CA SER D 758 -26.00 1.97 16.09
C SER D 758 -25.98 0.45 16.16
N ARG D 759 -27.16 -0.15 15.98
CA ARG D 759 -27.28 -1.60 16.01
C ARG D 759 -28.43 -2.02 15.11
N TRP D 760 -28.36 -3.25 14.63
CA TRP D 760 -29.38 -3.77 13.72
C TRP D 760 -30.50 -4.43 14.53
N ILE D 761 -31.74 -4.09 14.18
CA ILE D 761 -32.91 -4.58 14.92
C ILE D 761 -34.04 -4.82 13.92
N ASN D 762 -34.93 -5.74 14.28
CA ASN D 762 -36.11 -6.06 13.47
C ASN D 762 -37.29 -5.26 13.99
N SER D 763 -37.33 -3.98 13.64
CA SER D 763 -38.38 -3.07 14.10
C SER D 763 -38.88 -2.20 12.95
N GLY D 764 -39.12 -2.82 11.79
CA GLY D 764 -39.59 -2.08 10.65
C GLY D 764 -40.88 -2.64 10.06
N ALA D 765 -41.62 -1.80 9.33
CA ALA D 765 -42.86 -2.24 8.71
C ALA D 765 -43.12 -1.34 7.50
N MET D 766 -43.11 -1.94 6.31
CA MET D 766 -43.31 -1.22 5.06
C MET D 766 -44.53 -1.80 4.33
N LYS D 767 -45.35 -0.92 3.77
CA LYS D 767 -46.54 -1.32 3.03
C LYS D 767 -46.52 -0.66 1.65
N ASN D 768 -46.86 -1.44 0.63
CA ASN D 768 -46.89 -0.95 -0.75
C ASN D 768 -48.14 -1.48 -1.44
N GLN D 769 -49.01 -0.59 -1.88
CA GLN D 769 -50.21 -0.97 -2.63
C GLN D 769 -50.10 -0.39 -4.03
N GLY D 770 -50.13 -1.26 -5.04
CA GLY D 770 -49.84 -0.82 -6.39
C GLY D 770 -50.73 -1.45 -7.43
N PHE D 771 -50.90 -0.72 -8.54
CA PHE D 771 -51.65 -1.15 -9.70
C PHE D 771 -50.77 -1.01 -10.94
N GLU D 772 -50.94 -1.94 -11.88
CA GLU D 772 -50.21 -1.93 -13.14
C GLU D 772 -51.14 -2.34 -14.27
N PHE D 773 -50.92 -1.78 -15.46
CA PHE D 773 -51.72 -2.11 -16.62
C PHE D 773 -50.85 -2.03 -17.87
N ASN D 774 -50.72 -3.14 -18.58
CA ASN D 774 -49.98 -3.22 -19.82
C ASN D 774 -50.93 -3.60 -20.94
N LEU D 775 -50.77 -2.97 -22.10
CA LEU D 775 -51.63 -3.22 -23.26
C LEU D 775 -50.79 -3.19 -24.52
N GLY D 776 -51.23 -3.96 -25.51
CA GLY D 776 -50.54 -4.04 -26.79
C GLY D 776 -51.45 -4.39 -27.94
N TYR D 777 -51.34 -3.63 -29.03
CA TYR D 777 -52.17 -3.83 -30.22
C TYR D 777 -51.29 -3.75 -31.45
N ARG D 778 -51.19 -4.85 -32.19
CA ARG D 778 -50.43 -4.91 -33.42
C ARG D 778 -51.35 -5.31 -34.55
N ASN D 779 -51.25 -4.60 -35.68
CA ASN D 779 -52.13 -4.88 -36.81
C ASN D 779 -51.53 -4.32 -38.08
N LYS D 780 -51.87 -4.94 -39.21
CA LYS D 780 -51.44 -4.49 -40.52
C LYS D 780 -52.45 -3.50 -41.10
N THR D 781 -52.20 -3.06 -42.32
CA THR D 781 -53.07 -2.10 -42.99
C THR D 781 -53.19 -2.50 -44.45
N ALA D 782 -54.26 -2.01 -45.09
CA ALA D 782 -54.57 -2.42 -46.46
C ALA D 782 -53.45 -2.07 -47.43
N PHE D 783 -52.86 -0.88 -47.29
CA PHE D 783 -51.83 -0.44 -48.22
C PHE D 783 -50.42 -0.91 -47.82
N GLY D 784 -50.29 -1.68 -46.75
CA GLY D 784 -49.01 -2.28 -46.42
C GLY D 784 -48.26 -1.60 -45.29
N LEU D 785 -48.97 -1.23 -44.22
CA LEU D 785 -48.38 -0.63 -43.04
C LEU D 785 -48.68 -1.49 -41.83
N THR D 786 -47.65 -1.87 -41.08
CA THR D 786 -47.80 -2.66 -39.87
C THR D 786 -47.51 -1.77 -38.68
N TYR D 787 -48.51 -1.57 -37.82
CA TYR D 787 -48.38 -0.69 -36.66
C TYR D 787 -48.55 -1.51 -35.39
N ASP D 788 -47.62 -1.32 -34.45
CA ASP D 788 -47.65 -1.97 -33.15
C ASP D 788 -47.56 -0.90 -32.07
N LEU D 789 -48.54 -0.86 -31.18
CA LEU D 789 -48.59 0.08 -30.08
C LEU D 789 -48.54 -0.67 -28.76
N ASN D 790 -47.61 -0.30 -27.90
CA ASN D 790 -47.45 -0.91 -26.58
C ASN D 790 -47.57 0.18 -25.53
N GLY D 791 -48.69 0.16 -24.79
CA GLY D 791 -48.92 1.14 -23.74
C GLY D 791 -48.74 0.51 -22.37
N ASN D 792 -48.27 1.32 -21.42
CA ASN D 792 -47.99 0.85 -20.08
C ASN D 792 -48.29 1.96 -19.10
N ILE D 793 -48.91 1.60 -17.97
CA ILE D 793 -49.18 2.56 -16.90
C ILE D 793 -49.03 1.84 -15.56
N SER D 794 -48.52 2.55 -14.57
CA SER D 794 -48.32 1.96 -13.25
C SER D 794 -48.45 3.05 -12.19
N THR D 795 -48.94 2.65 -11.01
CA THR D 795 -49.04 3.54 -9.88
C THR D 795 -48.83 2.74 -8.61
N TYR D 796 -48.35 3.41 -7.56
CA TYR D 796 -48.11 2.73 -6.30
C TYR D 796 -48.16 3.75 -5.17
N ARG D 797 -48.44 3.24 -3.97
CA ARG D 797 -48.48 4.03 -2.75
C ARG D 797 -47.69 3.30 -1.67
N ASN D 798 -46.78 4.01 -1.03
CA ASN D 798 -45.89 3.46 -0.02
C ASN D 798 -46.17 4.08 1.33
N GLU D 799 -46.03 3.28 2.38
CA GLU D 799 -46.32 3.73 3.73
C GLU D 799 -45.41 3.03 4.73
N ILE D 800 -45.03 3.75 5.77
CA ILE D 800 -44.21 3.22 6.86
C ILE D 800 -45.12 3.08 8.08
N LEU D 801 -45.21 1.87 8.63
CA LEU D 801 -46.10 1.58 9.74
C LEU D 801 -45.38 1.50 11.08
N GLU D 802 -44.18 0.92 11.11
CA GLU D 802 -43.41 0.80 12.34
C GLU D 802 -41.96 1.20 12.07
N LEU D 803 -41.33 1.79 13.09
CA LEU D 803 -39.97 2.27 12.98
C LEU D 803 -39.42 2.47 14.39
N PRO D 804 -38.12 2.24 14.61
CA PRO D 804 -37.55 2.52 15.93
C PRO D 804 -37.64 4.00 16.27
N GLU D 805 -37.73 4.29 17.57
CA GLU D 805 -37.93 5.66 18.02
C GLU D 805 -36.76 6.55 17.63
N THR D 806 -35.53 6.04 17.77
CA THR D 806 -34.35 6.82 17.39
C THR D 806 -34.33 7.10 15.90
N VAL D 807 -34.72 6.12 15.08
CA VAL D 807 -34.73 6.31 13.64
C VAL D 807 -35.75 7.37 13.25
N ALA D 808 -36.94 7.33 13.86
CA ALA D 808 -37.93 8.36 13.60
C ALA D 808 -37.49 9.72 14.12
N ALA D 809 -36.71 9.75 15.20
CA ALA D 809 -36.26 11.02 15.75
C ALA D 809 -35.21 11.68 14.86
N ASN D 810 -34.23 10.90 14.39
CA ASN D 810 -33.21 11.47 13.52
C ASN D 810 -33.71 11.74 12.12
N GLY D 811 -34.81 11.11 11.72
CA GLY D 811 -35.40 11.38 10.42
C GLY D 811 -34.54 11.00 9.24
N LYS D 812 -33.86 9.84 9.32
CA LYS D 812 -33.05 9.39 8.20
C LYS D 812 -33.90 8.89 7.05
N PHE D 813 -35.11 8.43 7.32
CA PHE D 813 -36.03 7.95 6.29
C PHE D 813 -37.12 8.96 5.95
N GLY D 814 -37.03 10.17 6.46
CA GLY D 814 -38.01 11.21 6.19
C GLY D 814 -38.39 11.95 7.47
N GLY D 815 -39.03 13.10 7.29
CA GLY D 815 -39.47 13.94 8.39
C GLY D 815 -38.50 15.04 8.77
N ASN D 816 -37.27 14.99 8.27
CA ASN D 816 -36.25 16.00 8.53
C ASN D 816 -35.95 16.17 10.02
N GLY D 817 -36.23 15.15 10.83
CA GLY D 817 -35.99 15.23 12.25
C GLY D 817 -37.00 16.05 13.02
N VAL D 818 -38.09 16.47 12.39
CA VAL D 818 -39.10 17.28 13.03
C VAL D 818 -40.30 16.45 13.46
N LYS D 819 -40.80 15.61 12.57
CA LYS D 819 -41.94 14.74 12.85
C LYS D 819 -41.62 13.31 12.40
N SER D 820 -42.24 12.35 13.07
CA SER D 820 -42.02 10.95 12.74
C SER D 820 -42.61 10.61 11.38
N VAL D 821 -41.84 9.84 10.60
CA VAL D 821 -42.30 9.42 9.27
C VAL D 821 -43.29 8.27 9.33
N VAL D 822 -43.50 7.70 10.52
CA VAL D 822 -44.44 6.60 10.67
C VAL D 822 -45.83 7.05 10.26
N GLY D 823 -46.49 6.24 9.43
CA GLY D 823 -47.79 6.58 8.90
C GLY D 823 -47.76 7.43 7.65
N HIS D 824 -46.59 7.70 7.09
CA HIS D 824 -46.44 8.51 5.89
C HIS D 824 -45.54 7.81 4.91
N THR D 825 -45.48 8.35 3.69
CA THR D 825 -44.69 7.75 2.63
C THR D 825 -43.19 7.87 2.92
N TYR D 826 -42.45 6.84 2.52
CA TYR D 826 -41.00 6.86 2.66
C TYR D 826 -40.41 8.02 1.87
N GLY D 827 -39.48 8.75 2.50
CA GLY D 827 -38.86 9.89 1.86
C GLY D 827 -39.62 11.19 1.94
N ALA D 828 -40.80 11.19 2.56
CA ALA D 828 -41.58 12.42 2.69
C ALA D 828 -40.85 13.40 3.61
N GLN D 829 -40.92 14.68 3.26
CA GLN D 829 -40.19 15.73 3.97
C GLN D 829 -41.15 16.77 4.52
N VAL D 830 -40.87 17.20 5.76
CA VAL D 830 -41.66 18.19 6.46
C VAL D 830 -40.98 19.55 6.34
N GLY D 831 -41.76 20.57 6.00
CA GLY D 831 -41.20 21.91 5.88
C GLY D 831 -42.28 22.94 6.06
N TYR D 832 -41.88 24.21 5.92
CA TYR D 832 -42.80 25.32 6.07
C TYR D 832 -43.64 25.49 4.81
N ILE D 833 -44.59 26.42 4.86
CA ILE D 833 -45.46 26.73 3.72
C ILE D 833 -45.24 28.19 3.37
N ALA D 834 -44.87 28.44 2.11
CA ALA D 834 -44.60 29.79 1.62
C ALA D 834 -45.86 30.35 0.98
N ASP D 835 -46.48 31.31 1.66
CA ASP D 835 -47.71 31.95 1.15
C ASP D 835 -47.34 33.26 0.44
N GLY D 836 -46.61 33.11 -0.66
CA GLY D 836 -46.20 34.27 -1.42
C GLY D 836 -45.11 35.06 -0.72
N ILE D 837 -45.00 36.33 -1.12
CA ILE D 837 -44.00 37.24 -0.59
C ILE D 837 -44.69 38.53 -0.15
N PHE D 838 -44.02 39.27 0.73
CA PHE D 838 -44.55 40.53 1.23
C PHE D 838 -44.33 41.62 0.18
N LYS D 839 -45.43 42.15 -0.36
CA LYS D 839 -45.36 43.20 -1.37
C LYS D 839 -45.46 44.60 -0.79
N SER D 840 -45.72 44.73 0.51
CA SER D 840 -45.83 46.04 1.14
C SER D 840 -45.65 45.90 2.64
N GLN D 841 -45.41 47.03 3.30
CA GLN D 841 -45.27 47.04 4.75
C GLN D 841 -46.59 46.68 5.44
N ASP D 842 -47.72 47.06 4.84
CA ASP D 842 -49.01 46.71 5.40
C ASP D 842 -49.20 45.19 5.44
N GLU D 843 -48.74 44.49 4.40
CA GLU D 843 -48.81 43.03 4.41
C GLU D 843 -47.95 42.45 5.53
N VAL D 844 -46.78 43.04 5.77
CA VAL D 844 -45.92 42.57 6.86
C VAL D 844 -46.61 42.77 8.20
N ASP D 845 -47.22 43.95 8.40
CA ASP D 845 -47.89 44.24 9.66
C ASP D 845 -49.09 43.32 9.89
N ASN D 846 -49.87 43.09 8.83
CA ASN D 846 -51.06 42.24 8.96
C ASN D 846 -50.69 40.80 9.26
N HIS D 847 -49.63 40.29 8.64
CA HIS D 847 -49.21 38.91 8.85
C HIS D 847 -48.66 38.72 10.27
N ALA D 848 -48.68 37.47 10.71
CA ALA D 848 -48.15 37.13 12.03
C ALA D 848 -46.67 37.45 12.12
N THR D 849 -46.23 37.89 13.30
CA THR D 849 -44.85 38.30 13.49
C THR D 849 -43.90 37.12 13.27
N GLN D 850 -42.77 37.40 12.64
CA GLN D 850 -41.75 36.40 12.39
C GLN D 850 -40.40 37.07 12.28
N GLU D 851 -39.34 36.29 12.49
CA GLU D 851 -37.99 36.82 12.43
C GLU D 851 -37.59 37.10 10.99
N GLY D 852 -37.03 38.29 10.76
CA GLY D 852 -36.58 38.66 9.43
C GLY D 852 -37.65 39.10 8.47
N ALA D 853 -38.87 39.34 8.95
CA ALA D 853 -39.95 39.78 8.07
C ALA D 853 -39.67 41.18 7.53
N ALA D 854 -39.81 41.35 6.22
CA ALA D 854 -39.57 42.63 5.57
C ALA D 854 -40.27 42.62 4.22
N VAL D 855 -40.19 43.75 3.52
CA VAL D 855 -40.79 43.86 2.19
C VAL D 855 -39.99 43.02 1.20
N GLY D 856 -40.68 42.20 0.42
CA GLY D 856 -40.03 41.35 -0.55
C GLY D 856 -39.53 40.03 -0.01
N ARG D 857 -39.80 39.71 1.25
CA ARG D 857 -39.36 38.46 1.86
C ARG D 857 -40.47 37.42 1.81
N ILE D 858 -40.09 36.16 2.00
CA ILE D 858 -41.03 35.05 1.93
C ILE D 858 -41.95 35.08 3.14
N ARG D 859 -43.26 34.98 2.89
CA ARG D 859 -44.25 34.92 3.95
C ARG D 859 -44.57 33.46 4.26
N TYR D 860 -44.50 33.10 5.54
CA TYR D 860 -44.70 31.73 5.99
C TYR D 860 -46.06 31.60 6.67
N ARG D 861 -46.81 30.58 6.29
CA ARG D 861 -48.15 30.38 6.83
C ARG D 861 -48.09 29.95 8.30
N ASP D 862 -49.04 30.45 9.09
CA ASP D 862 -49.15 30.09 10.50
C ASP D 862 -50.13 28.92 10.61
N ILE D 863 -49.58 27.71 10.73
CA ILE D 863 -50.42 26.52 10.72
C ILE D 863 -51.27 26.43 11.98
N ASP D 864 -50.66 26.63 13.15
CA ASP D 864 -51.37 26.50 14.42
C ASP D 864 -52.04 27.79 14.88
N HIS D 865 -51.89 28.87 14.11
CA HIS D 865 -52.57 30.14 14.40
C HIS D 865 -52.26 30.66 15.80
N ASN D 866 -51.00 30.54 16.20
CA ASN D 866 -50.55 31.05 17.50
C ASN D 866 -50.07 32.50 17.41
N GLY D 867 -50.02 33.08 16.22
CA GLY D 867 -49.60 34.46 16.05
C GLY D 867 -48.12 34.67 15.85
N VAL D 868 -47.31 33.62 15.94
CA VAL D 868 -45.86 33.72 15.76
C VAL D 868 -45.38 32.54 14.93
N ILE D 869 -44.44 32.79 14.03
CA ILE D 869 -43.87 31.75 13.19
C ILE D 869 -42.64 31.18 13.90
N ASP D 870 -42.67 29.87 14.15
CA ASP D 870 -41.59 29.20 14.87
C ASP D 870 -41.39 27.82 14.25
N GLU D 871 -40.64 26.98 14.97
CA GLU D 871 -40.31 25.65 14.46
C GLU D 871 -41.52 24.72 14.40
N ARG D 872 -42.61 25.06 15.09
CA ARG D 872 -43.80 24.22 15.10
C ARG D 872 -44.75 24.53 13.94
N ASP D 873 -44.43 25.51 13.10
CA ASP D 873 -45.24 25.83 11.92
C ASP D 873 -44.72 25.08 10.70
N GLN D 874 -44.68 23.76 10.82
CA GLN D 874 -44.21 22.88 9.75
C GLN D 874 -45.19 21.76 9.54
N ASN D 875 -45.27 21.30 8.29
CA ASN D 875 -46.18 20.22 7.91
C ASN D 875 -45.53 19.41 6.79
N TRP D 876 -46.18 18.29 6.45
CA TRP D 876 -45.68 17.44 5.38
C TRP D 876 -45.85 18.14 4.04
N ILE D 877 -44.73 18.40 3.37
CA ILE D 877 -44.76 19.20 2.14
C ILE D 877 -44.23 18.39 0.96
N TYR D 878 -43.35 17.43 1.20
CA TYR D 878 -42.71 16.68 0.13
C TYR D 878 -43.13 15.23 0.18
N ASP D 879 -43.64 14.72 -0.94
CA ASP D 879 -44.03 13.32 -1.08
C ASP D 879 -43.42 12.79 -2.37
N PRO D 880 -42.36 11.96 -2.31
CA PRO D 880 -41.68 11.48 -3.51
C PRO D 880 -42.36 10.25 -4.15
N THR D 881 -43.67 10.35 -4.35
CA THR D 881 -44.45 9.29 -4.98
C THR D 881 -45.21 9.87 -6.16
N PRO D 882 -44.88 9.49 -7.38
CA PRO D 882 -45.64 9.97 -8.55
C PRO D 882 -47.06 9.43 -8.55
N SER D 883 -47.98 10.22 -9.13
CA SER D 883 -49.35 9.76 -9.28
C SER D 883 -49.41 8.55 -10.20
N PHE D 884 -48.71 8.61 -11.34
CA PHE D 884 -48.62 7.46 -12.23
C PHE D 884 -47.50 7.66 -13.23
N SER D 885 -46.84 6.56 -13.58
CA SER D 885 -45.79 6.54 -14.59
C SER D 885 -46.27 5.73 -15.79
N TYR D 886 -46.13 6.30 -16.98
CA TYR D 886 -46.65 5.68 -18.19
C TYR D 886 -45.60 5.67 -19.29
N GLY D 887 -45.79 4.77 -20.23
CA GLY D 887 -44.90 4.65 -21.37
C GLY D 887 -45.67 4.20 -22.59
N LEU D 888 -45.18 4.59 -23.76
CA LEU D 888 -45.85 4.27 -25.02
C LEU D 888 -44.79 4.02 -26.09
N ASN D 889 -44.81 2.83 -26.68
CA ASN D 889 -43.90 2.46 -27.74
C ASN D 889 -44.69 2.25 -29.04
N ILE D 890 -44.26 2.91 -30.10
CA ILE D 890 -44.90 2.83 -31.41
C ILE D 890 -43.89 2.31 -32.41
N TYR D 891 -44.26 1.24 -33.13
CA TYR D 891 -43.41 0.65 -34.15
C TYR D 891 -44.19 0.59 -35.45
N LEU D 892 -43.65 1.22 -36.50
CA LEU D 892 -44.31 1.28 -37.80
C LEU D 892 -43.39 0.67 -38.86
N GLU D 893 -43.95 -0.23 -39.67
CA GLU D 893 -43.24 -0.86 -40.77
C GLU D 893 -43.96 -0.56 -42.07
N TYR D 894 -43.22 -0.05 -43.05
CA TYR D 894 -43.79 0.35 -44.33
C TYR D 894 -42.68 0.41 -45.37
N LYS D 895 -42.76 -0.45 -46.38
CA LYS D 895 -41.83 -0.47 -47.51
C LYS D 895 -40.38 -0.45 -47.06
N ASN D 896 -40.01 -1.46 -46.28
CA ASN D 896 -38.66 -1.65 -45.76
C ASN D 896 -38.21 -0.48 -44.88
N PHE D 897 -39.15 0.31 -44.38
CA PHE D 897 -38.84 1.41 -43.47
C PHE D 897 -39.46 1.10 -42.11
N ASP D 898 -38.63 1.04 -41.07
CA ASP D 898 -39.09 0.78 -39.72
C ASP D 898 -38.82 2.01 -38.86
N LEU D 899 -39.88 2.52 -38.22
CA LEU D 899 -39.79 3.69 -37.36
C LEU D 899 -40.22 3.31 -35.96
N THR D 900 -39.38 3.63 -34.98
CA THR D 900 -39.64 3.35 -33.57
C THR D 900 -39.70 4.66 -32.81
N MET D 901 -40.67 4.77 -31.90
CA MET D 901 -40.88 6.00 -31.14
C MET D 901 -41.35 5.63 -29.74
N PHE D 902 -40.53 5.93 -28.73
CA PHE D 902 -40.84 5.58 -27.35
C PHE D 902 -40.95 6.85 -26.51
N TRP D 903 -42.10 7.03 -25.86
CA TRP D 903 -42.35 8.15 -24.97
C TRP D 903 -42.48 7.63 -23.54
N GLN D 904 -41.88 8.33 -22.58
CA GLN D 904 -41.98 7.99 -21.18
C GLN D 904 -42.41 9.23 -20.40
N GLY D 905 -43.43 9.08 -19.56
CA GLY D 905 -43.94 10.21 -18.80
C GLY D 905 -44.18 9.82 -17.36
N VAL D 906 -44.03 10.81 -16.48
CA VAL D 906 -44.30 10.67 -15.05
C VAL D 906 -45.18 11.83 -14.63
N GLN D 907 -46.28 11.52 -13.94
CA GLN D 907 -47.25 12.53 -13.53
C GLN D 907 -47.52 12.42 -12.04
N GLY D 908 -47.64 13.58 -11.39
CA GLY D 908 -47.98 13.63 -9.99
C GLY D 908 -46.82 13.41 -9.03
N VAL D 909 -45.62 13.81 -9.41
CA VAL D 909 -44.43 13.65 -8.57
C VAL D 909 -43.89 15.03 -8.22
N ASP D 910 -43.50 15.19 -6.96
CA ASP D 910 -42.89 16.43 -6.47
C ASP D 910 -41.39 16.23 -6.33
N ILE D 911 -40.64 17.31 -6.57
CA ILE D 911 -39.18 17.27 -6.54
C ILE D 911 -38.67 18.45 -5.72
N ILE D 912 -37.62 18.21 -4.95
CA ILE D 912 -36.93 19.27 -4.20
C ILE D 912 -35.78 19.76 -5.07
N SER D 913 -35.80 21.05 -5.41
CA SER D 913 -34.83 21.63 -6.32
C SER D 913 -33.77 22.37 -5.51
N ASP D 914 -32.56 21.81 -5.46
CA ASP D 914 -31.43 22.51 -4.85
C ASP D 914 -30.88 23.61 -5.75
N VAL D 915 -31.14 23.53 -7.06
CA VAL D 915 -30.72 24.60 -7.96
C VAL D 915 -31.50 25.88 -7.67
N LYS D 916 -32.77 25.74 -7.29
CA LYS D 916 -33.57 26.92 -6.95
C LYS D 916 -32.97 27.69 -5.79
N LYS D 917 -32.40 26.97 -4.82
CA LYS D 917 -31.82 27.61 -3.64
C LYS D 917 -30.78 28.65 -4.02
N LYS D 918 -30.08 28.44 -5.14
CA LYS D 918 -29.06 29.37 -5.61
C LYS D 918 -29.42 29.96 -6.97
N SER D 919 -30.72 30.04 -7.28
CA SER D 919 -31.15 30.68 -8.51
C SER D 919 -32.25 31.69 -8.24
N ASP D 920 -33.02 31.46 -7.17
CA ASP D 920 -34.10 32.36 -6.78
C ASP D 920 -33.73 33.26 -5.61
N PHE D 921 -32.51 33.13 -5.08
CA PHE D 921 -32.08 33.91 -3.93
C PHE D 921 -30.64 34.38 -4.15
N TRP D 922 -30.30 35.48 -3.48
CA TRP D 922 -28.94 36.01 -3.47
C TRP D 922 -28.34 35.75 -2.10
N SER D 923 -27.12 35.21 -2.10
CA SER D 923 -26.40 34.87 -0.85
C SER D 923 -27.22 33.92 0.01
N ALA D 924 -27.63 32.80 -0.58
CA ALA D 924 -28.38 31.76 0.12
C ALA D 924 -27.59 30.47 0.25
N SER D 925 -26.28 30.52 0.01
CA SER D 925 -25.41 29.36 0.11
C SER D 925 -24.51 29.50 1.33
N ASN D 926 -23.57 28.55 1.48
CA ASN D 926 -22.65 28.59 2.61
C ASN D 926 -21.75 29.81 2.56
N VAL D 927 -21.47 30.33 1.36
CA VAL D 927 -20.66 31.52 1.18
C VAL D 927 -21.38 32.48 0.24
N GLY D 928 -21.05 33.76 0.37
CA GLY D 928 -21.68 34.79 -0.41
C GLY D 928 -20.93 35.11 -1.70
N PHE D 929 -21.52 36.03 -2.48
CA PHE D 929 -20.95 36.51 -3.73
C PHE D 929 -20.73 35.38 -4.74
N LEU D 930 -21.58 34.36 -4.69
CA LEU D 930 -21.51 33.26 -5.64
C LEU D 930 -22.35 33.57 -6.88
N ASN D 931 -21.99 32.92 -7.99
CA ASN D 931 -22.76 33.06 -9.21
C ASN D 931 -24.11 32.38 -9.07
N LYS D 932 -25.15 33.02 -9.57
CA LYS D 932 -26.52 32.54 -9.46
C LYS D 932 -27.13 32.38 -10.85
N GLY D 933 -28.40 31.97 -10.89
CA GLY D 933 -29.08 31.76 -12.14
C GLY D 933 -29.51 33.06 -12.80
N THR D 934 -29.82 32.95 -14.09
CA THR D 934 -30.25 34.12 -14.86
C THR D 934 -31.61 34.63 -14.36
N ARG D 935 -32.52 33.73 -14.01
CA ARG D 935 -33.85 34.13 -13.58
C ARG D 935 -33.83 34.96 -12.31
N LEU D 936 -32.71 34.95 -11.58
CA LEU D 936 -32.57 35.82 -10.42
C LEU D 936 -32.73 37.29 -10.80
N LEU D 937 -32.46 37.64 -12.05
CA LEU D 937 -32.67 39.02 -12.50
C LEU D 937 -34.12 39.42 -12.41
N ASN D 938 -35.05 38.47 -12.50
CA ASN D 938 -36.48 38.76 -12.43
C ASN D 938 -37.00 38.65 -11.00
N ALA D 939 -36.33 39.36 -10.08
CA ALA D 939 -36.73 39.38 -8.69
C ALA D 939 -37.73 40.50 -8.43
N TRP D 940 -38.44 40.38 -7.31
CA TRP D 940 -39.44 41.39 -6.96
C TRP D 940 -38.76 42.71 -6.60
N SER D 941 -39.38 43.81 -7.03
CA SER D 941 -38.86 45.14 -6.76
C SER D 941 -40.00 46.13 -6.97
N PRO D 942 -39.89 47.34 -6.41
CA PRO D 942 -40.91 48.36 -6.71
C PRO D 942 -41.03 48.67 -8.19
N THR D 943 -39.93 48.57 -8.95
CA THR D 943 -40.01 48.79 -10.39
C THR D 943 -40.70 47.63 -11.10
N ASN D 944 -40.55 46.42 -10.58
CA ASN D 944 -41.11 45.21 -11.19
C ASN D 944 -41.94 44.48 -10.14
N PRO D 945 -43.15 44.97 -9.85
CA PRO D 945 -43.98 44.31 -8.82
C PRO D 945 -44.59 43.00 -9.27
N ASN D 946 -44.67 42.75 -10.57
CA ASN D 946 -45.28 41.52 -11.08
C ASN D 946 -44.24 40.41 -11.14
N SER D 947 -43.87 39.92 -9.95
CA SER D 947 -42.90 38.85 -9.83
C SER D 947 -43.13 38.11 -8.52
N ASP D 948 -42.81 36.82 -8.53
CA ASP D 948 -42.93 35.99 -7.34
C ASP D 948 -41.60 35.68 -6.68
N ILE D 949 -40.49 35.90 -7.36
CA ILE D 949 -39.17 35.67 -6.77
C ILE D 949 -38.92 36.72 -5.69
N PRO D 950 -38.46 36.33 -4.50
CA PRO D 950 -38.23 37.32 -3.44
C PRO D 950 -37.15 38.32 -3.81
N ALA D 951 -37.26 39.52 -3.23
CA ALA D 951 -36.32 40.59 -3.52
C ALA D 951 -34.91 40.20 -3.07
N LEU D 952 -33.92 40.70 -3.82
CA LEU D 952 -32.53 40.37 -3.53
C LEU D 952 -32.10 40.97 -2.21
N THR D 953 -31.24 40.24 -1.49
CA THR D 953 -30.70 40.71 -0.23
C THR D 953 -29.35 40.05 0.01
N ARG D 954 -28.54 40.69 0.86
CA ARG D 954 -27.23 40.15 1.22
C ARG D 954 -27.23 39.41 2.54
N SER D 955 -28.20 39.66 3.42
CA SER D 955 -28.32 39.00 4.70
C SER D 955 -29.60 38.19 4.74
N ASP D 956 -29.48 36.92 5.14
CA ASP D 956 -30.64 36.03 5.23
C ASP D 956 -31.31 36.14 6.60
N THR D 957 -31.84 37.35 6.86
CA THR D 957 -32.54 37.59 8.11
C THR D 957 -33.80 36.75 8.22
N ASN D 958 -34.54 36.60 7.12
CA ASN D 958 -35.76 35.81 7.13
C ASN D 958 -35.49 34.30 7.16
N ASN D 959 -34.24 33.88 6.98
CA ASN D 959 -33.86 32.47 6.97
C ASN D 959 -34.63 31.70 5.90
N GLU D 960 -34.42 32.10 4.65
CA GLU D 960 -35.08 31.48 3.52
C GLU D 960 -34.46 30.15 3.12
N GLN D 961 -33.33 29.78 3.71
CA GLN D 961 -32.71 28.49 3.43
C GLN D 961 -33.46 27.32 4.06
N ARG D 962 -34.44 27.60 4.92
CA ARG D 962 -35.21 26.53 5.55
C ARG D 962 -36.05 25.79 4.54
N VAL D 963 -36.36 24.53 4.84
CA VAL D 963 -37.17 23.71 3.95
C VAL D 963 -38.59 24.25 3.94
N SER D 964 -39.12 24.48 2.74
CA SER D 964 -40.46 25.03 2.58
C SER D 964 -41.01 24.62 1.22
N THR D 965 -42.28 24.97 0.99
CA THR D 965 -42.93 24.63 -0.27
C THR D 965 -42.37 25.41 -1.46
N TYR D 966 -41.56 26.44 -1.21
CA TYR D 966 -40.97 27.20 -2.31
C TYR D 966 -40.03 26.34 -3.14
N PHE D 967 -39.28 25.45 -2.49
CA PHE D 967 -38.32 24.59 -3.17
C PHE D 967 -38.94 23.30 -3.69
N VAL D 968 -40.24 23.10 -3.48
CA VAL D 968 -40.95 21.92 -3.97
C VAL D 968 -41.61 22.29 -5.29
N GLU D 969 -41.27 21.55 -6.34
CA GLU D 969 -41.80 21.82 -7.67
C GLU D 969 -42.43 20.55 -8.24
N ASN D 970 -43.28 20.76 -9.24
CA ASN D 970 -43.95 19.64 -9.92
C ASN D 970 -42.96 18.97 -10.87
N GLY D 971 -42.65 17.71 -10.61
CA GLY D 971 -41.72 16.94 -11.41
C GLY D 971 -42.33 16.21 -12.58
N SER D 972 -43.61 16.44 -12.87
CA SER D 972 -44.25 15.76 -13.99
C SER D 972 -43.58 16.14 -15.31
N PHE D 973 -43.36 15.14 -16.16
CA PHE D 973 -42.68 15.34 -17.43
C PHE D 973 -43.11 14.26 -18.39
N LEU D 974 -42.82 14.49 -19.68
CA LEU D 974 -43.07 13.49 -20.72
C LEU D 974 -42.02 13.70 -21.80
N LYS D 975 -41.12 12.73 -21.98
CA LYS D 975 -40.00 12.88 -22.87
C LYS D 975 -39.94 11.73 -23.87
N LEU D 976 -39.46 12.05 -25.08
CA LEU D 976 -39.21 11.06 -26.11
C LEU D 976 -37.87 10.40 -25.79
N ARG D 977 -37.94 9.21 -25.17
CA ARG D 977 -36.72 8.53 -24.74
C ARG D 977 -35.86 8.12 -25.94
N ASN D 978 -36.49 7.60 -26.99
CA ASN D 978 -35.74 7.12 -28.14
C ASN D 978 -36.65 7.10 -29.36
N ILE D 979 -36.19 7.72 -30.44
CA ILE D 979 -36.85 7.65 -31.74
C ILE D 979 -35.83 7.12 -32.74
N GLN D 980 -36.27 6.26 -33.66
CA GLN D 980 -35.35 5.65 -34.60
C GLN D 980 -36.04 5.43 -35.93
N LEU D 981 -35.40 5.88 -37.02
CA LEU D 981 -35.86 5.66 -38.37
C LEU D 981 -34.82 4.84 -39.11
N GLY D 982 -35.24 3.71 -39.69
CA GLY D 982 -34.31 2.80 -40.32
C GLY D 982 -34.78 2.40 -41.71
N TYR D 983 -33.82 1.92 -42.50
CA TYR D 983 -34.06 1.40 -43.83
C TYR D 983 -33.37 0.05 -43.95
N THR D 984 -34.11 -0.95 -44.43
CA THR D 984 -33.61 -2.30 -44.62
C THR D 984 -33.43 -2.56 -46.10
N VAL D 985 -32.27 -3.07 -46.48
CA VAL D 985 -32.01 -3.39 -47.89
C VAL D 985 -32.96 -4.49 -48.34
N PRO D 986 -33.58 -4.38 -49.52
CA PRO D 986 -34.48 -5.44 -49.98
C PRO D 986 -33.75 -6.77 -50.14
N ALA D 987 -34.52 -7.85 -49.99
CA ALA D 987 -33.93 -9.19 -49.93
C ALA D 987 -33.17 -9.53 -51.21
N VAL D 988 -33.66 -9.07 -52.37
CA VAL D 988 -33.02 -9.45 -53.63
C VAL D 988 -31.64 -8.80 -53.75
N ILE D 989 -31.51 -7.53 -53.35
CA ILE D 989 -30.20 -6.88 -53.38
C ILE D 989 -29.25 -7.56 -52.40
N SER D 990 -29.75 -7.89 -51.21
CA SER D 990 -28.91 -8.55 -50.20
C SER D 990 -28.42 -9.90 -50.70
N LYS D 991 -29.30 -10.67 -51.35
CA LYS D 991 -28.88 -11.95 -51.93
C LYS D 991 -27.90 -11.75 -53.07
N LYS D 992 -28.06 -10.68 -53.86
CA LYS D 992 -27.08 -10.35 -54.88
C LYS D 992 -25.72 -10.08 -54.26
N MET D 993 -25.68 -9.39 -53.12
CA MET D 993 -24.46 -9.16 -52.37
C MET D 993 -24.17 -10.29 -51.39
N ARG D 994 -24.98 -11.36 -51.39
CA ARG D 994 -24.78 -12.57 -50.60
C ARG D 994 -25.07 -12.31 -49.13
N MET D 995 -25.35 -11.06 -48.77
CA MET D 995 -25.70 -10.73 -47.40
C MET D 995 -27.09 -11.25 -47.07
N ASP D 996 -27.24 -11.81 -45.87
CA ASP D 996 -28.56 -12.23 -45.41
C ASP D 996 -29.41 -11.05 -44.95
N ARG D 997 -28.78 -10.03 -44.37
CA ARG D 997 -29.51 -8.86 -43.91
C ARG D 997 -28.56 -7.67 -43.86
N LEU D 998 -29.01 -6.53 -44.36
CA LEU D 998 -28.26 -5.28 -44.31
C LEU D 998 -29.22 -4.16 -43.98
N ARG D 999 -29.01 -3.50 -42.84
CA ARG D 999 -29.91 -2.46 -42.36
C ARG D 999 -29.11 -1.25 -41.90
N PHE D 1000 -29.70 -0.06 -42.09
CA PHE D 1000 -29.14 1.18 -41.57
C PHE D 1000 -30.21 1.89 -40.75
N TYR D 1001 -29.77 2.70 -39.80
CA TYR D 1001 -30.73 3.40 -38.95
C TYR D 1001 -30.10 4.68 -38.40
N CYS D 1002 -30.96 5.67 -38.15
CA CYS D 1002 -30.60 6.91 -37.49
C CYS D 1002 -31.56 7.15 -36.34
N SER D 1003 -31.03 7.44 -35.16
CA SER D 1003 -31.83 7.54 -33.95
C SER D 1003 -31.47 8.78 -33.16
N ALA D 1004 -32.43 9.23 -32.36
CA ALA D 1004 -32.25 10.33 -31.43
C ALA D 1004 -32.73 9.89 -30.05
N GLN D 1005 -31.89 10.09 -29.05
CA GLN D 1005 -32.18 9.75 -27.67
C GLN D 1005 -32.24 11.02 -26.83
N ASN D 1006 -33.30 11.16 -26.04
CA ASN D 1006 -33.55 12.34 -25.21
C ASN D 1006 -33.62 13.60 -26.08
N LEU D 1007 -34.23 13.48 -27.25
CA LEU D 1007 -34.28 14.60 -28.19
C LEU D 1007 -35.24 15.68 -27.72
N LEU D 1008 -36.44 15.28 -27.27
CA LEU D 1008 -37.48 16.24 -26.94
C LEU D 1008 -38.13 15.86 -25.62
N THR D 1009 -38.59 16.87 -24.90
CA THR D 1009 -39.26 16.67 -23.62
C THR D 1009 -40.27 17.78 -23.40
N ILE D 1010 -41.27 17.49 -22.58
CA ILE D 1010 -42.29 18.44 -22.17
C ILE D 1010 -42.36 18.44 -20.66
N LYS D 1011 -42.28 19.62 -20.05
CA LYS D 1011 -42.28 19.79 -18.61
C LYS D 1011 -43.49 20.63 -18.18
N SER D 1012 -43.68 20.72 -16.87
CA SER D 1012 -44.76 21.50 -16.30
C SER D 1012 -44.34 22.95 -16.17
N LYS D 1013 -45.33 23.85 -16.25
CA LYS D 1013 -45.07 25.28 -16.13
C LYS D 1013 -44.61 25.64 -14.71
N ASN D 1014 -44.99 24.85 -13.71
CA ASN D 1014 -44.56 25.12 -12.34
C ASN D 1014 -43.08 24.90 -12.16
N PHE D 1015 -42.49 23.92 -12.87
CA PHE D 1015 -41.08 23.63 -12.76
C PHE D 1015 -40.27 24.78 -13.38
N THR D 1016 -39.64 25.58 -12.52
CA THR D 1016 -38.86 26.71 -13.01
C THR D 1016 -37.54 26.28 -13.64
N GLY D 1017 -37.01 25.14 -13.21
CA GLY D 1017 -35.74 24.64 -13.73
C GLY D 1017 -35.91 23.87 -15.03
N GLU D 1018 -34.91 23.05 -15.32
CA GLU D 1018 -34.89 22.24 -16.52
C GLU D 1018 -34.50 20.80 -16.15
N ASP D 1019 -34.74 19.89 -17.09
CA ASP D 1019 -34.47 18.46 -16.92
C ASP D 1019 -35.15 17.94 -15.65
N PRO D 1020 -36.48 17.78 -15.67
CA PRO D 1020 -37.17 17.31 -14.46
C PRO D 1020 -36.69 15.97 -13.96
N GLU D 1021 -36.19 15.10 -14.85
CA GLU D 1021 -35.66 13.81 -14.42
C GLU D 1021 -34.45 13.99 -13.52
N ASN D 1022 -33.58 14.95 -13.83
CA ASN D 1022 -32.38 15.23 -13.05
C ASN D 1022 -32.39 16.71 -12.69
N PRO D 1023 -33.15 17.10 -11.67
CA PRO D 1023 -33.24 18.52 -11.30
C PRO D 1023 -32.19 18.92 -10.28
N ASN D 1024 -31.17 18.10 -10.09
CA ASN D 1024 -30.12 18.34 -9.11
C ASN D 1024 -28.79 18.57 -9.82
N PHE D 1025 -27.73 18.73 -9.01
CA PHE D 1025 -26.40 19.03 -9.52
C PHE D 1025 -25.61 17.79 -9.92
N SER D 1026 -26.30 16.70 -10.22
CA SER D 1026 -25.64 15.46 -10.64
C SER D 1026 -25.25 15.57 -12.11
N TYR D 1027 -24.84 14.44 -12.70
CA TYR D 1027 -24.42 14.44 -14.09
C TYR D 1027 -25.61 14.76 -15.00
N PRO D 1028 -25.43 15.61 -16.01
CA PRO D 1028 -26.53 15.93 -16.92
C PRO D 1028 -26.83 14.81 -17.90
N ILE D 1029 -28.02 14.88 -18.48
CA ILE D 1029 -28.48 13.93 -19.49
C ILE D 1029 -28.38 14.62 -20.85
N PRO D 1030 -27.54 14.14 -21.76
CA PRO D 1030 -27.38 14.80 -23.06
C PRO D 1030 -28.33 14.23 -24.11
N VAL D 1031 -28.37 14.92 -25.25
CA VAL D 1031 -29.10 14.46 -26.43
C VAL D 1031 -28.16 13.67 -27.31
N ASN D 1032 -28.56 12.47 -27.70
CA ASN D 1032 -27.73 11.58 -28.49
C ASN D 1032 -28.28 11.50 -29.91
N ILE D 1033 -27.42 11.73 -30.91
CA ILE D 1033 -27.75 11.53 -32.31
C ILE D 1033 -26.86 10.41 -32.83
N THR D 1034 -27.47 9.31 -33.23
CA THR D 1034 -26.76 8.07 -33.52
C THR D 1034 -27.04 7.61 -34.94
N PHE D 1035 -26.00 7.11 -35.60
CA PHE D 1035 -26.13 6.45 -36.90
C PHE D 1035 -25.51 5.06 -36.78
N GLY D 1036 -26.25 4.04 -37.20
CA GLY D 1036 -25.80 2.67 -37.03
C GLY D 1036 -26.14 1.82 -38.24
N LEU D 1037 -25.39 0.71 -38.35
CA LEU D 1037 -25.58 -0.25 -39.42
C LEU D 1037 -25.49 -1.66 -38.85
N ASN D 1038 -26.25 -2.57 -39.47
CA ASN D 1038 -26.28 -3.98 -39.09
C ASN D 1038 -26.07 -4.83 -40.34
N ILE D 1039 -25.16 -5.79 -40.26
CA ILE D 1039 -24.80 -6.66 -41.37
C ILE D 1039 -24.98 -8.10 -40.92
N GLY D 1040 -25.61 -8.91 -41.77
CA GLY D 1040 -25.88 -10.30 -41.44
C GLY D 1040 -25.21 -11.29 -42.38
N PHE D 1041 -23.91 -11.14 -42.60
CA PHE D 1041 -23.13 -12.04 -43.45
C PHE D 1041 -23.44 -13.51 -43.21
C1 FRU E . 9.23 -15.89 -14.70
C2 FRU E . 7.97 -16.45 -13.88
C3 FRU E . 7.43 -17.51 -14.54
C4 FRU E . 5.94 -17.47 -14.19
C5 FRU E . 5.64 -15.98 -13.73
C6 FRU E . 5.16 -15.96 -12.25
O1 FRU E . 8.97 -15.95 -16.09
O2 FRU E . 8.34 -16.83 -12.64
O3 FRU E . 8.03 -18.76 -14.07
O4 FRU E . 5.21 -17.77 -15.25
O5 FRU E . 6.79 -15.33 -13.82
O6 FRU E . 5.70 -17.09 -11.56
C1 FRU E . 3.67 -17.51 -10.27
C2 FRU E . 5.26 -17.25 -10.29
C3 FRU E . 5.89 -18.29 -9.71
C4 FRU E . 7.17 -17.67 -9.10
C5 FRU E . 6.85 -16.12 -8.92
C6 FRU E . 7.82 -15.25 -9.77
O1 FRU E . 3.35 -18.55 -11.18
O3 FRU E . 6.24 -19.29 -10.71
O4 FRU E . 7.43 -18.23 -7.92
O5 FRU E . 5.62 -15.94 -9.37
O6 FRU E . 7.13 -14.09 -10.22
C1 FRU E . 7.97 -12.03 -11.17
C2 FRU E . 7.69 -12.91 -9.86
C3 FRU E . 6.86 -12.23 -9.03
C4 FRU E . 7.59 -12.10 -7.67
C5 FRU E . 9.13 -12.29 -8.05
C6 FRU E . 9.90 -12.94 -6.86
O1 FRU E . 7.52 -12.72 -12.31
O3 FRU E . 5.62 -12.97 -8.86
O4 FRU E . 7.40 -10.89 -7.17
O5 FRU E . 9.11 -13.14 -9.06
O6 FRU E . 10.53 -14.13 -7.32
C1 FRU E . 9.08 -15.51 -5.92
C2 FRU E . 10.56 -15.15 -6.42
C3 FRU E . 11.12 -16.24 -6.98
C4 FRU E . 12.61 -16.22 -6.59
C5 FRU E . 12.74 -15.11 -5.46
C6 FRU E . 13.50 -13.87 -6.00
O1 FRU E . 9.14 -16.46 -4.89
O3 FRU E . 10.98 -16.19 -8.43
O4 FRU E . 12.97 -17.40 -6.11
O5 FRU E . 11.51 -14.78 -5.13
O6 FRU E . 12.91 -12.67 -5.46
C1 FRU F . -22.12 -1.61 -6.22
C2 FRU F . -21.13 -1.35 -7.46
C3 FRU F . -21.65 -1.91 -8.58
C4 FRU F . -20.41 -2.30 -9.43
C5 FRU F . -19.21 -2.40 -8.39
C6 FRU F . -18.09 -1.36 -8.75
O1 FRU F . -22.68 -2.90 -6.32
O2 FRU F . -20.93 -0.02 -7.64
O3 FRU F . -22.46 -0.93 -9.30
O4 FRU F . -20.61 -3.47 -10.01
O5 FRU F . -19.70 -2.11 -7.20
O6 FRU F . -18.70 -0.26 -9.43
C1 FRU F . -16.87 0.02 -11.02
C2 FRU F . -17.82 0.66 -9.90
C3 FRU F . -18.51 1.70 -10.44
C4 FRU F . -18.76 2.67 -9.26
C5 FRU F . -17.64 2.30 -8.18
C6 FRU F . -18.29 1.82 -6.86
O1 FRU F . -17.65 -0.66 -11.98
O3 FRU F . -19.78 1.25 -10.99
O4 FRU F . -18.61 3.92 -9.65
O5 FRU F . -16.93 1.31 -8.69
O6 FRU F . -17.45 0.83 -6.26
C1 FRU F . -17.45 -0.09 -4.01
C2 FRU F . -17.05 1.12 -4.98
C3 FRU F . -15.70 1.28 -4.97
C4 FRU F . -15.44 2.75 -4.54
C5 FRU F . -16.79 3.18 -3.81
C6 FRU F . -17.04 4.71 -3.99
O1 FRU F . -18.09 -1.11 -4.75
O3 FRU F . -15.14 1.03 -6.29
O4 FRU F . -14.42 2.79 -3.69
O5 FRU F . -17.73 2.51 -4.44
O6 FRU F . -18.32 4.88 -4.58
C1 FRU F . -17.31 5.74 -6.62
C2 FRU F . -18.41 5.92 -5.46
C3 FRU F . -19.65 5.95 -6.01
C4 FRU F . -20.46 6.96 -5.18
C5 FRU F . -19.39 7.73 -4.27
C6 FRU F . -19.56 7.32 -2.78
O1 FRU F . -17.33 6.88 -7.45
O3 FRU F . -20.27 4.63 -5.94
O4 FRU F . -21.07 7.83 -5.98
O5 FRU F . -18.20 7.36 -4.72
O6 FRU F . -18.25 7.21 -2.17
C1 FRU G . 16.37 -16.07 7.19
C2 FRU G . 17.11 -14.69 7.50
C3 FRU G . 17.25 -13.97 6.36
C4 FRU G . 18.67 -14.27 5.85
C5 FRU G . 19.36 -15.16 6.97
C6 FRU G . 20.81 -14.70 7.25
O1 FRU G . 15.43 -15.89 6.16
O2 FRU G . 16.42 -13.97 8.43
O3 FRU G . 17.11 -12.55 6.65
O4 FRU G . 18.60 -14.95 4.71
O5 FRU G . 18.63 -14.97 8.06
O6 FRU G . 21.53 -14.64 6.00
C1 FRU G . 22.07 -16.78 4.99
C2 FRU G . 22.54 -15.54 5.90
C3 FRU G . 23.61 -14.95 5.30
C4 FRU G . 24.85 -15.39 6.10
C5 FRU G . 24.28 -15.73 7.55
C6 FRU G . 24.32 -14.47 8.46
O1 FRU G . 22.51 -17.99 5.56
O3 FRU G . 23.47 -13.49 5.37
O4 FRU G . 25.37 -16.49 5.56
O5 FRU G . 23.02 -16.09 7.36
O6 FRU G . 23.96 -14.85 9.79
C1 FRU G . 22.97 -13.36 11.43
C2 FRU G . 24.30 -13.96 10.75
C3 FRU G . 25.05 -14.59 11.70
C4 FRU G . 26.43 -13.91 11.69
C5 FRU G . 26.17 -12.50 11.02
C6 FRU G . 27.43 -12.00 10.26
O1 FRU G . 23.23 -13.06 12.79
O3 FRU G . 25.17 -16.01 11.37
O4 FRU G . 26.88 -13.75 12.92
O5 FRU G . 25.21 -12.73 10.14
O6 FRU G . 28.14 -13.13 9.74
C1 FRU G . 30.33 -12.09 9.76
C2 FRU G . 29.17 -12.82 8.92
C3 FRU G . 29.67 -13.95 8.36
C4 FRU G . 29.11 -13.99 6.93
C5 FRU G . 28.95 -12.45 6.56
C6 FRU G . 27.75 -12.24 5.58
O1 FRU G . 31.36 -11.67 8.88
O3 FRU G . 29.23 -15.12 9.11
O4 FRU G . 29.97 -14.57 6.12
O5 FRU G . 28.68 -11.84 7.70
O6 FRU G . 27.68 -10.85 5.25
C1 FRU G . 25.58 -10.47 4.08
C2 FRU G . 27.18 -10.60 4.02
C3 FRU G . 27.70 -9.43 3.54
C4 FRU G . 28.92 -9.86 2.70
C5 FRU G . 28.49 -11.28 2.11
C6 FRU G . 29.71 -12.24 2.07
O1 FRU G . 25.21 -9.13 4.35
O3 FRU G . 28.12 -8.59 4.66
O4 FRU G . 29.12 -9.01 1.72
O5 FRU G . 27.58 -11.77 2.95
O6 FRU G . 30.32 -12.18 0.78
C1 FRU G . 29.15 -12.42 -1.34
C2 FRU G . 29.88 -13.12 -0.10
C3 FRU G . 30.93 -13.86 -0.56
C4 FRU G . 30.35 -15.26 -0.83
C5 FRU G . 28.92 -15.28 -0.13
C6 FRU G . 28.78 -16.54 0.78
O1 FRU G . 30.09 -11.70 -2.12
O3 FRU G . 31.97 -13.92 0.46
O4 FRU G . 30.22 -15.45 -2.13
O5 FRU G . 28.87 -14.19 0.61
O6 FRU G . 29.88 -16.58 1.72
C1 FRU G . 21.69 -19.22 3.59
C2 FRU G . 21.75 -19.12 5.19
C3 FRU G . 22.31 -20.24 5.69
C4 FRU G . 21.62 -20.47 7.05
C5 FRU G . 20.28 -19.61 7.00
C6 FRU G . 20.29 -18.53 8.11
O1 FRU G . 20.43 -19.73 3.20
O3 FRU G . 23.75 -20.06 5.89
O4 FRU G . 21.32 -21.76 7.20
O5 FRU G . 20.24 -19.04 5.81
O6 FRU G . 21.59 -17.90 8.15
C1 FRU H . -13.81 20.19 -3.07
C2 FRU H . -13.40 20.28 -1.52
C3 FRU H . -13.78 19.16 -0.87
C4 FRU H . -15.15 19.47 -0.22
C5 FRU H . -15.40 21.02 -0.50
C6 FRU H . -15.93 21.73 0.77
O1 FRU H . -13.71 18.86 -3.51
O2 FRU H . -12.06 20.47 -1.39
O3 FRU H . -12.80 18.82 0.16
O4 FRU H . -16.10 18.74 -0.80
O5 FRU H . -14.21 21.51 -0.80
O6 FRU H . -17.08 21.01 1.25
C1 FRU H . -19.10 21.17 -0.08
C2 FRU H . -18.26 21.69 1.18
C3 FRU H . -18.97 21.47 2.31
C4 FRU H . -19.55 22.84 2.73
C5 FRU H . -18.53 23.89 2.13
C6 FRU H . -17.39 24.21 3.13
O1 FRU H . -19.68 22.27 -0.76
O3 FRU H . -18.11 20.94 3.37
O4 FRU H . -20.75 23.01 2.20
O5 FRU H . -18.01 23.31 1.06
O6 FRU H . -16.59 25.27 2.61
C1 FRU H . -14.26 25.66 3.18
C2 FRU H . -15.81 25.90 3.53
C3 FRU H . -16.06 27.23 3.50
C4 FRU H . -16.62 27.61 4.89
C5 FRU H . -16.11 26.43 5.82
C6 FRU H . -17.10 26.20 7.00
O1 FRU H . -13.49 26.77 3.56
O3 FRU H . -17.06 27.54 2.47
O4 FRU H . -16.12 28.76 5.29
O5 FRU H . -16.12 25.37 5.04
O6 FRU H . -18.43 26.49 6.56
C1 FRU H . -19.30 27.12 8.74
C2 FRU H . -19.40 26.17 7.45
C3 FRU H . -20.62 26.33 6.87
C4 FRU H . -21.09 24.92 6.49
C5 FRU H . -20.42 23.99 7.59
C6 FRU H . -20.11 22.59 7.01
O1 FRU H . -20.24 26.71 9.70
O3 FRU H . -20.50 27.16 5.68
O4 FRU H . -22.41 24.85 6.57
O5 FRU H . -19.29 24.60 7.91
O6 FRU H . -19.53 21.78 8.05
C1 FRU H . -18.65 19.76 7.05
C2 FRU H . -19.78 20.46 7.95
C3 FRU H . -19.80 19.90 9.17
C4 FRU H . -21.28 19.90 9.60
C5 FRU H . -22.07 19.73 8.22
C6 FRU H . -23.37 20.58 8.23
O1 FRU H . -17.58 19.34 7.88
O3 FRU H . -19.01 20.70 10.10
O4 FRU H . -21.53 18.88 10.39
O5 FRU H . -21.26 20.18 7.27
O6 FRU H . -24.47 19.77 8.65
C1 FRU H . -25.04 17.59 7.74
C2 FRU H . -25.17 19.18 7.65
C3 FRU H . -26.47 19.54 7.72
C4 FRU H . -26.97 19.56 6.26
C5 FRU H . -25.67 19.50 5.36
C6 FRU H . -25.69 20.63 4.28
O1 FRU H . -25.73 17.13 8.88
O3 FRU H . -26.61 20.87 8.31
O4 FRU H . -27.73 18.50 6.03
O5 FRU H . -24.65 19.70 6.18
O6 FRU H . -25.89 21.90 4.93
C1 FRU H . -20.90 20.73 -2.23
C2 FRU H . -19.97 22.03 -2.10
C3 FRU H . -20.62 23.10 -2.64
C4 FRU H . -19.52 23.99 -3.25
C5 FRU H . -18.24 23.03 -3.41
C6 FRU H . -17.07 23.57 -2.55
O1 FRU H . -20.57 20.03 -3.40
O3 FRU H . -21.33 23.83 -1.59
O4 FRU H . -19.90 24.42 -4.44
O5 FRU H . -18.61 21.85 -2.99
O6 FRU H . -17.55 23.96 -1.25
MG MG I . 21.93 10.56 15.66
MG MG J . 52.56 -22.27 -6.34
MG MG K . 1.43 19.82 21.05
MG MG L . -47.28 29.16 14.66
#